data_7MEP
#
_entry.id   7MEP
#
loop_
_entity.id
_entity.type
_entity.pdbx_description
1 polymer 'RM19R mAb Light chain'
2 polymer 'RM19R mAb Heavy chain'
3 polymer 'BG505 SOSIPv5.2(7S) - gp120'
4 polymer 'Rh.33172 mAb.1 Heavy chain'
5 polymer 'Rh.33172 mAb.1 Light chain'
6 branched alpha-D-mannopyranose-(1-3)-[alpha-D-mannopyranose-(1-6)]beta-D-mannopyranose-(1-4)-2-acetamido-2-deoxy-beta-D-glucopyranose-(1-4)-2-acetamido-2-deoxy-beta-D-glucopyranose
7 branched 2-acetamido-2-deoxy-beta-D-glucopyranose-(1-4)-2-acetamido-2-deoxy-beta-D-glucopyranose
8 non-polymer 2-acetamido-2-deoxy-beta-D-glucopyranose
#
loop_
_entity_poly.entity_id
_entity_poly.type
_entity_poly.pdbx_seq_one_letter_code
_entity_poly.pdbx_strand_id
1 'polypeptide(L)'
;AIRMTQSPAILSLSPGERATLSCRASQSVDSRLAWYQQKPGQSPRLLIYDVSSRATGIPDRFSGSGSGTEFTLTISSLEP
EDVAVYFCHQENDWPWTFGQGTKVEIK
;
G,J,K
2 'polypeptide(L)'
;EVQLVESGPGLVRPSETLSLTCAVSGDSISTNNGWSWIRQTPGKGLEWIGYINGRSGSTRYNPSLQSRVTISTDTSGNQF
SLKVNSVTAADTAKYYCAFFWSTYYKRFDVWGPGVRVTVSS
;
I,M,N
3 'polypeptide(L)'
;MKRGLCCVLLLCGAVFVSPSQEIHARFRRGARAENLWVTVYYGVPVWKDAETTLFCASDAKAYETKKHNVWATHCCVPTD
PNPQEIHLENVTEEFNMWKNNMVEQMHTDIISLWDQSLKPCVKLTPLCVTLQCTNVTNNITDDMRGELKNCSFNMTTELR
DKKQKVYSLFYRLDVVQINENQGNRSNNSNKEYRLINCNTSAITQACPKVSFEPIPIHYCAPAGFAILKCKDKKFNGTGP
CTNVSTVQCTHGIKPVVSTQLLLNGSLAEEEVIIRSENITNNAKNILVQLNESVQINCTRPNNNTVKSIRIGPGQWFYYT
GDIIGDIRQAHCNVSKATWNETLGKVVKQLRKHFGNNTIIRFANSSGGDLEVTTHSFNCGGEFFYCNTSGLFNSTWISNT
SVQGSNSTGSNDSITLPCRIKQIINMWQRIGQAMYAPPIQGVIRCVSNITGLILTRDGGSTNSTTETFRPGGGDMRDNWR
SELYKYKVVKIEPLGVAPTRCKRRVVGRRRRRRAVGIGAVSLGFLGAAGSTMGAASMTLTVQARNLLSGIVQQQSNLLRA
PECQQHLLKDTHWGIKQLQARVLAVEHYLRDQQLLGIWGCSGKLICCTNVPWNSSWSNRNLSEIWDNMTWLQWDKEISNY
TQIIYGLLEESQNQQEKNEQDLLELD
;
A,B,C,E,D,F
4 'polypeptide(L)'
;QVQLVQSGAEVKMPGTSVKLSCKTSGYTFTSYNINWVRQAPGQALEWMGWINPNNGTTDYAQKFQGRVTMTRDTSTTTAY
MQLNSLRSEDTAVYYCARARGGYEDDDGYHYTGYGLDSWGQGVVVTVSS
;
H
5 'polypeptide(L)'
;DIQMTQSPSSLSASIGDRVTVTCRASQGINMQLCWYQLKPGKAPTLLIYGTSGLQTGVSSRFSGSGSGTNFTLTISSLQP
EDVATYYCQQDYTTPFTFGPGTKLDIK
;
L
#
# COMPACT_ATOMS: atom_id res chain seq x y z
N ARG A 3 8.12 -56.45 -13.20
CA ARG A 3 9.28 -57.32 -13.34
C ARG A 3 10.26 -56.68 -14.34
N MET A 4 11.56 -57.05 -14.24
CA MET A 4 12.62 -56.64 -15.16
C MET A 4 13.62 -57.78 -15.29
N THR A 5 14.22 -57.93 -16.47
CA THR A 5 15.23 -58.97 -16.63
C THR A 5 16.53 -58.49 -17.23
N GLN A 6 17.58 -59.28 -17.06
CA GLN A 6 18.90 -58.95 -17.57
C GLN A 6 19.33 -59.99 -18.61
N SER A 7 19.48 -59.58 -19.86
CA SER A 7 19.78 -60.47 -20.97
C SER A 7 21.16 -61.18 -21.01
N PRO A 8 22.30 -60.50 -20.80
CA PRO A 8 23.63 -61.06 -20.93
C PRO A 8 23.98 -61.85 -19.70
N ALA A 9 23.36 -63.01 -19.53
CA ALA A 9 23.52 -63.77 -18.28
C ALA A 9 24.96 -64.04 -17.93
N ILE A 10 25.79 -64.33 -18.93
CA ILE A 10 27.19 -64.57 -18.65
C ILE A 10 28.04 -63.76 -19.60
N LEU A 11 28.98 -63.01 -19.06
CA LEU A 11 29.89 -62.24 -19.84
C LEU A 11 31.28 -62.75 -19.56
N SER A 12 32.14 -62.79 -20.57
CA SER A 12 33.53 -63.20 -20.37
C SER A 12 34.42 -62.29 -21.16
N LEU A 13 35.22 -61.49 -20.47
CA LEU A 13 36.03 -60.48 -21.14
C LEU A 13 37.49 -60.47 -20.76
N SER A 14 38.34 -60.13 -21.71
CA SER A 14 39.76 -60.01 -21.45
C SER A 14 40.03 -58.82 -20.55
N PRO A 15 41.11 -58.81 -19.77
CA PRO A 15 41.49 -57.67 -18.98
C PRO A 15 41.64 -56.49 -19.89
N GLY A 16 41.06 -55.38 -19.47
CA GLY A 16 41.11 -54.12 -20.18
C GLY A 16 40.05 -53.97 -21.26
N GLU A 17 39.27 -55.01 -21.50
CA GLU A 17 38.23 -54.99 -22.53
C GLU A 17 36.99 -54.30 -22.00
N ARG A 18 36.24 -53.63 -22.86
CA ARG A 18 35.01 -52.95 -22.44
C ARG A 18 33.81 -53.88 -22.27
N ALA A 19 33.15 -53.80 -21.12
CA ALA A 19 31.99 -54.66 -20.85
C ALA A 19 30.67 -53.92 -20.88
N THR A 20 29.66 -54.56 -21.47
CA THR A 20 28.32 -54.01 -21.47
C THR A 20 27.31 -55.00 -20.90
N LEU A 21 26.54 -54.52 -19.94
CA LEU A 21 25.50 -55.27 -19.28
C LEU A 21 24.17 -54.58 -19.53
N SER A 22 23.05 -55.29 -19.48
CA SER A 22 21.79 -54.60 -19.73
C SER A 22 20.66 -55.11 -18.84
N CYS A 23 19.56 -54.32 -18.74
CA CYS A 23 18.37 -54.57 -17.96
C CYS A 23 17.13 -54.01 -18.68
N ARG A 24 16.07 -54.80 -18.75
CA ARG A 24 14.84 -54.38 -19.40
C ARG A 24 13.61 -54.48 -18.52
N ALA A 25 13.04 -53.33 -18.19
CA ALA A 25 11.87 -53.28 -17.33
C ALA A 25 10.59 -53.48 -18.09
N SER A 26 9.59 -54.06 -17.44
CA SER A 26 8.27 -54.24 -18.00
C SER A 26 7.43 -52.97 -17.98
N GLN A 27 7.87 -52.03 -17.15
CA GLN A 27 7.23 -50.74 -16.90
C GLN A 27 8.30 -49.68 -16.74
N SER A 28 7.96 -48.43 -17.02
CA SER A 28 8.92 -47.35 -16.85
C SER A 28 9.39 -47.23 -15.43
N VAL A 29 10.69 -46.94 -15.29
CA VAL A 29 11.25 -46.76 -13.97
C VAL A 29 11.47 -45.28 -13.70
N ASP A 30 11.12 -44.44 -14.67
CA ASP A 30 11.22 -42.98 -14.56
C ASP A 30 12.57 -42.53 -14.00
N SER A 31 13.61 -43.13 -14.53
CA SER A 31 14.99 -42.90 -14.17
C SER A 31 15.32 -43.15 -12.70
N ARG A 32 14.70 -44.16 -12.09
CA ARG A 32 15.02 -44.57 -10.75
C ARG A 32 15.47 -46.00 -10.80
N LEU A 33 16.73 -46.17 -11.11
CA LEU A 33 17.29 -47.49 -11.29
C LEU A 33 18.70 -47.51 -10.79
N ALA A 34 19.08 -48.56 -10.12
CA ALA A 34 20.40 -48.64 -9.59
C ALA A 34 21.09 -49.94 -9.90
N TRP A 35 22.41 -49.87 -9.94
CA TRP A 35 23.18 -51.06 -10.17
C TRP A 35 24.02 -51.38 -8.96
N TYR A 36 24.09 -52.66 -8.67
CA TYR A 36 24.87 -53.19 -7.55
C TYR A 36 25.89 -54.23 -7.96
N GLN A 37 27.01 -54.22 -7.28
CA GLN A 37 28.04 -55.21 -7.53
C GLN A 37 28.22 -56.11 -6.35
N GLN A 38 27.96 -57.39 -6.54
CA GLN A 38 28.13 -58.32 -5.44
C GLN A 38 29.39 -59.11 -5.64
N LYS A 39 30.43 -58.64 -4.96
CA LYS A 39 31.75 -59.20 -4.99
C LYS A 39 31.56 -60.55 -4.33
N PRO A 40 32.16 -61.65 -4.80
CA PRO A 40 31.96 -62.94 -4.20
C PRO A 40 32.24 -62.91 -2.72
N GLY A 41 31.31 -63.46 -1.95
CA GLY A 41 31.43 -63.55 -0.51
C GLY A 41 30.96 -62.29 0.21
N GLN A 42 30.61 -61.26 -0.53
CA GLN A 42 30.20 -59.99 0.06
C GLN A 42 28.73 -59.67 -0.11
N SER A 43 28.24 -58.80 0.76
CA SER A 43 26.91 -58.26 0.62
C SER A 43 26.98 -57.33 -0.59
N PRO A 44 25.95 -57.16 -1.42
CA PRO A 44 25.96 -56.29 -2.58
C PRO A 44 26.25 -54.85 -2.19
N ARG A 45 26.96 -54.13 -3.04
CA ARG A 45 27.20 -52.72 -2.77
C ARG A 45 26.74 -51.87 -3.93
N LEU A 46 26.36 -50.65 -3.63
CA LEU A 46 25.85 -49.75 -4.66
C LEU A 46 26.91 -49.13 -5.54
N LEU A 47 26.69 -49.21 -6.86
CA LEU A 47 27.59 -48.60 -7.83
C LEU A 47 27.04 -47.31 -8.37
N ILE A 48 25.87 -47.45 -8.98
CA ILE A 48 25.21 -46.38 -9.72
C ILE A 48 23.77 -46.24 -9.31
N TYR A 49 23.32 -45.01 -9.15
CA TYR A 49 21.93 -44.77 -8.80
C TYR A 49 21.30 -43.73 -9.71
N ASP A 50 19.98 -43.73 -9.78
CA ASP A 50 19.28 -42.81 -10.67
C ASP A 50 19.81 -42.95 -12.09
N VAL A 51 20.01 -44.20 -12.53
CA VAL A 51 20.48 -44.61 -13.83
C VAL A 51 21.94 -44.33 -14.13
N SER A 52 22.40 -43.10 -13.95
CA SER A 52 23.77 -42.77 -14.26
C SER A 52 24.59 -42.04 -13.18
N SER A 53 24.08 -41.88 -11.96
CA SER A 53 24.83 -41.14 -10.96
C SER A 53 25.81 -42.06 -10.27
N ARG A 54 27.07 -41.71 -10.27
CA ARG A 54 28.08 -42.56 -9.67
C ARG A 54 28.11 -42.37 -8.16
N ALA A 55 28.11 -43.47 -7.41
CA ALA A 55 28.15 -43.42 -5.97
C ALA A 55 29.54 -43.06 -5.49
N THR A 56 29.61 -42.46 -4.33
CA THR A 56 30.88 -42.12 -3.74
C THR A 56 31.70 -43.37 -3.56
N GLY A 57 32.96 -43.31 -3.99
CA GLY A 57 33.87 -44.44 -3.84
C GLY A 57 33.94 -45.34 -5.07
N ILE A 58 33.11 -45.06 -6.05
CA ILE A 58 33.08 -45.87 -7.26
C ILE A 58 34.01 -45.28 -8.33
N PRO A 59 34.91 -46.09 -8.91
CA PRO A 59 35.84 -45.73 -9.97
C PRO A 59 35.13 -45.23 -11.21
N ASP A 60 35.79 -44.35 -11.94
CA ASP A 60 35.28 -43.70 -13.13
C ASP A 60 35.08 -44.63 -14.32
N ARG A 61 35.63 -45.82 -14.23
CA ARG A 61 35.44 -46.79 -15.29
C ARG A 61 34.00 -47.29 -15.31
N PHE A 62 33.28 -47.09 -14.21
CA PHE A 62 31.89 -47.50 -14.15
C PHE A 62 30.99 -46.40 -14.66
N SER A 63 30.11 -46.77 -15.58
CA SER A 63 29.16 -45.83 -16.14
C SER A 63 27.84 -46.50 -16.41
N GLY A 64 26.95 -45.80 -17.08
CA GLY A 64 25.65 -46.37 -17.35
C GLY A 64 24.77 -45.37 -18.07
N SER A 65 23.62 -45.86 -18.48
CA SER A 65 22.66 -45.08 -19.23
C SER A 65 21.31 -45.77 -19.31
N GLY A 66 20.43 -45.20 -20.11
CA GLY A 66 19.13 -45.77 -20.33
C GLY A 66 17.99 -44.81 -20.17
N SER A 67 16.82 -45.26 -20.59
CA SER A 67 15.61 -44.47 -20.53
C SER A 67 14.31 -45.27 -20.53
N GLY A 68 13.39 -44.88 -19.66
CA GLY A 68 12.10 -45.54 -19.64
C GLY A 68 12.24 -46.94 -19.09
N THR A 69 12.41 -47.89 -20.02
CA THR A 69 12.53 -49.30 -19.71
C THR A 69 13.87 -49.94 -20.11
N GLU A 70 14.66 -49.28 -20.94
CA GLU A 70 15.90 -49.90 -21.41
C GLU A 70 17.14 -49.30 -20.75
N PHE A 71 17.86 -50.12 -19.98
CA PHE A 71 19.01 -49.65 -19.22
C PHE A 71 20.28 -50.43 -19.43
N THR A 72 21.39 -49.73 -19.23
CA THR A 72 22.70 -50.33 -19.34
C THR A 72 23.70 -49.91 -18.28
N LEU A 73 24.59 -50.82 -18.01
CA LEU A 73 25.74 -50.68 -17.15
C LEU A 73 26.97 -50.97 -17.95
N THR A 74 27.94 -50.10 -17.89
CA THR A 74 29.14 -50.41 -18.65
C THR A 74 30.40 -50.23 -17.84
N ILE A 75 31.42 -50.96 -18.22
CA ILE A 75 32.74 -50.80 -17.64
C ILE A 75 33.70 -50.51 -18.79
N SER A 76 34.33 -49.33 -18.78
CA SER A 76 35.18 -48.95 -19.92
C SER A 76 36.42 -49.80 -20.11
N SER A 77 36.93 -50.35 -19.02
CA SER A 77 38.11 -51.18 -19.01
C SER A 77 37.94 -52.22 -17.94
N LEU A 78 37.85 -53.48 -18.32
CA LEU A 78 37.60 -54.42 -17.28
C LEU A 78 38.84 -54.85 -16.57
N GLU A 79 39.05 -54.25 -15.43
CA GLU A 79 40.20 -54.55 -14.62
C GLU A 79 39.95 -55.95 -14.04
N PRO A 80 41.00 -56.74 -13.75
CA PRO A 80 40.96 -58.08 -13.18
C PRO A 80 40.18 -58.22 -11.89
N GLU A 81 40.02 -57.13 -11.17
CA GLU A 81 39.33 -57.10 -9.91
C GLU A 81 37.83 -57.29 -10.04
N ASP A 82 37.24 -56.80 -11.13
CA ASP A 82 35.79 -56.78 -11.21
C ASP A 82 35.12 -58.03 -11.72
N VAL A 83 35.24 -59.06 -10.91
CA VAL A 83 34.58 -60.31 -11.18
C VAL A 83 33.51 -60.42 -10.14
N ALA A 84 32.28 -60.24 -10.58
CA ALA A 84 31.18 -60.13 -9.67
C ALA A 84 29.85 -60.32 -10.35
N VAL A 85 28.81 -60.48 -9.54
CA VAL A 85 27.48 -60.52 -10.11
C VAL A 85 26.90 -59.13 -10.07
N TYR A 86 26.41 -58.68 -11.22
CA TYR A 86 25.86 -57.35 -11.35
C TYR A 86 24.36 -57.33 -11.43
N PHE A 87 23.77 -56.66 -10.45
CA PHE A 87 22.33 -56.62 -10.32
C PHE A 87 21.71 -55.27 -10.69
N CYS A 88 20.54 -55.34 -11.34
CA CYS A 88 19.66 -54.24 -11.69
C CYS A 88 18.60 -54.08 -10.57
N HIS A 89 18.42 -52.85 -10.05
CA HIS A 89 17.45 -52.58 -8.97
C HIS A 89 16.45 -51.45 -9.32
N GLN A 90 15.16 -51.74 -9.21
CA GLN A 90 14.09 -50.78 -9.51
C GLN A 90 13.65 -50.02 -8.28
N GLU A 91 13.71 -48.69 -8.33
CA GLU A 91 13.31 -47.89 -7.17
C GLU A 91 12.12 -46.95 -7.48
N ASN A 92 11.36 -47.24 -8.53
CA ASN A 92 10.25 -46.39 -8.97
C ASN A 92 8.83 -46.79 -8.55
N ASP A 93 8.71 -47.74 -7.66
CA ASP A 93 7.43 -48.22 -7.19
C ASP A 93 7.70 -48.83 -5.86
N TRP A 94 6.71 -49.31 -5.15
CA TRP A 94 7.03 -49.97 -3.90
C TRP A 94 7.79 -51.29 -4.04
N PRO A 95 7.41 -52.18 -4.92
CA PRO A 95 8.10 -53.42 -5.04
C PRO A 95 9.47 -53.17 -5.63
N TRP A 96 10.43 -52.92 -4.75
CA TRP A 96 11.77 -52.59 -5.19
C TRP A 96 12.46 -53.85 -5.65
N THR A 97 12.11 -54.18 -6.87
CA THR A 97 12.49 -55.36 -7.57
C THR A 97 13.94 -55.40 -7.91
N PHE A 98 14.53 -56.56 -7.75
CA PHE A 98 15.88 -56.75 -8.21
C PHE A 98 15.75 -57.68 -9.39
N GLY A 99 16.60 -57.52 -10.36
CA GLY A 99 16.62 -58.43 -11.48
C GLY A 99 17.52 -59.57 -11.09
N GLN A 100 17.74 -60.49 -11.99
CA GLN A 100 18.63 -61.59 -11.70
C GLN A 100 19.96 -61.17 -12.27
N GLY A 101 20.88 -60.84 -11.40
CA GLY A 101 22.12 -60.26 -11.84
C GLY A 101 22.88 -61.22 -12.68
N THR A 102 23.67 -60.66 -13.58
CA THR A 102 24.47 -61.45 -14.50
C THR A 102 25.88 -61.53 -13.98
N LYS A 103 26.68 -62.44 -14.51
CA LYS A 103 28.05 -62.51 -14.01
C LYS A 103 29.09 -62.12 -15.02
N VAL A 104 30.09 -61.37 -14.56
CA VAL A 104 31.20 -61.02 -15.42
C VAL A 104 32.44 -61.80 -15.01
N GLU A 105 32.93 -62.62 -15.93
CA GLU A 105 34.11 -63.46 -15.74
C GLU A 105 35.30 -62.76 -16.37
N ILE A 106 36.48 -62.96 -15.79
CA ILE A 106 37.67 -62.38 -16.38
C ILE A 106 38.31 -63.50 -17.22
N LYS A 107 38.61 -63.21 -18.50
CA LYS A 107 39.18 -64.13 -19.48
C LYS A 107 40.68 -63.85 -19.59
N VAL B 2 27.50 -46.06 9.89
CA VAL B 2 26.70 -47.10 10.54
C VAL B 2 27.25 -48.49 10.14
N GLN B 3 27.23 -49.43 11.12
CA GLN B 3 27.59 -50.84 11.01
C GLN B 3 26.37 -51.68 11.34
N LEU B 4 26.15 -52.73 10.55
CA LEU B 4 25.00 -53.58 10.79
C LEU B 4 25.37 -55.03 11.00
N VAL B 5 24.86 -55.61 12.08
CA VAL B 5 25.15 -57.01 12.35
C VAL B 5 23.90 -57.87 12.55
N GLU B 6 23.74 -58.88 11.70
CA GLU B 6 22.62 -59.79 11.78
C GLU B 6 22.83 -60.89 12.81
N SER B 7 21.72 -61.43 13.28
CA SER B 7 21.74 -62.52 14.24
C SER B 7 20.47 -63.34 14.16
N GLY B 8 20.33 -64.27 15.08
CA GLY B 8 19.18 -65.18 15.17
C GLY B 8 19.57 -66.58 14.69
N PRO B 9 18.82 -67.62 15.07
CA PRO B 9 19.09 -69.01 14.73
C PRO B 9 18.88 -69.28 13.26
N GLY B 10 19.72 -70.14 12.69
CA GLY B 10 19.56 -70.55 11.31
C GLY B 10 18.85 -71.90 11.19
N LEU B 11 18.44 -72.48 12.30
CA LEU B 11 17.81 -73.79 12.27
C LEU B 11 16.34 -73.66 12.61
N VAL B 12 15.50 -73.76 11.60
CA VAL B 12 14.09 -73.52 11.78
C VAL B 12 13.22 -74.70 11.38
N ARG B 13 12.31 -75.08 12.26
CA ARG B 13 11.42 -76.16 11.89
C ARG B 13 10.32 -75.60 10.98
N PRO B 14 9.74 -76.39 10.05
CA PRO B 14 8.64 -76.02 9.17
C PRO B 14 7.36 -75.59 9.88
N SER B 15 7.25 -75.87 11.16
CA SER B 15 6.09 -75.50 11.93
C SER B 15 6.23 -74.23 12.78
N GLU B 16 7.41 -73.61 12.81
CA GLU B 16 7.59 -72.44 13.69
C GLU B 16 7.91 -71.15 12.93
N THR B 17 8.04 -70.06 13.68
CA THR B 17 8.32 -68.71 13.15
C THR B 17 9.79 -68.41 12.93
N LEU B 18 10.08 -67.30 12.23
CA LEU B 18 11.45 -66.82 12.13
C LEU B 18 11.59 -65.67 13.05
N SER B 19 12.74 -65.54 13.69
CA SER B 19 13.00 -64.35 14.48
C SER B 19 14.45 -63.92 14.33
N LEU B 20 14.66 -62.85 13.58
CA LEU B 20 16.01 -62.37 13.33
C LEU B 20 16.20 -60.96 13.84
N THR B 21 17.16 -60.75 14.74
CA THR B 21 17.39 -59.42 15.29
C THR B 21 18.75 -58.86 14.85
N CYS B 22 18.75 -57.63 14.29
CA CYS B 22 19.91 -56.91 13.79
C CYS B 22 20.33 -55.78 14.75
N ALA B 23 21.63 -55.72 14.99
CA ALA B 23 22.20 -54.66 15.80
C ALA B 23 22.64 -53.51 14.92
N VAL B 24 22.39 -52.31 15.38
CA VAL B 24 22.76 -51.10 14.70
C VAL B 24 23.76 -50.30 15.49
N SER B 25 24.88 -49.96 14.88
CA SER B 25 25.89 -49.17 15.57
C SER B 25 26.40 -48.00 14.76
N GLY B 26 26.49 -46.82 15.39
CA GLY B 26 26.96 -45.59 14.75
C GLY B 26 25.89 -44.48 14.67
N ASP B 27 24.63 -44.86 14.81
CA ASP B 27 23.49 -43.94 14.83
C ASP B 27 22.37 -44.64 15.57
N SER B 28 21.25 -43.97 15.75
CA SER B 28 20.11 -44.56 16.41
C SER B 28 19.01 -44.96 15.47
N ILE B 29 18.35 -46.02 15.81
CA ILE B 29 17.21 -46.42 15.03
C ILE B 29 16.15 -45.35 15.06
N SER B 30 15.96 -44.76 16.24
CA SER B 30 14.92 -43.79 16.49
C SER B 30 15.05 -42.49 15.72
N THR B 31 16.20 -42.25 15.09
CA THR B 31 16.42 -41.02 14.36
C THR B 31 16.37 -41.21 12.85
N ASN B 32 16.12 -42.44 12.40
CA ASN B 32 16.21 -42.73 10.97
C ASN B 32 15.10 -43.56 10.38
N ASN B 33 15.22 -43.79 9.10
CA ASN B 33 14.26 -44.54 8.36
C ASN B 33 15.00 -45.48 7.45
N GLY B 34 14.27 -46.28 6.69
CA GLY B 34 14.89 -47.18 5.75
C GLY B 34 15.52 -48.39 6.38
N TRP B 35 15.07 -48.82 7.56
CA TRP B 35 15.73 -49.99 8.11
C TRP B 35 15.05 -51.18 7.46
N SER B 36 15.78 -52.06 6.81
CA SER B 36 15.09 -53.09 6.05
C SER B 36 15.70 -54.46 6.00
N TRP B 37 14.87 -55.40 5.55
CA TRP B 37 15.28 -56.77 5.35
C TRP B 37 15.13 -57.17 3.89
N ILE B 38 16.14 -57.90 3.42
CA ILE B 38 16.24 -58.43 2.06
C ILE B 38 16.75 -59.88 2.14
N ARG B 39 16.29 -60.77 1.29
CA ARG B 39 16.85 -62.12 1.33
C ARG B 39 17.38 -62.62 -0.02
N GLN B 40 18.37 -63.48 0.05
CA GLN B 40 19.04 -64.08 -1.08
C GLN B 40 18.98 -65.60 -1.12
N THR B 41 18.43 -66.15 -2.18
CA THR B 41 18.28 -67.58 -2.29
C THR B 41 18.62 -67.99 -3.72
N PRO B 42 19.13 -69.18 -4.01
CA PRO B 42 19.45 -69.61 -5.37
C PRO B 42 18.32 -69.41 -6.40
N GLY B 43 17.06 -69.55 -5.98
CA GLY B 43 15.95 -69.37 -6.92
C GLY B 43 15.63 -67.90 -7.25
N LYS B 44 16.08 -66.98 -6.39
CA LYS B 44 15.86 -65.55 -6.50
C LYS B 44 17.08 -64.82 -5.95
N GLY B 45 17.79 -64.11 -6.81
CA GLY B 45 19.02 -63.46 -6.39
C GLY B 45 18.83 -62.57 -5.18
N LEU B 46 17.86 -61.67 -5.24
CA LEU B 46 17.56 -60.78 -4.14
C LEU B 46 16.07 -60.47 -4.11
N GLU B 47 15.44 -60.68 -2.97
CA GLU B 47 14.03 -60.38 -2.81
C GLU B 47 13.83 -59.41 -1.68
N TRP B 48 13.27 -58.21 -1.98
CA TRP B 48 13.02 -57.26 -0.86
C TRP B 48 11.97 -57.90 0.04
N ILE B 49 12.07 -57.62 1.33
CA ILE B 49 11.03 -58.04 2.27
C ILE B 49 10.22 -56.87 2.78
N GLY B 50 10.89 -55.84 3.27
CA GLY B 50 10.19 -54.68 3.82
C GLY B 50 11.07 -53.76 4.63
N TYR B 51 10.54 -52.61 5.03
CA TYR B 51 11.32 -51.67 5.83
C TYR B 51 10.49 -51.02 6.91
N ILE B 52 11.18 -50.50 7.91
CA ILE B 52 10.53 -49.78 8.98
C ILE B 52 11.11 -48.39 9.20
N ASN B 53 10.21 -47.48 9.51
CA ASN B 53 10.48 -46.10 9.83
C ASN B 53 10.82 -46.03 11.30
N GLY B 54 12.08 -45.78 11.64
CA GLY B 54 12.48 -45.85 13.03
C GLY B 54 12.00 -44.66 13.84
N ARG B 55 11.56 -43.61 13.16
CA ARG B 55 11.10 -42.43 13.87
C ARG B 55 9.64 -42.58 14.24
N SER B 56 8.83 -43.09 13.29
CA SER B 56 7.39 -43.23 13.55
C SER B 56 6.94 -44.64 13.94
N GLY B 57 7.72 -45.65 13.61
CA GLY B 57 7.38 -47.03 13.87
C GLY B 57 6.56 -47.70 12.76
N SER B 58 6.16 -46.96 11.73
CA SER B 58 5.36 -47.56 10.67
C SER B 58 6.19 -48.42 9.73
N THR B 59 5.52 -49.32 9.00
CA THR B 59 6.21 -50.22 8.07
C THR B 59 5.62 -50.33 6.68
N ARG B 60 6.41 -50.93 5.79
CA ARG B 60 5.94 -51.23 4.46
C ARG B 60 6.49 -52.60 4.06
N TYR B 61 5.64 -53.46 3.46
CA TYR B 61 6.09 -54.81 3.12
C TYR B 61 5.85 -55.21 1.70
N ASN B 62 6.69 -56.08 1.19
CA ASN B 62 6.51 -56.62 -0.13
C ASN B 62 5.16 -57.29 -0.12
N PRO B 63 4.18 -56.91 -0.94
CA PRO B 63 2.84 -57.45 -0.94
C PRO B 63 2.77 -58.96 -0.96
N SER B 64 3.74 -59.62 -1.61
CA SER B 64 3.71 -61.08 -1.71
C SER B 64 4.11 -61.77 -0.42
N LEU B 65 4.78 -61.06 0.45
CA LEU B 65 5.24 -61.63 1.70
C LEU B 65 4.43 -61.09 2.83
N GLN B 66 3.88 -59.89 2.61
CA GLN B 66 3.17 -59.07 3.58
C GLN B 66 2.19 -59.80 4.43
N SER B 67 1.43 -60.72 3.87
CA SER B 67 0.40 -61.35 4.67
C SER B 67 0.89 -62.10 5.91
N ARG B 68 2.15 -62.55 5.92
CA ARG B 68 2.69 -63.29 7.05
C ARG B 68 3.88 -62.64 7.76
N VAL B 69 4.17 -61.38 7.46
CA VAL B 69 5.39 -60.77 8.01
C VAL B 69 5.23 -59.46 8.75
N THR B 70 6.02 -59.34 9.81
CA THR B 70 6.08 -58.09 10.56
C THR B 70 7.52 -57.69 10.90
N ILE B 71 7.73 -56.38 10.96
CA ILE B 71 9.00 -55.77 11.34
C ILE B 71 8.77 -54.82 12.50
N SER B 72 9.63 -54.87 13.50
CA SER B 72 9.49 -53.99 14.66
C SER B 72 10.83 -53.60 15.23
N THR B 73 10.85 -52.60 16.12
CA THR B 73 12.10 -52.16 16.73
C THR B 73 12.08 -52.08 18.23
N ASP B 74 13.29 -52.05 18.78
CA ASP B 74 13.54 -51.76 20.17
C ASP B 74 14.76 -50.88 20.19
N THR B 75 14.47 -49.61 20.21
CA THR B 75 15.47 -48.60 20.04
C THR B 75 16.34 -48.43 21.25
N SER B 76 15.96 -49.00 22.39
CA SER B 76 16.76 -48.79 23.59
C SER B 76 18.10 -49.51 23.50
N GLY B 77 18.18 -50.51 22.61
CA GLY B 77 19.40 -51.27 22.41
C GLY B 77 19.89 -51.12 20.99
N ASN B 78 19.31 -50.17 20.24
CA ASN B 78 19.62 -50.01 18.83
C ASN B 78 19.45 -51.31 18.06
N GLN B 79 18.34 -52.01 18.28
CA GLN B 79 18.10 -53.25 17.54
C GLN B 79 16.75 -53.25 16.85
N PHE B 80 16.65 -54.03 15.78
CA PHE B 80 15.38 -54.21 15.12
C PHE B 80 15.25 -55.62 14.62
N SER B 81 14.03 -56.07 14.37
CA SER B 81 13.88 -57.44 13.98
C SER B 81 12.77 -57.77 13.02
N LEU B 82 12.98 -58.89 12.36
CA LEU B 82 12.07 -59.49 11.41
C LEU B 82 11.41 -60.74 11.94
N LYS B 83 10.09 -60.80 11.84
CA LYS B 83 9.36 -61.99 12.25
C LYS B 83 8.39 -62.48 11.17
N VAL B 84 8.48 -63.76 10.88
CA VAL B 84 7.62 -64.36 9.87
C VAL B 84 6.89 -65.53 10.49
N ASN B 85 5.56 -65.58 10.37
CA ASN B 85 4.85 -66.68 11.02
C ASN B 85 4.71 -67.97 10.22
N SER B 86 4.10 -67.91 9.05
CA SER B 86 3.87 -69.12 8.25
C SER B 86 5.09 -69.45 7.41
N VAL B 87 6.12 -69.88 8.10
CA VAL B 87 7.44 -70.14 7.54
C VAL B 87 7.55 -71.55 6.98
N THR B 88 7.92 -71.66 5.74
CA THR B 88 8.02 -72.98 5.11
C THR B 88 9.34 -73.19 4.38
N ALA B 89 9.48 -74.31 3.70
CA ALA B 89 10.74 -74.66 3.04
C ALA B 89 11.18 -73.59 2.04
N ALA B 90 10.21 -72.94 1.41
CA ALA B 90 10.42 -71.90 0.42
C ALA B 90 11.10 -70.67 1.00
N ASP B 91 11.11 -70.55 2.32
CA ASP B 91 11.67 -69.41 3.00
C ASP B 91 13.15 -69.63 3.34
N THR B 92 13.73 -70.75 2.90
CA THR B 92 15.15 -70.92 3.12
C THR B 92 15.86 -69.85 2.31
N ALA B 93 16.72 -69.09 2.96
CA ALA B 93 17.42 -67.99 2.30
C ALA B 93 18.49 -67.40 3.20
N LYS B 94 19.39 -66.64 2.61
CA LYS B 94 20.29 -65.82 3.39
C LYS B 94 19.60 -64.50 3.63
N TYR B 95 19.51 -64.08 4.87
CA TYR B 95 18.84 -62.85 5.20
C TYR B 95 19.82 -61.75 5.50
N TYR B 96 19.52 -60.56 5.00
CA TYR B 96 20.35 -59.40 5.23
C TYR B 96 19.59 -58.26 5.92
N CYS B 97 20.34 -57.52 6.76
CA CYS B 97 19.99 -56.30 7.46
C CYS B 97 20.60 -55.16 6.64
N ALA B 98 19.80 -54.17 6.32
CA ALA B 98 20.33 -53.07 5.54
C ALA B 98 19.68 -51.75 5.89
N PHE B 99 20.40 -50.68 5.62
CA PHE B 99 19.95 -49.33 5.83
C PHE B 99 19.90 -48.55 4.54
N PHE B 100 18.71 -48.16 4.13
CA PHE B 100 18.54 -47.44 2.88
C PHE B 100 18.21 -46.00 3.06
N TRP B 101 19.12 -45.15 2.63
CA TRP B 101 18.97 -43.74 2.74
C TRP B 101 18.64 -43.15 1.40
N SER B 102 17.45 -42.61 1.23
CA SER B 102 17.15 -42.03 -0.06
C SER B 102 16.35 -40.75 0.10
N THR B 103 17.04 -39.64 -0.14
CA THR B 103 16.50 -38.29 0.03
C THR B 103 16.83 -37.42 -1.16
N TYR B 104 16.29 -36.22 -1.19
CA TYR B 104 16.54 -35.35 -2.32
C TYR B 104 17.99 -35.01 -2.50
N TYR B 105 18.74 -34.99 -1.42
CA TYR B 105 20.11 -34.55 -1.49
C TYR B 105 21.13 -35.66 -1.33
N LYS B 106 20.70 -36.93 -1.27
CA LYS B 106 21.69 -37.98 -0.96
C LYS B 106 21.18 -39.41 -1.15
N ARG B 107 22.06 -40.31 -1.57
CA ARG B 107 21.71 -41.72 -1.67
C ARG B 107 22.81 -42.66 -1.18
N PHE B 108 22.48 -43.60 -0.29
CA PHE B 108 23.47 -44.63 0.07
C PHE B 108 22.83 -45.86 0.71
N ASP B 109 23.56 -46.99 0.68
CA ASP B 109 23.14 -48.17 1.42
C ASP B 109 24.19 -48.60 2.42
N VAL B 110 23.76 -49.22 3.51
CA VAL B 110 24.67 -49.91 4.41
C VAL B 110 24.16 -51.34 4.54
N TRP B 111 24.98 -52.33 4.29
CA TRP B 111 24.51 -53.72 4.45
C TRP B 111 25.31 -54.44 5.52
N GLY B 112 24.67 -55.31 6.27
CA GLY B 112 25.39 -56.16 7.21
C GLY B 112 25.84 -57.35 6.39
N PRO B 113 26.63 -58.29 6.93
CA PRO B 113 27.11 -59.50 6.26
C PRO B 113 26.07 -60.58 5.95
N GLY B 114 24.97 -60.60 6.71
CA GLY B 114 23.86 -61.53 6.53
C GLY B 114 24.01 -62.86 7.31
N VAL B 115 22.88 -63.56 7.48
CA VAL B 115 22.83 -64.87 8.15
C VAL B 115 22.07 -65.89 7.33
N ARG B 116 22.33 -67.17 7.53
CA ARG B 116 21.57 -68.13 6.75
C ARG B 116 20.57 -68.90 7.55
N VAL B 117 19.38 -69.00 6.98
CA VAL B 117 18.30 -69.73 7.60
C VAL B 117 17.79 -70.88 6.76
N THR B 118 17.80 -72.07 7.35
CA THR B 118 17.30 -73.27 6.69
C THR B 118 16.01 -73.74 7.36
N VAL B 119 14.93 -73.97 6.55
CA VAL B 119 13.61 -74.39 7.02
C VAL B 119 13.32 -75.77 6.41
N ASN C 35 20.33 -37.13 -14.55
CA ASN C 35 21.06 -37.13 -13.30
C ASN C 35 20.30 -36.27 -12.26
N LEU C 36 20.48 -34.94 -12.28
CA LEU C 36 19.85 -33.97 -11.36
C LEU C 36 18.88 -33.07 -12.07
N TRP C 37 17.90 -32.57 -11.33
CA TRP C 37 16.87 -31.66 -11.84
C TRP C 37 16.77 -30.42 -10.99
N VAL C 38 16.29 -29.36 -11.58
CA VAL C 38 16.14 -28.10 -10.89
C VAL C 38 15.04 -28.16 -9.84
N THR C 39 15.35 -27.67 -8.65
CA THR C 39 14.38 -27.55 -7.58
C THR C 39 14.32 -26.09 -7.19
N VAL C 40 13.12 -25.58 -7.09
CA VAL C 40 12.87 -24.19 -6.79
C VAL C 40 12.60 -23.99 -5.31
N TYR C 41 13.31 -23.05 -4.70
CA TYR C 41 13.14 -22.76 -3.29
C TYR C 41 12.73 -21.31 -3.05
N TYR C 42 11.70 -21.10 -2.26
CA TYR C 42 11.25 -19.75 -1.97
C TYR C 42 11.42 -19.45 -0.52
N GLY C 43 12.09 -18.36 -0.22
CA GLY C 43 12.38 -17.99 1.14
C GLY C 43 13.86 -18.21 1.40
N VAL C 44 14.64 -18.17 0.35
CA VAL C 44 16.06 -18.34 0.43
C VAL C 44 16.72 -17.11 1.05
N PRO C 45 17.57 -17.24 2.09
CA PRO C 45 18.19 -16.15 2.81
C PRO C 45 19.36 -15.48 2.12
N VAL C 46 19.08 -14.83 1.01
CA VAL C 46 20.12 -14.11 0.29
C VAL C 46 19.73 -12.68 0.02
N TRP C 47 20.71 -11.86 -0.29
CA TRP C 47 20.46 -10.47 -0.53
C TRP C 47 21.43 -9.83 -1.46
N LYS C 48 21.09 -8.65 -1.92
CA LYS C 48 21.96 -7.86 -2.76
C LYS C 48 21.98 -6.40 -2.35
N ASP C 49 23.02 -5.69 -2.69
CA ASP C 49 23.09 -4.27 -2.35
C ASP C 49 21.91 -3.53 -2.95
N ALA C 50 21.30 -2.61 -2.21
CA ALA C 50 20.18 -1.91 -2.81
C ALA C 50 19.96 -0.51 -2.27
N GLU C 51 19.32 0.31 -3.07
CA GLU C 51 18.96 1.65 -2.68
C GLU C 51 17.48 1.78 -2.40
N THR C 52 17.13 2.15 -1.18
CA THR C 52 15.72 2.31 -0.86
C THR C 52 15.48 3.50 0.01
N THR C 53 14.24 3.71 0.36
CA THR C 53 13.86 4.81 1.21
C THR C 53 13.66 4.32 2.62
N LEU C 54 14.37 4.90 3.55
CA LEU C 54 14.28 4.54 4.95
C LEU C 54 13.33 5.47 5.64
N PHE C 55 12.76 5.04 6.74
CA PHE C 55 11.90 5.92 7.49
C PHE C 55 12.57 6.08 8.83
N CYS C 56 12.28 7.15 9.58
CA CYS C 56 12.86 7.36 10.90
C CYS C 56 11.84 7.12 12.00
N ALA C 57 12.37 6.85 13.18
CA ALA C 57 11.60 6.64 14.37
C ALA C 57 12.36 7.19 15.56
N SER C 58 11.63 7.54 16.61
CA SER C 58 12.26 8.05 17.82
C SER C 58 11.45 7.64 19.04
N ASP C 59 12.06 7.70 20.25
CA ASP C 59 11.44 7.35 21.54
C ASP C 59 10.34 8.37 21.93
N HIS C 68 6.89 20.01 20.59
CA HIS C 68 7.32 21.21 19.87
C HIS C 68 8.71 21.08 19.18
N ASN C 69 9.32 19.90 19.25
CA ASN C 69 10.62 19.56 18.67
C ASN C 69 10.43 19.01 17.27
N VAL C 70 11.08 19.63 16.32
CA VAL C 70 10.94 19.28 14.92
C VAL C 70 11.25 17.85 14.65
N TRP C 71 12.29 17.36 15.27
CA TRP C 71 12.73 16.03 15.03
C TRP C 71 11.73 15.01 15.51
N ALA C 72 11.16 15.27 16.68
CA ALA C 72 10.17 14.39 17.29
C ALA C 72 8.86 14.42 16.54
N THR C 73 8.54 15.60 16.00
CA THR C 73 7.32 15.77 15.23
C THR C 73 7.38 14.97 13.95
N HIS C 74 8.51 15.05 13.27
CA HIS C 74 8.68 14.31 12.03
C HIS C 74 8.85 12.80 12.20
N CYS C 75 9.76 12.35 13.11
CA CYS C 75 10.06 10.94 13.36
C CYS C 75 9.08 10.49 14.44
N CYS C 76 7.82 10.51 14.05
CA CYS C 76 6.69 10.27 14.91
C CYS C 76 6.50 8.81 15.23
N VAL C 77 7.13 7.97 14.45
CA VAL C 77 7.04 6.55 14.60
C VAL C 77 7.82 6.18 15.84
N PRO C 78 7.28 5.40 16.79
CA PRO C 78 7.92 4.97 18.01
C PRO C 78 8.99 3.94 17.77
N THR C 79 9.88 3.77 18.72
CA THR C 79 10.90 2.75 18.65
C THR C 79 10.64 1.67 19.67
N ASP C 80 11.20 0.50 19.42
CA ASP C 80 11.08 -0.61 20.31
C ASP C 80 11.93 -0.46 21.54
N PRO C 81 11.48 -0.88 22.72
CA PRO C 81 12.31 -1.00 23.87
C PRO C 81 13.12 -2.23 23.58
N ASN C 82 14.34 -2.32 24.07
CA ASN C 82 15.09 -3.56 23.90
C ASN C 82 15.01 -4.14 22.49
N PRO C 83 15.41 -3.39 21.45
CA PRO C 83 15.39 -3.86 20.09
C PRO C 83 16.38 -4.98 20.03
N GLN C 84 16.12 -5.99 19.22
CA GLN C 84 17.02 -7.11 19.10
C GLN C 84 17.73 -7.10 17.79
N GLU C 85 18.87 -7.78 17.75
CA GLU C 85 19.61 -7.93 16.51
C GLU C 85 19.98 -9.37 16.34
N ILE C 86 20.15 -9.80 15.11
CA ILE C 86 20.52 -11.17 14.88
C ILE C 86 21.93 -11.33 14.39
N HIS C 87 22.77 -11.97 15.17
CA HIS C 87 24.14 -12.14 14.76
C HIS C 87 24.17 -13.11 13.60
N LEU C 88 24.92 -12.81 12.55
CA LEU C 88 24.95 -13.76 11.46
C LEU C 88 26.24 -14.54 11.51
N GLU C 89 26.18 -15.74 12.01
CA GLU C 89 27.41 -16.47 12.16
C GLU C 89 27.89 -16.86 10.79
N ASN C 90 29.21 -16.86 10.58
CA ASN C 90 29.93 -17.26 9.36
C ASN C 90 29.58 -16.41 8.12
N VAL C 91 29.11 -15.15 8.28
CA VAL C 91 28.83 -14.25 7.15
C VAL C 91 29.85 -13.15 7.02
N THR C 92 30.50 -13.09 5.88
CA THR C 92 31.47 -12.05 5.63
C THR C 92 30.82 -11.13 4.64
N GLU C 93 30.84 -9.85 4.93
CA GLU C 93 30.19 -8.88 4.08
C GLU C 93 31.11 -7.71 3.78
N GLU C 94 30.90 -7.07 2.65
CA GLU C 94 31.72 -5.92 2.29
C GLU C 94 30.98 -4.59 2.40
N PHE C 95 31.59 -3.68 3.14
CA PHE C 95 31.04 -2.37 3.42
C PHE C 95 31.87 -1.26 2.78
N ASN C 96 31.22 -0.15 2.44
CA ASN C 96 31.95 1.02 1.94
C ASN C 96 31.25 2.28 2.37
N MET C 97 31.75 2.92 3.41
CA MET C 97 31.10 4.10 4.00
C MET C 97 31.09 5.29 3.07
N TRP C 98 31.92 5.29 2.05
CA TRP C 98 32.03 6.44 1.19
C TRP C 98 31.03 6.38 0.05
N LYS C 99 30.36 5.25 -0.07
CA LYS C 99 29.40 5.00 -1.15
C LYS C 99 28.05 4.68 -0.55
N ASN C 100 27.93 4.97 0.72
CA ASN C 100 26.76 4.67 1.52
C ASN C 100 25.65 5.63 1.18
N ASN C 101 24.49 5.11 0.80
CA ASN C 101 23.40 6.01 0.41
C ASN C 101 22.48 6.31 1.57
N MET C 102 22.84 5.86 2.76
CA MET C 102 22.02 6.18 3.92
C MET C 102 22.37 7.58 4.30
N VAL C 103 23.59 7.97 3.95
CA VAL C 103 24.12 9.28 4.24
C VAL C 103 23.43 10.27 3.38
N GLU C 104 23.26 9.92 2.13
CA GLU C 104 22.63 10.82 1.21
C GLU C 104 21.20 10.99 1.58
N GLN C 105 20.51 9.92 1.97
CA GLN C 105 19.15 10.13 2.37
C GLN C 105 19.07 10.98 3.62
N MET C 106 19.91 10.71 4.61
CA MET C 106 19.80 11.49 5.82
C MET C 106 20.00 12.95 5.53
N HIS C 107 20.94 13.28 4.66
CA HIS C 107 21.18 14.66 4.32
C HIS C 107 19.95 15.28 3.71
N THR C 108 19.37 14.61 2.73
CA THR C 108 18.21 15.16 2.06
C THR C 108 17.04 15.36 2.99
N ASP C 109 16.79 14.40 3.87
CA ASP C 109 15.66 14.54 4.76
C ASP C 109 15.85 15.65 5.76
N ILE C 110 17.08 15.88 6.20
CA ILE C 110 17.32 16.97 7.13
C ILE C 110 17.07 18.29 6.47
N ILE C 111 17.49 18.45 5.21
CA ILE C 111 17.25 19.72 4.55
C ILE C 111 15.76 19.93 4.51
N SER C 112 15.01 18.88 4.19
CA SER C 112 13.58 19.02 4.12
C SER C 112 12.99 19.46 5.45
N LEU C 113 13.45 18.89 6.57
CA LEU C 113 12.85 19.31 7.82
C LEU C 113 13.03 20.78 8.05
N TRP C 114 14.19 21.32 7.74
CA TRP C 114 14.36 22.73 7.97
C TRP C 114 13.44 23.55 7.10
N ASP C 115 13.31 23.17 5.84
CA ASP C 115 12.49 23.97 4.99
C ASP C 115 11.02 23.87 5.35
N GLN C 116 10.59 22.71 5.83
CA GLN C 116 9.19 22.59 6.24
C GLN C 116 8.94 23.30 7.55
N SER C 117 9.89 23.27 8.45
CA SER C 117 9.70 23.88 9.75
C SER C 117 9.56 25.36 9.67
N LEU C 118 10.26 25.99 8.75
CA LEU C 118 10.20 27.42 8.61
C LEU C 118 9.07 27.87 7.70
N LYS C 119 8.40 26.92 7.06
CA LYS C 119 7.40 27.24 6.08
C LYS C 119 6.29 28.17 6.57
N PRO C 120 5.65 27.93 7.73
CA PRO C 120 4.59 28.76 8.24
C PRO C 120 4.99 29.98 9.09
N CYS C 121 6.30 30.32 9.19
CA CYS C 121 6.80 31.36 10.10
C CYS C 121 6.74 32.73 9.44
N VAL C 122 6.86 33.76 10.27
CA VAL C 122 6.77 35.14 9.80
C VAL C 122 7.82 35.50 8.80
N LYS C 123 7.39 36.10 7.70
CA LYS C 123 8.30 36.50 6.66
C LYS C 123 8.80 37.85 7.07
N LEU C 124 10.07 38.14 6.85
CA LEU C 124 10.59 39.41 7.26
C LEU C 124 10.84 40.37 6.13
N THR C 125 10.23 40.13 4.98
CA THR C 125 10.40 41.01 3.85
C THR C 125 10.25 42.50 4.22
N PRO C 126 9.25 42.93 5.01
CA PRO C 126 9.03 44.31 5.37
C PRO C 126 10.19 44.98 6.08
N LEU C 127 11.14 44.21 6.62
CA LEU C 127 12.31 44.78 7.29
C LEU C 127 13.50 45.13 6.41
N CYS C 128 13.44 44.83 5.09
CA CYS C 128 14.52 45.12 4.16
C CYS C 128 14.40 46.58 3.71
N VAL C 129 14.79 47.45 4.63
CA VAL C 129 14.69 48.89 4.50
C VAL C 129 16.00 49.53 4.83
N THR C 130 16.15 50.78 4.47
CA THR C 130 17.36 51.50 4.86
C THR C 130 17.39 51.72 6.36
N LEU C 131 18.51 51.40 6.97
CA LEU C 131 18.73 51.56 8.39
C LEU C 131 19.68 52.71 8.62
N GLN C 132 19.52 53.44 9.71
CA GLN C 132 20.53 54.43 10.08
C GLN C 132 21.22 53.85 11.29
N CYS C 133 22.56 53.62 11.23
CA CYS C 133 23.26 52.92 12.32
C CYS C 133 24.52 53.65 12.76
N THR C 134 24.78 53.54 14.05
CA THR C 134 25.99 54.01 14.67
C THR C 134 26.64 52.85 15.40
N ASN C 135 27.94 52.97 15.77
CA ASN C 135 28.65 51.95 16.55
C ASN C 135 28.23 52.07 18.01
N VAL C 136 28.16 50.92 18.73
CA VAL C 136 27.95 50.96 20.17
C VAL C 136 29.33 51.09 20.76
N THR C 137 29.55 52.17 21.48
CA THR C 137 30.84 52.46 22.09
C THR C 137 30.71 52.54 23.59
N ASN C 138 29.53 52.23 24.09
CA ASN C 138 29.23 52.36 25.49
C ASN C 138 29.59 51.13 26.29
N ASN C 139 30.59 51.25 27.13
CA ASN C 139 31.06 50.15 27.96
C ASN C 139 31.44 48.91 27.15
N ILE C 140 32.14 49.12 26.06
CA ILE C 140 32.54 48.01 25.22
C ILE C 140 34.00 47.74 25.42
N THR C 141 34.37 46.49 25.66
CA THR C 141 35.78 46.21 25.82
C THR C 141 36.47 46.22 24.46
N ASP C 142 37.78 46.22 24.44
CA ASP C 142 38.47 46.29 23.16
C ASP C 142 38.18 45.12 22.23
N ASP C 143 37.99 43.95 22.83
CA ASP C 143 37.75 42.72 22.10
C ASP C 143 36.50 42.77 21.24
N MET C 144 35.55 43.59 21.65
CA MET C 144 34.26 43.75 21.00
C MET C 144 34.10 45.05 20.29
N ARG C 145 35.15 45.81 20.14
CA ARG C 145 34.96 47.10 19.56
C ARG C 145 34.58 46.99 18.11
N GLY C 146 33.49 47.63 17.75
CA GLY C 146 32.99 47.64 16.39
C GLY C 146 32.05 46.49 16.05
N GLU C 147 31.86 45.55 16.98
CA GLU C 147 31.02 44.38 16.75
C GLU C 147 29.54 44.64 16.75
N LEU C 148 29.08 45.63 17.52
CA LEU C 148 27.65 45.87 17.55
C LEU C 148 27.31 47.18 16.93
N LYS C 149 26.22 47.16 16.18
CA LYS C 149 25.68 48.33 15.55
C LYS C 149 24.28 48.61 16.11
N ASN C 150 24.05 49.85 16.51
CA ASN C 150 22.82 50.37 17.06
C ASN C 150 22.06 51.10 15.95
N CYS C 151 20.97 50.47 15.45
CA CYS C 151 20.25 50.87 14.26
C CYS C 151 18.83 51.34 14.50
N SER C 152 18.35 52.22 13.63
CA SER C 152 16.97 52.60 13.67
C SER C 152 16.36 52.71 12.28
N PHE C 153 15.07 52.47 12.22
CA PHE C 153 14.31 52.53 10.98
C PHE C 153 12.81 52.80 11.17
N ASN C 154 12.11 53.24 10.11
CA ASN C 154 10.67 53.48 10.10
C ASN C 154 9.92 52.24 9.60
N MET C 155 9.33 51.48 10.53
CA MET C 155 8.68 50.19 10.32
C MET C 155 7.17 50.31 10.26
N THR C 156 6.52 49.39 9.58
CA THR C 156 5.07 49.38 9.52
C THR C 156 4.46 48.84 10.79
N THR C 157 3.14 49.00 10.90
CA THR C 157 2.35 48.52 12.02
C THR C 157 1.26 47.68 11.42
N GLU C 158 0.36 47.11 12.24
CA GLU C 158 -0.70 46.31 11.64
C GLU C 158 -1.61 47.11 10.73
N LEU C 159 -1.64 48.44 10.85
CA LEU C 159 -2.47 49.21 9.96
C LEU C 159 -1.55 49.69 8.88
N ARG C 160 -1.99 49.60 7.66
CA ARG C 160 -1.13 49.94 6.55
C ARG C 160 -0.74 51.40 6.44
N ASP C 161 -1.54 52.31 7.00
CA ASP C 161 -1.19 53.70 6.90
C ASP C 161 -0.33 54.22 8.04
N LYS C 162 0.09 53.37 8.98
CA LYS C 162 0.88 53.89 10.09
C LYS C 162 2.23 53.25 10.22
N LYS C 163 3.20 54.05 10.62
CA LYS C 163 4.57 53.61 10.88
C LYS C 163 5.02 53.96 12.28
N GLN C 164 6.04 53.26 12.74
CA GLN C 164 6.64 53.46 14.05
C GLN C 164 8.15 53.48 13.94
N LYS C 165 8.83 54.22 14.80
CA LYS C 165 10.29 54.17 14.75
C LYS C 165 10.80 53.08 15.64
N VAL C 166 11.58 52.21 15.06
CA VAL C 166 12.11 51.06 15.74
C VAL C 166 13.58 51.17 15.93
N TYR C 167 14.02 50.89 17.14
CA TYR C 167 15.43 50.88 17.45
C TYR C 167 15.81 49.49 17.84
N SER C 168 16.97 49.02 17.41
CA SER C 168 17.43 47.68 17.76
C SER C 168 18.92 47.50 17.65
N LEU C 169 19.43 46.44 18.27
CA LEU C 169 20.84 46.16 18.10
C LEU C 169 21.05 45.01 17.15
N PHE C 170 22.07 45.15 16.31
CA PHE C 170 22.50 44.14 15.36
C PHE C 170 23.98 43.84 15.46
N TYR C 171 24.35 42.66 15.05
CA TYR C 171 25.75 42.34 14.98
C TYR C 171 26.24 42.85 13.66
N ARG C 172 27.49 43.27 13.57
CA ARG C 172 27.96 43.80 12.31
C ARG C 172 27.96 42.78 11.20
N LEU C 173 27.98 41.52 11.53
CA LEU C 173 28.05 40.48 10.52
C LEU C 173 26.76 40.34 9.73
N ASP C 174 25.68 40.94 10.22
CA ASP C 174 24.39 40.88 9.60
C ASP C 174 24.03 42.13 8.81
N VAL C 175 24.86 43.16 8.90
CA VAL C 175 24.52 44.45 8.32
C VAL C 175 25.63 45.00 7.44
N VAL C 176 25.29 45.50 6.25
CA VAL C 176 26.32 46.06 5.39
C VAL C 176 26.01 47.48 5.00
N GLN C 177 27.05 48.27 4.81
CA GLN C 177 26.86 49.67 4.46
C GLN C 177 26.41 49.82 3.04
N ILE C 178 25.46 50.71 2.82
CA ILE C 178 24.94 50.97 1.48
C ILE C 178 25.89 51.74 0.56
N ASN C 179 26.51 52.84 1.05
CA ASN C 179 27.43 53.73 0.33
C ASN C 179 27.92 54.81 1.29
N LYS C 191 25.62 56.39 9.28
CA LYS C 191 25.64 55.92 7.89
C LYS C 191 24.46 55.03 7.61
N GLU C 192 24.09 54.98 6.34
CA GLU C 192 23.01 54.13 5.89
C GLU C 192 23.47 52.72 5.64
N TYR C 193 22.74 51.78 6.18
CA TYR C 193 22.99 50.35 6.11
C TYR C 193 21.78 49.56 5.68
N ARG C 194 22.00 48.35 5.21
CA ARG C 194 20.93 47.44 4.89
C ARG C 194 21.21 46.07 5.45
N LEU C 195 20.19 45.27 5.61
CA LEU C 195 20.47 43.93 6.07
C LEU C 195 21.21 43.24 4.97
N ILE C 196 22.16 42.42 5.36
CA ILE C 196 23.01 41.75 4.41
C ILE C 196 22.32 40.89 3.37
N ASN C 197 21.18 40.31 3.67
CA ASN C 197 20.49 39.47 2.70
C ASN C 197 19.67 40.16 1.59
N CYS C 198 19.48 41.50 1.66
CA CYS C 198 18.60 42.26 0.76
C CYS C 198 18.94 42.18 -0.72
N ASN C 199 20.19 42.03 -1.07
CA ASN C 199 20.51 41.98 -2.49
C ASN C 199 20.42 40.58 -3.11
N THR C 200 20.12 39.52 -2.30
CA THR C 200 20.07 38.13 -2.72
C THR C 200 18.74 37.47 -2.54
N SER C 201 18.16 37.55 -1.35
CA SER C 201 16.94 36.82 -1.11
C SER C 201 16.13 37.29 0.05
N ALA C 202 14.91 36.80 0.09
CA ALA C 202 14.04 37.00 1.22
C ALA C 202 14.54 36.16 2.37
N ILE C 203 14.19 36.62 3.57
CA ILE C 203 14.53 35.96 4.81
C ILE C 203 13.30 35.68 5.65
N THR C 204 13.28 34.51 6.28
CA THR C 204 12.17 34.09 7.16
C THR C 204 12.59 33.99 8.61
N GLN C 205 11.79 34.50 9.53
CA GLN C 205 12.12 34.41 10.94
C GLN C 205 11.81 33.04 11.44
N ALA C 206 12.74 32.41 12.10
CA ALA C 206 12.40 31.10 12.63
C ALA C 206 11.43 31.32 13.76
N CYS C 207 10.43 30.43 13.90
CA CYS C 207 9.44 30.48 14.97
C CYS C 207 10.13 30.17 16.32
N PRO C 208 9.98 31.02 17.33
CA PRO C 208 10.60 30.90 18.63
C PRO C 208 10.09 29.72 19.44
N LYS C 209 8.98 29.14 19.02
CA LYS C 209 8.40 28.03 19.74
C LYS C 209 8.72 26.71 19.08
N VAL C 210 9.53 26.74 18.03
CA VAL C 210 9.91 25.53 17.33
C VAL C 210 11.34 25.20 17.66
N SER C 211 11.55 24.03 18.22
CA SER C 211 12.88 23.65 18.62
C SER C 211 13.56 22.74 17.65
N PHE C 212 14.79 23.05 17.33
CA PHE C 212 15.57 22.25 16.42
C PHE C 212 16.62 21.43 17.17
N GLU C 213 16.50 21.40 18.49
CA GLU C 213 17.45 20.67 19.29
C GLU C 213 17.47 19.21 18.87
N PRO C 214 18.60 18.63 18.48
CA PRO C 214 18.68 17.30 18.00
C PRO C 214 18.37 16.32 19.10
N ILE C 215 17.71 15.25 18.73
CA ILE C 215 17.38 14.17 19.62
C ILE C 215 17.87 12.95 18.89
N PRO C 216 18.06 11.80 19.50
CA PRO C 216 18.45 10.60 18.79
C PRO C 216 17.39 10.22 17.78
N ILE C 217 17.81 9.90 16.57
CA ILE C 217 16.96 9.47 15.48
C ILE C 217 17.37 8.09 15.03
N HIS C 218 16.43 7.19 14.87
CA HIS C 218 16.78 5.87 14.42
C HIS C 218 16.31 5.68 12.99
N TYR C 219 17.19 5.27 12.08
CA TYR C 219 16.72 5.01 10.71
C TYR C 219 16.37 3.55 10.58
N CYS C 220 15.19 3.24 10.03
CA CYS C 220 14.62 1.90 9.95
C CYS C 220 14.30 1.50 8.51
N ALA C 221 14.54 0.23 8.20
CA ALA C 221 14.25 -0.26 6.85
C ALA C 221 12.79 -0.69 6.71
N PRO C 222 12.20 -0.57 5.51
CA PRO C 222 10.89 -1.06 5.14
C PRO C 222 10.93 -2.56 4.96
N ALA C 223 9.78 -3.20 4.99
CA ALA C 223 9.73 -4.64 4.76
C ALA C 223 10.30 -4.96 3.40
N GLY C 224 11.04 -6.06 3.34
CA GLY C 224 11.68 -6.50 2.11
C GLY C 224 13.15 -6.13 2.09
N PHE C 225 13.55 -5.28 3.03
CA PHE C 225 14.91 -4.80 3.19
C PHE C 225 15.44 -5.07 4.57
N ALA C 226 16.75 -5.05 4.69
CA ALA C 226 17.37 -5.27 5.97
C ALA C 226 18.59 -4.38 6.15
N ILE C 227 18.92 -4.02 7.38
CA ILE C 227 20.11 -3.23 7.59
C ILE C 227 21.16 -4.10 8.20
N LEU C 228 22.32 -4.14 7.60
CA LEU C 228 23.38 -4.94 8.14
C LEU C 228 24.32 -4.03 8.89
N LYS C 229 24.71 -4.45 10.07
CA LYS C 229 25.60 -3.67 10.90
C LYS C 229 26.95 -4.37 11.03
N CYS C 230 28.06 -3.62 10.89
CA CYS C 230 29.43 -4.09 11.05
C CYS C 230 29.91 -3.83 12.48
N LYS C 231 30.28 -4.88 13.18
CA LYS C 231 30.72 -4.77 14.54
C LYS C 231 32.22 -4.90 14.73
N ASP C 232 32.98 -5.08 13.66
CA ASP C 232 34.41 -5.26 13.84
C ASP C 232 34.95 -4.01 14.54
N LYS C 233 35.73 -4.21 15.60
CA LYS C 233 36.19 -3.12 16.44
C LYS C 233 37.06 -2.07 15.79
N LYS C 234 37.86 -2.48 14.83
CA LYS C 234 38.77 -1.59 14.15
C LYS C 234 38.29 -1.23 12.77
N PHE C 235 37.05 -1.52 12.46
CA PHE C 235 36.59 -1.25 11.13
C PHE C 235 36.72 0.23 10.78
N ASN C 236 37.38 0.52 9.63
CA ASN C 236 37.65 1.88 9.15
C ASN C 236 36.68 2.36 8.05
N GLY C 237 35.56 1.64 7.82
CA GLY C 237 34.55 1.98 6.83
C GLY C 237 34.71 1.32 5.49
N THR C 238 35.87 0.74 5.20
CA THR C 238 36.00 0.14 3.88
C THR C 238 36.53 -1.27 3.87
N GLY C 239 35.84 -2.13 3.13
CA GLY C 239 36.28 -3.49 2.93
C GLY C 239 35.47 -4.50 3.73
N PRO C 240 35.92 -5.75 3.74
CA PRO C 240 35.29 -6.87 4.38
C PRO C 240 35.16 -6.64 5.87
N CYS C 241 34.10 -7.17 6.46
CA CYS C 241 33.75 -7.15 7.88
C CYS C 241 33.30 -8.56 8.22
N THR C 242 33.83 -9.12 9.31
CA THR C 242 33.45 -10.50 9.64
C THR C 242 32.46 -10.70 10.79
N ASN C 243 32.29 -9.75 11.72
CA ASN C 243 31.29 -9.81 12.78
C ASN C 243 30.15 -8.89 12.37
N VAL C 244 29.08 -9.44 11.77
CA VAL C 244 27.96 -8.66 11.25
C VAL C 244 26.68 -9.17 11.82
N SER C 245 25.70 -8.30 11.89
CA SER C 245 24.40 -8.66 12.38
C SER C 245 23.32 -7.91 11.66
N THR C 246 22.11 -8.44 11.72
CA THR C 246 20.99 -7.79 11.07
C THR C 246 20.10 -7.06 12.04
N VAL C 247 19.83 -5.81 11.72
CA VAL C 247 18.99 -5.00 12.56
C VAL C 247 17.86 -4.41 11.75
N GLN C 248 16.82 -3.98 12.44
CA GLN C 248 15.73 -3.29 11.74
C GLN C 248 15.93 -1.77 11.68
N CYS C 249 16.56 -1.20 12.75
CA CYS C 249 16.78 0.22 12.95
C CYS C 249 18.21 0.41 13.41
N THR C 250 18.75 1.56 13.08
CA THR C 250 20.08 1.93 13.50
C THR C 250 19.99 2.35 14.94
N HIS C 251 21.14 2.54 15.55
CA HIS C 251 21.18 3.04 16.91
C HIS C 251 20.74 4.47 16.80
N GLY C 252 20.47 5.14 17.90
CA GLY C 252 20.04 6.50 17.71
C GLY C 252 21.22 7.34 17.31
N ILE C 253 21.01 8.23 16.38
CA ILE C 253 22.01 9.16 15.92
C ILE C 253 21.55 10.53 16.25
N LYS C 254 22.36 11.32 16.92
CA LYS C 254 21.90 12.65 17.22
C LYS C 254 22.41 13.57 16.10
N PRO C 255 21.54 14.22 15.32
CA PRO C 255 21.87 15.04 14.17
C PRO C 255 22.38 16.41 14.54
N VAL C 256 23.55 16.46 15.14
CA VAL C 256 24.15 17.73 15.50
C VAL C 256 24.81 18.30 14.26
N VAL C 257 24.56 19.55 13.97
CA VAL C 257 25.14 20.17 12.79
C VAL C 257 26.28 21.08 13.20
N SER C 258 27.47 20.79 12.70
CA SER C 258 28.67 21.55 13.03
C SER C 258 29.68 21.47 11.91
N THR C 259 30.72 22.30 12.00
CA THR C 259 31.75 22.24 10.96
C THR C 259 33.05 21.52 11.33
N GLN C 260 34.01 22.23 11.85
CA GLN C 260 35.34 21.67 12.05
C GLN C 260 35.44 20.58 13.10
N LEU C 261 34.74 20.73 14.21
CA LEU C 261 34.78 19.67 15.20
C LEU C 261 33.42 19.03 15.24
N LEU C 262 33.37 17.75 15.49
CA LEU C 262 32.11 17.07 15.57
C LEU C 262 31.72 16.95 17.01
N LEU C 263 30.48 17.26 17.31
CA LEU C 263 30.04 17.23 18.69
C LEU C 263 28.99 16.17 18.96
N ASN C 264 29.01 15.63 20.18
CA ASN C 264 28.06 14.69 20.79
C ASN C 264 27.80 13.41 19.97
N GLY C 265 28.83 12.86 19.29
CA GLY C 265 28.72 11.64 18.49
C GLY C 265 29.15 10.46 19.31
N SER C 266 29.33 9.35 18.65
CA SER C 266 29.76 8.16 19.34
C SER C 266 31.27 8.18 19.42
N LEU C 267 31.82 7.44 20.37
CA LEU C 267 33.27 7.31 20.49
C LEU C 267 33.78 5.97 20.05
N ALA C 268 35.02 5.96 19.62
CA ALA C 268 35.71 4.74 19.26
C ALA C 268 35.94 3.98 20.54
N GLU C 269 35.99 2.66 20.51
CA GLU C 269 36.17 1.96 21.78
C GLU C 269 37.59 1.56 22.13
N GLU C 270 38.45 1.32 21.15
CA GLU C 270 39.79 0.85 21.48
C GLU C 270 40.89 1.87 21.31
N GLU C 271 40.77 2.72 20.31
CA GLU C 271 41.79 3.69 19.98
C GLU C 271 41.20 4.73 19.10
N VAL C 272 41.95 5.77 18.80
CA VAL C 272 41.49 6.73 17.82
C VAL C 272 41.50 6.08 16.47
N ILE C 273 40.42 6.21 15.72
CA ILE C 273 40.37 5.59 14.41
C ILE C 273 40.30 6.62 13.32
N ILE C 274 41.22 6.53 12.38
CA ILE C 274 41.22 7.49 11.30
C ILE C 274 40.70 6.88 10.03
N ARG C 275 39.63 7.48 9.49
CA ARG C 275 38.99 6.95 8.31
C ARG C 275 39.09 7.95 7.16
N SER C 276 39.38 7.47 5.97
CA SER C 276 39.44 8.33 4.80
C SER C 276 39.09 7.50 3.58
N GLU C 277 38.67 8.15 2.51
CA GLU C 277 38.38 7.43 1.27
C GLU C 277 39.62 6.95 0.52
N ASN C 278 40.63 7.84 0.42
CA ASN C 278 41.88 7.72 -0.30
C ASN C 278 42.91 8.53 0.50
N ILE C 279 43.65 7.87 1.42
CA ILE C 279 44.52 8.53 2.43
C ILE C 279 45.66 9.37 1.87
N THR C 280 46.12 9.04 0.67
CA THR C 280 47.19 9.79 0.06
C THR C 280 46.69 10.86 -0.91
N ASN C 281 45.38 11.00 -1.02
CA ASN C 281 44.77 11.97 -1.92
C ASN C 281 44.45 13.24 -1.18
N ASN C 282 45.07 14.32 -1.57
CA ASN C 282 44.92 15.57 -0.85
C ASN C 282 43.57 16.24 -1.09
N ALA C 283 42.81 15.71 -2.02
CA ALA C 283 41.49 16.24 -2.31
C ALA C 283 40.44 15.61 -1.42
N LYS C 284 40.82 14.65 -0.58
CA LYS C 284 39.88 13.96 0.27
C LYS C 284 40.07 14.37 1.71
N ASN C 285 39.00 14.35 2.50
CA ASN C 285 39.17 14.73 3.89
C ASN C 285 39.53 13.51 4.70
N ILE C 286 39.80 13.74 5.98
CA ILE C 286 40.07 12.71 6.94
C ILE C 286 39.10 12.83 8.11
N LEU C 287 38.42 11.75 8.44
CA LEU C 287 37.49 11.80 9.55
C LEU C 287 38.13 11.09 10.73
N VAL C 288 38.34 11.81 11.81
CA VAL C 288 39.00 11.21 12.95
C VAL C 288 38.05 10.98 14.09
N GLN C 289 37.90 9.73 14.51
CA GLN C 289 37.01 9.44 15.61
C GLN C 289 37.78 9.21 16.88
N LEU C 290 37.49 9.99 17.89
CA LEU C 290 38.23 9.89 19.13
C LEU C 290 37.68 8.79 19.98
N ASN C 291 38.50 8.18 20.88
CA ASN C 291 38.05 7.19 21.87
C ASN C 291 37.79 7.81 23.26
N GLU C 292 37.98 9.14 23.41
CA GLU C 292 37.77 9.94 24.63
C GLU C 292 37.13 11.22 24.19
N SER C 293 36.21 11.73 24.97
CA SER C 293 35.63 12.99 24.63
C SER C 293 36.44 14.14 25.18
N VAL C 294 36.33 15.29 24.53
CA VAL C 294 36.95 16.49 25.06
C VAL C 294 35.85 17.46 25.39
N GLN C 295 35.78 17.91 26.61
CA GLN C 295 34.69 18.78 26.95
C GLN C 295 34.98 20.21 26.55
N ILE C 296 34.00 20.84 25.90
CA ILE C 296 34.10 22.23 25.49
C ILE C 296 32.92 23.05 26.07
N ASN C 297 33.22 24.13 26.80
CA ASN C 297 32.27 25.01 27.51
C ASN C 297 32.13 26.36 26.78
N CYS C 298 30.96 26.64 26.18
CA CYS C 298 30.72 27.83 25.37
C CYS C 298 29.75 28.78 26.04
N THR C 299 30.02 30.07 25.87
CA THR C 299 29.16 31.07 26.45
C THR C 299 29.05 32.39 25.71
N ARG C 300 27.93 33.04 25.96
CA ARG C 300 27.56 34.37 25.51
C ARG C 300 27.26 35.11 26.82
N PRO C 301 28.26 35.71 27.46
CA PRO C 301 28.27 36.22 28.84
C PRO C 301 27.38 37.38 29.25
N ASN C 302 26.87 38.17 28.32
CA ASN C 302 26.04 39.33 28.68
C ASN C 302 24.57 38.97 28.80
N ASN C 303 23.78 39.82 29.47
CA ASN C 303 22.33 39.58 29.65
C ASN C 303 21.54 40.31 28.56
N ASN C 304 21.15 39.61 27.50
CA ASN C 304 20.48 40.24 26.35
C ASN C 304 18.98 40.30 26.60
N THR C 305 18.38 41.43 26.26
CA THR C 305 16.96 41.55 26.45
C THR C 305 16.23 41.59 25.15
N VAL C 306 15.27 40.68 25.02
CA VAL C 306 14.45 40.50 23.85
C VAL C 306 13.19 41.31 23.89
N LYS C 307 12.96 42.03 22.80
CA LYS C 307 11.82 42.89 22.61
C LYS C 307 11.07 42.47 21.35
N SER C 308 9.82 42.87 21.23
CA SER C 308 9.10 42.52 20.00
C SER C 308 8.17 43.60 19.54
N ILE C 309 7.95 43.63 18.23
CA ILE C 309 6.99 44.51 17.58
C ILE C 309 6.09 43.78 16.65
N ARG C 310 4.95 44.35 16.38
CA ARG C 310 4.08 43.74 15.41
C ARG C 310 4.40 44.33 14.06
N ILE C 311 4.51 43.50 13.04
CA ILE C 311 4.77 43.92 11.68
C ILE C 311 3.51 43.97 10.87
N GLY C 312 2.68 42.96 11.04
CA GLY C 312 1.43 42.90 10.29
C GLY C 312 0.43 42.16 11.12
N PRO C 313 -0.80 41.99 10.68
CA PRO C 313 -1.81 41.31 11.43
C PRO C 313 -1.37 39.90 11.74
N GLY C 314 -1.25 39.61 13.02
CA GLY C 314 -0.85 38.28 13.47
C GLY C 314 0.65 37.99 13.35
N GLN C 315 1.44 38.96 12.96
CA GLN C 315 2.85 38.69 12.78
C GLN C 315 3.79 39.52 13.62
N TRP C 316 4.50 38.83 14.51
CA TRP C 316 5.45 39.45 15.42
C TRP C 316 6.90 39.21 15.04
N PHE C 317 7.71 40.22 15.24
CA PHE C 317 9.15 40.22 15.02
C PHE C 317 9.94 40.41 16.28
N TYR C 318 10.96 39.59 16.45
CA TYR C 318 11.78 39.68 17.65
C TYR C 318 13.14 40.28 17.40
N TYR C 319 13.58 41.10 18.31
CA TYR C 319 14.90 41.68 18.18
C TYR C 319 15.56 41.95 19.50
N THR C 320 16.87 42.11 19.50
CA THR C 320 17.54 42.43 20.74
C THR C 320 17.33 43.90 20.98
N GLY C 321 16.80 44.20 22.14
CA GLY C 321 16.50 45.56 22.55
C GLY C 321 17.73 46.18 23.09
N ASP C 322 18.32 45.50 24.07
CA ASP C 322 19.36 46.13 24.93
C ASP C 322 20.23 45.02 25.55
N ILE C 323 21.52 45.30 25.71
CA ILE C 323 22.41 44.38 26.38
C ILE C 323 22.86 44.96 27.69
N ILE C 324 22.70 44.18 28.74
CA ILE C 324 23.05 44.64 30.05
C ILE C 324 24.41 44.14 30.50
N GLY C 325 25.24 45.08 30.93
CA GLY C 325 26.57 44.86 31.45
C GLY C 325 27.64 45.30 30.49
N ASP C 326 28.88 45.34 30.95
CA ASP C 326 29.95 45.72 30.05
C ASP C 326 29.94 44.64 29.02
N ILE C 327 30.18 44.98 27.78
CA ILE C 327 30.11 43.98 26.74
C ILE C 327 31.40 43.23 26.57
N ARG C 328 31.30 41.91 26.61
CA ARG C 328 32.43 41.00 26.50
C ARG C 328 32.18 40.00 25.40
N GLN C 329 33.24 39.48 24.81
CA GLN C 329 33.06 38.54 23.72
C GLN C 329 32.63 37.15 24.14
N ALA C 330 31.92 36.51 23.22
CA ALA C 330 31.54 35.13 23.34
C ALA C 330 32.77 34.32 23.19
N HIS C 331 32.84 33.20 23.88
CA HIS C 331 34.02 32.36 23.80
C HIS C 331 33.73 30.92 24.21
N CYS C 332 34.65 29.98 23.85
CA CYS C 332 34.60 28.57 24.24
C CYS C 332 35.92 28.10 24.88
N ASN C 333 35.80 27.31 25.94
CA ASN C 333 36.98 26.78 26.61
C ASN C 333 37.10 25.27 26.48
N VAL C 334 38.34 24.77 26.30
CA VAL C 334 38.69 23.33 26.37
C VAL C 334 39.83 23.16 27.33
N SER C 335 39.88 22.08 28.08
CA SER C 335 41.01 21.95 28.99
C SER C 335 42.26 21.87 28.14
N LYS C 336 43.30 22.59 28.51
CA LYS C 336 44.49 22.57 27.68
C LYS C 336 45.17 21.23 27.71
N ALA C 337 45.28 20.64 28.89
CA ALA C 337 45.98 19.37 28.94
C ALA C 337 45.24 18.30 28.18
N THR C 338 43.91 18.30 28.27
CA THR C 338 43.15 17.28 27.59
C THR C 338 43.29 17.44 26.11
N TRP C 339 43.17 18.68 25.63
CA TRP C 339 43.30 18.90 24.20
C TRP C 339 44.64 18.43 23.68
N ASN C 340 45.77 18.72 24.40
CA ASN C 340 47.11 18.29 24.01
C ASN C 340 47.20 16.75 23.97
N GLU C 341 46.65 16.03 24.98
CA GLU C 341 46.69 14.56 25.03
C GLU C 341 45.93 13.91 23.89
N THR C 342 44.79 14.48 23.53
CA THR C 342 44.01 13.88 22.49
C THR C 342 44.48 14.32 21.14
N LEU C 343 45.48 15.18 21.10
CA LEU C 343 45.98 15.59 19.83
C LEU C 343 47.12 14.62 19.58
N GLY C 344 47.90 14.33 20.62
CA GLY C 344 49.00 13.40 20.52
C GLY C 344 48.53 12.02 20.09
N LYS C 345 47.34 11.63 20.54
CA LYS C 345 46.75 10.35 20.17
C LYS C 345 46.49 10.29 18.67
N VAL C 346 46.06 11.42 18.11
CA VAL C 346 45.76 11.51 16.70
C VAL C 346 47.04 11.42 15.93
N VAL C 347 48.06 12.08 16.43
CA VAL C 347 49.32 12.08 15.75
C VAL C 347 49.86 10.68 15.67
N LYS C 348 49.80 9.92 16.76
CA LYS C 348 50.28 8.56 16.69
C LYS C 348 49.57 7.78 15.58
N GLN C 349 48.26 7.93 15.48
CA GLN C 349 47.57 7.19 14.45
C GLN C 349 47.92 7.69 13.05
N LEU C 350 48.19 8.98 12.90
CA LEU C 350 48.60 9.51 11.61
C LEU C 350 49.95 8.95 11.21
N ARG C 351 50.85 8.76 12.17
CA ARG C 351 52.18 8.24 11.86
C ARG C 351 52.07 6.88 11.21
N LYS C 352 51.05 6.11 11.57
CA LYS C 352 50.88 4.80 10.96
C LYS C 352 50.73 4.86 9.43
N HIS C 353 50.26 5.98 8.90
CA HIS C 353 50.06 6.12 7.47
C HIS C 353 51.14 6.94 6.81
N PHE C 354 51.75 7.85 7.56
CA PHE C 354 52.71 8.75 6.93
C PHE C 354 54.17 8.51 7.29
N GLY C 355 54.45 7.68 8.29
CA GLY C 355 55.80 7.36 8.72
C GLY C 355 56.14 7.91 10.11
N ASN C 356 56.85 7.12 10.94
CA ASN C 356 57.20 7.51 12.32
C ASN C 356 58.53 8.27 12.42
N ASN C 357 59.07 8.70 11.27
CA ASN C 357 60.24 9.53 11.10
C ASN C 357 59.86 10.82 10.40
N THR C 358 58.55 11.11 10.25
CA THR C 358 58.16 12.34 9.58
C THR C 358 57.64 13.30 10.60
N ILE C 359 57.44 14.54 10.20
CA ILE C 359 56.93 15.51 11.16
C ILE C 359 55.49 15.87 10.88
N ILE C 360 54.69 15.80 11.92
CA ILE C 360 53.28 16.12 11.80
C ILE C 360 52.99 17.45 12.44
N ARG C 361 52.52 18.36 11.64
CA ARG C 361 52.22 19.68 12.13
C ARG C 361 50.75 19.97 11.98
N PHE C 362 50.22 20.74 12.91
CA PHE C 362 48.86 21.20 12.80
C PHE C 362 48.87 22.68 12.61
N ALA C 363 47.94 23.14 11.82
CA ALA C 363 47.80 24.55 11.50
C ALA C 363 46.33 24.87 11.35
N ASN C 364 45.98 26.16 11.35
CA ASN C 364 44.60 26.64 11.28
C ASN C 364 44.07 26.57 9.83
N SER C 365 42.80 27.00 9.62
CA SER C 365 42.12 26.93 8.32
C SER C 365 42.77 27.90 7.34
N SER C 366 42.63 27.59 6.06
CA SER C 366 43.27 28.38 5.02
C SER C 366 42.60 29.66 4.61
N GLY C 367 41.34 29.83 4.91
CA GLY C 367 40.63 31.01 4.50
C GLY C 367 39.36 30.64 3.79
N GLY C 368 38.46 31.59 3.66
CA GLY C 368 37.18 31.34 3.04
C GLY C 368 36.10 32.02 3.85
N ASP C 369 34.86 31.65 3.58
CA ASP C 369 33.71 32.22 4.25
C ASP C 369 33.73 31.88 5.72
N LEU C 370 33.12 32.72 6.54
CA LEU C 370 33.07 32.51 7.98
C LEU C 370 32.55 31.12 8.34
N GLU C 371 31.56 30.67 7.60
CA GLU C 371 30.92 29.38 7.79
C GLU C 371 31.83 28.18 7.56
N VAL C 372 32.95 28.41 6.92
CA VAL C 372 33.91 27.39 6.60
C VAL C 372 35.15 27.45 7.49
N THR C 373 35.66 28.67 7.67
CA THR C 373 36.92 28.85 8.36
C THR C 373 36.85 28.73 9.86
N THR C 374 35.66 28.86 10.43
CA THR C 374 35.48 28.73 11.88
C THR C 374 34.72 27.48 12.27
N HIS C 375 34.69 27.22 13.56
CA HIS C 375 33.90 26.14 14.11
C HIS C 375 32.52 26.66 14.43
N SER C 376 31.56 26.19 13.66
CA SER C 376 30.20 26.62 13.75
C SER C 376 29.32 25.65 14.48
N PHE C 377 28.50 26.17 15.38
CA PHE C 377 27.53 25.35 16.11
C PHE C 377 26.37 26.16 16.69
N ASN C 378 25.30 25.45 17.02
CA ASN C 378 24.10 26.02 17.63
C ASN C 378 24.08 25.74 19.15
N CYS C 379 24.28 26.78 19.98
CA CYS C 379 24.40 26.71 21.45
C CYS C 379 23.23 27.43 22.11
N GLY C 380 22.28 26.67 22.60
CA GLY C 380 21.13 27.28 23.26
C GLY C 380 20.14 27.86 22.28
N GLY C 381 20.40 27.66 21.00
CA GLY C 381 19.61 28.21 19.93
C GLY C 381 20.34 29.38 19.26
N GLU C 382 21.45 29.82 19.85
CA GLU C 382 22.22 30.91 19.26
C GLU C 382 23.26 30.36 18.29
N PHE C 383 23.65 31.15 17.30
CA PHE C 383 24.65 30.68 16.33
C PHE C 383 26.03 31.27 16.43
N PHE C 384 26.96 30.40 16.84
CA PHE C 384 28.35 30.72 17.11
C PHE C 384 29.29 30.29 16.01
N TYR C 385 30.27 31.14 15.76
CA TYR C 385 31.37 30.94 14.82
C TYR C 385 32.71 31.17 15.53
N CYS C 386 33.35 30.09 16.04
CA CYS C 386 34.53 30.16 16.92
C CYS C 386 35.85 29.94 16.17
N ASN C 387 36.84 30.70 16.60
CA ASN C 387 38.17 30.64 16.02
C ASN C 387 38.99 29.50 16.64
N THR C 388 39.34 28.48 15.83
CA THR C 388 40.05 27.26 16.21
C THR C 388 41.53 27.37 15.98
N SER C 389 42.02 28.55 15.65
CA SER C 389 43.45 28.70 15.44
C SER C 389 44.20 28.48 16.73
N GLY C 390 43.51 28.57 17.86
CA GLY C 390 44.14 28.33 19.14
C GLY C 390 44.27 26.85 19.44
N LEU C 391 43.66 26.01 18.61
CA LEU C 391 43.72 24.57 18.82
C LEU C 391 44.68 23.93 17.84
N PHE C 392 44.56 24.32 16.58
CA PHE C 392 45.39 23.71 15.57
C PHE C 392 46.67 24.49 15.34
N ASN C 393 47.54 24.48 16.35
CA ASN C 393 48.81 25.23 16.37
C ASN C 393 49.88 24.44 17.16
N SER C 394 50.51 23.43 16.51
CA SER C 394 51.54 22.57 17.17
C SER C 394 52.41 21.83 16.18
N THR C 395 53.60 21.44 16.61
CA THR C 395 54.44 20.58 15.77
C THR C 395 54.87 19.37 16.56
N TRP C 396 54.63 18.20 16.01
CA TRP C 396 54.96 16.95 16.66
C TRP C 396 56.12 16.19 16.02
N ILE C 397 57.23 16.14 16.74
CA ILE C 397 58.44 15.52 16.23
C ILE C 397 58.82 14.33 17.11
N SER C 398 59.05 13.14 16.49
CA SER C 398 59.42 11.88 17.11
C SER C 398 60.62 12.01 18.07
N ASN C 411 43.54 22.80 35.54
CA ASN C 411 44.57 23.80 35.35
C ASN C 411 44.07 24.81 34.28
N ASP C 412 44.92 25.21 33.31
CA ASP C 412 44.63 26.16 32.22
C ASP C 412 43.73 25.62 31.14
N SER C 413 43.00 26.53 30.51
CA SER C 413 42.15 26.20 29.39
C SER C 413 42.55 26.99 28.18
N ILE C 414 42.22 26.47 27.01
CA ILE C 414 42.45 27.19 25.79
C ILE C 414 41.19 27.94 25.50
N THR C 415 41.28 29.26 25.31
CA THR C 415 40.08 30.02 25.05
C THR C 415 40.00 30.39 23.59
N LEU C 416 38.88 30.07 22.98
CA LEU C 416 38.62 30.35 21.60
C LEU C 416 37.64 31.51 21.54
N PRO C 417 37.97 32.65 20.93
CA PRO C 417 37.07 33.76 20.82
C PRO C 417 36.03 33.35 19.80
N CYS C 418 34.77 33.80 19.94
CA CYS C 418 33.67 33.48 19.03
C CYS C 418 32.89 34.72 18.57
N ARG C 419 32.26 34.59 17.42
CA ARG C 419 31.37 35.62 16.94
C ARG C 419 30.01 35.05 16.67
N ILE C 420 29.02 35.90 16.85
CA ILE C 420 27.62 35.53 16.71
C ILE C 420 26.90 36.31 15.65
N LYS C 421 26.08 35.61 14.87
CA LYS C 421 25.29 36.28 13.84
C LYS C 421 23.88 35.74 13.75
N GLN C 422 22.92 36.59 13.37
CA GLN C 422 21.52 36.19 13.23
C GLN C 422 21.03 35.90 11.82
N ILE C 423 21.72 36.36 10.79
CA ILE C 423 21.25 36.06 9.43
C ILE C 423 22.07 34.96 8.86
N ILE C 424 21.43 33.83 8.69
CA ILE C 424 22.11 32.62 8.34
C ILE C 424 21.68 31.97 7.05
N ASN C 425 22.65 31.70 6.19
CA ASN C 425 22.41 30.98 4.95
C ASN C 425 22.81 29.56 5.26
N MET C 426 21.84 28.74 5.57
CA MET C 426 22.15 27.42 6.07
C MET C 426 22.20 26.40 4.94
N TRP C 427 23.07 25.40 5.12
CA TRP C 427 23.29 24.29 4.21
C TRP C 427 23.95 24.65 2.90
N GLN C 428 24.83 25.64 2.91
CA GLN C 428 25.58 26.02 1.71
C GLN C 428 24.68 26.28 0.51
N ARG C 429 23.69 27.11 0.71
CA ARG C 429 22.75 27.45 -0.34
C ARG C 429 22.75 28.93 -0.55
N ILE C 430 22.32 29.36 -1.72
CA ILE C 430 22.25 30.78 -1.99
C ILE C 430 20.82 31.20 -1.85
N GLY C 431 20.59 32.13 -0.96
CA GLY C 431 19.25 32.59 -0.69
C GLY C 431 18.59 31.66 0.30
N GLN C 432 17.26 31.76 0.42
CA GLN C 432 16.53 30.99 1.44
C GLN C 432 17.16 31.23 2.79
N ALA C 433 17.32 32.49 3.17
CA ALA C 433 17.96 32.84 4.41
C ALA C 433 17.01 32.71 5.57
N MET C 434 17.56 32.48 6.75
CA MET C 434 16.72 32.51 7.93
C MET C 434 17.24 33.47 8.94
N TYR C 435 16.34 34.03 9.70
CA TYR C 435 16.68 34.91 10.78
C TYR C 435 16.51 34.19 12.08
N ALA C 436 17.56 34.16 12.86
CA ALA C 436 17.52 33.51 14.14
C ALA C 436 17.08 34.53 15.20
N PRO C 437 15.93 34.36 15.88
CA PRO C 437 15.43 35.26 16.86
C PRO C 437 16.45 35.30 17.96
N PRO C 438 16.54 36.38 18.70
CA PRO C 438 17.43 36.57 19.81
C PRO C 438 16.98 35.74 20.97
N ILE C 439 17.90 35.42 21.85
CA ILE C 439 17.61 34.68 23.06
C ILE C 439 17.87 35.50 24.30
N GLN C 440 16.87 35.52 25.14
CA GLN C 440 16.83 36.25 26.40
C GLN C 440 17.77 35.71 27.45
N GLY C 441 18.54 36.59 28.06
CA GLY C 441 19.42 36.20 29.15
C GLY C 441 20.82 35.87 28.69
N VAL C 442 21.47 35.00 29.46
CA VAL C 442 22.87 34.65 29.29
C VAL C 442 22.90 33.23 28.78
N ILE C 443 23.73 32.95 27.79
CA ILE C 443 23.76 31.60 27.21
C ILE C 443 24.96 30.80 27.58
N ARG C 444 24.71 29.60 28.04
CA ARG C 444 25.78 28.69 28.36
C ARG C 444 25.41 27.27 27.91
N CYS C 445 26.37 26.52 27.31
CA CYS C 445 26.18 25.11 26.95
C CYS C 445 27.52 24.38 27.09
N VAL C 446 27.42 23.08 27.32
CA VAL C 446 28.59 22.24 27.39
C VAL C 446 28.45 21.08 26.43
N SER C 447 29.42 20.93 25.56
CA SER C 447 29.38 19.86 24.56
C SER C 447 30.59 18.94 24.63
N ASN C 448 30.46 17.73 24.05
CA ASN C 448 31.50 16.72 23.91
C ASN C 448 32.09 16.71 22.49
N ILE C 449 33.42 16.88 22.35
CA ILE C 449 34.10 16.77 21.04
C ILE C 449 34.40 15.31 20.89
N THR C 450 33.86 14.70 19.85
CA THR C 450 33.98 13.27 19.63
C THR C 450 34.72 12.91 18.37
N GLY C 451 35.10 13.91 17.61
CA GLY C 451 35.82 13.68 16.37
C GLY C 451 36.15 14.98 15.68
N LEU C 452 37.03 14.87 14.69
CA LEU C 452 37.52 16.00 13.92
C LEU C 452 37.44 15.80 12.42
N ILE C 453 37.29 16.88 11.66
CA ILE C 453 37.48 16.73 10.22
C ILE C 453 38.76 17.46 9.85
N LEU C 454 39.73 16.72 9.31
CA LEU C 454 41.03 17.28 8.95
C LEU C 454 41.36 17.12 7.49
N THR C 455 42.16 18.02 6.96
CA THR C 455 42.66 17.86 5.60
C THR C 455 44.16 17.99 5.58
N ARG C 456 44.80 17.38 4.60
CA ARG C 456 46.24 17.53 4.47
C ARG C 456 46.52 18.65 3.50
N ASP C 457 47.55 19.45 3.75
CA ASP C 457 47.82 20.61 2.92
C ASP C 457 48.56 20.35 1.64
N GLY C 458 47.98 19.56 0.78
CA GLY C 458 48.66 19.31 -0.48
C GLY C 458 50.02 18.74 -0.15
N GLY C 459 51.04 19.33 -0.75
CA GLY C 459 52.41 18.93 -0.48
C GLY C 459 53.00 17.92 -1.45
N SER C 460 54.24 17.56 -1.14
CA SER C 460 55.12 16.67 -1.86
C SER C 460 56.10 16.10 -0.88
N THR C 461 57.06 15.31 -1.35
CA THR C 461 58.00 14.71 -0.42
C THR C 461 58.69 15.78 0.40
N ASN C 462 59.19 16.80 -0.29
CA ASN C 462 59.79 17.94 0.36
C ASN C 462 60.77 17.57 1.46
N SER C 463 60.43 17.96 2.69
CA SER C 463 61.19 17.79 3.91
C SER C 463 60.42 16.88 4.85
N THR C 464 59.53 16.11 4.25
CA THR C 464 58.65 15.18 4.91
C THR C 464 58.08 15.69 6.21
N THR C 465 57.51 16.87 6.12
CA THR C 465 56.73 17.46 7.15
C THR C 465 55.40 17.71 6.48
N GLU C 466 54.33 17.29 7.10
CA GLU C 466 53.01 17.44 6.51
C GLU C 466 52.14 18.21 7.47
N THR C 467 51.22 19.02 6.94
CA THR C 467 50.39 19.78 7.84
C THR C 467 48.93 19.42 7.70
N PHE C 468 48.31 19.25 8.85
CA PHE C 468 46.91 18.93 8.90
C PHE C 468 46.18 20.14 9.39
N ARG C 469 45.19 20.55 8.65
CA ARG C 469 44.42 21.72 8.97
C ARG C 469 43.00 21.29 9.20
N PRO C 470 42.22 22.01 10.00
CA PRO C 470 40.84 21.70 10.17
C PRO C 470 40.24 21.85 8.80
N GLY C 471 39.41 20.91 8.42
CA GLY C 471 38.82 20.94 7.13
C GLY C 471 37.56 21.75 7.14
N GLY C 472 37.05 22.00 5.94
CA GLY C 472 35.79 22.69 5.80
C GLY C 472 34.76 21.60 5.91
N GLY C 473 34.52 20.93 4.80
CA GLY C 473 33.69 19.74 4.84
C GLY C 473 32.26 20.00 4.47
N ASP C 474 31.63 18.92 4.05
CA ASP C 474 30.24 18.95 3.69
C ASP C 474 29.46 18.57 4.90
N MET C 475 28.20 18.89 4.97
CA MET C 475 27.43 18.47 6.12
C MET C 475 27.24 16.97 6.08
N ARG C 476 27.31 16.40 4.90
CA ARG C 476 27.17 14.97 4.74
C ARG C 476 28.24 14.23 5.53
N ASP C 477 29.40 14.85 5.72
CA ASP C 477 30.51 14.20 6.37
C ASP C 477 30.18 13.96 7.83
N ASN C 478 29.25 14.73 8.38
CA ASN C 478 28.92 14.61 9.77
C ASN C 478 28.01 13.45 10.03
N TRP C 479 27.36 12.98 8.96
CA TRP C 479 26.41 11.85 9.06
C TRP C 479 27.15 10.59 8.65
N ARG C 480 28.12 10.75 7.76
CA ARG C 480 28.88 9.64 7.26
C ARG C 480 29.67 9.04 8.40
N SER C 481 30.11 9.89 9.32
CA SER C 481 30.87 9.49 10.48
C SER C 481 30.10 8.62 11.49
N GLU C 482 28.76 8.59 11.42
CA GLU C 482 27.96 7.76 12.34
C GLU C 482 27.35 6.56 11.62
N LEU C 483 27.05 6.72 10.34
CA LEU C 483 26.42 5.70 9.53
C LEU C 483 27.42 4.77 8.88
N TYR C 484 28.69 4.95 9.18
CA TYR C 484 29.73 4.17 8.56
C TYR C 484 29.61 2.68 8.79
N LYS C 485 28.96 2.26 9.86
CA LYS C 485 28.87 0.85 10.13
C LYS C 485 27.60 0.22 9.59
N TYR C 486 26.75 0.99 8.91
CA TYR C 486 25.50 0.41 8.43
C TYR C 486 25.41 0.29 6.91
N LYS C 487 24.82 -0.80 6.45
CA LYS C 487 24.56 -1.04 5.03
C LYS C 487 23.13 -1.49 4.76
N VAL C 488 22.55 -1.07 3.66
CA VAL C 488 21.18 -1.52 3.35
C VAL C 488 21.13 -2.47 2.18
N VAL C 489 20.50 -3.61 2.40
CA VAL C 489 20.39 -4.60 1.36
C VAL C 489 18.97 -5.02 1.12
N LYS C 490 18.70 -5.55 -0.06
CA LYS C 490 17.41 -6.05 -0.43
C LYS C 490 17.38 -7.55 -0.35
N ILE C 491 16.29 -8.08 0.14
CA ILE C 491 16.16 -9.52 0.24
C ILE C 491 15.58 -10.10 -1.03
N GLU C 492 16.21 -11.16 -1.52
CA GLU C 492 15.80 -11.83 -2.76
C GLU C 492 15.49 -13.32 -2.55
N PRO C 493 14.25 -13.69 -2.16
CA PRO C 493 13.77 -14.99 -1.78
C PRO C 493 13.80 -16.15 -2.78
N LEU C 494 13.87 -15.92 -4.09
CA LEU C 494 13.91 -17.10 -4.96
C LEU C 494 15.27 -17.56 -5.30
N GLY C 495 15.41 -18.86 -5.44
CA GLY C 495 16.64 -19.41 -5.93
C GLY C 495 16.42 -20.83 -6.36
N VAL C 496 17.38 -21.37 -7.08
CA VAL C 496 17.28 -22.71 -7.57
C VAL C 496 18.55 -23.46 -7.28
N ALA C 497 18.46 -24.77 -7.23
CA ALA C 497 19.61 -25.64 -7.07
C ALA C 497 19.24 -27.02 -7.55
N PRO C 498 20.15 -27.87 -8.01
CA PRO C 498 19.88 -29.23 -8.38
C PRO C 498 19.62 -30.15 -7.21
N THR C 499 18.71 -31.10 -7.40
CA THR C 499 18.42 -32.18 -6.44
C THR C 499 18.10 -33.46 -7.19
N ARG C 500 17.84 -34.52 -6.45
CA ARG C 500 17.45 -35.79 -7.05
C ARG C 500 15.95 -36.00 -7.32
N CYS C 501 15.06 -35.01 -7.06
CA CYS C 501 13.62 -35.16 -7.26
C CYS C 501 13.24 -34.71 -8.67
N LYS C 502 12.07 -35.15 -9.11
CA LYS C 502 11.54 -34.83 -10.42
C LYS C 502 10.08 -34.53 -10.21
N ARG C 503 9.40 -33.85 -11.14
CA ARG C 503 8.00 -33.59 -10.89
C ARG C 503 7.39 -34.96 -10.71
N ARG C 504 6.60 -35.15 -9.68
CA ARG C 504 6.05 -36.47 -9.42
C ARG C 504 5.25 -37.12 -10.57
N VAL C 505 4.44 -36.32 -11.30
CA VAL C 505 3.59 -36.78 -12.40
C VAL C 505 3.15 -35.58 -13.24
N GLY D 523 16.17 -16.73 14.06
CA GLY D 523 15.51 -15.54 13.63
C GLY D 523 15.77 -15.28 12.14
N PHE D 524 15.26 -14.15 11.62
CA PHE D 524 15.38 -13.72 10.21
C PHE D 524 16.83 -13.58 9.79
N LEU D 525 17.19 -14.26 8.71
CA LEU D 525 18.52 -14.34 8.16
C LEU D 525 19.52 -15.01 9.09
N GLY D 526 19.09 -15.70 10.13
CA GLY D 526 20.06 -16.33 10.99
C GLY D 526 20.77 -17.46 10.27
N ALA D 527 20.15 -17.94 9.21
CA ALA D 527 20.63 -19.03 8.39
C ALA D 527 21.52 -18.53 7.28
N ALA D 528 21.79 -17.24 7.22
CA ALA D 528 22.58 -16.69 6.14
C ALA D 528 23.95 -17.34 6.04
N GLY D 529 24.55 -17.74 7.14
CA GLY D 529 25.85 -18.38 7.08
C GLY D 529 25.80 -19.90 7.07
N SER D 530 24.60 -20.47 7.02
CA SER D 530 24.40 -21.89 7.06
C SER D 530 24.57 -22.47 5.69
N THR D 531 24.78 -23.77 5.63
CA THR D 531 24.91 -24.41 4.35
C THR D 531 23.56 -24.45 3.72
N MET D 532 23.50 -24.69 2.43
CA MET D 532 22.23 -24.71 1.75
C MET D 532 21.29 -25.73 2.32
N GLY D 533 21.81 -26.90 2.66
CA GLY D 533 20.95 -27.92 3.21
C GLY D 533 20.32 -27.43 4.47
N ALA D 534 21.14 -27.03 5.43
CA ALA D 534 20.61 -26.56 6.69
C ALA D 534 19.76 -25.32 6.57
N ALA D 535 20.11 -24.42 5.69
CA ALA D 535 19.39 -23.18 5.55
C ALA D 535 17.99 -23.42 5.06
N SER D 536 17.80 -24.42 4.22
CA SER D 536 16.52 -24.72 3.61
C SER D 536 15.52 -25.23 4.62
N MET D 537 15.98 -25.55 5.82
CA MET D 537 15.11 -26.03 6.85
C MET D 537 14.21 -24.90 7.36
N THR D 538 14.61 -23.64 7.18
CA THR D 538 13.84 -22.53 7.71
C THR D 538 13.48 -21.51 6.66
N LEU D 539 12.65 -21.87 5.71
CA LEU D 539 12.30 -20.93 4.65
C LEU D 539 11.15 -20.03 5.05
N THR D 540 10.30 -20.46 5.98
CA THR D 540 9.13 -19.64 6.33
C THR D 540 9.49 -18.33 6.98
N VAL D 541 10.52 -18.35 7.78
CA VAL D 541 10.95 -17.16 8.47
C VAL D 541 11.40 -16.09 7.50
N GLN D 542 11.85 -16.47 6.32
CA GLN D 542 12.31 -15.49 5.39
C GLN D 542 11.21 -14.95 4.52
N ALA D 543 10.03 -15.57 4.59
CA ALA D 543 8.92 -15.19 3.75
C ALA D 543 7.94 -14.34 4.52
N ARG D 544 7.80 -14.63 5.79
CA ARG D 544 6.81 -13.96 6.61
C ARG D 544 7.26 -12.56 6.98
N ASN D 545 8.50 -12.24 6.64
CA ASN D 545 9.09 -10.95 6.90
C ASN D 545 9.16 -10.09 5.63
N LEU D 546 8.40 -10.48 4.61
CA LEU D 546 8.36 -9.69 3.39
C LEU D 546 7.17 -8.73 3.32
N LEU D 547 6.09 -9.05 4.03
CA LEU D 547 4.87 -8.23 3.97
C LEU D 547 4.55 -7.30 5.17
N SER D 548 5.51 -7.12 6.11
CA SER D 548 5.36 -6.29 7.31
C SER D 548 5.19 -4.81 6.90
N ASP D 570 2.97 16.91 5.93
CA ASP D 570 4.18 16.68 5.16
C ASP D 570 3.83 15.77 3.96
N THR D 571 3.49 16.41 2.82
CA THR D 571 3.09 15.77 1.57
C THR D 571 4.18 14.95 0.94
N HIS D 572 5.40 15.44 0.96
CA HIS D 572 6.46 14.72 0.31
C HIS D 572 6.79 13.47 1.07
N TRP D 573 6.78 13.53 2.39
CA TRP D 573 7.05 12.32 3.12
C TRP D 573 5.97 11.31 2.83
N GLY D 574 4.71 11.73 2.83
CA GLY D 574 3.63 10.80 2.57
C GLY D 574 3.74 10.13 1.21
N ILE D 575 4.11 10.87 0.18
CA ILE D 575 4.25 10.25 -1.12
C ILE D 575 5.38 9.25 -1.14
N LYS D 576 6.53 9.60 -0.56
CA LYS D 576 7.62 8.65 -0.57
C LYS D 576 7.22 7.35 0.12
N GLN D 577 6.48 7.45 1.21
CA GLN D 577 6.11 6.23 1.89
C GLN D 577 5.13 5.41 1.07
N LEU D 578 4.21 6.05 0.36
CA LEU D 578 3.32 5.25 -0.46
C LEU D 578 4.09 4.58 -1.57
N GLN D 579 5.09 5.23 -2.14
CA GLN D 579 5.82 4.59 -3.19
C GLN D 579 6.54 3.36 -2.67
N ALA D 580 7.10 3.47 -1.47
CA ALA D 580 7.79 2.33 -0.90
C ALA D 580 6.83 1.17 -0.63
N ARG D 581 5.61 1.45 -0.18
CA ARG D 581 4.68 0.37 0.08
C ARG D 581 4.26 -0.30 -1.21
N VAL D 582 4.06 0.49 -2.26
CA VAL D 582 3.66 -0.08 -3.51
C VAL D 582 4.75 -0.95 -4.06
N LEU D 583 6.01 -0.54 -4.01
CA LEU D 583 7.03 -1.42 -4.53
C LEU D 583 7.09 -2.70 -3.76
N ALA D 584 6.91 -2.66 -2.44
CA ALA D 584 6.99 -3.92 -1.73
C ALA D 584 5.94 -4.88 -2.25
N VAL D 585 4.74 -4.36 -2.54
CA VAL D 585 3.70 -5.20 -3.06
C VAL D 585 3.99 -5.68 -4.46
N GLU D 586 4.46 -4.81 -5.34
CA GLU D 586 4.72 -5.22 -6.70
C GLU D 586 5.82 -6.27 -6.77
N HIS D 587 6.84 -6.17 -5.94
CA HIS D 587 7.89 -7.16 -6.00
C HIS D 587 7.38 -8.47 -5.47
N TYR D 588 6.58 -8.44 -4.42
CA TYR D 588 6.03 -9.65 -3.88
C TYR D 588 5.23 -10.36 -4.93
N LEU D 589 4.34 -9.64 -5.58
CA LEU D 589 3.50 -10.27 -6.56
C LEU D 589 4.27 -10.78 -7.75
N ARG D 590 5.32 -10.10 -8.18
CA ARG D 590 6.08 -10.61 -9.30
C ARG D 590 6.63 -11.98 -9.01
N ASP D 591 7.16 -12.19 -7.81
CA ASP D 591 7.72 -13.48 -7.50
C ASP D 591 6.63 -14.53 -7.40
N GLN D 592 5.48 -14.16 -6.90
CA GLN D 592 4.41 -15.13 -6.81
C GLN D 592 3.94 -15.52 -8.20
N GLN D 593 3.93 -14.57 -9.13
CA GLN D 593 3.49 -14.91 -10.47
C GLN D 593 4.42 -15.90 -11.09
N LEU D 594 5.73 -15.77 -10.87
CA LEU D 594 6.63 -16.74 -11.47
C LEU D 594 6.39 -18.12 -10.90
N LEU D 595 6.13 -18.22 -9.62
CA LEU D 595 5.89 -19.54 -9.10
C LEU D 595 4.64 -20.10 -9.74
N GLY D 596 3.67 -19.25 -10.00
CA GLY D 596 2.45 -19.68 -10.65
C GLY D 596 2.75 -20.24 -12.04
N ILE D 597 3.50 -19.50 -12.83
CA ILE D 597 3.84 -19.88 -14.20
C ILE D 597 4.61 -21.15 -14.27
N TRP D 598 5.53 -21.36 -13.35
CA TRP D 598 6.36 -22.55 -13.32
C TRP D 598 5.65 -23.76 -12.74
N GLY D 599 4.43 -23.58 -12.25
CA GLY D 599 3.65 -24.65 -11.62
C GLY D 599 4.00 -24.97 -10.16
N CYS D 600 4.59 -24.01 -9.42
CA CYS D 600 5.05 -24.13 -8.03
C CYS D 600 4.21 -23.27 -7.09
N SER D 601 3.02 -22.91 -7.52
CA SER D 601 2.23 -22.06 -6.67
C SER D 601 1.93 -22.71 -5.35
N GLY D 602 2.09 -21.94 -4.28
CA GLY D 602 1.75 -22.40 -2.95
C GLY D 602 2.83 -23.23 -2.26
N LYS D 603 3.97 -23.42 -2.89
CA LYS D 603 4.99 -24.24 -2.27
C LYS D 603 6.23 -23.47 -1.92
N LEU D 604 6.91 -23.88 -0.86
CA LEU D 604 8.19 -23.27 -0.55
C LEU D 604 9.30 -24.08 -1.21
N ILE D 605 9.08 -25.38 -1.37
CA ILE D 605 10.04 -26.23 -2.07
C ILE D 605 9.25 -26.93 -3.17
N CYS D 606 9.71 -26.83 -4.44
CA CYS D 606 9.03 -27.38 -5.62
C CYS D 606 9.97 -28.11 -6.57
N CYS D 607 9.58 -29.32 -6.93
CA CYS D 607 10.36 -30.14 -7.83
C CYS D 607 9.86 -29.99 -9.25
N THR D 608 10.75 -29.74 -10.18
CA THR D 608 10.32 -29.65 -11.57
C THR D 608 11.10 -30.56 -12.48
N ASN D 609 10.74 -30.57 -13.75
CA ASN D 609 11.35 -31.46 -14.74
C ASN D 609 12.47 -30.90 -15.57
N VAL D 610 12.90 -29.70 -15.30
CA VAL D 610 14.00 -29.16 -16.05
C VAL D 610 15.26 -29.79 -15.52
N PRO D 611 16.09 -30.44 -16.34
CA PRO D 611 17.31 -31.09 -15.95
C PRO D 611 18.33 -30.06 -15.63
N TRP D 612 19.27 -30.41 -14.78
CA TRP D 612 20.36 -29.51 -14.50
C TRP D 612 21.45 -29.67 -15.55
N ASN D 613 21.94 -28.54 -16.10
CA ASN D 613 23.01 -28.44 -17.09
C ASN D 613 24.35 -28.37 -16.37
N SER D 614 25.30 -29.23 -16.76
CA SER D 614 26.65 -29.28 -16.17
C SER D 614 27.42 -28.01 -16.49
N SER D 615 26.97 -27.27 -17.50
CA SER D 615 27.64 -26.02 -17.80
C SER D 615 27.19 -24.91 -16.85
N TRP D 616 26.05 -25.05 -16.16
CA TRP D 616 25.63 -23.99 -15.27
C TRP D 616 26.48 -24.07 -14.05
N SER D 617 26.67 -25.29 -13.59
CA SER D 617 27.53 -25.56 -12.45
C SER D 617 27.86 -27.02 -12.38
N ASN D 618 29.12 -27.36 -12.20
CA ASN D 618 29.48 -28.75 -12.11
C ASN D 618 30.17 -29.06 -10.80
N ARG D 619 29.39 -29.52 -9.84
CA ARG D 619 29.84 -29.81 -8.51
C ARG D 619 29.11 -31.09 -8.08
N ASN D 620 29.63 -31.82 -7.05
CA ASN D 620 28.91 -32.95 -6.46
C ASN D 620 27.64 -32.42 -5.81
N LEU D 621 26.54 -33.21 -5.81
CA LEU D 621 25.30 -32.80 -5.12
C LEU D 621 25.57 -32.55 -3.63
N SER D 622 26.46 -33.36 -3.07
CA SER D 622 26.86 -33.22 -1.69
C SER D 622 27.71 -31.99 -1.47
N GLU D 623 28.46 -31.59 -2.50
CA GLU D 623 29.33 -30.38 -2.42
C GLU D 623 28.42 -29.15 -2.30
N ILE D 624 27.32 -29.13 -3.05
CA ILE D 624 26.43 -28.00 -3.05
C ILE D 624 25.64 -27.93 -1.79
N TRP D 625 25.04 -29.02 -1.38
CA TRP D 625 24.21 -28.94 -0.21
C TRP D 625 24.92 -28.91 1.14
N ASP D 626 26.10 -29.53 1.26
CA ASP D 626 26.79 -29.53 2.54
C ASP D 626 27.94 -28.54 2.72
N ASN D 627 28.66 -28.15 1.67
CA ASN D 627 29.83 -27.29 1.87
C ASN D 627 29.68 -25.89 1.31
N MET D 628 28.45 -25.48 1.02
CA MET D 628 28.21 -24.18 0.43
C MET D 628 26.97 -23.54 1.01
N THR D 629 26.97 -22.20 1.11
CA THR D 629 25.82 -21.43 1.60
C THR D 629 25.01 -20.91 0.44
N TRP D 630 23.80 -20.40 0.71
CA TRP D 630 22.99 -19.88 -0.40
C TRP D 630 23.57 -18.63 -1.01
N LEU D 631 24.29 -17.82 -0.24
CA LEU D 631 24.87 -16.62 -0.79
C LEU D 631 25.96 -16.98 -1.77
N GLN D 632 26.76 -17.98 -1.42
CA GLN D 632 27.83 -18.38 -2.31
C GLN D 632 27.31 -18.96 -3.58
N TRP D 633 26.28 -19.78 -3.47
CA TRP D 633 25.68 -20.41 -4.62
C TRP D 633 25.08 -19.39 -5.53
N ASP D 634 24.38 -18.42 -4.97
CA ASP D 634 23.75 -17.44 -5.81
C ASP D 634 24.78 -16.72 -6.63
N LYS D 635 25.93 -16.43 -6.05
CA LYS D 635 26.93 -15.77 -6.87
C LYS D 635 27.44 -16.70 -7.95
N GLU D 636 27.69 -17.98 -7.62
CA GLU D 636 28.24 -18.91 -8.60
C GLU D 636 27.42 -19.06 -9.84
N ILE D 637 26.11 -19.10 -9.70
CA ILE D 637 25.27 -19.27 -10.89
C ILE D 637 24.46 -18.06 -11.25
N SER D 638 24.86 -16.87 -10.82
CA SER D 638 24.02 -15.73 -11.18
C SER D 638 23.88 -15.52 -12.70
N ASN D 639 24.89 -15.94 -13.50
CA ASN D 639 24.96 -15.84 -14.96
C ASN D 639 23.84 -16.57 -15.69
N TYR D 640 23.27 -17.64 -15.07
CA TYR D 640 22.30 -18.52 -15.69
C TYR D 640 20.93 -18.32 -15.15
N THR D 641 20.73 -17.32 -14.32
CA THR D 641 19.43 -17.17 -13.70
C THR D 641 18.32 -17.06 -14.73
N GLN D 642 18.56 -16.27 -15.75
CA GLN D 642 17.52 -16.05 -16.73
C GLN D 642 17.31 -17.25 -17.62
N ILE D 643 18.36 -18.03 -17.85
CA ILE D 643 18.21 -19.19 -18.68
C ILE D 643 17.36 -20.20 -17.98
N ILE D 644 17.63 -20.40 -16.71
CA ILE D 644 16.90 -21.38 -15.97
C ILE D 644 15.46 -20.96 -15.88
N TYR D 645 15.19 -19.69 -15.61
CA TYR D 645 13.81 -19.28 -15.52
C TYR D 645 13.10 -19.52 -16.83
N GLY D 646 13.75 -19.23 -17.95
CA GLY D 646 13.12 -19.46 -19.24
C GLY D 646 12.77 -20.92 -19.43
N LEU D 647 13.67 -21.82 -19.05
CA LEU D 647 13.40 -23.22 -19.18
C LEU D 647 12.26 -23.68 -18.30
N LEU D 648 12.15 -23.11 -17.10
CA LEU D 648 11.08 -23.54 -16.21
C LEU D 648 9.74 -23.20 -16.83
N GLU D 649 9.64 -22.04 -17.46
CA GLU D 649 8.40 -21.67 -18.12
C GLU D 649 8.10 -22.60 -19.27
N GLU D 650 9.10 -22.94 -20.07
CA GLU D 650 8.84 -23.82 -21.20
C GLU D 650 8.37 -25.17 -20.73
N SER D 651 8.95 -25.68 -19.65
CA SER D 651 8.56 -26.97 -19.16
C SER D 651 7.13 -26.97 -18.71
N GLN D 652 6.70 -25.92 -18.00
CA GLN D 652 5.30 -25.93 -17.59
C GLN D 652 4.40 -25.84 -18.78
N ASN D 653 4.78 -25.11 -19.82
CA ASN D 653 3.90 -25.04 -20.96
C ASN D 653 3.77 -26.40 -21.61
N GLN D 654 4.85 -27.16 -21.66
CA GLN D 654 4.73 -28.48 -22.25
C GLN D 654 3.85 -29.35 -21.40
N GLN D 655 3.94 -29.22 -20.07
CA GLN D 655 3.10 -30.03 -19.23
C GLN D 655 1.65 -29.71 -19.47
N GLU D 656 1.29 -28.44 -19.64
CA GLU D 656 -0.11 -28.16 -19.88
C GLU D 656 -0.57 -28.73 -21.20
N LYS D 657 0.31 -28.72 -22.22
CA LYS D 657 -0.07 -29.30 -23.50
C LYS D 657 -0.30 -30.80 -23.33
N ASN D 658 0.51 -31.45 -22.51
CA ASN D 658 0.35 -32.87 -22.33
C ASN D 658 -0.95 -33.18 -21.62
N GLU D 659 -1.44 -32.27 -20.82
CA GLU D 659 -2.68 -32.51 -20.09
C GLU D 659 -3.91 -32.39 -20.96
N GLN D 660 -3.74 -31.99 -22.23
CA GLN D 660 -4.87 -31.83 -23.14
C GLN D 660 -5.17 -33.18 -23.78
N ASP D 661 -4.31 -34.18 -23.50
CA ASP D 661 -4.30 -35.52 -24.08
C ASP D 661 -5.49 -36.48 -23.87
N LEU D 662 -6.05 -36.53 -22.69
CA LEU D 662 -7.17 -37.46 -22.40
C LEU D 662 -6.94 -38.97 -22.68
N LEU D 663 -5.70 -39.41 -22.92
CA LEU D 663 -5.36 -40.84 -23.07
C LEU D 663 -4.61 -41.20 -21.82
N GLU D 664 -4.76 -40.32 -20.84
CA GLU D 664 -4.12 -40.34 -19.54
C GLU D 664 -2.59 -40.22 -19.63
N LEU D 665 -2.13 -39.44 -20.61
CA LEU D 665 -0.76 -39.03 -20.79
C LEU D 665 0.34 -40.08 -20.81
N ASP D 666 0.16 -41.18 -21.55
CA ASP D 666 1.18 -42.24 -21.67
C ASP D 666 1.16 -42.72 -23.11
N VAL E 2 18.91 56.66 25.57
CA VAL E 2 17.52 56.76 25.94
C VAL E 2 17.33 57.96 26.87
N GLN E 3 16.19 58.66 26.69
CA GLN E 3 15.79 59.83 27.48
C GLN E 3 14.29 59.89 27.71
N LEU E 4 13.90 60.16 28.94
CA LEU E 4 12.49 60.36 29.28
C LEU E 4 12.35 61.74 29.90
N VAL E 5 11.40 62.53 29.41
CA VAL E 5 11.23 63.87 29.90
C VAL E 5 9.86 64.16 30.46
N GLN E 6 9.83 64.54 31.72
CA GLN E 6 8.57 64.84 32.35
C GLN E 6 8.32 66.30 32.50
N SER E 7 7.03 66.64 32.55
CA SER E 7 6.58 68.01 32.77
C SER E 7 5.19 68.07 33.41
N GLY E 8 4.78 69.29 33.81
CA GLY E 8 3.48 69.50 34.43
C GLY E 8 3.50 69.89 35.92
N ALA E 9 4.66 70.27 36.48
CA ALA E 9 4.67 70.66 37.90
C ALA E 9 3.71 71.79 38.11
N GLU E 10 2.90 71.70 39.16
CA GLU E 10 1.90 72.72 39.43
C GLU E 10 1.36 72.66 40.86
N VAL E 11 0.51 73.60 41.20
CA VAL E 11 -0.20 73.62 42.47
C VAL E 11 -1.68 73.44 42.23
N LYS E 12 -2.24 72.43 42.84
CA LYS E 12 -3.63 72.11 42.68
C LYS E 12 -4.42 72.26 43.94
N MET E 13 -5.71 72.47 43.80
CA MET E 13 -6.57 72.58 44.96
C MET E 13 -7.11 71.20 45.25
N PRO E 14 -7.40 70.85 46.49
CA PRO E 14 -8.03 69.60 46.78
C PRO E 14 -9.31 69.57 45.98
N GLY E 15 -9.63 68.41 45.44
CA GLY E 15 -10.84 68.19 44.67
C GLY E 15 -10.67 68.28 43.17
N THR E 16 -9.55 68.80 42.68
CA THR E 16 -9.40 68.87 41.22
C THR E 16 -8.50 67.77 40.73
N SER E 17 -8.25 67.74 39.43
CA SER E 17 -7.41 66.72 38.83
C SER E 17 -6.14 67.28 38.22
N VAL E 18 -5.13 66.43 38.12
CA VAL E 18 -3.87 66.79 37.48
C VAL E 18 -3.48 65.79 36.42
N LYS E 19 -3.03 66.29 35.28
CA LYS E 19 -2.56 65.37 34.25
C LYS E 19 -1.11 65.67 33.94
N LEU E 20 -0.28 64.67 34.16
CA LEU E 20 1.15 64.77 33.98
C LEU E 20 1.57 64.10 32.71
N SER E 21 2.67 64.55 32.13
CA SER E 21 3.11 63.91 30.90
C SER E 21 4.57 63.50 30.99
N CYS E 22 4.95 62.51 30.16
CA CYS E 22 6.29 61.95 30.02
C CYS E 22 6.60 61.65 28.55
N LYS E 23 7.48 62.44 27.94
CA LYS E 23 7.82 62.24 26.55
C LYS E 23 8.97 61.29 26.48
N THR E 24 8.99 60.42 25.49
CA THR E 24 10.07 59.47 25.45
C THR E 24 10.80 59.44 24.12
N SER E 25 12.08 59.09 24.16
CA SER E 25 12.85 58.90 22.95
C SER E 25 14.02 57.92 23.10
N GLY E 26 14.53 57.46 21.95
CA GLY E 26 15.72 56.60 21.88
C GLY E 26 15.41 55.11 21.92
N TYR E 27 14.15 54.76 21.94
CA TYR E 27 13.78 53.37 21.99
C TYR E 27 12.45 53.20 21.30
N THR E 28 12.10 51.98 20.97
CA THR E 28 10.84 51.78 20.32
C THR E 28 9.77 52.08 21.33
N PHE E 29 8.90 53.02 21.05
CA PHE E 29 7.93 53.46 22.01
C PHE E 29 7.02 52.37 22.51
N THR E 30 6.56 51.56 21.60
CA THR E 30 5.60 50.55 21.94
C THR E 30 6.19 49.29 22.51
N SER E 31 7.49 49.23 22.65
CA SER E 31 8.06 48.01 23.14
C SER E 31 8.27 47.91 24.67
N TYR E 32 8.15 49.01 25.43
CA TYR E 32 8.42 48.92 26.86
C TYR E 32 7.33 49.50 27.73
N ASN E 33 6.94 48.80 28.80
CA ASN E 33 5.84 49.32 29.66
C ASN E 33 6.36 50.49 30.52
N ILE E 34 5.55 51.57 30.63
CA ILE E 34 5.90 52.75 31.40
C ILE E 34 5.21 52.75 32.72
N ASN E 35 6.02 52.89 33.76
CA ASN E 35 5.60 52.87 35.13
C ASN E 35 5.59 54.23 35.76
N TRP E 36 4.61 54.46 36.60
CA TRP E 36 4.59 55.66 37.38
C TRP E 36 4.81 55.29 38.82
N VAL E 37 5.73 56.02 39.43
CA VAL E 37 6.15 55.84 40.82
C VAL E 37 6.07 57.15 41.57
N ARG E 38 5.49 57.14 42.75
CA ARG E 38 5.38 58.35 43.53
C ARG E 38 6.30 58.40 44.72
N GLN E 39 6.96 59.54 44.90
CA GLN E 39 7.77 59.76 46.07
C GLN E 39 7.15 60.77 46.98
N ALA E 40 6.51 60.32 48.03
CA ALA E 40 5.87 61.25 48.94
C ALA E 40 6.97 61.93 49.72
N PRO E 41 6.80 63.12 50.28
CA PRO E 41 7.81 63.69 51.12
C PRO E 41 8.08 62.67 52.21
N GLY E 42 9.34 62.41 52.50
CA GLY E 42 9.67 61.40 53.50
C GLY E 42 9.13 60.06 53.00
N GLN E 43 8.45 59.35 53.87
CA GLN E 43 7.85 58.07 53.55
C GLN E 43 8.76 57.13 52.74
N ALA E 44 8.27 56.68 51.58
CA ALA E 44 8.99 55.75 50.71
C ALA E 44 8.41 55.82 49.31
N LEU E 45 9.14 55.30 48.34
CA LEU E 45 8.63 55.21 46.98
C LEU E 45 7.50 54.21 46.90
N GLU E 46 6.48 54.52 46.11
CA GLU E 46 5.42 53.56 45.89
C GLU E 46 5.02 53.51 44.44
N TRP E 47 4.67 52.34 43.99
CA TRP E 47 4.23 52.17 42.62
C TRP E 47 2.78 52.56 42.47
N MET E 48 2.45 53.31 41.42
CA MET E 48 1.07 53.69 41.19
C MET E 48 0.42 52.84 40.13
N GLY E 49 1.20 52.49 39.12
CA GLY E 49 0.64 51.73 38.01
C GLY E 49 1.50 51.79 36.75
N TRP E 50 1.08 51.05 35.72
CA TRP E 50 1.87 50.96 34.46
C TRP E 50 0.98 50.76 33.24
N ILE E 51 1.28 51.44 32.13
CA ILE E 51 0.57 51.28 30.88
C ILE E 51 1.43 50.63 29.82
N ASN E 52 0.83 49.69 29.11
CA ASN E 52 1.47 49.03 28.00
C ASN E 52 1.18 49.87 26.77
N PRO E 53 2.16 50.54 26.19
CA PRO E 53 2.01 51.47 25.11
C PRO E 53 1.58 50.85 23.80
N ASN E 54 1.63 49.54 23.69
CA ASN E 54 1.25 48.88 22.45
C ASN E 54 -0.24 48.63 22.35
N ASN E 55 -0.90 48.35 23.46
CA ASN E 55 -2.32 48.07 23.39
C ASN E 55 -3.19 48.75 24.42
N GLY E 56 -2.62 49.59 25.27
CA GLY E 56 -3.43 50.30 26.23
C GLY E 56 -3.75 49.54 27.50
N THR E 57 -3.19 48.36 27.68
CA THR E 57 -3.49 47.65 28.90
C THR E 57 -2.89 48.41 30.05
N THR E 58 -3.66 48.61 31.09
CA THR E 58 -3.15 49.28 32.26
C THR E 58 -3.32 48.42 33.47
N ASP E 59 -2.52 48.70 34.48
CA ASP E 59 -2.60 47.97 35.73
C ASP E 59 -2.31 48.92 36.89
N TYR E 60 -3.23 49.02 37.85
CA TYR E 60 -3.06 50.00 38.91
C TYR E 60 -2.96 49.43 40.31
N ALA E 61 -2.17 50.12 41.12
CA ALA E 61 -2.05 49.79 42.52
C ALA E 61 -3.40 49.99 43.13
N GLN E 62 -3.79 49.15 44.07
CA GLN E 62 -5.13 49.21 44.64
C GLN E 62 -5.47 50.56 45.24
N LYS E 63 -4.49 51.22 45.81
CA LYS E 63 -4.73 52.51 46.44
C LYS E 63 -5.29 53.55 45.49
N PHE E 64 -4.98 53.41 44.21
CA PHE E 64 -5.36 54.35 43.21
C PHE E 64 -6.39 53.84 42.23
N GLN E 65 -7.04 52.73 42.51
CA GLN E 65 -8.01 52.32 41.53
C GLN E 65 -9.14 53.32 41.61
N GLY E 66 -9.71 53.65 40.46
CA GLY E 66 -10.78 54.65 40.40
C GLY E 66 -10.20 56.07 40.27
N ARG E 67 -9.25 56.36 41.15
CA ARG E 67 -8.57 57.64 41.22
C ARG E 67 -7.60 57.88 40.06
N VAL E 68 -6.95 56.83 39.55
CA VAL E 68 -5.96 57.03 38.50
C VAL E 68 -6.25 56.33 37.21
N THR E 69 -6.07 57.11 36.15
CA THR E 69 -6.23 56.63 34.79
C THR E 69 -4.97 56.96 34.02
N MET E 70 -4.65 56.16 33.01
CA MET E 70 -3.45 56.36 32.20
C MET E 70 -3.75 56.20 30.75
N THR E 71 -3.05 56.96 29.93
CA THR E 71 -3.22 56.85 28.51
C THR E 71 -1.90 56.93 27.78
N ARG E 72 -1.97 56.78 26.47
CA ARG E 72 -0.78 56.77 25.61
C ARG E 72 -1.03 57.43 24.29
N ASP E 73 0.02 58.02 23.73
CA ASP E 73 0.00 58.58 22.40
C ASP E 73 1.12 57.97 21.60
N THR E 74 0.79 57.20 20.59
CA THR E 74 1.81 56.52 19.83
C THR E 74 2.17 57.29 18.57
N SER E 75 1.48 58.40 18.31
CA SER E 75 1.79 59.20 17.13
C SER E 75 2.90 60.11 17.56
N THR E 76 2.69 60.67 18.74
CA THR E 76 3.67 61.50 19.41
C THR E 76 4.06 60.62 20.52
N THR E 77 5.29 60.23 20.58
CA THR E 77 5.67 59.24 21.55
C THR E 77 5.76 59.73 22.96
N THR E 78 4.59 59.76 23.61
CA THR E 78 4.46 60.24 24.96
C THR E 78 3.39 59.49 25.76
N ALA E 79 3.60 59.43 27.07
CA ALA E 79 2.69 58.79 28.01
C ALA E 79 2.08 59.78 28.98
N TYR E 80 0.86 59.51 29.42
CA TYR E 80 0.23 60.41 30.37
C TYR E 80 -0.39 59.71 31.56
N MET E 81 -0.41 60.42 32.67
CA MET E 81 -1.11 59.95 33.86
C MET E 81 -1.99 61.01 34.45
N GLN E 82 -3.21 60.62 34.78
CA GLN E 82 -4.13 61.56 35.39
C GLN E 82 -4.68 61.08 36.71
N LEU E 83 -4.53 61.92 37.71
CA LEU E 83 -5.05 61.64 39.03
C LEU E 83 -6.31 62.50 39.13
N ASN E 84 -7.45 61.82 39.25
CA ASN E 84 -8.79 62.38 39.14
C ASN E 84 -9.33 63.28 40.23
N SER E 85 -8.93 63.05 41.46
CA SER E 85 -9.42 63.87 42.56
C SER E 85 -8.38 63.95 43.63
N LEU E 86 -7.78 65.12 43.77
CA LEU E 86 -6.68 65.38 44.66
C LEU E 86 -7.00 65.73 46.10
N ARG E 87 -6.08 65.37 46.96
CA ARG E 87 -6.12 65.73 48.37
C ARG E 87 -4.71 66.12 48.81
N SER E 88 -4.55 66.73 49.97
CA SER E 88 -3.23 67.19 50.43
C SER E 88 -2.23 66.05 50.62
N GLU E 89 -2.74 64.85 50.77
CA GLU E 89 -1.96 63.63 50.96
C GLU E 89 -1.18 63.28 49.70
N ASP E 90 -1.57 63.89 48.57
CA ASP E 90 -0.98 63.60 47.29
C ASP E 90 0.18 64.51 46.95
N THR E 91 0.57 65.38 47.87
CA THR E 91 1.72 66.17 47.53
C THR E 91 2.87 65.20 47.40
N ALA E 92 3.56 65.23 46.27
CA ALA E 92 4.65 64.30 46.00
C ALA E 92 5.41 64.64 44.76
N VAL E 93 6.54 63.97 44.58
CA VAL E 93 7.24 64.06 43.32
C VAL E 93 6.86 62.85 42.51
N TYR E 94 6.35 63.08 41.32
CA TYR E 94 5.92 61.97 40.50
C TYR E 94 6.97 61.62 39.47
N TYR E 95 7.33 60.35 39.39
CA TYR E 95 8.33 59.92 38.44
C TYR E 95 7.79 58.97 37.38
N CYS E 96 8.36 59.07 36.18
CA CYS E 96 8.13 58.24 35.01
C CYS E 96 9.35 57.29 34.89
N ALA E 97 9.11 55.99 34.73
CA ALA E 97 10.23 55.04 34.60
C ALA E 97 9.92 53.95 33.58
N ARG E 98 10.96 53.44 32.93
CA ARG E 98 10.75 52.41 31.93
C ARG E 98 11.10 51.01 32.41
N ALA E 99 10.20 50.07 32.23
CA ALA E 99 10.58 48.73 32.58
C ALA E 99 11.59 48.35 31.54
N ARG E 100 12.70 47.72 31.88
CA ARG E 100 13.62 47.45 30.79
C ARG E 100 13.51 46.03 30.28
N GLY E 101 12.46 45.31 30.66
CA GLY E 101 12.29 43.97 30.14
C GLY E 101 10.84 43.63 29.82
N GLY E 102 10.65 42.50 29.14
CA GLY E 102 9.35 41.95 28.78
C GLY E 102 8.98 42.21 27.33
N TYR E 103 8.13 41.37 26.77
CA TYR E 103 7.71 41.53 25.38
C TYR E 103 6.36 40.93 25.11
N GLU E 104 5.68 41.34 24.04
CA GLU E 104 4.42 40.67 23.81
C GLU E 104 4.62 39.58 22.78
N ASP E 105 3.57 38.84 22.52
CA ASP E 105 3.60 37.71 21.63
C ASP E 105 2.18 37.29 21.29
N ASP E 106 2.05 36.28 20.47
CA ASP E 106 0.76 35.69 20.13
C ASP E 106 0.09 35.02 21.33
N ASP E 107 0.89 34.62 22.29
CA ASP E 107 0.39 33.93 23.47
C ASP E 107 0.18 34.85 24.65
N GLY E 108 0.32 36.15 24.46
CA GLY E 108 0.18 37.06 25.59
C GLY E 108 1.52 37.64 26.01
N TYR E 109 1.49 38.49 27.02
CA TYR E 109 2.68 39.19 27.45
C TYR E 109 3.59 38.40 28.37
N HIS E 110 4.88 38.44 28.10
CA HIS E 110 5.89 37.78 28.89
C HIS E 110 6.76 38.78 29.62
N TYR E 111 6.79 38.72 30.94
CA TYR E 111 7.61 39.68 31.66
C TYR E 111 8.85 38.98 32.16
N THR E 112 10.01 39.53 31.85
CA THR E 112 11.27 38.90 32.18
C THR E 112 11.92 39.30 33.49
N GLY E 113 11.47 40.38 34.13
CA GLY E 113 12.02 40.72 35.44
C GLY E 113 13.17 41.71 35.60
N TYR E 114 13.56 42.41 34.56
CA TYR E 114 14.66 43.38 34.71
C TYR E 114 14.04 44.63 35.30
N GLY E 115 14.81 45.42 36.04
CA GLY E 115 14.23 46.55 36.76
C GLY E 115 13.94 47.82 35.99
N LEU E 116 13.64 48.88 36.75
CA LEU E 116 13.26 50.15 36.19
C LEU E 116 14.45 51.00 35.90
N ASP E 117 14.50 51.49 34.70
CA ASP E 117 15.59 52.30 34.27
C ASP E 117 15.10 53.55 33.57
N SER E 118 16.03 54.37 33.14
CA SER E 118 15.69 55.54 32.38
C SER E 118 14.60 56.34 33.05
N TRP E 119 14.85 56.71 34.28
CA TRP E 119 13.92 57.46 35.08
C TRP E 119 13.89 58.89 34.59
N GLY E 120 12.73 59.52 34.68
CA GLY E 120 12.59 60.92 34.31
C GLY E 120 13.10 61.79 35.44
N GLN E 121 12.86 63.09 35.35
CA GLN E 121 13.38 64.07 36.30
C GLN E 121 12.59 64.14 37.58
N GLY E 122 11.30 63.93 37.47
CA GLY E 122 10.41 64.03 38.61
C GLY E 122 9.63 65.33 38.54
N VAL E 123 8.32 65.24 38.69
CA VAL E 123 7.47 66.41 38.64
C VAL E 123 6.79 66.69 39.94
N VAL E 124 7.01 67.88 40.47
CA VAL E 124 6.41 68.21 41.73
C VAL E 124 4.98 68.68 41.61
N VAL E 125 4.11 68.02 42.36
CA VAL E 125 2.72 68.41 42.41
C VAL E 125 2.37 68.65 43.85
N THR E 126 1.83 69.82 44.15
CA THR E 126 1.45 70.05 45.54
C THR E 126 -0.03 70.26 45.59
N VAL E 127 -0.65 69.89 46.70
CA VAL E 127 -2.08 70.12 46.81
C VAL E 127 -2.45 70.86 48.09
N SER E 128 -2.63 72.17 47.98
CA SER E 128 -2.96 73.02 49.12
C SER E 128 -3.44 74.37 48.58
N SER E 129 -4.12 75.17 49.42
CA SER E 129 -4.58 76.53 49.12
C SER E 129 -3.70 77.54 49.84
N ASP F 1 -0.82 40.54 47.95
CA ASP F 1 0.34 41.40 47.78
C ASP F 1 1.52 40.91 48.65
N ILE F 2 2.76 41.26 48.24
CA ILE F 2 4.01 40.90 48.93
C ILE F 2 4.64 42.08 49.63
N GLN F 3 4.72 42.00 50.94
CA GLN F 3 5.34 43.03 51.75
C GLN F 3 6.84 42.96 51.63
N MET F 4 7.49 44.11 51.53
CA MET F 4 8.93 44.16 51.46
C MET F 4 9.50 45.02 52.58
N THR F 5 10.52 44.53 53.30
CA THR F 5 11.12 45.31 54.38
C THR F 5 12.64 45.33 54.36
N GLN F 6 13.23 46.28 55.08
CA GLN F 6 14.69 46.31 55.24
C GLN F 6 15.03 46.48 56.69
N SER F 7 16.17 45.92 57.09
CA SER F 7 16.61 46.01 58.48
C SER F 7 17.45 47.22 58.94
N PRO F 8 18.61 47.51 58.35
CA PRO F 8 19.60 48.44 58.85
C PRO F 8 19.31 49.91 58.60
N SER F 9 18.26 50.39 59.19
CA SER F 9 17.94 51.78 59.02
C SER F 9 19.04 52.62 59.64
N SER F 10 19.34 53.76 59.04
CA SER F 10 20.34 54.70 59.55
C SER F 10 21.69 54.07 59.87
N LEU F 11 22.27 53.42 58.88
CA LEU F 11 23.54 52.75 59.04
C LEU F 11 24.62 53.77 58.80
N SER F 12 25.74 53.63 59.48
CA SER F 12 26.86 54.53 59.26
C SER F 12 28.18 53.78 59.23
N ALA F 13 29.03 54.19 58.32
CA ALA F 13 30.33 53.52 58.16
C ALA F 13 31.39 54.49 57.66
N SER F 14 32.66 54.16 57.90
CA SER F 14 33.76 55.01 57.49
C SER F 14 34.13 54.83 56.06
N ILE F 15 34.83 55.80 55.52
CA ILE F 15 35.28 55.70 54.16
C ILE F 15 36.30 54.60 54.11
N GLY F 16 36.15 53.71 53.15
CA GLY F 16 37.03 52.59 53.01
C GLY F 16 36.51 51.33 53.68
N ASP F 17 35.41 51.42 54.45
CA ASP F 17 34.93 50.20 55.07
C ASP F 17 34.13 49.38 54.09
N ARG F 18 33.71 48.22 54.54
CA ARG F 18 32.84 47.36 53.77
C ARG F 18 31.45 47.53 54.35
N VAL F 19 30.50 47.84 53.51
CA VAL F 19 29.16 48.12 53.99
C VAL F 19 28.10 47.21 53.42
N THR F 20 27.32 46.62 54.29
CA THR F 20 26.25 45.79 53.78
C THR F 20 24.93 46.15 54.38
N VAL F 21 23.89 45.93 53.60
CA VAL F 21 22.52 46.09 54.08
C VAL F 21 21.69 44.91 53.66
N THR F 22 20.64 44.61 54.40
CA THR F 22 19.81 43.49 54.01
C THR F 22 18.35 43.91 53.81
N CYS F 23 17.62 43.08 53.03
CA CYS F 23 16.25 43.23 52.58
C CYS F 23 15.52 41.88 52.62
N ARG F 24 14.31 41.88 53.13
CA ARG F 24 13.56 40.65 53.25
C ARG F 24 12.22 40.69 52.54
N ALA F 25 11.93 39.62 51.82
CA ALA F 25 10.67 39.54 51.10
C ALA F 25 9.69 38.57 51.70
N SER F 26 8.44 38.97 51.75
CA SER F 26 7.38 38.04 52.10
C SER F 26 7.21 37.06 50.95
N GLN F 27 6.81 35.83 51.25
CA GLN F 27 6.46 34.80 50.26
C GLN F 27 7.61 34.17 49.45
N GLY F 28 8.41 34.99 48.82
CA GLY F 28 9.49 34.57 47.95
C GLY F 28 9.25 35.19 46.60
N ILE F 29 10.32 35.72 46.02
CA ILE F 29 10.20 36.44 44.77
C ILE F 29 11.06 35.96 43.62
N ASN F 30 11.34 34.67 43.59
CA ASN F 30 12.11 34.07 42.50
C ASN F 30 13.43 34.73 42.23
N MET F 31 14.13 35.15 43.26
CA MET F 31 15.41 35.80 43.06
C MET F 31 15.36 37.00 42.10
N GLN F 32 14.32 37.83 42.19
CA GLN F 32 14.19 39.03 41.37
C GLN F 32 14.10 40.32 42.19
N LEU F 33 14.98 40.46 43.18
CA LEU F 33 14.97 41.67 44.00
C LEU F 33 15.96 42.69 43.49
N CYS F 34 15.48 43.83 43.05
CA CYS F 34 16.33 44.86 42.48
C CYS F 34 16.68 45.90 43.49
N TRP F 35 17.81 46.56 43.32
CA TRP F 35 18.21 47.61 44.24
C TRP F 35 18.44 48.92 43.53
N TYR F 36 18.04 49.99 44.20
CA TYR F 36 18.13 51.35 43.72
C TYR F 36 18.83 52.28 44.70
N GLN F 37 19.43 53.33 44.16
CA GLN F 37 20.10 54.36 44.97
C GLN F 37 19.43 55.72 44.81
N LEU F 38 18.92 56.29 45.90
CA LEU F 38 18.28 57.59 45.80
C LEU F 38 18.94 58.69 46.59
N LYS F 39 19.39 59.70 45.88
CA LYS F 39 20.02 60.83 46.51
C LYS F 39 19.02 61.98 46.49
N PRO F 40 18.97 62.82 47.51
CA PRO F 40 18.08 63.95 47.55
C PRO F 40 18.27 64.83 46.35
N GLY F 41 17.16 65.22 45.76
CA GLY F 41 17.16 66.10 44.60
C GLY F 41 17.33 65.36 43.28
N LYS F 42 17.53 64.06 43.32
CA LYS F 42 17.75 63.31 42.09
C LYS F 42 16.75 62.21 41.89
N ALA F 43 16.52 61.84 40.64
CA ALA F 43 15.69 60.68 40.39
C ALA F 43 16.49 59.51 40.89
N PRO F 44 15.88 58.43 41.37
CA PRO F 44 16.56 57.26 41.83
C PRO F 44 17.18 56.58 40.65
N THR F 45 18.25 55.84 40.90
CA THR F 45 18.79 55.06 39.81
C THR F 45 18.87 53.61 40.17
N LEU F 46 19.11 52.78 39.17
CA LEU F 46 19.18 51.34 39.35
C LEU F 46 20.60 50.87 39.51
N LEU F 47 20.84 50.07 40.53
CA LEU F 47 22.14 49.53 40.78
C LEU F 47 22.24 48.10 40.33
N ILE F 48 21.37 47.29 40.89
CA ILE F 48 21.38 45.85 40.69
C ILE F 48 20.06 45.35 40.18
N TYR F 49 20.12 44.53 39.14
CA TYR F 49 18.88 43.97 38.62
C TYR F 49 18.92 42.51 38.93
N GLY F 50 17.77 41.90 39.10
CA GLY F 50 17.81 40.53 39.54
C GLY F 50 18.39 40.73 40.91
N THR F 51 19.04 39.73 41.50
CA THR F 51 19.65 39.94 42.81
C THR F 51 21.12 40.23 42.71
N SER F 52 21.66 40.03 41.53
CA SER F 52 23.06 40.20 41.23
C SER F 52 23.21 40.57 39.79
N GLY F 53 24.19 41.39 39.49
CA GLY F 53 24.44 41.83 38.13
C GLY F 53 24.18 43.31 38.10
N LEU F 54 25.13 44.05 37.56
CA LEU F 54 25.00 45.48 37.57
C LEU F 54 24.47 46.12 36.34
N GLN F 55 23.78 47.20 36.60
CA GLN F 55 23.29 48.11 35.61
C GLN F 55 24.47 48.77 34.99
N THR F 56 24.48 48.94 33.69
CA THR F 56 25.66 49.51 33.11
C THR F 56 25.91 50.89 33.66
N GLY F 57 27.18 51.17 33.89
CA GLY F 57 27.63 52.45 34.42
C GLY F 57 27.81 52.42 35.93
N VAL F 58 27.31 51.38 36.58
CA VAL F 58 27.43 51.26 38.01
C VAL F 58 28.76 50.67 38.37
N SER F 59 29.43 51.27 39.32
CA SER F 59 30.73 50.81 39.74
C SER F 59 30.72 49.42 40.30
N SER F 60 31.81 48.71 40.02
CA SER F 60 32.06 47.34 40.40
C SER F 60 32.13 47.14 41.90
N ARG F 61 32.17 48.23 42.63
CA ARG F 61 32.18 48.22 44.08
C ARG F 61 30.86 47.67 44.61
N PHE F 62 29.80 47.74 43.80
CA PHE F 62 28.50 47.24 44.21
C PHE F 62 28.29 45.78 43.82
N SER F 63 27.69 45.01 44.71
CA SER F 63 27.37 43.62 44.46
C SER F 63 26.22 43.14 45.32
N GLY F 64 25.72 41.93 45.08
CA GLY F 64 24.66 41.40 45.92
C GLY F 64 24.41 39.91 45.73
N SER F 65 23.62 39.34 46.64
CA SER F 65 23.29 37.92 46.66
C SER F 65 22.06 37.65 47.50
N GLY F 66 21.56 36.40 47.51
CA GLY F 66 20.45 36.09 48.40
C GLY F 66 19.82 34.71 48.21
N SER F 67 18.82 34.45 49.03
CA SER F 67 18.01 33.25 49.06
C SER F 67 16.66 33.66 48.54
N GLY F 68 15.67 32.78 48.57
CA GLY F 68 14.35 33.15 48.05
C GLY F 68 13.74 34.38 48.73
N THR F 69 14.02 34.58 50.03
CA THR F 69 13.48 35.74 50.74
C THR F 69 14.53 36.63 51.39
N ASN F 70 15.76 36.15 51.57
CA ASN F 70 16.76 36.93 52.28
C ASN F 70 17.84 37.48 51.36
N PHE F 71 17.87 38.79 51.16
CA PHE F 71 18.80 39.36 50.20
C PHE F 71 19.75 40.38 50.82
N THR F 72 20.96 40.46 50.26
CA THR F 72 21.97 41.42 50.73
C THR F 72 22.60 42.24 49.62
N LEU F 73 22.78 43.54 49.88
CA LEU F 73 23.54 44.44 49.02
C LEU F 73 24.83 44.78 49.70
N THR F 74 25.91 44.79 48.94
CA THR F 74 27.22 45.11 49.47
C THR F 74 27.96 46.19 48.70
N ILE F 75 28.61 47.09 49.43
CA ILE F 75 29.54 48.03 48.85
C ILE F 75 30.90 47.58 49.36
N SER F 76 31.79 47.16 48.48
CA SER F 76 33.06 46.60 48.94
C SER F 76 33.98 47.58 49.63
N SER F 77 33.89 48.83 49.25
CA SER F 77 34.70 49.90 49.79
C SER F 77 33.89 51.18 49.71
N LEU F 78 33.49 51.71 50.85
CA LEU F 78 32.63 52.89 50.89
C LEU F 78 33.32 54.14 50.42
N GLN F 79 32.66 54.88 49.55
CA GLN F 79 33.19 56.14 49.05
C GLN F 79 32.34 57.30 49.54
N PRO F 80 32.83 58.55 49.53
CA PRO F 80 32.10 59.75 49.90
C PRO F 80 30.83 59.97 49.07
N GLU F 81 30.80 59.39 47.88
CA GLU F 81 29.70 59.51 46.96
C GLU F 81 28.56 58.54 47.22
N ASP F 82 28.70 57.66 48.18
CA ASP F 82 27.69 56.65 48.41
C ASP F 82 26.63 57.03 49.44
N VAL F 83 26.57 58.29 49.82
CA VAL F 83 25.54 58.66 50.76
C VAL F 83 24.26 58.81 50.00
N ALA F 84 23.33 57.94 50.33
CA ALA F 84 22.06 57.84 49.66
C ALA F 84 21.14 56.99 50.50
N THR F 85 19.87 57.02 50.17
CA THR F 85 18.95 56.08 50.78
C THR F 85 18.78 54.96 49.80
N TYR F 86 19.02 53.75 50.25
CA TYR F 86 18.93 52.64 49.35
C TYR F 86 17.60 51.97 49.48
N TYR F 87 17.08 51.56 48.35
CA TYR F 87 15.78 50.89 48.25
C TYR F 87 15.91 49.54 47.57
N CYS F 88 14.99 48.61 47.88
CA CYS F 88 14.89 47.29 47.28
C CYS F 88 13.45 47.11 46.79
N GLN F 89 13.32 46.45 45.62
CA GLN F 89 12.04 46.25 44.93
C GLN F 89 11.81 44.86 44.35
N GLN F 90 10.57 44.37 44.45
CA GLN F 90 10.25 43.03 43.90
C GLN F 90 9.77 43.19 42.45
N ASP F 91 10.58 42.77 41.47
CA ASP F 91 10.14 42.87 40.07
C ASP F 91 9.48 41.59 39.62
N TYR F 92 9.28 40.71 40.57
CA TYR F 92 8.65 39.42 40.40
C TYR F 92 7.17 39.44 40.08
N THR F 93 6.40 40.22 40.81
CA THR F 93 4.97 40.19 40.67
C THR F 93 4.40 41.46 40.10
N THR F 94 3.12 41.47 39.80
CA THR F 94 2.52 42.65 39.19
C THR F 94 2.42 43.91 40.05
N PRO F 95 1.86 43.91 41.28
CA PRO F 95 1.73 45.07 42.11
C PRO F 95 3.07 45.38 42.72
N PHE F 96 3.94 45.89 41.89
CA PHE F 96 5.31 46.06 42.24
C PHE F 96 5.37 46.87 43.50
N THR F 97 6.17 46.40 44.41
CA THR F 97 6.34 46.99 45.71
C THR F 97 7.77 47.27 46.09
N PHE F 98 7.95 48.44 46.68
CA PHE F 98 9.25 48.86 47.19
C PHE F 98 9.17 48.75 48.68
N GLY F 99 10.27 48.41 49.31
CA GLY F 99 10.27 48.44 50.76
C GLY F 99 10.73 49.82 51.21
N PRO F 100 10.80 50.08 52.52
CA PRO F 100 11.27 51.30 53.11
C PRO F 100 12.71 51.34 52.73
N GLY F 101 13.29 52.51 52.62
CA GLY F 101 14.69 52.54 52.30
C GLY F 101 15.53 52.57 53.56
N THR F 102 16.83 52.44 53.40
CA THR F 102 17.74 52.54 54.52
C THR F 102 18.81 53.55 54.19
N LYS F 103 18.88 54.60 54.98
CA LYS F 103 19.83 55.66 54.76
C LYS F 103 21.21 55.30 55.24
N LEU F 104 22.21 55.66 54.44
CA LEU F 104 23.61 55.46 54.79
C LEU F 104 24.40 56.74 54.99
N ASP F 105 24.94 56.90 56.19
CA ASP F 105 25.75 58.06 56.59
C ASP F 105 27.22 57.74 56.61
N ILE F 106 28.05 58.78 56.54
CA ILE F 106 29.48 58.56 56.65
C ILE F 106 29.87 58.82 58.11
N LYS F 107 30.57 57.86 58.74
CA LYS F 107 31.03 57.92 60.13
C LYS F 107 32.24 58.85 60.24
N ARG G 3 -8.15 -57.03 7.26
CA ARG G 3 -8.04 -57.98 8.36
C ARG G 3 -7.73 -57.24 9.67
N MET G 4 -8.53 -57.53 10.74
CA MET G 4 -8.34 -56.97 12.08
C MET G 4 -8.50 -58.08 13.10
N THR G 5 -7.61 -58.13 14.08
CA THR G 5 -7.65 -59.16 15.10
C THR G 5 -7.87 -58.65 16.50
N GLN G 6 -8.83 -59.26 17.18
CA GLN G 6 -9.10 -58.90 18.56
C GLN G 6 -8.71 -60.05 19.46
N SER G 7 -7.59 -59.89 20.13
CA SER G 7 -6.95 -60.95 20.90
C SER G 7 -7.71 -61.60 22.09
N PRO G 8 -8.37 -60.85 23.00
CA PRO G 8 -9.02 -61.40 24.17
C PRO G 8 -10.35 -61.98 23.81
N ALA G 9 -10.34 -63.09 23.07
CA ALA G 9 -11.57 -63.64 22.52
C ALA G 9 -12.61 -63.90 23.58
N ILE G 10 -12.19 -64.36 24.73
CA ILE G 10 -13.11 -64.56 25.82
C ILE G 10 -12.55 -63.87 27.04
N LEU G 11 -13.32 -62.97 27.61
CA LEU G 11 -12.91 -62.28 28.81
C LEU G 11 -13.97 -62.45 29.87
N SER G 12 -13.57 -62.87 31.07
CA SER G 12 -14.54 -63.05 32.13
C SER G 12 -14.06 -62.37 33.39
N LEU G 13 -14.82 -61.38 33.82
CA LEU G 13 -14.43 -60.55 34.96
C LEU G 13 -15.56 -60.20 35.92
N SER G 14 -15.26 -60.25 37.20
CA SER G 14 -16.18 -59.91 38.26
C SER G 14 -16.58 -58.43 38.20
N PRO G 15 -17.80 -58.05 38.64
CA PRO G 15 -18.27 -56.67 38.66
C PRO G 15 -17.31 -55.82 39.42
N GLY G 16 -17.05 -54.64 38.90
CA GLY G 16 -16.15 -53.70 39.55
C GLY G 16 -14.73 -53.79 38.99
N GLU G 17 -14.43 -54.85 38.22
CA GLU G 17 -13.12 -55.04 37.66
C GLU G 17 -13.02 -54.43 36.26
N ARG G 18 -12.10 -53.50 36.08
CA ARG G 18 -11.97 -52.83 34.80
C ARG G 18 -11.59 -53.81 33.70
N ALA G 19 -12.30 -53.73 32.58
CA ALA G 19 -12.05 -54.65 31.49
C ALA G 19 -11.20 -54.03 30.38
N THR G 20 -10.23 -54.79 29.89
CA THR G 20 -9.44 -54.32 28.76
C THR G 20 -9.62 -55.22 27.57
N LEU G 21 -9.98 -54.60 26.46
CA LEU G 21 -10.19 -55.24 25.19
C LEU G 21 -9.16 -54.68 24.21
N SER G 22 -8.79 -55.44 23.18
CA SER G 22 -7.79 -54.89 22.26
C SER G 22 -8.05 -55.33 20.83
N CYS G 23 -7.43 -54.60 19.86
CA CYS G 23 -7.53 -54.83 18.43
C CYS G 23 -6.22 -54.45 17.73
N ARG G 24 -5.78 -55.31 16.82
CA ARG G 24 -4.62 -55.03 15.99
C ARG G 24 -4.98 -55.11 14.52
N ALA G 25 -4.77 -54.01 13.83
CA ALA G 25 -5.07 -53.95 12.40
C ALA G 25 -3.90 -54.49 11.60
N SER G 26 -4.16 -55.01 10.41
CA SER G 26 -3.08 -55.47 9.53
C SER G 26 -2.33 -54.31 8.87
N GLN G 27 -2.98 -53.16 8.81
CA GLN G 27 -2.47 -51.95 8.18
C GLN G 27 -2.89 -50.78 9.03
N SER G 28 -2.17 -49.67 8.94
CA SER G 28 -2.53 -48.51 9.74
C SER G 28 -3.96 -48.08 9.53
N VAL G 29 -4.58 -47.74 10.65
CA VAL G 29 -5.96 -47.33 10.76
C VAL G 29 -6.06 -45.83 10.56
N ASP G 30 -4.91 -45.16 10.57
CA ASP G 30 -4.84 -43.72 10.36
C ASP G 30 -5.77 -42.95 11.27
N SER G 31 -5.77 -43.36 12.51
CA SER G 31 -6.57 -42.81 13.57
C SER G 31 -8.07 -42.73 13.30
N ARG G 32 -8.64 -43.75 12.65
CA ARG G 32 -10.08 -43.83 12.43
C ARG G 32 -10.68 -45.13 12.91
N LEU G 33 -10.47 -45.46 14.18
CA LEU G 33 -11.03 -46.69 14.67
C LEU G 33 -12.27 -46.38 15.49
N ALA G 34 -13.29 -47.21 15.34
CA ALA G 34 -14.50 -47.11 16.13
C ALA G 34 -14.75 -48.40 16.88
N TRP G 35 -15.51 -48.35 17.98
CA TRP G 35 -15.85 -49.55 18.72
C TRP G 35 -17.36 -49.70 18.91
N TYR G 36 -17.83 -50.95 18.80
CA TYR G 36 -19.24 -51.32 18.94
C TYR G 36 -19.51 -52.37 20.01
N GLN G 37 -20.71 -52.29 20.59
CA GLN G 37 -21.20 -53.24 21.59
C GLN G 37 -22.45 -53.96 21.14
N GLN G 38 -22.40 -55.29 21.07
CA GLN G 38 -23.58 -56.03 20.68
C GLN G 38 -24.10 -56.90 21.77
N LYS G 39 -25.21 -56.52 22.36
CA LYS G 39 -25.76 -57.33 23.43
C LYS G 39 -26.49 -58.45 22.71
N PRO G 40 -26.60 -59.65 23.27
CA PRO G 40 -27.30 -60.74 22.64
C PRO G 40 -28.71 -60.35 22.27
N GLY G 41 -29.11 -60.69 21.06
CA GLY G 41 -30.43 -60.41 20.56
C GLY G 41 -30.60 -59.00 20.00
N GLN G 42 -29.56 -58.19 20.06
CA GLN G 42 -29.65 -56.81 19.61
C GLN G 42 -28.70 -56.48 18.48
N SER G 43 -29.07 -55.48 17.70
CA SER G 43 -28.21 -54.95 16.67
C SER G 43 -27.09 -54.22 17.40
N PRO G 44 -25.85 -54.19 16.91
CA PRO G 44 -24.73 -53.47 17.49
C PRO G 44 -24.96 -51.99 17.64
N ARG G 45 -24.40 -51.40 18.70
CA ARG G 45 -24.48 -49.96 18.89
C ARG G 45 -23.09 -49.38 18.98
N LEU G 46 -22.97 -48.14 18.61
CA LEU G 46 -21.68 -47.47 18.61
C LEU G 46 -21.34 -46.88 19.98
N LEU G 47 -20.17 -47.26 20.50
CA LEU G 47 -19.70 -46.79 21.80
C LEU G 47 -18.75 -45.63 21.65
N ILE G 48 -17.79 -45.85 20.78
CA ILE G 48 -16.70 -44.92 20.50
C ILE G 48 -16.65 -44.73 19.01
N TYR G 49 -16.66 -43.49 18.54
CA TYR G 49 -16.70 -43.32 17.10
C TYR G 49 -15.42 -42.88 16.47
N ASP G 50 -14.48 -42.50 17.26
CA ASP G 50 -13.22 -42.09 16.70
C ASP G 50 -12.22 -42.67 17.65
N VAL G 51 -10.95 -42.48 17.49
CA VAL G 51 -10.11 -43.30 18.38
C VAL G 51 -10.36 -43.07 19.86
N SER G 52 -10.49 -41.84 20.30
CA SER G 52 -10.76 -41.57 21.71
C SER G 52 -12.11 -40.86 21.91
N SER G 53 -12.81 -40.60 20.81
CA SER G 53 -14.04 -39.83 20.88
C SER G 53 -15.25 -40.71 21.11
N ARG G 54 -15.93 -40.44 22.22
CA ARG G 54 -17.08 -41.18 22.71
C ARG G 54 -18.36 -40.84 21.97
N ALA G 55 -19.15 -41.86 21.68
CA ALA G 55 -20.41 -41.70 20.98
C ALA G 55 -21.50 -41.16 21.87
N THR G 56 -22.49 -40.53 21.23
CA THR G 56 -23.58 -39.92 21.95
C THR G 56 -24.37 -40.89 22.80
N GLY G 57 -24.58 -40.51 24.06
CA GLY G 57 -25.36 -41.28 25.02
C GLY G 57 -24.59 -42.36 25.73
N ILE G 58 -23.31 -42.48 25.44
CA ILE G 58 -22.49 -43.51 26.04
C ILE G 58 -21.85 -43.03 27.34
N PRO G 59 -21.93 -43.81 28.43
CA PRO G 59 -21.34 -43.51 29.72
C PRO G 59 -19.86 -43.27 29.59
N ASP G 60 -19.35 -42.42 30.48
CA ASP G 60 -17.95 -42.00 30.54
C ASP G 60 -17.02 -43.12 30.92
N ARG G 61 -17.61 -44.22 31.32
CA ARG G 61 -16.92 -45.41 31.68
C ARG G 61 -16.22 -45.99 30.47
N PHE G 62 -16.72 -45.67 29.28
CA PHE G 62 -16.13 -46.20 28.07
C PHE G 62 -15.08 -45.24 27.52
N SER G 63 -13.90 -45.76 27.29
CA SER G 63 -12.80 -44.98 26.76
C SER G 63 -11.90 -45.85 25.94
N GLY G 64 -10.91 -45.27 25.28
CA GLY G 64 -10.02 -46.08 24.47
C GLY G 64 -8.86 -45.25 23.94
N SER G 65 -7.98 -45.90 23.22
CA SER G 65 -6.79 -45.27 22.68
C SER G 65 -6.10 -46.10 21.64
N GLY G 66 -4.98 -45.59 21.14
CA GLY G 66 -4.16 -46.32 20.19
C GLY G 66 -3.59 -45.47 19.10
N SER G 67 -2.78 -46.11 18.27
CA SER G 67 -2.09 -45.46 17.17
C SER G 67 -1.59 -46.45 16.12
N GLY G 68 -1.65 -46.07 14.84
CA GLY G 68 -1.11 -46.97 13.84
C GLY G 68 -2.01 -48.17 13.71
N THR G 69 -1.52 -49.32 14.15
CA THR G 69 -2.28 -50.55 14.12
C THR G 69 -2.71 -51.04 15.50
N GLU G 70 -2.18 -50.47 16.59
CA GLU G 70 -2.47 -50.97 17.93
C GLU G 70 -3.49 -50.15 18.71
N PHE G 71 -4.64 -50.76 19.01
CA PHE G 71 -5.71 -50.06 19.69
C PHE G 71 -6.33 -50.81 20.83
N THR G 72 -6.85 -50.07 21.80
CA THR G 72 -7.57 -50.67 22.92
C THR G 72 -8.89 -50.00 23.24
N LEU G 73 -9.69 -50.75 23.97
CA LEU G 73 -10.96 -50.34 24.54
C LEU G 73 -10.96 -50.63 26.02
N THR G 74 -11.29 -49.63 26.78
CA THR G 74 -11.30 -49.76 28.23
C THR G 74 -12.69 -49.55 28.78
N ILE G 75 -13.12 -50.47 29.62
CA ILE G 75 -14.42 -50.30 30.24
C ILE G 75 -14.25 -50.18 31.75
N SER G 76 -14.40 -48.96 32.26
CA SER G 76 -14.24 -48.72 33.69
C SER G 76 -15.42 -49.36 34.38
N SER G 77 -15.22 -49.79 35.64
CA SER G 77 -16.25 -50.37 36.53
C SER G 77 -16.75 -51.76 36.14
N LEU G 78 -17.08 -51.95 34.88
CA LEU G 78 -17.63 -53.19 34.41
C LEU G 78 -18.87 -53.51 35.18
N GLU G 79 -19.85 -52.66 35.01
CA GLU G 79 -21.09 -52.84 35.69
C GLU G 79 -21.76 -54.07 35.07
N PRO G 80 -22.65 -54.79 35.76
CA PRO G 80 -23.35 -56.00 35.33
C PRO G 80 -24.05 -55.93 33.98
N GLU G 81 -24.48 -54.74 33.56
CA GLU G 81 -25.16 -54.61 32.29
C GLU G 81 -24.24 -54.84 31.08
N ASP G 82 -22.93 -54.68 31.25
CA ASP G 82 -22.02 -54.78 30.12
C ASP G 82 -21.53 -56.17 29.78
N VAL G 83 -22.48 -56.96 29.32
CA VAL G 83 -22.22 -58.28 28.84
C VAL G 83 -22.57 -58.22 27.38
N ALA G 84 -21.55 -58.35 26.56
CA ALA G 84 -21.73 -58.13 25.13
C ALA G 84 -20.54 -58.56 24.34
N VAL G 85 -20.73 -58.63 23.03
CA VAL G 85 -19.60 -58.83 22.15
C VAL G 85 -19.09 -57.47 21.70
N TYR G 86 -17.79 -57.26 21.85
CA TYR G 86 -17.21 -55.97 21.50
C TYR G 86 -16.34 -56.05 20.26
N PHE G 87 -16.61 -55.14 19.33
CA PHE G 87 -15.97 -55.13 18.02
C PHE G 87 -15.20 -53.86 17.72
N CYS G 88 -14.09 -53.98 16.97
CA CYS G 88 -13.32 -52.84 16.43
C CYS G 88 -13.71 -52.65 14.96
N HIS G 89 -13.76 -51.40 14.49
CA HIS G 89 -14.14 -51.10 13.11
C HIS G 89 -13.21 -50.07 12.46
N GLN G 90 -12.61 -50.43 11.33
CA GLN G 90 -11.67 -49.57 10.62
C GLN G 90 -12.31 -48.79 9.50
N GLU G 91 -12.34 -47.46 9.62
CA GLU G 91 -13.04 -46.62 8.65
C GLU G 91 -12.15 -45.78 7.70
N ASN G 92 -10.84 -46.07 7.59
CA ASN G 92 -9.94 -45.23 6.76
C ASN G 92 -9.56 -45.77 5.39
N ASP G 93 -10.26 -46.76 4.90
CA ASP G 93 -10.02 -47.41 3.62
C ASP G 93 -11.37 -47.76 3.05
N TRP G 94 -11.47 -48.37 1.89
CA TRP G 94 -12.80 -48.78 1.48
C TRP G 94 -13.36 -50.01 2.21
N PRO G 95 -12.67 -51.14 2.26
CA PRO G 95 -13.19 -52.33 2.88
C PRO G 95 -13.16 -52.15 4.38
N TRP G 96 -14.22 -51.54 4.90
CA TRP G 96 -14.28 -51.19 6.31
C TRP G 96 -14.45 -52.41 7.15
N THR G 97 -13.36 -53.05 7.39
CA THR G 97 -13.32 -54.28 8.11
C THR G 97 -13.71 -54.13 9.56
N PHE G 98 -14.52 -55.07 10.01
CA PHE G 98 -14.84 -55.16 11.41
C PHE G 98 -13.96 -56.27 11.90
N GLY G 99 -13.45 -56.14 13.09
CA GLY G 99 -12.66 -57.22 13.62
C GLY G 99 -13.64 -58.21 14.16
N GLN G 100 -13.16 -59.39 14.50
CA GLN G 100 -14.08 -60.34 15.07
C GLN G 100 -14.20 -59.99 16.51
N GLY G 101 -15.41 -59.65 16.89
CA GLY G 101 -15.62 -59.18 18.23
C GLY G 101 -15.40 -60.26 19.22
N THR G 102 -15.02 -59.84 20.41
CA THR G 102 -14.76 -60.74 21.50
C THR G 102 -15.87 -60.65 22.52
N LYS G 103 -15.99 -61.63 23.39
CA LYS G 103 -17.08 -61.55 24.37
C LYS G 103 -16.63 -61.26 25.78
N VAL G 104 -17.37 -60.38 26.43
CA VAL G 104 -17.11 -60.11 27.82
C VAL G 104 -18.29 -60.57 28.64
N GLU G 105 -17.98 -61.41 29.61
CA GLU G 105 -18.95 -62.00 30.54
C GLU G 105 -18.62 -61.55 31.96
N ILE G 106 -19.62 -61.06 32.69
CA ILE G 106 -19.53 -60.55 34.06
C ILE G 106 -19.02 -61.66 35.03
N VAL H 2 -34.29 -41.53 13.02
CA VAL H 2 -34.55 -42.48 11.94
C VAL H 2 -34.71 -43.89 12.52
N GLN H 3 -35.61 -44.67 11.90
CA GLN H 3 -35.89 -46.08 12.20
C GLN H 3 -35.79 -46.87 10.91
N LEU H 4 -35.21 -48.05 10.99
CA LEU H 4 -35.02 -48.87 9.80
C LEU H 4 -35.67 -50.23 9.94
N VAL H 5 -36.47 -50.65 8.95
CA VAL H 5 -37.07 -51.97 9.03
C VAL H 5 -36.82 -52.87 7.83
N GLU H 6 -36.08 -53.95 8.05
CA GLU H 6 -35.74 -54.93 7.04
C GLU H 6 -36.89 -55.89 6.78
N SER H 7 -37.05 -56.29 5.52
CA SER H 7 -38.07 -57.27 5.15
C SER H 7 -37.76 -58.08 3.89
N GLY H 8 -38.21 -59.32 3.87
CA GLY H 8 -38.06 -60.16 2.68
C GLY H 8 -38.09 -61.63 3.06
N PRO H 9 -38.07 -62.55 2.09
CA PRO H 9 -38.12 -63.99 2.28
C PRO H 9 -36.97 -64.46 3.15
N GLY H 10 -37.27 -65.30 4.13
CA GLY H 10 -36.22 -65.85 4.99
C GLY H 10 -35.50 -67.01 4.34
N LEU H 11 -36.17 -67.71 3.43
CA LEU H 11 -35.57 -68.88 2.81
C LEU H 11 -35.51 -68.72 1.31
N VAL H 12 -34.31 -68.84 0.77
CA VAL H 12 -34.13 -68.71 -0.66
C VAL H 12 -33.29 -69.86 -1.20
N ARG H 13 -33.42 -70.14 -2.49
CA ARG H 13 -32.62 -71.21 -3.09
C ARG H 13 -31.44 -70.63 -3.89
N PRO H 14 -30.37 -71.40 -4.17
CA PRO H 14 -29.21 -70.99 -4.97
C PRO H 14 -29.50 -70.38 -6.35
N SER H 15 -30.57 -70.83 -6.98
CA SER H 15 -30.95 -70.36 -8.31
C SER H 15 -31.80 -69.10 -8.30
N GLU H 16 -32.19 -68.66 -7.13
CA GLU H 16 -33.05 -67.51 -6.98
C GLU H 16 -32.25 -66.29 -6.62
N THR H 17 -32.78 -65.12 -6.94
CA THR H 17 -32.19 -63.88 -6.48
C THR H 17 -32.73 -63.55 -5.09
N LEU H 18 -31.83 -63.18 -4.19
CA LEU H 18 -32.24 -62.75 -2.86
C LEU H 18 -32.67 -61.33 -2.95
N SER H 19 -33.83 -61.02 -2.42
CA SER H 19 -34.30 -59.65 -2.44
C SER H 19 -34.82 -59.19 -1.11
N LEU H 20 -34.09 -58.24 -0.54
CA LEU H 20 -34.44 -57.67 0.77
C LEU H 20 -34.67 -56.21 0.62
N THR H 21 -35.70 -55.71 1.27
CA THR H 21 -35.96 -54.30 1.22
C THR H 21 -35.85 -53.75 2.62
N CYS H 22 -35.77 -52.41 2.75
CA CYS H 22 -35.75 -51.70 4.03
C CYS H 22 -36.57 -50.44 3.94
N ALA H 23 -37.55 -50.34 4.82
CA ALA H 23 -38.38 -49.17 4.87
C ALA H 23 -37.71 -48.19 5.77
N VAL H 24 -37.76 -46.92 5.42
CA VAL H 24 -37.12 -45.95 6.27
C VAL H 24 -38.11 -44.94 6.79
N SER H 25 -38.09 -44.76 8.10
CA SER H 25 -38.96 -43.80 8.74
C SER H 25 -38.19 -42.74 9.49
N GLY H 26 -38.74 -41.53 9.55
CA GLY H 26 -38.16 -40.41 10.30
C GLY H 26 -37.40 -39.39 9.46
N ASP H 27 -37.06 -39.75 8.22
CA ASP H 27 -36.34 -38.86 7.31
C ASP H 27 -36.59 -39.27 5.87
N SER H 28 -36.02 -38.52 4.94
CA SER H 28 -36.13 -38.77 3.50
C SER H 28 -34.92 -39.48 2.89
N ILE H 29 -35.15 -40.50 2.11
CA ILE H 29 -34.03 -41.20 1.49
C ILE H 29 -33.23 -40.27 0.62
N SER H 30 -33.90 -39.42 -0.12
CA SER H 30 -33.27 -38.55 -1.09
C SER H 30 -32.37 -37.47 -0.51
N THR H 31 -32.41 -37.25 0.81
CA THR H 31 -31.58 -36.21 1.36
C THR H 31 -30.36 -36.74 2.09
N ASN H 32 -30.21 -38.07 2.14
CA ASN H 32 -29.09 -38.62 2.86
C ASN H 32 -28.22 -39.57 2.10
N ASN H 33 -26.94 -39.54 2.43
CA ASN H 33 -26.00 -40.50 1.92
C ASN H 33 -25.89 -41.58 2.97
N GLY H 34 -25.11 -42.60 2.71
CA GLY H 34 -24.86 -43.62 3.71
C GLY H 34 -25.94 -44.68 3.90
N TRP H 35 -26.80 -44.94 2.92
CA TRP H 35 -27.78 -45.97 3.20
C TRP H 35 -27.08 -47.27 2.90
N SER H 36 -27.08 -48.23 3.82
CA SER H 36 -26.27 -49.41 3.57
C SER H 36 -26.81 -50.74 3.99
N TRP H 37 -26.17 -51.76 3.43
CA TRP H 37 -26.43 -53.14 3.79
C TRP H 37 -25.16 -53.76 4.28
N ILE H 38 -25.28 -54.43 5.42
CA ILE H 38 -24.19 -55.12 6.10
C ILE H 38 -24.71 -56.49 6.60
N ARG H 39 -23.82 -57.45 6.91
CA ARG H 39 -24.32 -58.75 7.43
C ARG H 39 -23.40 -59.47 8.44
N GLN H 40 -24.00 -60.37 9.25
CA GLN H 40 -23.27 -61.23 10.21
C GLN H 40 -23.50 -62.71 9.97
N THR H 41 -22.47 -63.52 10.16
CA THR H 41 -22.64 -64.95 10.00
C THR H 41 -22.15 -65.53 11.30
N PRO H 42 -22.75 -66.56 11.90
CA PRO H 42 -22.22 -67.13 13.11
C PRO H 42 -20.73 -67.45 13.02
N GLY H 43 -20.25 -67.83 11.84
CA GLY H 43 -18.84 -68.14 11.63
C GLY H 43 -18.01 -67.01 11.01
N LYS H 44 -18.57 -65.81 10.85
CA LYS H 44 -17.85 -64.71 10.21
C LYS H 44 -18.12 -63.39 10.94
N GLY H 45 -17.13 -62.52 10.96
CA GLY H 45 -17.35 -61.24 11.60
C GLY H 45 -18.28 -60.44 10.72
N LEU H 46 -18.73 -59.31 11.23
CA LEU H 46 -19.67 -58.52 10.48
C LEU H 46 -18.91 -57.96 9.30
N GLU H 47 -19.55 -57.93 8.15
CA GLU H 47 -18.92 -57.38 6.96
C GLU H 47 -19.88 -56.51 6.20
N TRP H 48 -19.31 -55.62 5.39
CA TRP H 48 -20.07 -54.73 4.55
C TRP H 48 -20.49 -55.31 3.24
N ILE H 49 -21.68 -54.94 2.79
CA ILE H 49 -22.11 -55.29 1.46
C ILE H 49 -21.87 -54.05 0.61
N GLY H 50 -22.30 -52.90 1.13
CA GLY H 50 -22.12 -51.64 0.43
C GLY H 50 -23.12 -50.56 0.82
N TYR H 51 -23.03 -49.42 0.14
CA TYR H 51 -23.93 -48.30 0.39
C TYR H 51 -24.26 -47.49 -0.83
N ILE H 52 -25.38 -46.80 -0.72
CA ILE H 52 -25.86 -45.94 -1.76
C ILE H 52 -26.22 -44.55 -1.29
N ASN H 53 -25.91 -43.59 -2.13
CA ASN H 53 -26.24 -42.21 -1.85
C ASN H 53 -27.66 -41.94 -2.26
N GLY H 54 -28.53 -41.70 -1.30
CA GLY H 54 -29.93 -41.54 -1.62
C GLY H 54 -30.19 -40.36 -2.55
N ARG H 55 -29.37 -39.34 -2.45
CA ARG H 55 -29.49 -38.15 -3.27
C ARG H 55 -28.90 -38.31 -4.65
N SER H 56 -27.70 -38.86 -4.71
CA SER H 56 -26.94 -38.95 -5.96
C SER H 56 -27.12 -40.23 -6.78
N GLY H 57 -27.43 -41.34 -6.13
CA GLY H 57 -27.59 -42.64 -6.77
C GLY H 57 -26.30 -43.45 -6.90
N SER H 58 -25.17 -42.84 -6.56
CA SER H 58 -23.89 -43.52 -6.66
C SER H 58 -23.72 -44.52 -5.55
N THR H 59 -22.94 -45.57 -5.81
CA THR H 59 -22.69 -46.63 -4.83
C THR H 59 -21.25 -47.04 -4.61
N ARG H 60 -21.05 -47.74 -3.50
CA ARG H 60 -19.79 -48.39 -3.15
C ARG H 60 -20.08 -49.80 -2.68
N TYR H 61 -19.33 -50.77 -3.17
CA TYR H 61 -19.57 -52.16 -2.78
C TYR H 61 -18.32 -52.89 -2.32
N ASN H 62 -18.51 -53.82 -1.42
CA ASN H 62 -17.43 -54.68 -0.97
C ASN H 62 -16.94 -55.44 -2.19
N PRO H 63 -15.68 -55.32 -2.61
CA PRO H 63 -15.15 -55.93 -3.80
C PRO H 63 -15.46 -57.41 -3.92
N SER H 64 -15.51 -58.14 -2.80
CA SER H 64 -15.73 -59.58 -2.92
C SER H 64 -17.13 -59.92 -3.36
N LEU H 65 -18.04 -58.98 -3.24
CA LEU H 65 -19.42 -59.18 -3.60
C LEU H 65 -19.84 -58.38 -4.82
N GLN H 66 -18.91 -57.72 -5.51
CA GLN H 66 -19.42 -56.86 -6.59
C GLN H 66 -20.08 -57.57 -7.75
N SER H 67 -19.59 -58.73 -8.14
CA SER H 67 -20.12 -59.36 -9.34
C SER H 67 -21.58 -59.76 -9.29
N ARG H 68 -22.12 -60.01 -8.10
CA ARG H 68 -23.50 -60.41 -7.99
C ARG H 68 -24.36 -59.47 -7.18
N VAL H 69 -23.87 -58.27 -6.85
CA VAL H 69 -24.67 -57.42 -5.97
C VAL H 69 -25.08 -56.06 -6.48
N THR H 70 -26.37 -55.79 -6.31
CA THR H 70 -26.97 -54.51 -6.63
C THR H 70 -27.68 -53.88 -5.44
N ILE H 71 -27.43 -52.60 -5.23
CA ILE H 71 -28.11 -51.80 -4.22
C ILE H 71 -28.79 -50.67 -4.97
N SER H 72 -30.05 -50.44 -4.66
CA SER H 72 -30.80 -49.39 -5.32
C SER H 72 -31.81 -48.80 -4.38
N THR H 73 -32.36 -47.64 -4.75
CA THR H 73 -33.36 -46.98 -3.92
C THR H 73 -34.64 -46.69 -4.64
N ASP H 74 -35.66 -46.41 -3.86
CA ASP H 74 -36.92 -45.95 -4.34
C ASP H 74 -37.37 -44.83 -3.44
N THR H 75 -37.13 -43.63 -3.90
CA THR H 75 -37.38 -42.46 -3.09
C THR H 75 -38.85 -42.11 -3.03
N SER H 76 -39.67 -42.72 -3.90
CA SER H 76 -41.10 -42.41 -3.83
C SER H 76 -41.68 -43.33 -2.78
N GLY H 77 -41.04 -44.51 -2.64
CA GLY H 77 -41.41 -45.51 -1.65
C GLY H 77 -40.74 -45.23 -0.31
N ASN H 78 -39.77 -44.32 -0.34
CA ASN H 78 -38.96 -43.88 0.78
C ASN H 78 -38.33 -45.10 1.45
N GLN H 79 -37.78 -45.94 0.60
CA GLN H 79 -37.17 -47.19 1.00
C GLN H 79 -36.09 -47.57 0.04
N PHE H 80 -35.36 -48.62 0.36
CA PHE H 80 -34.30 -49.07 -0.52
C PHE H 80 -34.11 -50.57 -0.44
N SER H 81 -33.36 -51.13 -1.39
CA SER H 81 -33.19 -52.57 -1.40
C SER H 81 -31.88 -53.13 -1.90
N LEU H 82 -31.68 -54.37 -1.50
CA LEU H 82 -30.54 -55.19 -1.84
C LEU H 82 -30.90 -56.42 -2.64
N LYS H 83 -30.19 -56.63 -3.73
CA LYS H 83 -30.39 -57.82 -4.53
C LYS H 83 -29.10 -58.59 -4.73
N VAL H 84 -29.15 -59.88 -4.46
CA VAL H 84 -27.98 -60.72 -4.67
C VAL H 84 -28.38 -61.77 -5.71
N ASN H 85 -27.73 -61.76 -6.87
CA ASN H 85 -28.22 -62.56 -8.00
C ASN H 85 -27.60 -63.93 -8.19
N SER H 86 -26.85 -64.38 -7.21
CA SER H 86 -26.27 -65.71 -7.21
C SER H 86 -26.27 -66.10 -5.76
N VAL H 87 -26.86 -67.22 -5.42
CA VAL H 87 -26.97 -67.54 -4.02
C VAL H 87 -26.27 -68.84 -3.63
N THR H 88 -25.44 -68.76 -2.59
CA THR H 88 -24.75 -69.96 -2.15
C THR H 88 -24.87 -70.23 -0.67
N ALA H 89 -24.28 -71.32 -0.22
CA ALA H 89 -24.37 -71.72 1.18
C ALA H 89 -23.79 -70.66 2.12
N ALA H 90 -22.75 -69.99 1.66
CA ALA H 90 -22.02 -68.99 2.42
C ALA H 90 -22.81 -67.69 2.56
N ASP H 91 -23.93 -67.57 1.87
CA ASP H 91 -24.70 -66.36 1.97
C ASP H 91 -25.70 -66.44 3.10
N THR H 92 -25.71 -67.57 3.82
CA THR H 92 -26.60 -67.61 4.97
C THR H 92 -26.01 -66.64 5.97
N ALA H 93 -26.83 -65.68 6.40
CA ALA H 93 -26.37 -64.63 7.31
C ALA H 93 -27.55 -63.85 7.86
N LYS H 94 -27.30 -63.08 8.90
CA LYS H 94 -28.29 -62.12 9.32
C LYS H 94 -27.97 -60.82 8.60
N TYR H 95 -28.95 -60.30 7.89
CA TYR H 95 -28.75 -59.09 7.12
C TYR H 95 -29.31 -57.90 7.82
N TYR H 96 -28.60 -56.79 7.74
CA TYR H 96 -29.04 -55.55 8.34
C TYR H 96 -29.06 -54.37 7.36
N CYS H 97 -30.01 -53.47 7.62
CA CYS H 97 -30.21 -52.17 7.04
C CYS H 97 -29.61 -51.20 8.03
N ALA H 98 -28.79 -50.31 7.54
CA ALA H 98 -28.16 -49.36 8.42
C ALA H 98 -27.95 -48.04 7.73
N PHE H 99 -27.86 -47.00 8.53
CA PHE H 99 -27.60 -45.65 8.08
C PHE H 99 -26.34 -45.09 8.70
N PHE H 100 -25.34 -44.82 7.87
CA PHE H 100 -24.09 -44.31 8.38
C PHE H 100 -23.81 -42.86 8.05
N TRP H 101 -23.82 -42.04 9.08
CA TRP H 101 -23.61 -40.62 8.95
C TRP H 101 -22.24 -40.27 9.45
N SER H 102 -21.39 -39.79 8.59
CA SER H 102 -20.06 -39.43 9.05
C SER H 102 -19.67 -38.20 8.33
N THR H 103 -19.53 -37.08 9.01
CA THR H 103 -19.15 -35.84 8.32
C THR H 103 -18.09 -35.18 9.16
N TYR H 104 -17.53 -34.09 8.70
CA TYR H 104 -16.52 -33.43 9.51
C TYR H 104 -17.02 -33.01 10.87
N TYR H 105 -18.31 -32.81 11.03
CA TYR H 105 -18.80 -32.28 12.29
C TYR H 105 -19.63 -33.25 13.11
N LYS H 106 -19.79 -34.50 12.68
CA LYS H 106 -20.69 -35.40 13.40
C LYS H 106 -20.50 -36.87 13.02
N ARG H 107 -20.84 -37.78 13.92
CA ARG H 107 -20.82 -39.19 13.56
C ARG H 107 -21.87 -40.01 14.29
N PHE H 108 -22.65 -40.80 13.56
CA PHE H 108 -23.60 -41.71 14.20
C PHE H 108 -24.06 -42.83 13.29
N ASP H 109 -24.57 -43.91 13.88
CA ASP H 109 -25.21 -44.96 13.09
C ASP H 109 -26.67 -45.14 13.49
N VAL H 110 -27.49 -45.58 12.55
CA VAL H 110 -28.83 -46.06 12.87
C VAL H 110 -28.94 -47.48 12.33
N TRP H 111 -29.34 -48.42 13.15
CA TRP H 111 -29.46 -49.81 12.69
C TRP H 111 -30.88 -50.32 12.79
N GLY H 112 -31.29 -51.15 11.84
CA GLY H 112 -32.58 -51.83 11.93
C GLY H 112 -32.35 -53.08 12.76
N PRO H 113 -33.41 -53.85 13.09
CA PRO H 113 -33.33 -55.10 13.82
C PRO H 113 -32.71 -56.26 13.04
N GLY H 114 -32.76 -56.20 11.71
CA GLY H 114 -32.19 -57.22 10.83
C GLY H 114 -33.12 -58.39 10.56
N VAL H 115 -32.77 -59.18 9.53
CA VAL H 115 -33.51 -60.39 9.14
C VAL H 115 -32.61 -61.59 8.95
N ARG H 116 -33.13 -62.77 9.25
CA ARG H 116 -32.37 -63.99 9.09
C ARG H 116 -32.61 -64.61 7.73
N VAL H 117 -31.55 -64.78 6.96
CA VAL H 117 -31.69 -65.38 5.64
C VAL H 117 -30.88 -66.66 5.52
N THR H 118 -31.58 -67.73 5.14
CA THR H 118 -31.03 -69.07 4.99
C THR H 118 -31.13 -69.61 3.56
N VAL H 119 -30.02 -70.20 3.05
CA VAL H 119 -29.94 -70.81 1.71
C VAL H 119 -30.09 -72.31 1.91
N ASN I 35 -10.76 -36.52 19.89
CA ASN I 35 -9.76 -36.72 18.84
C ASN I 35 -10.07 -35.75 17.67
N LEU I 36 -9.96 -34.43 17.91
CA LEU I 36 -10.23 -33.37 16.93
C LEU I 36 -8.98 -32.68 16.49
N TRP I 37 -9.03 -32.10 15.30
CA TRP I 37 -7.93 -31.37 14.70
C TRP I 37 -8.39 -30.02 14.23
N VAL I 38 -7.46 -29.11 14.13
CA VAL I 38 -7.74 -27.77 13.68
C VAL I 38 -8.09 -27.75 12.20
N THR I 39 -9.17 -27.05 11.86
CA THR I 39 -9.56 -26.82 10.49
C THR I 39 -9.57 -25.31 10.30
N VAL I 40 -8.96 -24.85 9.23
CA VAL I 40 -8.84 -23.45 8.93
C VAL I 40 -9.90 -23.00 7.96
N TYR I 41 -10.57 -21.92 8.29
CA TYR I 41 -11.61 -21.36 7.44
C TYR I 41 -11.27 -19.95 7.03
N TYR I 42 -11.58 -19.61 5.79
CA TYR I 42 -11.38 -18.26 5.29
C TYR I 42 -12.67 -17.74 4.72
N GLY I 43 -13.05 -16.54 5.11
CA GLY I 43 -14.31 -15.95 4.68
C GLY I 43 -15.30 -16.00 5.84
N VAL I 44 -14.79 -16.15 7.05
CA VAL I 44 -15.60 -16.24 8.24
C VAL I 44 -16.26 -14.90 8.54
N PRO I 45 -17.57 -14.82 8.76
CA PRO I 45 -18.33 -13.60 8.97
C PRO I 45 -18.19 -12.98 10.34
N VAL I 46 -17.00 -12.53 10.67
CA VAL I 46 -16.74 -11.87 11.94
C VAL I 46 -16.07 -10.54 11.74
N TRP I 47 -16.13 -9.72 12.77
CA TRP I 47 -15.53 -8.41 12.73
C TRP I 47 -15.12 -7.92 14.08
N LYS I 48 -14.30 -6.89 14.08
CA LYS I 48 -13.89 -6.23 15.30
C LYS I 48 -13.96 -4.74 15.11
N ASP I 49 -14.11 -4.00 16.18
CA ASP I 49 -14.18 -2.55 16.06
C ASP I 49 -12.92 -1.99 15.45
N ALA I 50 -13.06 -1.00 14.57
CA ALA I 50 -11.86 -0.45 13.96
C ALA I 50 -12.04 0.98 13.53
N GLU I 51 -10.94 1.69 13.39
CA GLU I 51 -10.99 3.05 12.91
C GLU I 51 -10.31 3.17 11.58
N THR I 52 -11.05 3.59 10.58
CA THR I 52 -10.49 3.76 9.25
C THR I 52 -10.95 5.03 8.68
N THR I 53 -10.47 5.33 7.50
CA THR I 53 -10.82 6.52 6.77
C THR I 53 -12.04 6.29 5.90
N LEU I 54 -13.02 7.15 6.03
CA LEU I 54 -14.23 7.07 5.24
C LEU I 54 -14.18 8.05 4.11
N PHE I 55 -14.97 7.81 3.09
CA PHE I 55 -15.07 8.74 1.99
C PHE I 55 -16.52 9.14 1.91
N CYS I 56 -16.84 10.30 1.30
CA CYS I 56 -18.22 10.75 1.16
C CYS I 56 -18.71 10.60 -0.27
N ALA I 57 -20.02 10.55 -0.41
CA ALA I 57 -20.70 10.48 -1.68
C ALA I 57 -21.96 11.33 -1.66
N SER I 58 -22.38 11.78 -2.82
CA SER I 58 -23.59 12.60 -2.91
C SER I 58 -24.33 12.35 -4.23
N ASP I 59 -25.60 12.84 -4.36
CA ASP I 59 -26.44 12.69 -5.56
C ASP I 59 -25.88 13.55 -6.72
N LYS I 67 -24.71 23.34 -8.50
CA LYS I 67 -23.44 23.65 -9.12
C LYS I 67 -22.78 24.75 -8.28
N HIS I 68 -21.42 24.73 -8.18
CA HIS I 68 -20.53 25.63 -7.40
C HIS I 68 -20.78 25.49 -5.92
N ASN I 69 -21.24 24.32 -5.55
CA ASN I 69 -21.50 23.96 -4.18
C ASN I 69 -20.33 23.22 -3.63
N VAL I 70 -19.76 23.73 -2.56
CA VAL I 70 -18.56 23.14 -2.02
C VAL I 70 -18.71 21.69 -1.60
N TRP I 71 -19.87 21.31 -1.12
CA TRP I 71 -20.05 19.98 -0.63
C TRP I 71 -20.13 19.05 -1.79
N ALA I 72 -20.86 19.51 -2.81
CA ALA I 72 -21.06 18.71 -4.02
C ALA I 72 -19.78 18.53 -4.78
N THR I 73 -18.94 19.55 -4.77
CA THR I 73 -17.69 19.51 -5.48
C THR I 73 -16.77 18.50 -4.86
N HIS I 74 -16.69 18.52 -3.55
CA HIS I 74 -15.82 17.59 -2.84
C HIS I 74 -16.33 16.13 -2.87
N CYS I 75 -17.62 15.88 -2.55
CA CYS I 75 -18.22 14.54 -2.47
C CYS I 75 -18.65 14.15 -3.88
N CYS I 76 -17.61 13.95 -4.69
CA CYS I 76 -17.67 13.66 -6.10
C CYS I 76 -18.14 12.28 -6.43
N VAL I 77 -18.06 11.39 -5.47
CA VAL I 77 -18.46 10.03 -5.68
C VAL I 77 -19.96 10.01 -5.69
N PRO I 78 -20.63 9.47 -6.71
CA PRO I 78 -22.06 9.40 -6.77
C PRO I 78 -22.60 8.37 -5.83
N THR I 79 -23.79 8.61 -5.33
CA THR I 79 -24.48 7.64 -4.51
C THR I 79 -25.21 6.60 -5.31
N ASP I 80 -25.56 5.54 -4.62
CA ASP I 80 -26.36 4.45 -5.13
C ASP I 80 -27.81 4.88 -5.03
N PRO I 81 -28.56 5.03 -6.13
CA PRO I 81 -29.95 5.47 -6.13
C PRO I 81 -30.86 4.48 -5.43
N ASN I 82 -30.40 3.24 -5.25
CA ASN I 82 -31.20 2.23 -4.62
C ASN I 82 -30.32 1.35 -3.73
N PRO I 83 -29.85 1.89 -2.59
CA PRO I 83 -28.87 1.30 -1.72
C PRO I 83 -29.46 0.11 -1.04
N GLN I 84 -28.60 -0.83 -0.69
CA GLN I 84 -29.06 -2.01 -0.01
C GLN I 84 -28.75 -2.00 1.47
N GLU I 85 -29.51 -2.79 2.19
CA GLU I 85 -29.31 -2.99 3.61
C GLU I 85 -29.55 -4.43 3.98
N ILE I 86 -28.65 -5.01 4.75
CA ILE I 86 -28.81 -6.40 5.16
C ILE I 86 -29.10 -6.56 6.61
N HIS I 87 -30.30 -7.03 6.93
CA HIS I 87 -30.66 -7.18 8.33
C HIS I 87 -29.88 -8.31 8.93
N LEU I 88 -29.34 -8.14 10.12
CA LEU I 88 -28.62 -9.26 10.70
C LEU I 88 -29.47 -9.91 11.78
N GLU I 89 -30.05 -11.04 11.48
CA GLU I 89 -30.89 -11.64 12.49
C GLU I 89 -29.99 -12.27 13.53
N ASN I 90 -30.43 -12.28 14.81
CA ASN I 90 -29.77 -12.87 15.98
C ASN I 90 -28.36 -12.30 16.27
N VAL I 91 -28.13 -10.97 16.04
CA VAL I 91 -26.86 -10.29 16.33
C VAL I 91 -27.06 -9.15 17.28
N THR I 92 -26.35 -9.18 18.39
CA THR I 92 -26.43 -8.10 19.36
C THR I 92 -25.11 -7.40 19.30
N GLU I 93 -25.14 -6.09 19.20
CA GLU I 93 -23.92 -5.32 19.11
C GLU I 93 -23.97 -4.13 20.04
N GLU I 94 -22.82 -3.65 20.47
CA GLU I 94 -22.80 -2.48 21.33
C GLU I 94 -22.31 -1.25 20.61
N PHE I 95 -23.07 -0.18 20.78
CA PHE I 95 -22.77 1.09 20.17
C PHE I 95 -22.47 2.11 21.24
N ASN I 96 -21.60 3.07 20.93
CA ASN I 96 -21.30 4.14 21.87
C ASN I 96 -21.06 5.43 21.11
N MET I 97 -22.06 6.29 21.06
CA MET I 97 -22.01 7.51 20.26
C MET I 97 -20.98 8.52 20.74
N TRP I 98 -20.46 8.34 21.94
CA TRP I 98 -19.53 9.30 22.48
C TRP I 98 -18.10 8.91 22.16
N LYS I 99 -17.92 7.72 21.58
CA LYS I 99 -16.60 7.18 21.25
C LYS I 99 -16.56 6.84 19.77
N ASN I 100 -17.48 7.42 19.04
CA ASN I 100 -17.66 7.15 17.63
C ASN I 100 -16.76 8.02 16.78
N ASN I 101 -15.74 7.39 16.20
CA ASN I 101 -14.69 8.12 15.44
C ASN I 101 -15.30 8.81 14.20
N MET I 102 -16.45 8.32 13.72
CA MET I 102 -17.00 8.81 12.48
C MET I 102 -17.25 10.29 12.65
N VAL I 103 -17.45 10.72 13.90
CA VAL I 103 -17.74 12.10 14.22
C VAL I 103 -16.49 12.89 14.02
N GLU I 104 -15.37 12.35 14.47
CA GLU I 104 -14.11 13.05 14.32
C GLU I 104 -13.75 13.20 12.87
N GLN I 105 -14.02 12.20 12.05
CA GLN I 105 -13.70 12.41 10.66
C GLN I 105 -14.61 13.41 10.04
N MET I 106 -15.90 13.38 10.36
CA MET I 106 -16.76 14.34 9.73
C MET I 106 -16.29 15.74 10.06
N HIS I 107 -15.88 15.95 11.31
CA HIS I 107 -15.42 17.24 11.72
C HIS I 107 -14.19 17.64 10.96
N THR I 108 -13.21 16.76 10.88
CA THR I 108 -11.97 17.11 10.22
C THR I 108 -12.18 17.42 8.75
N ASP I 109 -13.00 16.63 8.07
CA ASP I 109 -13.21 16.88 6.66
C ASP I 109 -13.92 18.18 6.42
N ILE I 110 -14.84 18.55 7.29
CA ILE I 110 -15.52 19.81 7.14
C ILE I 110 -14.56 20.96 7.33
N ILE I 111 -13.66 20.87 8.30
CA ILE I 111 -12.73 21.96 8.51
C ILE I 111 -11.94 22.11 7.24
N SER I 112 -11.50 20.99 6.67
CA SER I 112 -10.72 21.03 5.46
C SER I 112 -11.46 21.69 4.32
N LEU I 113 -12.74 21.38 4.12
CA LEU I 113 -13.41 22.01 3.01
C LEU I 113 -13.43 23.50 3.13
N TRP I 114 -13.66 24.01 4.32
CA TRP I 114 -13.67 25.45 4.43
C TRP I 114 -12.31 26.03 4.16
N ASP I 115 -11.27 25.40 4.66
CA ASP I 115 -9.96 25.96 4.45
C ASP I 115 -9.52 25.89 3.02
N GLN I 116 -9.89 24.84 2.30
CA GLN I 116 -9.51 24.78 0.91
C GLN I 116 -10.36 25.68 0.05
N SER I 117 -11.63 25.81 0.37
CA SER I 117 -12.50 26.60 -0.47
C SER I 117 -12.16 28.06 -0.46
N LEU I 118 -11.61 28.54 0.63
CA LEU I 118 -11.25 29.94 0.69
C LEU I 118 -9.84 30.18 0.18
N LYS I 119 -9.11 29.10 -0.11
CA LYS I 119 -7.72 29.19 -0.51
C LYS I 119 -7.45 30.09 -1.71
N PRO I 120 -8.20 30.01 -2.83
CA PRO I 120 -8.00 30.81 -4.00
C PRO I 120 -8.71 32.18 -4.04
N CYS I 121 -9.33 32.65 -2.93
CA CYS I 121 -10.16 33.85 -2.91
C CYS I 121 -9.34 35.10 -2.58
N VAL I 122 -9.93 36.25 -2.86
CA VAL I 122 -9.31 37.56 -2.68
C VAL I 122 -8.90 37.83 -1.26
N LYS I 123 -7.66 38.28 -1.07
CA LYS I 123 -7.17 38.55 0.26
C LYS I 123 -7.57 39.97 0.58
N LEU I 124 -7.91 40.27 1.81
CA LEU I 124 -8.28 41.62 2.17
C LEU I 124 -7.25 42.34 3.00
N THR I 125 -6.00 41.90 2.96
CA THR I 125 -4.98 42.61 3.70
C THR I 125 -4.97 44.11 3.38
N PRO I 126 -5.09 44.57 2.11
CA PRO I 126 -5.11 45.97 1.73
C PRO I 126 -6.23 46.75 2.40
N LEU I 127 -7.23 46.08 2.91
CA LEU I 127 -8.37 46.71 3.57
C LEU I 127 -8.09 47.12 5.03
N CYS I 128 -7.02 46.59 5.67
CA CYS I 128 -6.70 46.86 7.06
C CYS I 128 -5.97 48.20 7.15
N VAL I 129 -6.78 49.25 7.11
CA VAL I 129 -6.34 50.63 7.13
C VAL I 129 -7.11 51.36 8.19
N THR I 130 -6.65 52.52 8.59
CA THR I 130 -7.43 53.29 9.52
C THR I 130 -8.67 53.79 8.79
N LEU I 131 -9.83 53.62 9.41
CA LEU I 131 -11.10 54.04 8.86
C LEU I 131 -11.58 55.30 9.55
N GLN I 132 -12.29 56.14 8.83
CA GLN I 132 -12.97 57.31 9.40
C GLN I 132 -14.46 57.02 9.40
N CYS I 133 -15.14 56.94 10.58
CA CYS I 133 -16.55 56.49 10.63
C CYS I 133 -17.44 57.40 11.47
N THR I 134 -18.67 57.52 10.99
CA THR I 134 -19.77 58.20 11.67
C THR I 134 -20.92 57.20 11.75
N ASN I 135 -21.95 57.47 12.59
CA ASN I 135 -23.13 56.62 12.74
C ASN I 135 -24.08 56.81 11.56
N VAL I 136 -24.83 55.75 11.18
CA VAL I 136 -25.88 55.84 10.17
C VAL I 136 -27.13 56.23 10.94
N THR I 137 -27.63 57.43 10.67
CA THR I 137 -28.76 58.01 11.40
C THR I 137 -29.97 58.25 10.52
N ASN I 138 -29.92 57.78 9.30
CA ASN I 138 -30.99 58.00 8.34
C ASN I 138 -32.09 56.97 8.42
N ASN I 139 -33.25 57.36 8.94
CA ASN I 139 -34.40 56.46 9.10
C ASN I 139 -34.12 55.23 9.93
N ILE I 140 -33.65 55.42 11.14
CA ILE I 140 -33.26 54.30 11.98
C ILE I 140 -34.28 54.07 13.06
N THR I 141 -34.71 52.83 13.26
CA THR I 141 -35.64 52.60 14.36
C THR I 141 -34.86 52.56 15.65
N ASP I 142 -35.53 52.57 16.79
CA ASP I 142 -34.79 52.63 18.05
C ASP I 142 -33.88 51.44 18.29
N ASP I 143 -34.33 50.28 17.86
CA ASP I 143 -33.65 49.01 18.05
C ASP I 143 -32.33 48.91 17.29
N MET I 144 -32.16 49.75 16.29
CA MET I 144 -30.98 49.76 15.45
C MET I 144 -30.07 50.95 15.67
N ARG I 145 -30.31 51.74 16.70
CA ARG I 145 -29.45 52.88 16.83
C ARG I 145 -28.09 52.42 17.25
N GLY I 146 -27.09 52.87 16.52
CA GLY I 146 -25.71 52.54 16.80
C GLY I 146 -25.23 51.24 16.15
N GLU I 147 -26.12 50.49 15.48
CA GLU I 147 -25.71 49.22 14.88
C GLU I 147 -24.94 49.36 13.59
N LEU I 148 -25.22 50.40 12.83
CA LEU I 148 -24.51 50.56 11.57
C LEU I 148 -23.68 51.79 11.58
N LYS I 149 -22.52 51.67 10.95
CA LYS I 149 -21.63 52.79 10.76
C LYS I 149 -21.30 53.01 9.29
N ASN I 150 -21.14 54.29 8.91
CA ASN I 150 -20.76 54.77 7.59
C ASN I 150 -19.28 55.15 7.63
N CYS I 151 -18.42 54.32 7.03
CA CYS I 151 -16.97 54.45 7.07
C CYS I 151 -16.41 54.83 5.73
N SER I 152 -15.33 55.57 5.74
CA SER I 152 -14.64 55.88 4.52
C SER I 152 -13.16 55.68 4.69
N PHE I 153 -12.53 55.29 3.59
CA PHE I 153 -11.11 55.02 3.60
C PHE I 153 -10.46 55.09 2.22
N ASN I 154 -9.09 55.17 2.19
CA ASN I 154 -8.28 55.13 0.97
C ASN I 154 -7.87 53.69 0.66
N MET I 155 -8.50 53.07 -0.35
CA MET I 155 -8.33 51.68 -0.77
C MET I 155 -7.38 51.64 -1.96
N THR I 156 -6.72 50.52 -2.16
CA THR I 156 -5.83 50.36 -3.30
C THR I 156 -6.66 50.16 -4.53
N THR I 157 -6.03 50.22 -5.68
CA THR I 157 -6.71 49.97 -6.94
C THR I 157 -5.83 49.15 -7.85
N GLU I 158 -6.22 49.01 -9.11
CA GLU I 158 -5.48 48.15 -10.01
C GLU I 158 -4.05 48.61 -10.25
N LEU I 159 -3.77 49.91 -10.16
CA LEU I 159 -2.41 50.37 -10.33
C LEU I 159 -1.83 50.69 -8.98
N ARG I 160 -0.56 50.37 -8.79
CA ARG I 160 0.11 50.59 -7.51
C ARG I 160 0.24 52.03 -7.09
N ASP I 161 0.30 52.96 -8.04
CA ASP I 161 0.44 54.35 -7.70
C ASP I 161 -0.86 55.10 -7.54
N LYS I 162 -1.99 54.41 -7.62
CA LYS I 162 -3.26 55.09 -7.47
C LYS I 162 -4.00 54.62 -6.24
N LYS I 163 -4.82 55.49 -5.69
CA LYS I 163 -5.68 55.17 -4.56
C LYS I 163 -7.07 55.65 -4.86
N GLN I 164 -8.05 55.05 -4.22
CA GLN I 164 -9.42 55.49 -4.42
C GLN I 164 -10.13 55.64 -3.09
N LYS I 165 -11.05 56.59 -3.02
CA LYS I 165 -11.79 56.76 -1.78
C LYS I 165 -13.07 55.95 -1.84
N VAL I 166 -13.25 55.16 -0.82
CA VAL I 166 -14.35 54.23 -0.70
C VAL I 166 -15.22 54.52 0.47
N TYR I 167 -16.52 54.45 0.26
CA TYR I 167 -17.46 54.59 1.35
C TYR I 167 -18.13 53.26 1.46
N SER I 168 -18.35 52.78 2.67
CA SER I 168 -19.03 51.51 2.86
C SER I 168 -19.73 51.41 4.18
N LEU I 169 -20.68 50.50 4.29
CA LEU I 169 -21.34 50.36 5.56
C LEU I 169 -20.88 49.11 6.29
N PHE I 170 -20.69 49.25 7.59
CA PHE I 170 -20.30 48.15 8.43
C PHE I 170 -21.18 47.99 9.64
N TYR I 171 -21.28 46.77 10.11
CA TYR I 171 -21.97 46.51 11.34
C TYR I 171 -20.99 46.80 12.44
N ARG I 172 -21.46 47.29 13.57
CA ARG I 172 -20.51 47.63 14.62
C ARG I 172 -19.73 46.44 15.15
N LEU I 173 -20.23 45.23 15.01
CA LEU I 173 -19.49 44.10 15.55
C LEU I 173 -18.17 43.85 14.84
N ASP I 174 -18.04 44.38 13.63
CA ASP I 174 -16.87 44.19 12.81
C ASP I 174 -15.84 45.30 12.95
N VAL I 175 -16.22 46.40 13.60
CA VAL I 175 -15.37 47.58 13.63
C VAL I 175 -15.09 48.07 15.04
N VAL I 176 -13.82 48.29 15.35
CA VAL I 176 -13.43 48.72 16.68
C VAL I 176 -12.73 50.05 16.70
N GLN I 177 -13.12 50.91 17.63
CA GLN I 177 -12.56 52.25 17.76
C GLN I 177 -11.10 52.23 18.16
N ILE I 178 -10.30 53.10 17.56
CA ILE I 178 -8.87 53.13 17.87
C ILE I 178 -8.53 53.57 19.30
N ASN I 179 -9.15 54.66 19.82
CA ASN I 179 -8.89 55.19 21.17
C ASN I 179 -10.07 56.06 21.61
N ASN I 190 -17.11 61.98 13.64
CA ASN I 190 -16.12 61.24 12.87
C ASN I 190 -14.94 60.83 13.78
N LYS I 191 -14.86 59.52 14.12
CA LYS I 191 -13.81 58.93 14.97
C LYS I 191 -13.07 57.90 14.16
N GLU I 192 -11.84 57.60 14.57
CA GLU I 192 -11.09 56.60 13.85
C GLU I 192 -11.30 55.22 14.40
N TYR I 193 -11.40 54.27 13.48
CA TYR I 193 -11.64 52.85 13.69
C TYR I 193 -10.74 51.95 12.86
N ARG I 194 -10.65 50.70 13.26
CA ARG I 194 -9.96 49.67 12.48
C ARG I 194 -10.84 48.44 12.42
N LEU I 195 -10.57 47.52 11.51
CA LEU I 195 -11.37 46.32 11.52
C LEU I 195 -10.95 45.51 12.71
N ILE I 196 -11.90 44.79 13.26
CA ILE I 196 -11.64 44.03 14.48
C ILE I 196 -10.49 43.06 14.42
N ASN I 197 -10.16 42.56 13.21
CA ASN I 197 -9.17 41.45 13.06
C ASN I 197 -7.72 41.94 12.95
N CYS I 198 -7.48 43.23 12.67
CA CYS I 198 -6.17 43.74 12.29
C CYS I 198 -5.09 43.38 13.30
N ASN I 199 -5.45 43.22 14.55
CA ASN I 199 -4.46 42.87 15.56
C ASN I 199 -4.22 41.34 15.70
N THR I 200 -4.97 40.47 14.96
CA THR I 200 -4.93 39.00 15.05
C THR I 200 -4.54 38.29 13.77
N SER I 201 -5.20 38.59 12.65
CA SER I 201 -4.88 37.88 11.43
C SER I 201 -5.33 38.57 10.18
N ALA I 202 -4.85 38.10 9.05
CA ALA I 202 -5.35 38.60 7.79
C ALA I 202 -6.74 38.04 7.61
N ILE I 203 -7.55 38.70 6.77
CA ILE I 203 -8.98 38.31 6.64
C ILE I 203 -9.30 38.09 5.15
N THR I 204 -9.60 36.85 4.78
CA THR I 204 -9.80 36.43 3.39
C THR I 204 -11.25 36.59 3.00
N GLN I 205 -11.52 37.18 1.85
CA GLN I 205 -12.90 37.33 1.42
C GLN I 205 -13.40 36.03 0.88
N ALA I 206 -14.55 35.59 1.31
CA ALA I 206 -15.07 34.38 0.72
C ALA I 206 -15.49 34.69 -0.68
N CYS I 207 -15.32 33.75 -1.64
CA CYS I 207 -15.72 33.89 -3.02
C CYS I 207 -17.26 33.93 -3.11
N PRO I 208 -17.85 34.96 -3.74
CA PRO I 208 -19.29 35.17 -3.86
C PRO I 208 -19.97 34.15 -4.74
N LYS I 209 -19.18 33.42 -5.50
CA LYS I 209 -19.70 32.44 -6.43
C LYS I 209 -19.75 31.06 -5.82
N VAL I 210 -19.27 30.90 -4.60
CA VAL I 210 -19.24 29.59 -3.98
C VAL I 210 -20.32 29.45 -2.95
N SER I 211 -21.12 28.42 -3.13
CA SER I 211 -22.20 28.13 -2.20
C SER I 211 -21.77 27.16 -1.15
N PHE I 212 -22.14 27.49 0.08
CA PHE I 212 -21.86 26.65 1.22
C PHE I 212 -23.12 25.98 1.73
N GLU I 213 -24.20 26.09 0.96
CA GLU I 213 -25.45 25.50 1.36
C GLU I 213 -25.29 24.01 1.61
N PRO I 214 -25.62 23.49 2.77
CA PRO I 214 -25.53 22.09 3.10
C PRO I 214 -26.35 21.25 2.17
N ILE I 215 -25.85 20.09 1.79
CA ILE I 215 -26.58 19.18 0.94
C ILE I 215 -26.51 17.88 1.72
N PRO I 216 -27.35 16.89 1.50
CA PRO I 216 -27.20 15.62 2.15
C PRO I 216 -25.90 15.00 1.71
N ILE I 217 -25.13 14.46 2.64
CA ILE I 217 -23.88 13.77 2.37
C ILE I 217 -23.88 12.39 2.94
N HIS I 218 -23.47 11.41 2.17
CA HIS I 218 -23.44 10.05 2.67
C HIS I 218 -22.02 9.64 2.98
N TYR I 219 -21.76 9.10 4.17
CA TYR I 219 -20.41 8.64 4.50
C TYR I 219 -20.34 7.14 4.25
N CYS I 220 -19.35 6.70 3.44
CA CYS I 220 -19.19 5.33 2.95
C CYS I 220 -17.87 4.68 3.40
N ALA I 221 -17.94 3.39 3.70
CA ALA I 221 -16.74 2.66 4.11
C ALA I 221 -16.01 2.04 2.91
N PRO I 222 -14.68 1.93 2.97
CA PRO I 222 -13.82 1.27 2.01
C PRO I 222 -13.92 -0.24 2.11
N ALA I 223 -13.49 -0.94 1.07
CA ALA I 223 -13.50 -2.40 1.11
C ALA I 223 -12.71 -2.91 2.29
N GLY I 224 -13.24 -3.95 2.91
CA GLY I 224 -12.64 -4.55 4.09
C GLY I 224 -13.33 -4.06 5.36
N PHE I 225 -14.15 -3.03 5.23
CA PHE I 225 -14.88 -2.43 6.32
C PHE I 225 -16.37 -2.42 6.08
N ALA I 226 -17.11 -2.30 7.16
CA ALA I 226 -18.56 -2.24 7.05
C ALA I 226 -19.13 -1.28 8.06
N ILE I 227 -20.28 -0.69 7.76
CA ILE I 227 -20.91 0.18 8.72
C ILE I 227 -22.13 -0.50 9.27
N LEU I 228 -22.20 -0.59 10.58
CA LEU I 228 -23.33 -1.23 11.18
C LEU I 228 -24.28 -0.17 11.65
N LYS I 229 -25.55 -0.37 11.39
CA LYS I 229 -26.58 0.57 11.79
C LYS I 229 -27.45 0.00 12.89
N CYS I 230 -27.71 0.81 13.94
CA CYS I 230 -28.60 0.48 15.05
C CYS I 230 -30.01 0.98 14.75
N LYS I 231 -30.96 0.06 14.72
CA LYS I 231 -32.33 0.43 14.43
C LYS I 231 -33.25 0.47 15.64
N ASP I 232 -32.77 0.14 16.83
CA ASP I 232 -33.67 0.15 17.96
C ASP I 232 -34.23 1.58 18.05
N LYS I 233 -35.56 1.69 18.06
CA LYS I 233 -36.21 3.01 17.99
C LYS I 233 -35.88 3.98 19.10
N LYS I 234 -35.65 3.48 20.29
CA LYS I 234 -35.36 4.33 21.42
C LYS I 234 -33.92 4.24 21.86
N PHE I 235 -33.04 3.77 20.99
CA PHE I 235 -31.65 3.67 21.38
C PHE I 235 -31.15 5.04 21.86
N ASN I 236 -30.45 5.03 23.01
CA ASN I 236 -30.05 6.25 23.77
C ASN I 236 -28.55 6.54 23.64
N GLY I 237 -27.88 5.93 22.66
CA GLY I 237 -26.48 6.16 22.32
C GLY I 237 -25.47 5.29 23.02
N THR I 238 -25.79 4.68 24.15
CA THR I 238 -24.78 3.88 24.82
C THR I 238 -25.20 2.54 25.33
N GLY I 239 -24.88 1.49 24.60
CA GLY I 239 -25.25 0.17 25.05
C GLY I 239 -25.62 -0.76 23.93
N PRO I 240 -26.05 -1.97 24.28
CA PRO I 240 -26.44 -3.01 23.38
C PRO I 240 -27.60 -2.52 22.56
N CYS I 241 -27.66 -2.95 21.31
CA CYS I 241 -28.67 -2.71 20.32
C CYS I 241 -28.97 -4.07 19.76
N THR I 242 -30.24 -4.45 19.77
CA THR I 242 -30.59 -5.78 19.30
C THR I 242 -31.14 -5.90 17.87
N ASN I 243 -31.63 -4.80 17.27
CA ASN I 243 -32.08 -4.74 15.89
C ASN I 243 -31.02 -3.99 15.09
N VAL I 244 -30.11 -4.71 14.38
CA VAL I 244 -28.99 -4.11 13.64
C VAL I 244 -28.96 -4.59 12.22
N SER I 245 -28.32 -3.81 11.38
CA SER I 245 -28.15 -4.16 9.98
C SER I 245 -26.87 -3.63 9.40
N THR I 246 -26.44 -4.20 8.29
CA THR I 246 -25.23 -3.75 7.64
C THR I 246 -25.52 -2.90 6.43
N VAL I 247 -24.85 -1.75 6.36
CA VAL I 247 -24.98 -0.86 5.23
C VAL I 247 -23.62 -0.48 4.70
N GLN I 248 -23.59 0.01 3.47
CA GLN I 248 -22.34 0.50 2.90
C GLN I 248 -22.05 1.98 3.18
N CYS I 249 -23.13 2.80 3.29
CA CYS I 249 -23.09 4.23 3.49
C CYS I 249 -24.17 4.65 4.47
N THR I 250 -23.97 5.79 5.10
CA THR I 250 -24.95 6.38 5.99
C THR I 250 -26.01 7.01 5.16
N HIS I 251 -27.06 7.47 5.81
CA HIS I 251 -28.13 8.17 5.14
C HIS I 251 -27.57 9.51 4.81
N GLY I 252 -28.34 10.32 4.10
CA GLY I 252 -27.81 11.62 3.76
C GLY I 252 -27.91 12.54 4.95
N ILE I 253 -26.78 12.94 5.45
CA ILE I 253 -26.68 13.80 6.59
C ILE I 253 -26.43 15.18 6.12
N LYS I 254 -27.25 16.12 6.52
CA LYS I 254 -27.03 17.46 6.06
C LYS I 254 -26.13 18.17 7.07
N PRO I 255 -24.93 18.66 6.69
CA PRO I 255 -23.95 19.28 7.55
C PRO I 255 -24.28 20.71 7.90
N VAL I 256 -25.34 20.89 8.66
CA VAL I 256 -25.73 22.21 9.07
C VAL I 256 -24.88 22.61 10.25
N VAL I 257 -24.33 23.80 10.21
CA VAL I 257 -23.50 24.30 11.30
C VAL I 257 -24.25 25.35 12.10
N SER I 258 -24.54 25.06 13.36
CA SER I 258 -25.30 25.96 14.22
C SER I 258 -25.03 25.74 15.71
N THR I 259 -25.42 26.71 16.52
CA THR I 259 -25.27 26.55 17.97
C THR I 259 -26.61 26.55 18.66
N GLN I 260 -26.64 25.96 19.86
CA GLN I 260 -27.80 25.90 20.77
C GLN I 260 -28.98 25.08 20.23
N LEU I 261 -29.48 25.46 19.08
CA LEU I 261 -30.54 24.73 18.43
C LEU I 261 -29.97 24.04 17.22
N LEU I 262 -30.48 22.85 16.94
CA LEU I 262 -30.06 22.07 15.80
C LEU I 262 -31.06 22.19 14.70
N LEU I 263 -30.66 22.71 13.56
CA LEU I 263 -31.60 22.90 12.50
C LEU I 263 -31.46 21.85 11.39
N ASN I 264 -32.61 21.46 10.79
CA ASN I 264 -32.84 20.57 9.65
C ASN I 264 -32.23 19.16 9.81
N GLY I 265 -32.28 18.56 11.03
CA GLY I 265 -31.78 17.21 11.31
C GLY I 265 -32.91 16.21 11.24
N SER I 266 -32.65 15.02 11.73
CA SER I 266 -33.65 13.98 11.73
C SER I 266 -34.49 14.07 12.97
N LEU I 267 -35.73 13.66 12.88
CA LEU I 267 -36.60 13.60 14.04
C LEU I 267 -36.66 12.20 14.61
N ALA I 268 -36.91 12.13 15.90
CA ALA I 268 -37.10 10.89 16.62
C ALA I 268 -38.42 10.31 16.17
N GLU I 269 -38.58 8.99 16.21
CA GLU I 269 -39.84 8.43 15.74
C GLU I 269 -40.96 8.33 16.76
N GLU I 270 -40.63 8.06 18.02
CA GLU I 270 -41.70 7.83 19.01
C GLU I 270 -41.88 8.90 20.06
N GLU I 271 -40.79 9.47 20.52
CA GLU I 271 -40.83 10.42 21.60
C GLU I 271 -39.60 11.25 21.59
N VAL I 272 -39.55 12.26 22.44
CA VAL I 272 -38.33 13.02 22.56
C VAL I 272 -37.29 12.14 23.21
N ILE I 273 -36.12 12.05 22.64
CA ILE I 273 -35.11 11.21 23.25
C ILE I 273 -33.97 12.06 23.75
N ILE I 274 -33.66 11.89 25.02
CA ILE I 274 -32.60 12.66 25.58
C ILE I 274 -31.37 11.80 25.77
N ARG I 275 -30.28 12.22 25.14
CA ARG I 275 -29.06 11.45 25.17
C ARG I 275 -27.92 12.25 25.80
N SER I 276 -27.14 11.60 26.63
CA SER I 276 -25.99 12.24 27.24
C SER I 276 -24.96 11.20 27.57
N GLU I 277 -23.70 11.60 27.71
CA GLU I 277 -22.66 10.66 28.10
C GLU I 277 -22.69 10.21 29.56
N ASN I 278 -22.96 11.15 30.48
CA ASN I 278 -22.95 11.00 31.93
C ASN I 278 -23.96 12.00 32.52
N ILE I 279 -25.24 11.59 32.70
CA ILE I 279 -26.36 12.50 33.01
C ILE I 279 -26.26 13.28 34.34
N THR I 280 -25.58 12.71 35.31
CA THR I 280 -25.46 13.39 36.58
C THR I 280 -24.28 14.35 36.63
N ASN I 281 -23.46 14.32 35.58
CA ASN I 281 -22.25 15.11 35.47
C ASN I 281 -22.50 16.41 34.73
N ASN I 282 -22.35 17.52 35.43
CA ASN I 282 -22.68 18.82 34.88
C ASN I 282 -21.69 19.29 33.83
N ALA I 283 -20.62 18.54 33.65
CA ALA I 283 -19.62 18.88 32.65
C ALA I 283 -20.02 18.37 31.27
N LYS I 284 -21.09 17.61 31.17
CA LYS I 284 -21.47 17.05 29.89
C LYS I 284 -22.66 17.75 29.30
N ASN I 285 -22.76 17.74 27.98
CA ASN I 285 -23.92 18.33 27.34
C ASN I 285 -25.00 17.29 27.15
N ILE I 286 -26.22 17.77 27.09
CA ILE I 286 -27.37 16.94 26.85
C ILE I 286 -27.92 17.20 25.46
N LEU I 287 -28.03 16.17 24.66
CA LEU I 287 -28.54 16.33 23.31
C LEU I 287 -29.97 15.87 23.26
N VAL I 288 -30.86 16.76 22.90
CA VAL I 288 -32.27 16.42 22.88
C VAL I 288 -32.79 16.29 21.47
N GLN I 289 -33.28 15.12 21.12
CA GLN I 289 -33.81 14.91 19.78
C GLN I 289 -35.32 14.95 19.82
N LEU I 290 -35.92 15.85 19.07
CA LEU I 290 -37.36 15.99 19.12
C LEU I 290 -38.00 15.04 18.14
N ASN I 291 -39.28 14.62 18.39
CA ASN I 291 -40.08 13.81 17.44
C ASN I 291 -41.01 14.66 16.55
N GLU I 292 -41.03 16.00 16.74
CA GLU I 292 -41.81 17.00 16.01
C GLU I 292 -40.88 18.16 15.79
N SER I 293 -40.95 18.79 14.63
CA SER I 293 -40.12 19.95 14.40
C SER I 293 -40.82 21.22 14.82
N VAL I 294 -40.04 22.26 15.06
CA VAL I 294 -40.59 23.57 15.35
C VAL I 294 -40.16 24.48 14.22
N GLN I 295 -41.09 25.10 13.56
CA GLN I 295 -40.67 25.93 12.44
C GLN I 295 -40.18 27.27 12.92
N ILE I 296 -39.05 27.71 12.37
CA ILE I 296 -38.49 29.02 12.68
C ILE I 296 -38.28 29.84 11.38
N ASN I 297 -38.84 31.06 11.32
CA ASN I 297 -38.81 31.98 10.17
C ASN I 297 -37.86 33.16 10.43
N CYS I 298 -36.72 33.24 9.71
CA CYS I 298 -35.68 34.25 9.93
C CYS I 298 -35.60 35.22 8.77
N THR I 299 -35.36 36.49 9.11
CA THR I 299 -35.24 37.51 8.10
C THR I 299 -34.30 38.65 8.44
N ARG I 300 -33.79 39.25 7.39
CA ARG I 300 -32.95 40.43 7.41
C ARG I 300 -33.66 41.43 6.51
N PRO I 301 -34.60 42.23 7.04
CA PRO I 301 -35.59 43.04 6.35
C PRO I 301 -35.10 44.18 5.48
N ASN I 302 -33.89 44.64 5.68
CA ASN I 302 -33.40 45.74 4.87
C ASN I 302 -33.04 45.30 3.48
N ASN I 303 -33.26 46.18 2.46
CA ASN I 303 -32.93 45.91 1.06
C ASN I 303 -31.54 46.49 0.77
N ASN I 304 -30.49 45.65 0.85
CA ASN I 304 -29.10 46.11 0.73
C ASN I 304 -28.66 46.20 -0.70
N THR I 305 -27.98 47.29 -1.02
CA THR I 305 -27.42 47.48 -2.34
C THR I 305 -25.96 47.19 -2.25
N VAL I 306 -25.52 46.20 -3.01
CA VAL I 306 -24.15 45.75 -3.00
C VAL I 306 -23.33 46.30 -4.13
N LYS I 307 -22.18 46.83 -3.79
CA LYS I 307 -21.28 47.41 -4.75
C LYS I 307 -19.94 46.72 -4.72
N SER I 308 -19.17 46.84 -5.79
CA SER I 308 -17.86 46.23 -5.78
C SER I 308 -16.82 47.11 -6.41
N ILE I 309 -15.61 46.91 -5.93
CA ILE I 309 -14.40 47.63 -6.32
C ILE I 309 -13.25 46.78 -6.77
N ARG I 310 -12.59 47.20 -7.84
CA ARG I 310 -11.40 46.48 -8.21
C ARG I 310 -10.33 47.05 -7.31
N ILE I 311 -9.67 46.20 -6.54
CA ILE I 311 -8.65 46.61 -5.58
C ILE I 311 -7.28 46.16 -5.99
N GLY I 312 -7.24 45.36 -7.03
CA GLY I 312 -5.99 44.87 -7.58
C GLY I 312 -6.26 44.18 -8.91
N PRO I 313 -5.25 43.63 -9.54
CA PRO I 313 -5.34 43.03 -10.83
C PRO I 313 -6.13 41.75 -10.82
N GLY I 314 -7.43 41.90 -10.99
CA GLY I 314 -8.38 40.79 -10.97
C GLY I 314 -8.92 40.52 -9.58
N GLN I 315 -8.62 41.42 -8.67
CA GLN I 315 -9.03 41.28 -7.29
C GLN I 315 -10.19 42.19 -6.99
N TRP I 316 -11.35 41.60 -6.73
CA TRP I 316 -12.55 42.38 -6.45
C TRP I 316 -13.01 42.28 -5.03
N PHE I 317 -13.38 43.42 -4.49
CA PHE I 317 -13.89 43.58 -3.15
C PHE I 317 -15.35 43.91 -3.11
N TYR I 318 -16.11 43.24 -2.27
CA TYR I 318 -17.54 43.51 -2.19
C TYR I 318 -17.96 44.10 -0.87
N TYR I 319 -18.86 45.05 -0.93
CA TYR I 319 -19.34 45.71 0.28
C TYR I 319 -20.73 46.28 0.12
N THR I 320 -21.39 46.60 1.23
CA THR I 320 -22.69 47.21 1.13
C THR I 320 -22.46 48.67 0.84
N GLY I 321 -23.10 49.13 -0.23
CA GLY I 321 -22.98 50.49 -0.71
C GLY I 321 -23.95 51.36 0.03
N ASP I 322 -25.22 50.97 0.00
CA ASP I 322 -26.23 51.73 0.69
C ASP I 322 -27.37 50.82 1.09
N ILE I 323 -28.35 51.37 1.81
CA ILE I 323 -29.51 50.61 2.23
C ILE I 323 -30.82 51.30 1.90
N ILE I 324 -31.72 50.55 1.30
CA ILE I 324 -33.01 51.05 0.93
C ILE I 324 -34.06 50.64 1.98
N GLY I 325 -34.79 51.63 2.46
CA GLY I 325 -35.82 51.45 3.46
C GLY I 325 -35.35 51.76 4.87
N ASP I 326 -36.29 51.71 5.82
CA ASP I 326 -35.99 52.00 7.22
C ASP I 326 -35.06 50.95 7.73
N ILE I 327 -34.16 51.32 8.62
CA ILE I 327 -33.23 50.34 9.16
C ILE I 327 -33.85 49.63 10.34
N ARG I 328 -33.94 48.31 10.23
CA ARG I 328 -34.61 47.47 11.22
C ARG I 328 -33.80 46.23 11.59
N GLN I 329 -34.06 45.65 12.75
CA GLN I 329 -33.32 44.46 13.15
C GLN I 329 -33.71 43.20 12.43
N ALA I 330 -32.71 42.36 12.22
CA ALA I 330 -32.92 41.03 11.74
C ALA I 330 -33.56 40.30 12.89
N HIS I 331 -34.41 39.35 12.59
CA HIS I 331 -35.09 38.63 13.63
C HIS I 331 -35.59 37.27 13.17
N CYS I 332 -35.92 36.38 14.13
CA CYS I 332 -36.51 35.06 13.87
C CYS I 332 -37.77 34.83 14.69
N ASN I 333 -38.78 34.25 14.05
CA ASN I 333 -40.02 33.93 14.73
C ASN I 333 -40.24 32.42 14.86
N VAL I 334 -40.83 32.00 15.99
CA VAL I 334 -41.35 30.64 16.20
C VAL I 334 -42.76 30.77 16.72
N SER I 335 -43.58 29.77 16.50
CA SER I 335 -44.93 29.78 17.06
C SER I 335 -44.83 29.68 18.56
N LYS I 336 -45.56 30.51 19.28
CA LYS I 336 -45.44 30.45 20.72
C LYS I 336 -46.03 29.17 21.23
N ALA I 337 -47.15 28.76 20.66
CA ALA I 337 -47.78 27.55 21.13
C ALA I 337 -46.94 26.34 20.83
N THR I 338 -46.33 26.31 19.63
CA THR I 338 -45.56 25.14 19.29
C THR I 338 -44.37 25.06 20.20
N TRP I 339 -43.70 26.18 20.41
CA TRP I 339 -42.52 26.17 21.26
C TRP I 339 -42.84 25.69 22.66
N ASN I 340 -43.96 26.16 23.29
CA ASN I 340 -44.31 25.73 24.64
C ASN I 340 -44.63 24.22 24.69
N GLU I 341 -45.33 23.66 23.66
CA GLU I 341 -45.68 22.23 23.60
C GLU I 341 -44.46 21.34 23.50
N THR I 342 -43.47 21.78 22.73
CA THR I 342 -42.29 20.97 22.57
C THR I 342 -41.34 21.15 23.70
N LEU I 343 -41.63 22.06 24.62
CA LEU I 343 -40.71 22.22 25.71
C LEU I 343 -41.25 21.31 26.78
N GLY I 344 -42.57 21.24 26.92
CA GLY I 344 -43.18 20.39 27.93
C GLY I 344 -42.78 18.94 27.71
N LYS I 345 -42.63 18.54 26.44
CA LYS I 345 -42.24 17.17 26.12
C LYS I 345 -40.84 16.87 26.66
N VAL I 346 -39.96 17.86 26.60
CA VAL I 346 -38.59 17.74 27.06
C VAL I 346 -38.58 17.61 28.55
N VAL I 347 -39.40 18.40 29.18
CA VAL I 347 -39.47 18.42 30.62
C VAL I 347 -39.89 17.06 31.16
N LYS I 348 -40.90 16.45 30.56
CA LYS I 348 -41.30 15.17 31.09
C LYS I 348 -40.18 14.15 30.98
N GLN I 349 -39.45 14.17 29.87
CA GLN I 349 -38.39 13.21 29.73
C GLN I 349 -37.25 13.47 30.70
N LEU I 350 -36.99 14.74 31.01
CA LEU I 350 -35.97 15.04 32.00
C LEU I 350 -36.38 14.52 33.38
N ARG I 351 -37.67 14.59 33.71
CA ARG I 351 -38.10 14.10 35.02
C ARG I 351 -37.77 12.63 35.17
N LYS I 352 -37.76 11.87 34.08
CA LYS I 352 -37.41 10.46 34.20
C LYS I 352 -36.00 10.21 34.75
N HIS I 353 -35.12 11.20 34.68
CA HIS I 353 -33.78 11.05 35.22
C HIS I 353 -33.59 11.76 36.55
N PHE I 354 -34.44 12.74 36.85
CA PHE I 354 -34.24 13.51 38.07
C PHE I 354 -35.28 13.27 39.19
N GLY I 355 -36.47 12.79 38.83
CA GLY I 355 -37.57 12.55 39.76
C GLY I 355 -38.90 13.22 39.35
N ASN I 356 -40.04 12.59 39.73
CA ASN I 356 -41.39 13.03 39.35
C ASN I 356 -41.88 14.28 40.12
N ASN I 357 -41.12 14.73 41.14
CA ASN I 357 -41.40 15.89 41.96
C ASN I 357 -40.30 16.92 41.86
N THR I 358 -39.44 16.82 40.86
CA THR I 358 -38.39 17.82 40.77
C THR I 358 -38.90 18.97 39.95
N ILE I 359 -38.19 20.08 39.99
CA ILE I 359 -38.62 21.23 39.21
C ILE I 359 -37.63 21.56 38.14
N ILE I 360 -38.13 21.73 36.93
CA ILE I 360 -37.26 22.03 35.82
C ILE I 360 -37.39 23.46 35.36
N ARG I 361 -36.30 24.19 35.46
CA ARG I 361 -36.32 25.57 35.08
C ARG I 361 -35.42 25.83 33.92
N PHE I 362 -35.92 26.57 32.97
CA PHE I 362 -35.14 26.95 31.82
C PHE I 362 -34.75 28.38 31.91
N ALA I 363 -33.45 28.57 31.91
CA ALA I 363 -32.81 29.85 32.01
C ALA I 363 -32.11 30.10 30.69
N ASN I 364 -31.77 31.36 30.39
CA ASN I 364 -31.04 31.73 29.17
C ASN I 364 -29.56 31.41 29.37
N SER I 365 -28.71 31.63 28.34
CA SER I 365 -27.29 31.28 28.37
C SER I 365 -26.55 32.11 29.41
N SER I 366 -25.46 31.56 29.92
CA SER I 366 -24.74 32.18 31.02
C SER I 366 -23.78 33.32 30.70
N GLY I 367 -23.30 33.43 29.49
CA GLY I 367 -22.35 34.48 29.18
C GLY I 367 -21.19 33.96 28.36
N GLY I 368 -20.24 34.83 28.07
CA GLY I 368 -19.12 34.47 27.21
C GLY I 368 -19.32 35.06 25.82
N ASP I 369 -18.60 34.51 24.86
CA ASP I 369 -18.53 35.01 23.51
C ASP I 369 -19.86 34.95 22.77
N LEU I 370 -20.10 35.88 21.85
CA LEU I 370 -21.35 35.93 21.09
C LEU I 370 -21.62 34.59 20.41
N GLU I 371 -20.57 33.96 19.95
CA GLU I 371 -20.65 32.70 19.24
C GLU I 371 -21.23 31.55 20.05
N VAL I 372 -21.22 31.64 21.38
CA VAL I 372 -21.78 30.59 22.21
C VAL I 372 -22.99 31.05 23.02
N THR I 373 -23.14 32.37 23.23
CA THR I 373 -24.25 32.85 24.00
C THR I 373 -25.50 32.98 23.17
N THR I 374 -25.33 33.09 21.86
CA THR I 374 -26.44 33.18 20.93
C THR I 374 -26.52 31.97 20.04
N HIS I 375 -27.63 31.90 19.32
CA HIS I 375 -27.92 30.89 18.33
C HIS I 375 -27.41 31.36 17.01
N SER I 376 -26.35 30.74 16.53
CA SER I 376 -25.81 31.20 15.29
C SER I 376 -26.18 30.28 14.18
N PHE I 377 -26.30 30.85 13.00
CA PHE I 377 -26.56 30.11 11.78
C PHE I 377 -26.27 30.92 10.52
N ASN I 378 -26.15 30.21 9.42
CA ASN I 378 -25.95 30.79 8.10
C ASN I 378 -27.27 30.75 7.30
N CYS I 379 -27.92 31.92 7.06
CA CYS I 379 -29.23 32.08 6.42
C CYS I 379 -29.09 32.87 5.12
N GLY I 380 -29.17 32.17 4.01
CA GLY I 380 -29.06 32.83 2.73
C GLY I 380 -27.63 33.17 2.37
N GLY I 381 -26.71 32.77 3.24
CA GLY I 381 -25.31 33.09 3.10
C GLY I 381 -24.92 34.16 4.11
N GLU I 382 -25.91 34.74 4.81
CA GLU I 382 -25.62 35.76 5.80
C GLU I 382 -25.40 35.12 7.17
N PHE I 383 -24.63 35.78 8.03
CA PHE I 383 -24.37 35.22 9.36
C PHE I 383 -25.09 35.90 10.52
N PHE I 384 -26.00 35.13 11.12
CA PHE I 384 -26.88 35.55 12.19
C PHE I 384 -26.47 35.04 13.55
N TYR I 385 -26.65 35.89 14.55
CA TYR I 385 -26.45 35.62 15.98
C TYR I 385 -27.69 36.01 16.79
N CYS I 386 -28.63 35.08 17.01
CA CYS I 386 -29.97 35.33 17.58
C CYS I 386 -30.02 35.12 19.09
N ASN I 387 -30.71 36.02 19.75
CA ASN I 387 -30.89 35.98 21.18
C ASN I 387 -32.08 35.08 21.55
N THR I 388 -31.79 33.93 22.21
CA THR I 388 -32.72 32.86 22.58
C THR I 388 -33.24 33.02 24.00
N SER I 389 -33.02 34.17 24.59
CA SER I 389 -33.51 34.46 25.93
C SER I 389 -35.02 34.41 25.96
N GLY I 390 -35.64 34.59 24.81
CA GLY I 390 -37.09 34.55 24.69
C GLY I 390 -37.62 33.13 24.60
N LEU I 391 -36.74 32.15 24.46
CA LEU I 391 -37.15 30.76 24.37
C LEU I 391 -36.94 30.01 25.68
N PHE I 392 -35.93 30.43 26.44
CA PHE I 392 -35.59 29.72 27.67
C PHE I 392 -35.79 30.62 28.89
N ASN I 393 -37.09 30.80 29.26
CA ASN I 393 -37.56 31.69 30.32
C ASN I 393 -38.85 31.11 30.94
N SER I 394 -38.74 29.95 31.65
CA SER I 394 -39.92 29.26 32.25
C SER I 394 -39.58 28.32 33.39
N THR I 395 -40.56 28.04 34.24
CA THR I 395 -40.38 27.02 35.29
C THR I 395 -41.49 26.00 35.19
N TRP I 396 -41.11 24.74 35.13
CA TRP I 396 -42.05 23.65 35.00
C TRP I 396 -42.21 22.79 36.24
N ILE I 397 -43.39 22.87 36.83
CA ILE I 397 -43.69 22.16 38.07
C ILE I 397 -44.83 21.17 37.87
N SER I 398 -44.60 19.90 38.29
CA SER I 398 -45.52 18.75 38.21
C SER I 398 -46.95 19.10 38.63
N ASN I 411 -52.78 32.02 18.32
CA ASN I 411 -51.82 32.11 17.22
C ASN I 411 -50.80 33.25 17.47
N ASP I 412 -50.09 33.18 18.62
CA ASP I 412 -49.06 34.16 19.01
C ASP I 412 -47.68 33.68 18.57
N SER I 413 -46.66 34.47 18.84
CA SER I 413 -45.30 34.11 18.43
C SER I 413 -44.23 34.69 19.31
N ILE I 414 -43.07 34.10 19.21
CA ILE I 414 -41.91 34.59 19.94
C ILE I 414 -40.94 35.17 18.97
N THR I 415 -40.58 36.43 19.16
CA THR I 415 -39.62 37.07 18.26
C THR I 415 -38.28 37.16 18.92
N LEU I 416 -37.29 36.64 18.25
CA LEU I 416 -35.93 36.64 18.71
C LEU I 416 -35.18 37.69 17.91
N PRO I 417 -34.61 38.72 18.51
CA PRO I 417 -33.86 39.73 17.81
C PRO I 417 -32.57 39.04 17.41
N CYS I 418 -31.94 39.44 16.28
CA CYS I 418 -30.68 38.88 15.79
C CYS I 418 -29.67 39.95 15.35
N ARG I 419 -28.41 39.67 15.58
CA ARG I 419 -27.34 40.53 15.09
C ARG I 419 -26.70 39.92 13.87
N ILE I 420 -26.17 40.77 13.01
CA ILE I 420 -25.46 40.33 11.81
C ILE I 420 -23.99 40.68 11.93
N LYS I 421 -23.13 39.73 11.59
CA LYS I 421 -21.69 39.95 11.68
C LYS I 421 -21.01 39.50 10.39
N GLN I 422 -20.16 40.34 9.77
CA GLN I 422 -19.50 39.95 8.53
C GLN I 422 -18.11 39.34 8.68
N ILE I 423 -17.43 39.61 9.79
CA ILE I 423 -16.10 39.03 9.91
C ILE I 423 -16.19 37.87 10.88
N ILE I 424 -16.02 36.69 10.34
CA ILE I 424 -16.25 35.46 11.06
C ILE I 424 -15.04 34.63 11.39
N ASN I 425 -14.89 34.28 12.67
CA ASN I 425 -13.84 33.38 13.09
C ASN I 425 -14.46 32.01 13.17
N MET I 426 -14.24 31.22 12.14
CA MET I 426 -14.94 29.96 12.02
C MET I 426 -14.21 28.84 12.78
N TRP I 427 -15.01 27.95 13.36
CA TRP I 427 -14.60 26.73 14.06
C TRP I 427 -13.82 26.90 15.33
N GLN I 428 -14.13 27.93 16.11
CA GLN I 428 -13.44 28.12 17.39
C GLN I 428 -11.93 28.14 17.26
N ARG I 429 -11.45 28.96 16.34
CA ARG I 429 -10.03 29.10 16.09
C ARG I 429 -9.66 30.54 16.20
N ILE I 430 -8.40 30.81 16.44
CA ILE I 430 -7.96 32.19 16.51
C ILE I 430 -7.21 32.51 15.24
N GLY I 431 -7.67 33.53 14.56
CA GLY I 431 -7.10 33.93 13.30
C GLY I 431 -7.76 33.15 12.18
N GLN I 432 -7.20 33.25 10.98
CA GLN I 432 -7.80 32.62 9.80
C GLN I 432 -9.23 33.08 9.62
N ALA I 433 -9.46 34.36 9.81
CA ALA I 433 -10.78 34.95 9.68
C ALA I 433 -11.22 35.08 8.25
N MET I 434 -12.54 35.05 8.07
CA MET I 434 -13.09 35.26 6.75
C MET I 434 -14.08 36.39 6.71
N TYR I 435 -14.16 37.04 5.56
CA TYR I 435 -15.13 38.08 5.36
C TYR I 435 -16.25 37.56 4.51
N ALA I 436 -17.45 37.72 5.01
CA ALA I 436 -18.62 37.29 4.29
C ALA I 436 -19.14 38.44 3.45
N PRO I 437 -19.12 38.38 2.12
CA PRO I 437 -19.58 39.44 1.28
C PRO I 437 -21.04 39.63 1.60
N PRO I 438 -21.59 40.82 1.46
CA PRO I 438 -22.97 41.15 1.65
C PRO I 438 -23.76 40.61 0.51
N ILE I 439 -25.03 40.39 0.77
CA ILE I 439 -25.94 39.87 -0.22
C ILE I 439 -26.99 40.86 -0.68
N GLN I 440 -27.05 41.02 -1.99
CA GLN I 440 -27.98 41.93 -2.62
C GLN I 440 -29.41 41.55 -2.33
N GLY I 441 -30.21 42.52 -1.90
CA GLY I 441 -31.60 42.24 -1.63
C GLY I 441 -31.94 42.03 -0.17
N VAL I 442 -33.04 41.31 0.05
CA VAL I 442 -33.62 41.07 1.37
C VAL I 442 -33.54 39.58 1.63
N ILE I 443 -33.13 39.20 2.83
CA ILE I 443 -32.97 37.77 3.11
C ILE I 443 -34.04 37.16 3.95
N ARG I 444 -34.55 36.04 3.49
CA ARG I 444 -35.51 35.28 4.25
C ARG I 444 -35.24 33.79 4.08
N CYS I 445 -35.36 33.00 5.17
CA CYS I 445 -35.23 31.54 5.15
C CYS I 445 -36.13 30.96 6.23
N VAL I 446 -36.51 29.71 6.02
CA VAL I 446 -37.30 29.00 7.01
C VAL I 446 -36.66 27.67 7.33
N SER I 447 -36.46 27.41 8.61
CA SER I 447 -35.81 26.18 9.04
C SER I 447 -36.67 25.36 10.02
N ASN I 448 -36.36 24.05 10.14
CA ASN I 448 -36.97 23.09 11.08
C ASN I 448 -36.05 22.89 12.29
N ILE I 449 -36.48 23.24 13.52
CA ILE I 449 -35.68 22.98 14.73
C ILE I 449 -35.97 21.55 15.08
N THR I 450 -34.95 20.71 15.09
CA THR I 450 -35.12 19.29 15.32
C THR I 450 -34.48 18.82 16.60
N GLY I 451 -33.88 19.74 17.32
CA GLY I 451 -33.21 19.37 18.56
C GLY I 451 -32.59 20.54 19.28
N LEU I 452 -32.14 20.25 20.49
CA LEU I 452 -31.52 21.22 21.38
C LEU I 452 -30.22 20.74 22.00
N ILE I 453 -29.31 21.66 22.30
CA ILE I 453 -28.18 21.31 23.13
C ILE I 453 -28.30 22.04 24.44
N LEU I 454 -28.46 21.29 25.51
CA LEU I 454 -28.67 21.86 26.83
C LEU I 454 -27.61 21.48 27.82
N THR I 455 -27.41 22.33 28.80
CA THR I 455 -26.50 22.00 29.87
C THR I 455 -27.27 22.12 31.15
N ARG I 456 -26.76 21.53 32.21
CA ARG I 456 -27.43 21.62 33.50
C ARG I 456 -26.50 22.28 34.50
N ASP I 457 -27.01 23.26 35.21
CA ASP I 457 -26.22 23.98 36.21
C ASP I 457 -25.81 23.05 37.32
N GLY I 458 -24.58 23.20 37.80
CA GLY I 458 -24.19 22.38 38.92
C GLY I 458 -24.73 22.96 40.20
N GLY I 459 -24.92 22.11 41.19
CA GLY I 459 -25.36 22.56 42.49
C GLY I 459 -25.81 21.38 43.32
N SER I 460 -26.09 21.65 44.59
CA SER I 460 -26.55 20.66 45.54
C SER I 460 -27.99 20.34 45.27
N THR I 461 -28.48 19.20 45.78
CA THR I 461 -29.87 18.85 45.55
C THR I 461 -30.78 19.96 46.00
N ASN I 462 -30.54 20.49 47.19
CA ASN I 462 -31.28 21.61 47.72
C ASN I 462 -32.79 21.46 47.58
N SER I 463 -33.38 22.37 46.80
CA SER I 463 -34.81 22.48 46.58
C SER I 463 -35.35 21.49 45.56
N THR I 464 -34.42 20.80 44.89
CA THR I 464 -34.64 19.84 43.81
C THR I 464 -34.98 20.54 42.50
N THR I 465 -34.88 21.87 42.49
CA THR I 465 -35.05 22.58 41.24
C THR I 465 -33.72 22.54 40.51
N GLU I 466 -33.76 22.11 39.26
CA GLU I 466 -32.61 22.03 38.39
C GLU I 466 -32.75 23.09 37.34
N THR I 467 -31.64 23.71 36.95
CA THR I 467 -31.68 24.72 35.91
C THR I 467 -30.95 24.26 34.69
N PHE I 468 -31.62 24.38 33.57
CA PHE I 468 -31.07 24.00 32.30
C PHE I 468 -30.90 25.22 31.43
N ARG I 469 -29.82 25.24 30.66
CA ARG I 469 -29.54 26.37 29.80
C ARG I 469 -29.10 25.91 28.42
N PRO I 470 -29.24 26.72 27.38
CA PRO I 470 -28.66 26.46 26.07
C PRO I 470 -27.16 26.36 26.15
N GLY I 471 -26.59 25.43 25.41
CA GLY I 471 -25.14 25.27 25.35
C GLY I 471 -24.66 24.91 23.95
N GLY I 472 -23.55 24.18 23.89
CA GLY I 472 -22.97 23.81 22.61
C GLY I 472 -21.86 24.77 22.19
N GLY I 473 -21.58 24.81 20.88
CA GLY I 473 -20.48 25.58 20.30
C GLY I 473 -19.40 24.66 19.76
N ASP I 474 -19.36 23.44 20.27
CA ASP I 474 -18.44 22.43 19.78
C ASP I 474 -19.19 21.67 18.74
N MET I 475 -18.84 21.89 17.50
CA MET I 475 -19.60 21.38 16.37
C MET I 475 -19.67 19.87 16.33
N ARG I 476 -18.74 19.20 16.99
CA ARG I 476 -18.80 17.76 16.94
C ARG I 476 -20.08 17.26 17.56
N ASP I 477 -20.64 18.00 18.52
CA ASP I 477 -21.84 17.58 19.17
C ASP I 477 -23.04 17.67 18.26
N ASN I 478 -22.94 18.43 17.18
CA ASN I 478 -24.06 18.51 16.29
C ASN I 478 -24.06 17.25 15.46
N TRP I 479 -22.88 16.93 14.93
CA TRP I 479 -22.64 15.70 14.12
C TRP I 479 -23.16 14.49 14.91
N ARG I 480 -22.81 14.40 16.19
CA ARG I 480 -23.10 13.22 16.98
C ARG I 480 -24.58 12.89 16.92
N SER I 481 -25.44 13.87 16.62
CA SER I 481 -26.87 13.60 16.64
C SER I 481 -27.33 12.86 15.41
N GLU I 482 -26.51 12.79 14.37
CA GLU I 482 -26.88 12.07 13.15
C GLU I 482 -26.11 10.76 13.04
N LEU I 483 -24.90 10.75 13.55
CA LEU I 483 -24.04 9.59 13.45
C LEU I 483 -24.14 8.64 14.62
N TYR I 484 -25.03 8.92 15.55
CA TYR I 484 -25.14 8.11 16.76
C TYR I 484 -25.53 6.67 16.50
N LYS I 485 -26.18 6.40 15.39
CA LYS I 485 -26.62 5.06 15.12
C LYS I 485 -25.64 4.28 14.26
N TYR I 486 -24.50 4.86 13.89
CA TYR I 486 -23.59 4.11 13.03
C TYR I 486 -22.29 3.73 13.68
N LYS I 487 -21.80 2.55 13.36
CA LYS I 487 -20.51 2.10 13.86
C LYS I 487 -19.64 1.52 12.75
N VAL I 488 -18.34 1.73 12.81
CA VAL I 488 -17.47 1.15 11.79
C VAL I 488 -16.67 -0.02 12.31
N VAL I 489 -16.74 -1.14 11.60
CA VAL I 489 -16.01 -2.32 12.00
C VAL I 489 -15.17 -2.85 10.86
N LYS I 490 -14.15 -3.61 11.20
CA LYS I 490 -13.27 -4.25 10.24
C LYS I 490 -13.59 -5.71 10.12
N ILE I 491 -13.60 -6.22 8.90
CA ILE I 491 -13.87 -7.63 8.70
C ILE I 491 -12.61 -8.43 8.86
N GLU I 492 -12.71 -9.51 9.61
CA GLU I 492 -11.58 -10.42 9.88
C GLU I 492 -11.88 -11.85 9.44
N PRO I 493 -11.66 -12.20 8.15
CA PRO I 493 -11.99 -13.45 7.50
C PRO I 493 -11.36 -14.75 7.98
N LEU I 494 -10.27 -14.72 8.72
CA LEU I 494 -9.72 -16.00 9.15
C LEU I 494 -10.22 -16.46 10.47
N GLY I 495 -10.34 -17.76 10.60
CA GLY I 495 -10.64 -18.33 11.87
C GLY I 495 -10.39 -19.81 11.83
N VAL I 496 -10.34 -20.42 12.99
CA VAL I 496 -10.10 -21.82 13.07
C VAL I 496 -11.12 -22.41 13.99
N ALA I 497 -11.35 -23.70 13.87
CA ALA I 497 -12.23 -24.42 14.77
C ALA I 497 -11.88 -25.88 14.69
N PRO I 498 -12.12 -26.69 15.71
CA PRO I 498 -11.91 -28.10 15.65
C PRO I 498 -12.95 -28.80 14.84
N THR I 499 -12.53 -29.82 14.12
CA THR I 499 -13.44 -30.72 13.39
C THR I 499 -12.83 -32.11 13.44
N ARG I 500 -13.51 -33.07 12.84
CA ARG I 500 -12.96 -34.42 12.77
C ARG I 500 -12.04 -34.69 11.56
N CYS I 501 -11.77 -33.67 10.71
CA CYS I 501 -10.99 -33.76 9.49
C CYS I 501 -9.49 -33.75 9.79
N LYS I 502 -8.75 -34.58 9.09
CA LYS I 502 -7.32 -34.58 9.22
C LYS I 502 -6.73 -34.51 7.83
N ARG I 503 -5.65 -33.78 7.68
CA ARG I 503 -4.97 -33.67 6.40
C ARG I 503 -4.32 -35.00 6.03
N ARG I 504 -4.45 -35.44 4.75
CA ARG I 504 -3.83 -36.67 4.24
C ARG I 504 -3.23 -36.39 2.87
N GLY J 523 -26.90 -12.45 1.68
CA GLY J 523 -26.02 -11.35 1.39
C GLY J 523 -24.86 -11.32 2.37
N PHE J 524 -23.98 -10.31 2.22
CA PHE J 524 -22.78 -10.07 3.04
C PHE J 524 -23.11 -9.89 4.52
N LEU J 525 -22.48 -10.71 5.34
CA LEU J 525 -22.68 -10.83 6.78
C LEU J 525 -24.07 -11.29 7.15
N GLY J 526 -24.84 -11.80 6.21
CA GLY J 526 -26.17 -12.26 6.53
C GLY J 526 -26.14 -13.39 7.53
N ALA J 527 -25.08 -14.18 7.48
CA ALA J 527 -24.89 -15.33 8.34
C ALA J 527 -24.25 -14.97 9.67
N ALA J 528 -24.02 -13.71 9.94
CA ALA J 528 -23.33 -13.36 11.18
C ALA J 528 -24.04 -13.90 12.41
N GLY J 529 -25.36 -13.96 12.42
CA GLY J 529 -26.06 -14.48 13.60
C GLY J 529 -26.35 -15.98 13.52
N SER J 530 -25.89 -16.64 12.47
CA SER J 530 -26.16 -18.04 12.27
C SER J 530 -25.15 -18.87 13.00
N THR J 531 -25.40 -20.14 13.12
CA THR J 531 -24.46 -20.98 13.81
C THR J 531 -23.26 -21.17 12.95
N MET J 532 -22.17 -21.63 13.54
CA MET J 532 -20.95 -21.83 12.78
C MET J 532 -21.15 -22.80 11.66
N GLY J 533 -21.91 -23.85 11.88
CA GLY J 533 -22.14 -24.78 10.82
C GLY J 533 -22.81 -24.10 9.66
N ALA J 534 -23.92 -23.44 9.93
CA ALA J 534 -24.67 -22.78 8.87
C ALA J 534 -23.89 -21.68 8.18
N ALA J 535 -23.10 -20.96 8.94
CA ALA J 535 -22.35 -19.85 8.44
C ALA J 535 -21.16 -20.28 7.62
N SER J 536 -20.70 -21.51 7.79
CA SER J 536 -19.56 -21.98 7.03
C SER J 536 -19.95 -22.15 5.58
N MET J 537 -21.22 -22.12 5.27
CA MET J 537 -21.65 -22.28 3.89
C MET J 537 -21.70 -20.97 3.12
N THR J 538 -21.37 -19.84 3.77
CA THR J 538 -21.41 -18.52 3.13
C THR J 538 -20.04 -17.88 3.04
N LEU J 539 -18.99 -18.68 3.13
CA LEU J 539 -17.66 -18.12 3.15
C LEU J 539 -17.34 -17.36 1.88
N THR J 540 -17.86 -17.81 0.77
CA THR J 540 -17.55 -17.18 -0.48
C THR J 540 -18.07 -15.74 -0.53
N VAL J 541 -19.28 -15.48 -0.04
CA VAL J 541 -19.78 -14.12 -0.17
C VAL J 541 -18.96 -13.18 0.68
N GLN J 542 -18.44 -13.65 1.79
CA GLN J 542 -17.64 -12.76 2.57
C GLN J 542 -16.33 -12.48 1.86
N ALA J 543 -15.74 -13.51 1.24
CA ALA J 543 -14.46 -13.36 0.58
C ALA J 543 -14.51 -12.37 -0.56
N ARG J 544 -15.62 -12.32 -1.26
CA ARG J 544 -15.75 -11.44 -2.39
C ARG J 544 -15.86 -9.98 -2.05
N ASN J 545 -16.07 -9.65 -0.80
CA ASN J 545 -16.22 -8.25 -0.43
C ASN J 545 -14.96 -7.67 0.16
N LEU J 546 -13.85 -8.37 0.05
CA LEU J 546 -12.60 -7.84 0.58
C LEU J 546 -11.87 -6.96 -0.43
N LEU J 547 -12.04 -7.23 -1.71
CA LEU J 547 -11.35 -6.43 -2.73
C LEU J 547 -12.22 -5.38 -3.45
N SER J 548 -13.55 -5.64 -3.59
CA SER J 548 -14.54 -4.82 -4.32
C SER J 548 -14.03 -4.37 -5.70
N ASP J 570 -7.14 18.53 -4.98
CA ASP J 570 -7.17 18.26 -3.55
C ASP J 570 -6.15 17.13 -3.23
N THR J 571 -4.89 17.53 -2.97
CA THR J 571 -3.76 16.64 -2.65
C THR J 571 -4.00 15.85 -1.39
N HIS J 572 -4.51 16.52 -0.38
CA HIS J 572 -4.73 15.90 0.89
C HIS J 572 -5.69 14.75 0.77
N TRP J 573 -6.82 14.98 0.11
CA TRP J 573 -7.79 13.93 -0.03
C TRP J 573 -7.20 12.78 -0.82
N GLY J 574 -6.49 13.07 -1.91
CA GLY J 574 -5.93 12.02 -2.72
C GLY J 574 -4.97 11.12 -1.94
N ILE J 575 -4.16 11.71 -1.07
CA ILE J 575 -3.26 10.87 -0.29
C ILE J 575 -4.04 9.99 0.65
N LYS J 576 -5.07 10.54 1.32
CA LYS J 576 -5.84 9.70 2.23
C LYS J 576 -6.43 8.51 1.53
N GLN J 577 -6.94 8.70 0.32
CA GLN J 577 -7.54 7.59 -0.37
C GLN J 577 -6.52 6.57 -0.82
N LEU J 578 -5.33 7.00 -1.23
CA LEU J 578 -4.36 6.02 -1.61
C LEU J 578 -3.93 5.22 -0.42
N GLN J 579 -3.78 5.89 0.72
CA GLN J 579 -3.44 5.22 2.01
C GLN J 579 -4.40 4.06 2.22
N ALA J 580 -5.71 4.32 2.11
CA ALA J 580 -6.73 3.34 2.40
C ALA J 580 -6.71 2.17 1.44
N ARG J 581 -6.46 2.44 0.18
CA ARG J 581 -6.45 1.39 -0.82
C ARG J 581 -5.25 0.49 -0.66
N VAL J 582 -4.11 1.07 -0.36
CA VAL J 582 -2.92 0.27 -0.19
C VAL J 582 -3.09 -0.62 0.99
N LEU J 583 -3.64 -0.12 2.09
CA LEU J 583 -3.78 -0.97 3.23
C LEU J 583 -4.72 -2.11 2.97
N ALA J 584 -5.81 -1.90 2.25
CA ALA J 584 -6.68 -3.04 2.01
C ALA J 584 -5.93 -4.13 1.28
N VAL J 585 -5.07 -3.75 0.34
CA VAL J 585 -4.31 -4.75 -0.39
C VAL J 585 -3.33 -5.44 0.52
N GLU J 586 -2.64 -4.69 1.37
CA GLU J 586 -1.68 -5.33 2.24
C GLU J 586 -2.33 -6.33 3.18
N HIS J 587 -3.51 -6.01 3.70
CA HIS J 587 -4.14 -6.95 4.61
C HIS J 587 -4.55 -8.19 3.88
N TYR J 588 -5.06 -8.04 2.67
CA TYR J 588 -5.46 -9.17 1.88
C TYR J 588 -4.29 -10.10 1.68
N LEU J 589 -3.16 -9.53 1.27
CA LEU J 589 -2.02 -10.35 0.99
C LEU J 589 -1.48 -11.02 2.22
N ARG J 590 -1.55 -10.39 3.39
CA ARG J 590 -1.05 -11.06 4.58
C ARG J 590 -1.86 -12.29 4.88
N ASP J 591 -3.18 -12.24 4.69
CA ASP J 591 -3.96 -13.44 4.96
C ASP J 591 -3.63 -14.51 3.97
N GLN J 592 -3.41 -14.12 2.73
CA GLN J 592 -3.10 -15.14 1.75
C GLN J 592 -1.75 -15.75 2.02
N GLN J 593 -0.80 -14.97 2.51
CA GLN J 593 0.48 -15.54 2.80
C GLN J 593 0.38 -16.52 3.93
N LEU J 594 -0.41 -16.22 4.97
CA LEU J 594 -0.50 -17.17 6.06
C LEU J 594 -1.10 -18.45 5.61
N LEU J 595 -2.09 -18.38 4.76
CA LEU J 595 -2.66 -19.62 4.34
C LEU J 595 -1.62 -20.42 3.56
N GLY J 596 -0.84 -19.75 2.73
CA GLY J 596 0.18 -20.46 1.98
C GLY J 596 1.21 -21.13 2.89
N ILE J 597 1.63 -20.43 3.94
CA ILE J 597 2.60 -20.96 4.87
C ILE J 597 2.09 -22.19 5.56
N TRP J 598 0.83 -22.18 5.94
CA TRP J 598 0.19 -23.29 6.62
C TRP J 598 -0.11 -24.47 5.70
N GLY J 599 0.15 -24.32 4.41
CA GLY J 599 -0.12 -25.36 3.42
C GLY J 599 -1.50 -25.32 2.75
N CYS J 600 -2.27 -24.23 2.96
CA CYS J 600 -3.61 -24.02 2.44
C CYS J 600 -3.56 -23.01 1.31
N SER J 601 -3.90 -23.40 0.12
CA SER J 601 -3.84 -22.40 -0.93
C SER J 601 -4.95 -22.61 -1.90
N GLY J 602 -5.74 -21.56 -2.10
CA GLY J 602 -6.87 -21.66 -2.99
C GLY J 602 -8.04 -22.39 -2.36
N LYS J 603 -8.12 -22.40 -1.02
CA LYS J 603 -9.19 -23.11 -0.37
C LYS J 603 -9.87 -22.23 0.65
N LEU J 604 -11.18 -22.35 0.76
CA LEU J 604 -11.88 -21.60 1.79
C LEU J 604 -11.95 -22.46 3.04
N ILE J 605 -11.95 -23.77 2.86
CA ILE J 605 -11.94 -24.70 3.96
C ILE J 605 -10.72 -25.60 3.76
N CYS J 606 -9.82 -25.68 4.75
CA CYS J 606 -8.57 -26.43 4.68
C CYS J 606 -8.31 -27.19 5.97
N CYS J 607 -7.96 -28.46 5.84
CA CYS J 607 -7.73 -29.28 7.00
C CYS J 607 -6.24 -29.31 7.28
N THR J 608 -5.88 -29.39 8.56
CA THR J 608 -4.50 -29.55 8.95
C THR J 608 -4.28 -30.66 9.95
N ASN J 609 -3.02 -30.87 10.32
CA ASN J 609 -2.61 -31.92 11.24
C ASN J 609 -2.38 -31.50 12.67
N VAL J 610 -2.73 -30.30 13.04
CA VAL J 610 -2.55 -29.84 14.40
C VAL J 610 -3.71 -30.33 15.26
N PRO J 611 -3.49 -31.09 16.34
CA PRO J 611 -4.51 -31.57 17.24
C PRO J 611 -5.15 -30.42 17.95
N TRP J 612 -6.41 -30.54 18.27
CA TRP J 612 -7.06 -29.51 19.05
C TRP J 612 -6.76 -29.74 20.52
N ASN J 613 -6.33 -28.69 21.23
CA ASN J 613 -6.04 -28.67 22.66
C ASN J 613 -7.31 -28.36 23.45
N SER J 614 -7.61 -29.19 24.48
CA SER J 614 -8.78 -28.98 25.36
C SER J 614 -8.58 -27.73 26.20
N SER J 615 -7.33 -27.27 26.27
CA SER J 615 -7.03 -26.07 27.01
C SER J 615 -7.37 -24.81 26.22
N TRP J 616 -7.58 -24.95 24.91
CA TRP J 616 -7.94 -23.79 24.11
C TRP J 616 -9.43 -23.62 24.27
N SER J 617 -10.13 -24.72 24.15
CA SER J 617 -11.57 -24.73 24.33
C SER J 617 -12.08 -26.13 24.55
N ASN J 618 -12.69 -26.36 25.69
CA ASN J 618 -13.20 -27.68 26.02
C ASN J 618 -14.69 -27.77 25.76
N ARG J 619 -15.06 -27.99 24.50
CA ARG J 619 -16.46 -28.03 24.11
C ARG J 619 -16.71 -29.21 23.18
N ASN J 620 -17.99 -29.56 22.98
CA ASN J 620 -18.38 -30.67 22.08
C ASN J 620 -18.37 -30.17 20.64
N LEU J 621 -18.40 -31.08 19.67
CA LEU J 621 -18.59 -30.69 18.26
C LEU J 621 -20.00 -30.21 18.02
N SER J 622 -20.97 -30.83 18.67
CA SER J 622 -22.34 -30.40 18.47
C SER J 622 -22.54 -29.05 19.11
N GLU J 623 -21.84 -28.82 20.18
CA GLU J 623 -21.98 -27.56 20.87
C GLU J 623 -21.42 -26.44 20.04
N ILE J 624 -20.22 -26.63 19.52
CA ILE J 624 -19.59 -25.58 18.76
C ILE J 624 -20.26 -25.36 17.43
N TRP J 625 -20.49 -26.42 16.68
CA TRP J 625 -21.03 -26.22 15.36
C TRP J 625 -22.51 -25.90 15.29
N ASP J 626 -23.33 -26.42 16.21
CA ASP J 626 -24.76 -26.16 16.15
C ASP J 626 -25.31 -25.09 17.10
N ASN J 627 -24.67 -24.81 18.23
CA ASN J 627 -25.26 -23.87 19.16
C ASN J 627 -24.44 -22.61 19.39
N MET J 628 -23.51 -22.34 18.50
CA MET J 628 -22.64 -21.18 18.65
C MET J 628 -22.42 -20.50 17.32
N THR J 629 -22.23 -19.17 17.33
CA THR J 629 -21.94 -18.40 16.12
C THR J 629 -20.46 -18.14 16.00
N TRP J 630 -20.00 -17.67 14.84
CA TRP J 630 -18.58 -17.40 14.70
C TRP J 630 -18.12 -16.22 15.54
N LEU J 631 -18.98 -15.26 15.80
CA LEU J 631 -18.56 -14.14 16.61
C LEU J 631 -18.30 -14.61 18.02
N GLN J 632 -19.14 -15.49 18.52
CA GLN J 632 -18.96 -15.98 19.88
C GLN J 632 -17.71 -16.80 19.98
N TRP J 633 -17.47 -17.62 18.97
CA TRP J 633 -16.31 -18.46 18.94
C TRP J 633 -15.05 -17.62 18.89
N ASP J 634 -15.04 -16.60 18.06
CA ASP J 634 -13.87 -15.79 17.96
C ASP J 634 -13.51 -15.19 19.30
N LYS J 635 -14.51 -14.75 20.06
CA LYS J 635 -14.19 -14.21 21.36
C LYS J 635 -13.72 -15.32 22.30
N GLU J 636 -14.35 -16.48 22.23
CA GLU J 636 -14.06 -17.61 23.11
C GLU J 636 -12.61 -18.02 23.08
N ILE J 637 -12.01 -18.01 21.90
CA ILE J 637 -10.62 -18.42 21.80
C ILE J 637 -9.68 -17.33 21.34
N SER J 638 -10.00 -16.06 21.55
CA SER J 638 -9.07 -15.03 21.06
C SER J 638 -7.67 -15.11 21.73
N ASN J 639 -7.59 -15.65 22.97
CA ASN J 639 -6.37 -15.84 23.79
C ASN J 639 -5.34 -16.75 23.12
N TYR J 640 -5.78 -17.66 22.24
CA TYR J 640 -4.97 -18.69 21.62
C TYR J 640 -4.70 -18.42 20.17
N THR J 641 -5.06 -17.27 19.66
CA THR J 641 -4.87 -17.09 18.23
C THR J 641 -3.43 -17.28 17.80
N GLN J 642 -2.51 -16.70 18.55
CA GLN J 642 -1.13 -16.80 18.13
C GLN J 642 -0.54 -18.16 18.40
N ILE J 643 -1.03 -18.85 19.40
CA ILE J 643 -0.51 -20.16 19.71
C ILE J 643 -0.87 -21.09 18.59
N ILE J 644 -2.11 -21.03 18.17
CA ILE J 644 -2.56 -21.91 17.14
C ILE J 644 -1.82 -21.60 15.87
N TYR J 645 -1.68 -20.33 15.53
CA TYR J 645 -0.98 -20.02 14.31
C TYR J 645 0.44 -20.52 14.33
N GLY J 646 1.12 -20.41 15.46
CA GLY J 646 2.48 -20.91 15.53
C GLY J 646 2.52 -22.40 15.26
N LEU J 647 1.57 -23.14 15.83
CA LEU J 647 1.53 -24.57 15.61
C LEU J 647 1.24 -24.94 14.18
N LEU J 648 0.40 -24.17 13.52
CA LEU J 648 0.07 -24.50 12.14
C LEU J 648 1.31 -24.39 11.29
N GLU J 649 2.12 -23.37 11.53
CA GLU J 649 3.34 -23.23 10.77
C GLU J 649 4.30 -24.39 11.05
N GLU J 650 4.42 -24.79 12.31
CA GLU J 650 5.34 -25.88 12.60
C GLU J 650 4.92 -27.16 11.94
N SER J 651 3.62 -27.42 11.89
CA SER J 651 3.14 -28.62 11.26
C SER J 651 3.49 -28.65 9.80
N GLN J 652 3.30 -27.52 9.10
CA GLN J 652 3.65 -27.54 7.70
C GLN J 652 5.14 -27.70 7.50
N ASN J 653 5.95 -27.15 8.38
CA ASN J 653 7.37 -27.34 8.17
C ASN J 653 7.75 -28.79 8.33
N GLN J 654 7.12 -29.51 9.26
CA GLN J 654 7.47 -30.91 9.39
C GLN J 654 7.02 -31.65 8.16
N GLN J 655 5.87 -31.27 7.62
CA GLN J 655 5.40 -31.93 6.43
C GLN J 655 6.39 -31.74 5.32
N GLU J 656 6.94 -30.55 5.18
CA GLU J 656 7.91 -30.38 4.11
C GLU J 656 9.12 -31.22 4.35
N LYS J 657 9.57 -31.37 5.59
CA LYS J 657 10.75 -32.18 5.85
C LYS J 657 10.48 -33.62 5.45
N ASN J 658 9.28 -34.11 5.72
CA ASN J 658 8.93 -35.47 5.38
C ASN J 658 8.89 -35.65 3.87
N GLU J 659 8.58 -34.61 3.14
CA GLU J 659 8.52 -34.70 1.70
C GLU J 659 9.89 -34.64 1.05
N GLN J 660 10.95 -34.46 1.85
CA GLN J 660 12.28 -34.38 1.28
C GLN J 660 12.79 -35.78 1.11
N ASP J 661 12.08 -36.75 1.67
CA ASP J 661 12.48 -38.13 1.53
C ASP J 661 11.90 -38.71 0.28
N LEU J 662 12.68 -39.50 -0.40
CA LEU J 662 12.18 -40.16 -1.58
C LEU J 662 11.61 -41.47 -1.14
N LEU J 663 12.13 -41.95 -0.01
CA LEU J 663 11.62 -43.13 0.64
C LEU J 663 10.21 -42.75 1.06
N GLU J 664 9.24 -43.65 0.92
CA GLU J 664 7.83 -43.32 1.23
C GLU J 664 7.54 -42.96 2.69
N LEU J 665 8.44 -43.33 3.58
CA LEU J 665 8.34 -43.17 5.03
C LEU J 665 7.23 -43.96 5.74
N ASP J 666 6.85 -45.12 5.18
CA ASP J 666 5.85 -46.04 5.70
C ASP J 666 6.52 -47.04 6.64
N ARG K 3 -17.52 -55.92 -17.07
CA ARG K 3 -17.42 -54.98 -18.18
C ARG K 3 -18.68 -54.07 -18.17
N MET K 4 -19.74 -54.48 -18.92
CA MET K 4 -21.02 -53.82 -19.10
C MET K 4 -21.92 -54.81 -19.81
N THR K 5 -23.21 -54.69 -19.61
CA THR K 5 -24.17 -55.57 -20.27
C THR K 5 -25.03 -54.92 -21.31
N GLN K 6 -25.11 -55.54 -22.49
CA GLN K 6 -26.01 -55.03 -23.50
C GLN K 6 -27.27 -55.83 -23.37
N SER K 7 -28.37 -55.17 -23.09
CA SER K 7 -29.62 -55.87 -22.87
C SER K 7 -30.32 -56.48 -24.11
N PRO K 8 -30.59 -55.72 -25.18
CA PRO K 8 -31.36 -56.15 -26.32
C PRO K 8 -30.51 -56.94 -27.27
N ALA K 9 -30.18 -58.17 -26.94
CA ALA K 9 -29.21 -58.88 -27.78
C ALA K 9 -29.64 -58.91 -29.25
N ILE K 10 -30.94 -59.06 -29.48
CA ILE K 10 -31.46 -59.02 -30.84
C ILE K 10 -32.60 -58.04 -30.94
N LEU K 11 -32.53 -57.19 -31.94
CA LEU K 11 -33.61 -56.27 -32.21
C LEU K 11 -34.09 -56.58 -33.62
N SER K 12 -35.38 -56.40 -33.86
CA SER K 12 -35.93 -56.57 -35.20
C SER K 12 -37.02 -55.55 -35.40
N LEU K 13 -36.82 -54.65 -36.34
CA LEU K 13 -37.76 -53.55 -36.54
C LEU K 13 -38.40 -53.43 -37.89
N SER K 14 -39.64 -52.98 -37.92
CA SER K 14 -40.25 -52.73 -39.20
C SER K 14 -39.49 -51.54 -39.76
N PRO K 15 -39.26 -51.44 -41.07
CA PRO K 15 -38.61 -50.29 -41.63
C PRO K 15 -39.38 -49.07 -41.20
N GLY K 16 -38.67 -48.03 -40.79
CA GLY K 16 -39.32 -46.80 -40.36
C GLY K 16 -39.55 -46.67 -38.85
N GLU K 17 -39.45 -47.78 -38.10
CA GLU K 17 -39.64 -47.73 -36.65
C GLU K 17 -38.35 -47.31 -35.99
N ARG K 18 -38.43 -46.69 -34.82
CA ARG K 18 -37.22 -46.32 -34.12
C ARG K 18 -36.71 -47.44 -33.26
N ALA K 19 -35.40 -47.52 -33.10
CA ALA K 19 -34.81 -48.49 -32.22
C ALA K 19 -34.30 -47.84 -30.96
N THR K 20 -34.38 -48.61 -29.88
CA THR K 20 -33.77 -48.25 -28.62
C THR K 20 -32.90 -49.38 -28.14
N LEU K 21 -31.66 -49.06 -27.85
CA LEU K 21 -30.70 -49.99 -27.36
C LEU K 21 -30.27 -49.54 -25.98
N SER K 22 -29.86 -50.44 -25.12
CA SER K 22 -29.39 -50.01 -23.82
C SER K 22 -28.20 -50.82 -23.34
N CYS K 23 -27.37 -50.17 -22.47
CA CYS K 23 -26.12 -50.65 -21.91
C CYS K 23 -26.02 -50.31 -20.42
N ARG K 24 -25.67 -51.31 -19.64
CA ARG K 24 -25.48 -51.17 -18.20
C ARG K 24 -24.04 -51.34 -17.81
N ALA K 25 -23.42 -50.28 -17.34
CA ALA K 25 -22.02 -50.31 -16.96
C ALA K 25 -21.85 -51.04 -15.65
N SER K 26 -20.69 -51.69 -15.44
CA SER K 26 -20.44 -52.31 -14.15
C SER K 26 -20.13 -51.27 -13.06
N GLN K 27 -19.56 -50.14 -13.49
CA GLN K 27 -19.16 -49.02 -12.64
C GLN K 27 -19.56 -47.77 -13.38
N SER K 28 -19.73 -46.66 -12.70
CA SER K 28 -20.08 -45.45 -13.44
C SER K 28 -19.04 -45.14 -14.49
N VAL K 29 -19.53 -44.72 -15.66
CA VAL K 29 -18.67 -44.38 -16.79
C VAL K 29 -18.31 -42.90 -16.76
N ASP K 30 -18.92 -42.15 -15.85
CA ASP K 30 -18.65 -40.72 -15.70
C ASP K 30 -18.78 -39.97 -17.03
N SER K 31 -19.81 -40.29 -17.77
CA SER K 31 -20.13 -39.75 -19.07
C SER K 31 -19.05 -39.86 -20.15
N ARG K 32 -18.34 -40.99 -20.22
CA ARG K 32 -17.33 -41.24 -21.24
C ARG K 32 -17.67 -42.44 -22.09
N LEU K 33 -18.94 -42.59 -22.34
CA LEU K 33 -19.47 -43.63 -23.17
C LEU K 33 -19.47 -43.27 -24.65
N ALA K 34 -19.09 -44.23 -25.49
CA ALA K 34 -19.18 -44.05 -26.92
C ALA K 34 -19.88 -45.21 -27.59
N TRP K 35 -20.57 -44.93 -28.68
CA TRP K 35 -21.24 -46.00 -29.40
C TRP K 35 -20.64 -46.16 -30.77
N TYR K 36 -20.49 -47.43 -31.17
CA TYR K 36 -19.94 -47.82 -32.45
C TYR K 36 -20.81 -48.72 -33.30
N GLN K 37 -20.75 -48.49 -34.60
CA GLN K 37 -21.49 -49.23 -35.60
C GLN K 37 -20.64 -50.13 -36.47
N GLN K 38 -20.83 -51.43 -36.38
CA GLN K 38 -20.03 -52.30 -37.20
C GLN K 38 -20.85 -53.03 -38.26
N LYS K 39 -20.75 -52.57 -39.50
CA LYS K 39 -21.51 -53.20 -40.55
C LYS K 39 -20.73 -54.46 -40.90
N PRO K 40 -21.35 -55.54 -41.36
CA PRO K 40 -20.65 -56.75 -41.70
C PRO K 40 -19.52 -56.48 -42.66
N GLY K 41 -18.35 -57.01 -42.34
CA GLY K 41 -17.16 -56.89 -43.16
C GLY K 41 -16.40 -55.59 -42.94
N GLN K 42 -16.93 -54.70 -42.13
CA GLN K 42 -16.34 -53.40 -41.90
C GLN K 42 -15.75 -53.27 -40.51
N SER K 43 -14.82 -52.34 -40.36
CA SER K 43 -14.33 -52.02 -39.04
C SER K 43 -15.43 -51.18 -38.40
N PRO K 44 -15.52 -51.08 -37.07
CA PRO K 44 -16.47 -50.25 -36.37
C PRO K 44 -16.32 -48.76 -36.71
N ARG K 45 -17.45 -48.07 -36.82
CA ARG K 45 -17.47 -46.63 -37.04
C ARG K 45 -17.94 -45.92 -35.78
N LEU K 46 -17.34 -44.78 -35.47
CA LEU K 46 -17.80 -44.04 -34.31
C LEU K 46 -19.05 -43.26 -34.62
N LEU K 47 -20.06 -43.40 -33.79
CA LEU K 47 -21.29 -42.67 -33.99
C LEU K 47 -21.44 -41.55 -32.99
N ILE K 48 -21.33 -41.93 -31.73
CA ILE K 48 -21.58 -41.07 -30.58
C ILE K 48 -20.50 -41.17 -29.54
N TYR K 49 -20.16 -40.06 -28.91
CA TYR K 49 -19.16 -40.04 -27.86
C TYR K 49 -19.55 -39.14 -26.71
N ASP K 50 -18.96 -39.36 -25.55
CA ASP K 50 -19.30 -38.57 -24.38
C ASP K 50 -20.80 -38.63 -24.13
N VAL K 51 -21.35 -39.84 -24.26
CA VAL K 51 -22.75 -40.21 -24.08
C VAL K 51 -23.69 -39.73 -25.19
N SER K 52 -23.68 -38.44 -25.48
CA SER K 52 -24.59 -37.89 -26.47
C SER K 52 -24.01 -37.02 -27.59
N SER K 53 -22.70 -36.87 -27.71
CA SER K 53 -22.15 -36.01 -28.76
C SER K 53 -22.07 -36.77 -30.07
N ARG K 54 -22.59 -36.18 -31.13
CA ARG K 54 -22.57 -36.87 -32.41
C ARG K 54 -21.26 -36.64 -33.14
N ALA K 55 -20.70 -37.70 -33.71
CA ALA K 55 -19.46 -37.64 -34.47
C ALA K 55 -19.68 -37.01 -35.84
N THR K 56 -18.63 -36.42 -36.37
CA THR K 56 -18.67 -35.77 -37.66
C THR K 56 -19.02 -36.75 -38.76
N GLY K 57 -19.99 -36.35 -39.59
CA GLY K 57 -20.41 -37.16 -40.73
C GLY K 57 -21.53 -38.15 -40.40
N ILE K 58 -21.93 -38.19 -39.14
CA ILE K 58 -22.95 -39.10 -38.71
C ILE K 58 -24.32 -38.45 -38.83
N PRO K 59 -25.31 -39.11 -39.46
CA PRO K 59 -26.65 -38.63 -39.62
C PRO K 59 -27.30 -38.32 -38.30
N ASP K 60 -28.20 -37.35 -38.31
CA ASP K 60 -28.91 -36.88 -37.14
C ASP K 60 -30.05 -37.78 -36.73
N ARG K 61 -30.13 -38.91 -37.42
CA ARG K 61 -31.03 -39.96 -37.08
C ARG K 61 -30.57 -40.51 -35.74
N PHE K 62 -29.25 -40.44 -35.48
CA PHE K 62 -28.65 -40.99 -34.27
C PHE K 62 -28.55 -40.01 -33.11
N SER K 63 -28.86 -40.49 -31.92
CA SER K 63 -28.72 -39.72 -30.68
C SER K 63 -28.57 -40.68 -29.52
N GLY K 64 -28.33 -40.15 -28.33
CA GLY K 64 -28.19 -41.03 -27.17
C GLY K 64 -28.27 -40.24 -25.89
N SER K 65 -28.33 -40.95 -24.78
CA SER K 65 -28.49 -40.31 -23.48
C SER K 65 -28.18 -41.23 -22.31
N GLY K 66 -28.18 -40.66 -21.11
CA GLY K 66 -28.02 -41.47 -19.91
C GLY K 66 -27.08 -40.86 -18.91
N SER K 67 -26.87 -41.57 -17.82
CA SER K 67 -25.99 -41.11 -16.74
C SER K 67 -25.51 -42.25 -15.87
N GLY K 68 -24.42 -42.03 -15.12
CA GLY K 68 -24.03 -43.08 -14.19
C GLY K 68 -23.62 -44.33 -14.95
N THR K 69 -24.40 -45.38 -14.74
CA THR K 69 -24.22 -46.68 -15.35
C THR K 69 -25.31 -47.03 -16.34
N GLU K 70 -26.33 -46.18 -16.48
CA GLU K 70 -27.48 -46.53 -17.32
C GLU K 70 -27.60 -45.67 -18.58
N PHE K 71 -27.29 -46.27 -19.73
CA PHE K 71 -27.27 -45.54 -20.98
C PHE K 71 -28.04 -46.15 -22.12
N THR K 72 -28.49 -45.30 -23.03
CA THR K 72 -29.15 -45.76 -24.24
C THR K 72 -28.60 -45.15 -25.51
N LEU K 73 -28.89 -45.85 -26.59
CA LEU K 73 -28.61 -45.45 -27.94
C LEU K 73 -29.90 -45.50 -28.70
N THR K 74 -30.26 -44.42 -29.34
CA THR K 74 -31.51 -44.44 -30.04
C THR K 74 -31.38 -43.86 -31.42
N ILE K 75 -32.33 -44.21 -32.25
CA ILE K 75 -32.42 -43.62 -33.56
C ILE K 75 -33.82 -43.09 -33.75
N SER K 76 -34.04 -42.15 -34.67
CA SER K 76 -35.40 -41.66 -34.90
C SER K 76 -36.26 -42.62 -35.72
N SER K 77 -35.62 -43.40 -36.58
CA SER K 77 -36.26 -44.41 -37.42
C SER K 77 -35.15 -45.33 -37.89
N LEU K 78 -35.46 -46.57 -38.25
CA LEU K 78 -34.45 -47.46 -38.80
C LEU K 78 -34.50 -47.52 -40.32
N GLU K 79 -33.37 -47.26 -40.96
CA GLU K 79 -33.30 -47.35 -42.40
C GLU K 79 -32.61 -48.69 -42.75
N PRO K 80 -32.79 -49.26 -43.96
CA PRO K 80 -32.11 -50.45 -44.43
C PRO K 80 -30.59 -50.39 -44.34
N GLU K 81 -30.03 -49.20 -44.45
CA GLU K 81 -28.58 -49.01 -44.40
C GLU K 81 -28.01 -48.97 -42.99
N ASP K 82 -28.89 -49.01 -41.99
CA ASP K 82 -28.50 -48.92 -40.59
C ASP K 82 -28.41 -50.29 -39.92
N VAL K 83 -28.43 -51.37 -40.69
CA VAL K 83 -28.31 -52.67 -40.06
C VAL K 83 -26.83 -52.94 -39.80
N ALA K 84 -26.52 -53.13 -38.53
CA ALA K 84 -25.17 -53.29 -38.03
C ALA K 84 -25.19 -53.83 -36.63
N VAL K 85 -24.03 -54.25 -36.15
CA VAL K 85 -23.92 -54.58 -34.76
C VAL K 85 -23.49 -53.33 -34.01
N TYR K 86 -24.22 -52.99 -32.96
CA TYR K 86 -23.93 -51.78 -32.22
C TYR K 86 -23.30 -52.04 -30.87
N PHE K 87 -22.13 -51.46 -30.67
CA PHE K 87 -21.31 -51.66 -29.49
C PHE K 87 -21.26 -50.47 -28.54
N CYS K 88 -21.19 -50.77 -27.23
CA CYS K 88 -21.05 -49.86 -26.10
C CYS K 88 -19.56 -49.84 -25.68
N HIS K 89 -18.91 -48.67 -25.78
CA HIS K 89 -17.49 -48.52 -25.46
C HIS K 89 -17.27 -47.56 -24.28
N GLN K 90 -16.73 -48.13 -23.18
CA GLN K 90 -16.35 -47.40 -21.95
C GLN K 90 -14.95 -46.85 -22.13
N GLU K 91 -14.75 -45.59 -21.76
CA GLU K 91 -13.38 -45.04 -21.70
C GLU K 91 -12.95 -44.21 -20.48
N ASN K 92 -13.48 -44.46 -19.28
CA ASN K 92 -13.06 -43.66 -18.13
C ASN K 92 -12.10 -44.38 -17.21
N ASP K 93 -11.45 -45.43 -17.73
CA ASP K 93 -10.37 -46.17 -17.04
C ASP K 93 -9.45 -46.67 -18.14
N TRP K 94 -8.16 -46.84 -17.83
CA TRP K 94 -7.16 -47.24 -18.86
C TRP K 94 -7.69 -48.45 -19.65
N PRO K 95 -8.08 -49.61 -19.01
CA PRO K 95 -8.43 -50.84 -19.70
C PRO K 95 -9.69 -50.56 -20.53
N TRP K 96 -9.58 -49.80 -21.64
CA TRP K 96 -10.82 -49.38 -22.25
C TRP K 96 -11.57 -50.63 -22.61
N THR K 97 -12.85 -50.62 -22.30
CA THR K 97 -13.64 -51.81 -22.46
C THR K 97 -14.83 -51.70 -23.36
N PHE K 98 -14.99 -52.70 -24.20
CA PHE K 98 -16.17 -52.75 -25.05
C PHE K 98 -17.08 -53.83 -24.52
N GLY K 99 -18.38 -53.61 -24.65
CA GLY K 99 -19.35 -54.63 -24.30
C GLY K 99 -19.62 -55.48 -25.52
N GLN K 100 -20.59 -56.38 -25.44
CA GLN K 100 -20.90 -57.22 -26.60
C GLN K 100 -22.03 -56.62 -27.36
N GLY K 101 -21.70 -56.06 -28.50
CA GLY K 101 -22.68 -55.33 -29.27
C GLY K 101 -23.80 -56.19 -29.73
N THR K 102 -24.96 -55.54 -29.86
CA THR K 102 -26.18 -56.22 -30.24
C THR K 102 -26.49 -56.01 -31.70
N LYS K 103 -27.40 -56.80 -32.25
CA LYS K 103 -27.71 -56.62 -33.66
C LYS K 103 -29.03 -55.94 -33.92
N VAL K 104 -29.02 -54.95 -34.79
CA VAL K 104 -30.28 -54.33 -35.15
C VAL K 104 -30.67 -54.74 -36.54
N GLU K 105 -31.62 -55.67 -36.63
CA GLU K 105 -32.08 -56.22 -37.90
C GLU K 105 -33.32 -55.48 -38.38
N ILE K 106 -33.53 -55.49 -39.68
CA ILE K 106 -34.71 -54.83 -40.24
C ILE K 106 -35.62 -55.90 -40.87
N LYS K 107 -36.95 -55.79 -40.64
CA LYS K 107 -37.97 -56.70 -41.17
C LYS K 107 -38.23 -56.32 -42.62
N VAL L 2 -5.71 -40.00 -42.10
CA VAL L 2 -4.83 -41.14 -41.84
C VAL L 2 -5.50 -42.44 -42.35
N GLN L 3 -4.65 -43.37 -42.85
CA GLN L 3 -5.03 -44.70 -43.35
C GLN L 3 -4.16 -45.75 -42.67
N LEU L 4 -4.76 -46.86 -42.28
CA LEU L 4 -4.04 -47.92 -41.57
C LEU L 4 -4.13 -49.28 -42.24
N VAL L 5 -2.98 -49.90 -42.50
CA VAL L 5 -3.00 -51.23 -43.12
C VAL L 5 -2.20 -52.29 -42.38
N GLU L 6 -2.89 -53.32 -41.90
CA GLU L 6 -2.29 -54.43 -41.16
C GLU L 6 -1.71 -55.50 -42.07
N SER L 7 -0.60 -56.10 -41.66
CA SER L 7 -0.03 -57.25 -42.37
C SER L 7 0.82 -58.17 -41.49
N GLY L 8 0.72 -59.48 -41.72
CA GLY L 8 1.53 -60.45 -40.99
C GLY L 8 1.06 -61.86 -41.33
N PRO L 9 1.64 -62.91 -40.71
CA PRO L 9 1.32 -64.29 -40.92
C PRO L 9 -0.14 -64.51 -40.61
N GLY L 10 -0.82 -65.31 -41.42
CA GLY L 10 -2.23 -65.58 -41.18
C GLY L 10 -2.43 -66.76 -40.26
N LEU L 11 -1.34 -67.40 -39.87
CA LEU L 11 -1.38 -68.54 -38.99
C LEU L 11 -0.10 -68.60 -38.19
N VAL L 12 -0.24 -68.71 -36.89
CA VAL L 12 0.91 -68.79 -36.00
C VAL L 12 0.79 -69.98 -35.04
N ARG L 13 1.80 -70.83 -34.98
CA ARG L 13 1.76 -71.96 -34.06
C ARG L 13 2.11 -71.48 -32.65
N PRO L 14 1.72 -72.16 -31.56
CA PRO L 14 1.99 -71.78 -30.18
C PRO L 14 3.43 -71.40 -29.80
N SER L 15 4.42 -72.04 -30.43
CA SER L 15 5.82 -71.76 -30.15
C SER L 15 6.37 -70.57 -30.93
N GLU L 16 5.56 -70.05 -31.83
CA GLU L 16 5.94 -68.96 -32.70
C GLU L 16 5.42 -67.64 -32.13
N THR L 17 6.09 -66.55 -32.46
CA THR L 17 5.65 -65.23 -32.03
C THR L 17 4.66 -64.68 -33.03
N LEU L 18 3.54 -64.14 -32.54
CA LEU L 18 2.58 -63.59 -33.48
C LEU L 18 3.07 -62.21 -33.77
N SER L 19 3.12 -61.82 -35.03
CA SER L 19 3.61 -60.49 -35.36
C SER L 19 2.84 -59.81 -36.47
N LEU L 20 2.29 -58.65 -36.15
CA LEU L 20 1.51 -57.83 -37.08
C LEU L 20 2.06 -56.44 -37.18
N THR L 21 2.32 -56.03 -38.40
CA THR L 21 2.85 -54.70 -38.62
C THR L 21 1.81 -53.86 -39.35
N CYS L 22 1.56 -52.63 -38.85
CA CYS L 22 0.61 -51.68 -39.39
C CYS L 22 1.35 -50.54 -40.09
N ALA L 23 1.04 -50.34 -41.35
CA ALA L 23 1.61 -49.26 -42.09
C ALA L 23 0.76 -48.03 -41.85
N VAL L 24 1.40 -46.87 -41.72
CA VAL L 24 0.67 -45.64 -41.51
C VAL L 24 0.86 -44.64 -42.62
N SER L 25 -0.25 -44.20 -43.19
CA SER L 25 -0.21 -43.18 -44.21
C SER L 25 -1.05 -41.99 -43.80
N GLY L 26 -0.64 -40.81 -44.27
CA GLY L 26 -1.37 -39.55 -44.05
C GLY L 26 -0.81 -38.64 -42.94
N ASP L 27 0.02 -39.20 -42.06
CA ASP L 27 0.66 -38.44 -40.98
C ASP L 27 1.87 -39.22 -40.50
N SER L 28 2.60 -38.66 -39.56
CA SER L 28 3.76 -39.32 -39.00
C SER L 28 3.50 -39.95 -37.66
N ILE L 29 4.04 -41.13 -37.47
CA ILE L 29 3.88 -41.79 -36.20
C ILE L 29 4.50 -40.98 -35.12
N SER L 30 5.66 -40.43 -35.42
CA SER L 30 6.47 -39.65 -34.51
C SER L 30 5.81 -38.38 -33.99
N THR L 31 4.69 -37.96 -34.58
CA THR L 31 4.04 -36.76 -34.11
C THR L 31 2.85 -37.07 -33.22
N ASN L 32 2.12 -38.15 -33.52
CA ASN L 32 0.90 -38.42 -32.76
C ASN L 32 1.01 -39.46 -31.65
N ASN L 33 -0.10 -39.65 -30.95
CA ASN L 33 -0.24 -40.64 -29.91
C ASN L 33 -1.46 -41.45 -30.27
N GLY L 34 -1.80 -42.44 -29.47
CA GLY L 34 -3.00 -43.22 -29.71
C GLY L 34 -2.84 -44.28 -30.79
N TRP L 35 -1.62 -44.74 -31.08
CA TRP L 35 -1.53 -45.75 -32.12
C TRP L 35 -1.83 -47.05 -31.42
N SER L 36 -2.87 -47.77 -31.82
CA SER L 36 -3.28 -48.92 -31.02
C SER L 36 -3.72 -50.15 -31.75
N TRP L 37 -3.84 -51.22 -30.97
CA TRP L 37 -4.36 -52.47 -31.49
C TRP L 37 -5.60 -52.92 -30.71
N ILE L 38 -6.56 -53.47 -31.45
CA ILE L 38 -7.82 -54.05 -30.96
C ILE L 38 -8.08 -55.45 -31.51
N ARG L 39 -8.45 -56.39 -30.66
CA ARG L 39 -8.69 -57.75 -31.11
C ARG L 39 -10.18 -58.10 -31.21
N GLN L 40 -10.58 -58.76 -32.30
CA GLN L 40 -11.96 -59.21 -32.45
C GLN L 40 -12.09 -60.71 -32.66
N THR L 41 -12.86 -61.37 -31.81
CA THR L 41 -12.98 -62.82 -31.93
C THR L 41 -14.44 -63.20 -31.68
N PRO L 42 -14.99 -64.28 -32.24
CA PRO L 42 -16.36 -64.69 -32.01
C PRO L 42 -16.78 -64.77 -30.53
N GLY L 43 -15.85 -65.11 -29.64
CA GLY L 43 -16.22 -65.20 -28.23
C GLY L 43 -16.05 -63.90 -27.44
N LYS L 44 -15.57 -62.85 -28.11
CA LYS L 44 -15.31 -61.56 -27.48
C LYS L 44 -15.52 -60.50 -28.53
N GLY L 45 -16.58 -59.71 -28.38
CA GLY L 45 -16.94 -58.73 -29.41
C GLY L 45 -15.75 -57.87 -29.82
N LEU L 46 -15.19 -57.15 -28.87
CA LEU L 46 -14.01 -56.32 -29.11
C LEU L 46 -13.17 -56.22 -27.85
N GLU L 47 -11.88 -56.51 -27.96
CA GLU L 47 -10.96 -56.45 -26.84
C GLU L 47 -9.85 -55.45 -27.08
N TRP L 48 -9.64 -54.56 -26.15
CA TRP L 48 -8.59 -53.59 -26.37
C TRP L 48 -7.25 -54.26 -26.09
N ILE L 49 -6.23 -54.04 -26.93
CA ILE L 49 -4.93 -54.62 -26.64
C ILE L 49 -3.98 -53.65 -25.96
N GLY L 50 -3.82 -52.47 -26.56
CA GLY L 50 -2.88 -51.48 -26.05
C GLY L 50 -2.51 -50.41 -27.07
N TYR L 51 -1.73 -49.41 -26.64
CA TYR L 51 -1.34 -48.36 -27.56
C TYR L 51 0.06 -47.82 -27.30
N ILE L 52 0.61 -47.17 -28.32
CA ILE L 52 1.92 -46.56 -28.23
C ILE L 52 1.92 -45.08 -28.63
N ASN L 53 2.69 -44.33 -27.88
CA ASN L 53 2.92 -42.92 -28.03
C ASN L 53 4.07 -42.71 -28.98
N GLY L 54 3.82 -42.15 -30.16
CA GLY L 54 4.87 -42.07 -31.13
C GLY L 54 5.87 -40.95 -30.87
N ARG L 55 5.54 -40.06 -29.95
CA ARG L 55 6.41 -38.95 -29.66
C ARG L 55 7.42 -39.36 -28.60
N SER L 56 6.93 -40.06 -27.56
CA SER L 56 7.80 -40.47 -26.46
C SER L 56 8.26 -41.91 -26.55
N GLY L 57 7.55 -42.74 -27.29
CA GLY L 57 7.84 -44.15 -27.41
C GLY L 57 7.25 -44.99 -26.27
N SER L 58 6.56 -44.38 -25.31
CA SER L 58 6.02 -45.16 -24.22
C SER L 58 4.79 -45.93 -24.62
N THR L 59 4.47 -46.97 -23.85
CA THR L 59 3.30 -47.79 -24.13
C THR L 59 2.42 -48.11 -22.96
N ARG L 60 1.15 -48.40 -23.26
CA ARG L 60 0.20 -48.90 -22.24
C ARG L 60 -0.53 -50.13 -22.79
N TYR L 61 -0.55 -51.22 -22.01
CA TYR L 61 -1.17 -52.46 -22.46
C TYR L 61 -2.32 -52.81 -21.56
N ASN L 62 -3.30 -53.49 -22.12
CA ASN L 62 -4.35 -54.00 -21.29
C ASN L 62 -3.67 -54.98 -20.37
N PRO L 63 -3.73 -54.82 -19.04
CA PRO L 63 -3.05 -55.66 -18.09
C PRO L 63 -3.25 -57.15 -18.30
N SER L 64 -4.40 -57.58 -18.83
CA SER L 64 -4.63 -59.01 -18.98
C SER L 64 -3.72 -59.66 -20.00
N LEU L 65 -3.15 -58.86 -20.89
CA LEU L 65 -2.28 -59.36 -21.91
C LEU L 65 -0.82 -59.07 -21.61
N GLN L 66 -0.56 -58.37 -20.50
CA GLN L 66 0.75 -57.81 -20.25
C GLN L 66 1.89 -58.80 -20.24
N SER L 67 1.67 -59.98 -19.70
CA SER L 67 2.75 -60.95 -19.58
C SER L 67 3.30 -61.44 -20.90
N ARG L 68 2.57 -61.26 -21.99
CA ARG L 68 3.05 -61.71 -23.27
C ARG L 68 2.90 -60.68 -24.38
N VAL L 69 2.84 -59.38 -24.06
CA VAL L 69 2.62 -58.45 -25.18
C VAL L 69 3.59 -57.30 -25.24
N THR L 70 3.93 -56.96 -26.47
CA THR L 70 4.73 -55.77 -26.69
C THR L 70 4.31 -55.03 -27.96
N ILE L 71 4.44 -53.72 -27.90
CA ILE L 71 4.17 -52.81 -29.01
C ILE L 71 5.37 -51.90 -29.21
N SER L 72 5.75 -51.67 -30.46
CA SER L 72 6.88 -50.79 -30.76
C SER L 72 6.66 -50.07 -32.07
N THR L 73 7.45 -49.02 -32.33
CA THR L 73 7.35 -48.29 -33.60
C THR L 73 8.60 -48.35 -34.40
N ASP L 74 8.45 -48.02 -35.66
CA ASP L 74 9.51 -47.90 -36.64
C ASP L 74 9.41 -46.64 -37.45
N THR L 75 10.35 -45.75 -37.23
CA THR L 75 10.34 -44.51 -37.95
C THR L 75 10.54 -44.76 -39.44
N SER L 76 11.42 -45.69 -39.81
CA SER L 76 11.81 -45.85 -41.22
C SER L 76 10.66 -46.20 -42.14
N GLY L 77 9.86 -47.19 -41.77
CA GLY L 77 8.73 -47.55 -42.61
C GLY L 77 7.44 -46.81 -42.23
N ASN L 78 7.54 -45.85 -41.28
CA ASN L 78 6.38 -45.12 -40.75
C ASN L 78 5.33 -46.13 -40.40
N GLN L 79 5.72 -47.10 -39.61
CA GLN L 79 4.86 -48.20 -39.26
C GLN L 79 5.06 -48.54 -37.81
N PHE L 80 4.24 -49.43 -37.31
CA PHE L 80 4.39 -49.89 -35.94
C PHE L 80 3.92 -51.31 -35.86
N SER L 81 4.27 -52.00 -34.79
CA SER L 81 3.87 -53.39 -34.73
C SER L 81 3.56 -53.94 -33.37
N LEU L 82 2.79 -55.00 -33.41
CA LEU L 82 2.35 -55.78 -32.28
C LEU L 82 2.96 -57.16 -32.26
N LYS L 83 3.44 -57.57 -31.09
CA LYS L 83 3.92 -58.93 -30.97
C LYS L 83 3.34 -59.65 -29.76
N VAL L 84 3.04 -60.93 -29.97
CA VAL L 84 2.53 -61.80 -28.90
C VAL L 84 3.57 -62.87 -28.62
N ASN L 85 4.09 -62.89 -27.40
CA ASN L 85 5.22 -63.74 -27.09
C ASN L 85 4.89 -65.20 -26.77
N SER L 86 3.62 -65.50 -26.64
CA SER L 86 3.16 -66.85 -26.35
C SER L 86 1.83 -67.03 -27.05
N VAL L 87 1.77 -67.99 -27.96
CA VAL L 87 0.58 -68.15 -28.73
C VAL L 87 -0.24 -69.34 -28.28
N THR L 88 -1.53 -69.14 -28.21
CA THR L 88 -2.45 -70.16 -27.80
C THR L 88 -3.62 -70.16 -28.75
N ALA L 89 -4.28 -71.31 -28.91
CA ALA L 89 -5.41 -71.45 -29.83
C ALA L 89 -6.55 -70.50 -29.50
N ALA L 90 -6.70 -70.22 -28.23
CA ALA L 90 -7.75 -69.33 -27.77
C ALA L 90 -7.65 -67.94 -28.38
N ASP L 91 -6.45 -67.45 -28.69
CA ASP L 91 -6.29 -66.11 -29.20
C ASP L 91 -6.36 -66.02 -30.73
N THR L 92 -7.42 -66.60 -31.27
CA THR L 92 -7.68 -66.57 -32.69
C THR L 92 -8.56 -65.39 -32.91
N ALA L 93 -8.11 -64.48 -33.76
CA ALA L 93 -8.85 -63.23 -33.90
C ALA L 93 -8.48 -62.43 -35.11
N LYS L 94 -9.35 -61.49 -35.44
CA LYS L 94 -9.06 -60.49 -36.43
C LYS L 94 -8.48 -59.32 -35.67
N TYR L 95 -7.26 -58.98 -35.99
CA TYR L 95 -6.61 -57.91 -35.29
C TYR L 95 -6.71 -56.65 -36.07
N TYR L 96 -7.08 -55.58 -35.39
CA TYR L 96 -7.18 -54.31 -36.04
C TYR L 96 -6.13 -53.34 -35.54
N CYS L 97 -5.66 -52.52 -36.48
CA CYS L 97 -4.81 -51.37 -36.28
C CYS L 97 -5.74 -50.17 -36.22
N ALA L 98 -5.56 -49.34 -35.24
CA ALA L 98 -6.42 -48.19 -35.12
C ALA L 98 -5.68 -46.99 -34.56
N PHE L 99 -6.20 -45.82 -34.85
CA PHE L 99 -5.67 -44.58 -34.34
C PHE L 99 -6.72 -43.81 -33.57
N PHE L 100 -6.47 -43.61 -32.29
CA PHE L 100 -7.43 -42.91 -31.45
C PHE L 100 -7.01 -41.55 -31.03
N TRP L 101 -7.76 -40.57 -31.49
CA TRP L 101 -7.50 -39.19 -31.21
C TRP L 101 -8.48 -38.70 -30.20
N SER L 102 -8.00 -38.31 -29.04
CA SER L 102 -8.91 -37.82 -28.02
C SER L 102 -8.28 -36.65 -27.37
N THR L 103 -8.84 -35.49 -27.53
CA THR L 103 -8.27 -34.33 -26.90
C THR L 103 -9.35 -33.44 -26.36
N TYR L 104 -8.99 -32.41 -25.65
CA TYR L 104 -10.02 -31.54 -25.09
C TYR L 104 -10.92 -30.94 -26.15
N TYR L 105 -10.38 -30.71 -27.34
CA TYR L 105 -11.13 -30.04 -28.36
C TYR L 105 -11.57 -30.92 -29.52
N LYS L 106 -11.40 -32.25 -29.44
CA LYS L 106 -11.72 -33.08 -30.62
C LYS L 106 -11.74 -34.59 -30.37
N ARG L 107 -12.54 -35.32 -31.13
CA ARG L 107 -12.46 -36.78 -31.08
C ARG L 107 -12.65 -37.48 -32.42
N PHE L 108 -11.80 -38.45 -32.75
CA PHE L 108 -12.05 -39.28 -33.91
C PHE L 108 -11.30 -40.59 -33.88
N ASP L 109 -11.76 -41.58 -34.64
CA ASP L 109 -11.02 -42.82 -34.82
C ASP L 109 -10.68 -43.08 -36.27
N VAL L 110 -9.58 -43.77 -36.47
CA VAL L 110 -9.26 -44.33 -37.77
C VAL L 110 -9.03 -45.82 -37.59
N TRP L 111 -9.71 -46.65 -38.34
CA TRP L 111 -9.51 -48.09 -38.21
C TRP L 111 -9.02 -48.68 -39.52
N GLY L 112 -8.14 -49.68 -39.45
CA GLY L 112 -7.70 -50.37 -40.65
C GLY L 112 -8.65 -51.54 -40.98
N PRO L 113 -8.45 -52.22 -42.12
CA PRO L 113 -9.19 -53.39 -42.58
C PRO L 113 -9.26 -54.56 -41.60
N GLY L 114 -8.15 -54.81 -40.93
CA GLY L 114 -8.00 -55.90 -39.96
C GLY L 114 -7.46 -57.19 -40.60
N VAL L 115 -6.70 -57.97 -39.83
CA VAL L 115 -6.13 -59.26 -40.30
C VAL L 115 -6.45 -60.44 -39.42
N ARG L 116 -7.01 -61.47 -40.03
CA ARG L 116 -7.34 -62.66 -39.26
C ARG L 116 -6.15 -63.56 -39.12
N VAL L 117 -5.84 -63.92 -37.88
CA VAL L 117 -4.74 -64.82 -37.63
C VAL L 117 -5.26 -66.04 -36.90
N THR L 118 -4.98 -67.19 -37.48
CA THR L 118 -5.37 -68.51 -37.00
C THR L 118 -4.31 -69.07 -36.07
N VAL L 119 -4.69 -69.54 -34.86
CA VAL L 119 -3.74 -70.11 -33.89
C VAL L 119 -4.34 -71.37 -33.31
N ASN M 35 -22.17 -32.65 -25.61
CA ASN M 35 -21.99 -32.59 -24.18
C ASN M 35 -20.61 -31.97 -23.87
N LEU M 36 -20.59 -30.65 -23.60
CA LEU M 36 -19.41 -29.83 -23.30
C LEU M 36 -19.55 -29.18 -21.95
N TRP M 37 -18.42 -28.84 -21.33
CA TRP M 37 -18.34 -28.15 -20.03
C TRP M 37 -17.49 -26.90 -20.12
N VAL M 38 -17.74 -25.97 -19.21
CA VAL M 38 -17.00 -24.73 -19.18
C VAL M 38 -15.56 -24.91 -18.77
N THR M 39 -14.64 -24.39 -19.55
CA THR M 39 -13.22 -24.42 -19.22
C THR M 39 -12.76 -23.00 -19.09
N VAL M 40 -12.03 -22.74 -18.02
CA VAL M 40 -11.55 -21.41 -17.72
C VAL M 40 -10.14 -21.22 -18.20
N TYR M 41 -9.90 -20.14 -18.94
CA TYR M 41 -8.58 -19.83 -19.45
C TYR M 41 -8.09 -18.47 -18.98
N TYR M 42 -6.87 -18.44 -18.46
CA TYR M 42 -6.30 -17.18 -18.00
C TYR M 42 -5.10 -16.84 -18.83
N GLY M 43 -5.08 -15.64 -19.35
CA GLY M 43 -4.02 -15.19 -20.21
C GLY M 43 -4.52 -15.14 -21.65
N VAL M 44 -5.81 -14.99 -21.81
CA VAL M 44 -6.43 -14.90 -23.10
C VAL M 44 -6.12 -13.55 -23.77
N PRO M 45 -5.62 -13.51 -25.01
CA PRO M 45 -5.22 -12.31 -25.72
C PRO M 45 -6.36 -11.46 -26.27
N VAL M 46 -7.15 -10.89 -25.37
CA VAL M 46 -8.26 -10.02 -25.75
C VAL M 46 -8.19 -8.69 -25.05
N TRP M 47 -8.89 -7.71 -25.57
CA TRP M 47 -8.90 -6.39 -25.00
C TRP M 47 -10.18 -5.63 -25.24
N LYS M 48 -10.36 -4.59 -24.42
CA LYS M 48 -11.52 -3.68 -24.59
C LYS M 48 -11.00 -2.25 -24.68
N ASP M 49 -11.80 -1.35 -25.25
CA ASP M 49 -11.44 0.06 -25.32
C ASP M 49 -11.31 0.59 -23.91
N ALA M 50 -10.29 1.39 -23.62
CA ALA M 50 -10.17 1.87 -22.26
C ALA M 50 -9.43 3.16 -22.11
N GLU M 51 -9.65 3.82 -21.00
CA GLU M 51 -8.92 5.04 -20.72
C GLU M 51 -8.08 4.90 -19.49
N THR M 52 -6.80 5.18 -19.63
CA THR M 52 -5.90 5.12 -18.50
C THR M 52 -5.01 6.30 -18.56
N THR M 53 -4.21 6.45 -17.55
CA THR M 53 -3.23 7.51 -17.43
C THR M 53 -1.95 7.11 -18.12
N LEU M 54 -1.47 7.94 -19.01
CA LEU M 54 -0.23 7.65 -19.72
C LEU M 54 0.91 8.39 -19.11
N PHE M 55 2.10 7.87 -19.26
CA PHE M 55 3.27 8.57 -18.77
C PHE M 55 4.10 8.83 -20.00
N CYS M 56 5.01 9.83 -19.95
CA CYS M 56 5.87 10.15 -21.09
C CYS M 56 7.33 9.84 -20.80
N ALA M 57 8.06 9.69 -21.90
CA ALA M 57 9.46 9.37 -21.91
C ALA M 57 10.18 10.16 -23.00
N SER M 58 11.48 10.29 -22.88
CA SER M 58 12.26 11.05 -23.87
C SER M 58 13.65 10.47 -24.11
N ASP M 59 14.40 11.12 -25.01
CA ASP M 59 15.73 10.63 -25.40
C ASP M 59 16.76 10.47 -24.28
N ALA M 60 16.74 11.34 -23.24
CA ALA M 60 17.68 11.36 -22.10
C ALA M 60 19.12 11.58 -22.61
N LYS M 67 20.18 21.80 -21.89
CA LYS M 67 19.56 21.36 -20.66
C LYS M 67 18.59 22.46 -20.19
N HIS M 68 17.93 22.26 -19.01
CA HIS M 68 16.90 23.12 -18.40
C HIS M 68 15.69 23.26 -19.31
N ASN M 69 15.39 22.17 -19.98
CA ASN M 69 14.28 22.07 -20.89
C ASN M 69 13.08 21.52 -20.17
N VAL M 70 11.98 22.23 -20.26
CA VAL M 70 10.78 21.87 -19.55
C VAL M 70 10.24 20.51 -19.90
N TRP M 71 10.23 20.22 -21.17
CA TRP M 71 9.72 18.98 -21.63
C TRP M 71 10.59 17.85 -21.17
N ALA M 72 11.89 18.07 -21.26
CA ALA M 72 12.86 17.06 -20.87
C ALA M 72 12.83 16.78 -19.39
N THR M 73 12.60 17.82 -18.60
CA THR M 73 12.58 17.67 -17.17
C THR M 73 11.40 16.82 -16.74
N HIS M 74 10.24 17.08 -17.30
CA HIS M 74 9.07 16.31 -16.94
C HIS M 74 9.07 14.88 -17.46
N CYS M 75 9.38 14.64 -18.77
CA CYS M 75 9.36 13.32 -19.41
C CYS M 75 10.71 12.67 -19.16
N CYS M 76 10.87 12.38 -17.89
CA CYS M 76 12.08 11.88 -17.30
C CYS M 76 12.45 10.45 -17.60
N VAL M 77 11.48 9.64 -17.98
CA VAL M 77 11.78 8.25 -18.23
C VAL M 77 12.55 8.14 -19.54
N PRO M 78 13.72 7.51 -19.59
CA PRO M 78 14.45 7.31 -20.82
C PRO M 78 13.69 6.38 -21.71
N THR M 79 13.76 6.61 -23.01
CA THR M 79 13.16 5.68 -23.94
C THR M 79 14.08 4.54 -24.28
N ASP M 80 13.48 3.50 -24.80
CA ASP M 80 14.18 2.34 -25.33
C ASP M 80 14.65 2.72 -26.74
N PRO M 81 15.95 2.76 -27.02
CA PRO M 81 16.50 3.16 -28.30
C PRO M 81 16.13 2.21 -29.43
N ASN M 82 15.71 1.00 -29.08
CA ASN M 82 15.34 0.00 -30.07
C ASN M 82 14.01 -0.63 -29.68
N PRO M 83 12.90 0.13 -29.77
CA PRO M 83 11.60 -0.22 -29.29
C PRO M 83 11.06 -1.33 -30.12
N GLN M 84 10.19 -2.11 -29.53
CA GLN M 84 9.60 -3.21 -30.26
C GLN M 84 8.21 -2.87 -30.76
N GLU M 85 7.83 -3.54 -31.82
CA GLU M 85 6.52 -3.43 -32.38
C GLU M 85 6.06 -4.79 -32.82
N ILE M 86 4.86 -5.16 -32.43
CA ILE M 86 4.36 -6.46 -32.80
C ILE M 86 3.24 -6.40 -33.78
N HIS M 87 3.47 -6.83 -34.99
CA HIS M 87 2.42 -6.76 -35.99
C HIS M 87 1.36 -7.75 -35.62
N LEU M 88 0.09 -7.37 -35.70
CA LEU M 88 -0.93 -8.34 -35.36
C LEU M 88 -1.58 -8.88 -36.61
N GLU M 89 -1.18 -10.07 -37.01
CA GLU M 89 -1.71 -10.60 -38.25
C GLU M 89 -3.16 -10.93 -38.02
N ASN M 90 -4.02 -10.71 -39.04
CA ASN M 90 -5.45 -11.03 -39.08
C ASN M 90 -6.30 -10.29 -38.02
N VAL M 91 -5.85 -9.12 -37.49
CA VAL M 91 -6.62 -8.30 -36.54
C VAL M 91 -7.18 -7.06 -37.16
N THR M 92 -8.48 -6.93 -37.12
CA THR M 92 -9.12 -5.73 -37.63
C THR M 92 -9.60 -4.98 -36.43
N GLU M 93 -9.30 -3.70 -36.38
CA GLU M 93 -9.67 -2.89 -35.24
C GLU M 93 -10.33 -1.61 -35.70
N GLU M 94 -11.17 -1.03 -34.86
CA GLU M 94 -11.83 0.21 -35.22
C GLU M 94 -11.34 1.41 -34.43
N PHE M 95 -10.97 2.44 -35.16
CA PHE M 95 -10.42 3.67 -34.62
C PHE M 95 -11.33 4.87 -34.78
N ASN M 96 -11.18 5.83 -33.87
CA ASN M 96 -11.88 7.10 -34.02
C ASN M 96 -11.06 8.21 -33.41
N MET M 97 -10.33 8.95 -34.24
CA MET M 97 -9.41 9.97 -33.77
C MET M 97 -10.10 11.13 -33.09
N TRP M 98 -11.39 11.27 -33.26
CA TRP M 98 -12.09 12.41 -32.71
C TRP M 98 -12.57 12.13 -31.29
N LYS M 99 -12.43 10.89 -30.85
CA LYS M 99 -12.89 10.45 -29.53
C LYS M 99 -11.73 9.86 -28.76
N ASN M 100 -10.53 10.19 -29.20
CA ASN M 100 -9.30 9.67 -28.67
C ASN M 100 -8.87 10.38 -27.40
N ASN M 101 -8.87 9.69 -26.28
CA ASN M 101 -8.57 10.34 -24.99
C ASN M 101 -7.10 10.61 -24.79
N MET M 102 -6.27 10.20 -25.73
CA MET M 102 -4.86 10.48 -25.62
C MET M 102 -4.67 11.95 -25.91
N VAL M 103 -5.64 12.55 -26.62
CA VAL M 103 -5.58 13.93 -27.00
C VAL M 103 -5.79 14.77 -25.78
N GLU M 104 -6.78 14.38 -24.98
CA GLU M 104 -7.07 15.11 -23.79
C GLU M 104 -5.92 15.03 -22.83
N GLN M 105 -5.25 13.90 -22.75
CA GLN M 105 -4.12 13.89 -21.86
C GLN M 105 -2.98 14.73 -22.35
N MET M 106 -2.68 14.77 -23.66
CA MET M 106 -1.60 15.66 -23.97
C MET M 106 -1.96 17.05 -23.61
N HIS M 107 -3.19 17.43 -23.86
CA HIS M 107 -3.55 18.79 -23.61
C HIS M 107 -3.43 19.12 -22.14
N THR M 108 -3.96 18.26 -21.28
CA THR M 108 -3.92 18.52 -19.86
C THR M 108 -2.51 18.58 -19.33
N ASP M 109 -1.67 17.66 -19.75
CA ASP M 109 -0.32 17.65 -19.25
C ASP M 109 0.48 18.82 -19.73
N ILE M 110 0.22 19.28 -20.93
CA ILE M 110 0.94 20.44 -21.43
C ILE M 110 0.56 21.67 -20.62
N ILE M 111 -0.72 21.82 -20.30
CA ILE M 111 -1.11 22.98 -19.52
C ILE M 111 -0.39 22.90 -18.21
N SER M 112 -0.33 21.71 -17.62
CA SER M 112 0.33 21.56 -16.35
C SER M 112 1.79 21.95 -16.42
N LEU M 113 2.50 21.54 -17.46
CA LEU M 113 3.90 21.92 -17.53
C LEU M 113 4.10 23.39 -17.56
N TRP M 114 3.28 24.11 -18.31
CA TRP M 114 3.49 25.53 -18.33
C TRP M 114 3.22 26.15 -16.99
N ASP M 115 2.18 25.71 -16.31
CA ASP M 115 1.88 26.33 -15.04
C ASP M 115 2.90 26.00 -14.00
N GLN M 116 3.43 24.79 -13.99
CA GLN M 116 4.44 24.49 -12.99
C GLN M 116 5.75 25.16 -13.33
N SER M 117 6.09 25.25 -14.60
CA SER M 117 7.37 25.81 -14.99
C SER M 117 7.47 27.26 -14.64
N LEU M 118 6.37 27.98 -14.70
CA LEU M 118 6.40 29.39 -14.36
C LEU M 118 6.19 29.64 -12.88
N LYS M 119 5.87 28.61 -12.12
CA LYS M 119 5.53 28.78 -10.73
C LYS M 119 6.60 29.43 -9.89
N PRO M 120 7.87 29.04 -9.96
CA PRO M 120 8.94 29.62 -9.18
C PRO M 120 9.61 30.89 -9.76
N CYS M 121 9.05 31.50 -10.84
CA CYS M 121 9.65 32.63 -11.54
C CYS M 121 9.19 33.95 -10.93
N VAL M 122 9.89 35.01 -11.29
CA VAL M 122 9.62 36.35 -10.77
C VAL M 122 8.26 36.87 -11.08
N LYS M 123 7.58 37.36 -10.05
CA LYS M 123 6.25 37.92 -10.24
C LYS M 123 6.50 39.33 -10.67
N LEU M 124 5.70 39.87 -11.57
CA LEU M 124 5.91 41.23 -12.00
C LEU M 124 4.87 42.20 -11.52
N THR M 125 4.19 41.91 -10.44
CA THR M 125 3.20 42.84 -9.91
C THR M 125 3.70 44.29 -9.86
N PRO M 126 4.94 44.59 -9.41
CA PRO M 126 5.49 45.92 -9.32
C PRO M 126 5.46 46.71 -10.63
N LEU M 127 5.33 46.05 -11.78
CA LEU M 127 5.27 46.79 -13.06
C LEU M 127 3.91 47.40 -13.37
N CYS M 128 2.83 47.04 -12.65
CA CYS M 128 1.49 47.51 -12.94
C CYS M 128 1.29 48.88 -12.27
N VAL M 129 1.90 49.85 -12.92
CA VAL M 129 1.96 51.25 -12.51
C VAL M 129 1.58 52.11 -13.68
N THR M 130 1.29 53.36 -13.42
CA THR M 130 1.09 54.26 -14.54
C THR M 130 2.43 54.47 -15.25
N LEU M 131 2.44 54.30 -16.55
CA LEU M 131 3.62 54.50 -17.38
C LEU M 131 3.49 55.81 -18.09
N GLN M 132 4.59 56.48 -18.32
CA GLN M 132 4.61 57.70 -19.12
C GLN M 132 5.26 57.37 -20.44
N CYS M 133 4.53 57.44 -21.59
CA CYS M 133 5.06 56.96 -22.88
C CYS M 133 4.92 57.97 -24.01
N THR M 134 5.92 57.93 -24.88
CA THR M 134 5.99 58.67 -26.15
C THR M 134 6.33 57.64 -27.23
N ASN M 135 6.18 57.97 -28.52
CA ASN M 135 6.49 57.08 -29.66
C ASN M 135 8.01 57.03 -29.89
N VAL M 136 8.51 55.88 -30.41
CA VAL M 136 9.91 55.76 -30.84
C VAL M 136 9.93 56.24 -32.29
N THR M 137 10.72 57.26 -32.57
CA THR M 137 10.77 57.87 -33.89
C THR M 137 12.11 57.75 -34.60
N ASN M 138 13.02 56.99 -34.04
CA ASN M 138 14.35 56.91 -34.60
C ASN M 138 14.50 55.86 -35.69
N ASN M 139 14.69 56.30 -36.93
CA ASN M 139 14.86 55.40 -38.06
C ASN M 139 13.76 54.35 -38.20
N ILE M 140 12.53 54.81 -38.22
CA ILE M 140 11.41 53.89 -38.31
C ILE M 140 10.89 53.82 -39.72
N THR M 141 10.75 52.62 -40.28
CA THR M 141 10.17 52.56 -41.62
C THR M 141 8.67 52.71 -41.56
N ASP M 142 8.02 52.83 -42.69
CA ASP M 142 6.58 53.05 -42.68
C ASP M 142 5.81 51.95 -42.00
N ASP M 143 6.26 50.73 -42.17
CA ASP M 143 5.64 49.52 -41.65
C ASP M 143 5.64 49.48 -40.13
N MET M 144 6.56 50.19 -39.51
CA MET M 144 6.72 50.19 -38.08
C MET M 144 6.26 51.45 -37.40
N ARG M 145 5.58 52.34 -38.12
CA ARG M 145 5.20 53.53 -37.45
C ARG M 145 4.12 53.20 -36.46
N GLY M 146 4.30 53.66 -35.23
CA GLY M 146 3.32 53.43 -34.19
C GLY M 146 3.47 52.10 -33.45
N GLU M 147 4.39 51.24 -33.89
CA GLU M 147 4.56 49.93 -33.26
C GLU M 147 5.31 49.94 -31.94
N LEU M 148 6.24 50.86 -31.78
CA LEU M 148 7.01 50.85 -30.55
C LEU M 148 6.81 52.11 -29.77
N LYS M 149 6.71 51.92 -28.46
CA LYS M 149 6.59 53.03 -27.54
C LYS M 149 7.71 53.01 -26.49
N ASN M 150 8.24 54.20 -26.19
CA ASN M 150 9.30 54.49 -25.24
C ASN M 150 8.67 54.98 -23.93
N CYS M 151 8.67 54.12 -22.90
CA CYS M 151 7.99 54.34 -21.63
C CYS M 151 8.96 54.48 -20.48
N SER M 152 8.55 55.25 -19.50
CA SER M 152 9.31 55.34 -18.28
C SER M 152 8.40 55.21 -17.08
N PHE M 153 8.96 54.67 -16.01
CA PHE M 153 8.21 54.45 -14.80
C PHE M 153 9.09 54.37 -13.55
N ASN M 154 8.47 54.54 -12.35
CA ASN M 154 9.13 54.40 -11.05
C ASN M 154 8.94 52.98 -10.51
N MET M 155 9.99 52.15 -10.64
CA MET M 155 10.03 50.73 -10.30
C MET M 155 10.60 50.56 -8.92
N THR M 156 10.27 49.49 -8.22
CA THR M 156 10.85 49.32 -6.90
C THR M 156 12.27 48.84 -7.01
N THR M 157 12.99 48.94 -5.89
CA THR M 157 14.33 48.40 -5.76
C THR M 157 14.30 47.40 -4.64
N GLU M 158 15.41 46.74 -4.36
CA GLU M 158 15.41 45.74 -3.30
C GLU M 158 15.12 46.30 -1.93
N LEU M 159 15.40 47.59 -1.70
CA LEU M 159 15.06 48.15 -0.41
C LEU M 159 13.68 48.69 -0.61
N ARG M 160 12.83 48.49 0.36
CA ARG M 160 11.45 48.88 0.22
C ARG M 160 11.19 50.36 0.28
N ASP M 161 12.13 51.15 0.78
CA ASP M 161 11.91 52.57 0.79
C ASP M 161 12.43 53.26 -0.47
N LYS M 162 12.98 52.50 -1.42
CA LYS M 162 13.53 53.14 -2.60
C LYS M 162 12.95 52.64 -3.91
N LYS M 163 12.86 53.58 -4.83
CA LYS M 163 12.42 53.38 -6.20
C LYS M 163 13.49 53.84 -7.16
N GLN M 164 13.43 53.36 -8.37
CA GLN M 164 14.36 53.72 -9.42
C GLN M 164 13.62 54.06 -10.68
N LYS M 165 14.16 54.97 -11.47
CA LYS M 165 13.50 55.28 -12.72
C LYS M 165 14.01 54.37 -13.81
N VAL M 166 13.10 53.77 -14.51
CA VAL M 166 13.41 52.83 -15.55
C VAL M 166 12.85 53.26 -16.86
N TYR M 167 13.65 53.15 -17.91
CA TYR M 167 13.20 53.45 -19.25
C TYR M 167 13.21 52.14 -19.98
N SER M 168 12.19 51.89 -20.78
CA SER M 168 12.12 50.66 -21.55
C SER M 168 11.28 50.78 -22.80
N LEU M 169 11.49 49.87 -23.73
CA LEU M 169 10.65 49.91 -24.92
C LEU M 169 9.65 48.79 -24.89
N PHE M 170 8.43 49.10 -25.30
CA PHE M 170 7.35 48.14 -25.38
C PHE M 170 6.68 48.12 -26.74
N TYR M 171 6.12 46.99 -27.08
CA TYR M 171 5.33 46.91 -28.29
C TYR M 171 3.98 47.49 -27.98
N ARG M 172 3.35 48.13 -28.96
CA ARG M 172 2.05 48.72 -28.72
C ARG M 172 1.00 47.72 -28.28
N LEU M 173 1.13 46.46 -28.66
CA LEU M 173 0.12 45.48 -28.31
C LEU M 173 0.02 45.21 -26.82
N ASP M 174 1.09 45.48 -26.09
CA ASP M 174 1.16 45.21 -24.68
C ASP M 174 0.78 46.40 -23.81
N VAL M 175 0.62 47.56 -24.41
CA VAL M 175 0.41 48.77 -23.64
C VAL M 175 -0.86 49.49 -24.04
N VAL M 176 -1.70 49.80 -23.07
CA VAL M 176 -2.96 50.45 -23.37
C VAL M 176 -3.10 51.80 -22.72
N GLN M 177 -3.57 52.75 -23.50
CA GLN M 177 -3.72 54.11 -23.04
C GLN M 177 -4.75 54.21 -21.95
N ILE M 178 -4.45 55.00 -20.93
CA ILE M 178 -5.36 55.20 -19.82
C ILE M 178 -6.42 56.27 -20.02
N ASN M 179 -6.02 57.47 -20.48
CA ASN M 179 -6.89 58.64 -20.67
C ASN M 179 -7.15 58.82 -22.16
N ASN M 190 3.62 62.78 -24.47
CA ASN M 190 3.67 62.02 -23.23
C ASN M 190 2.24 61.85 -22.66
N LYS M 191 1.68 60.61 -22.78
CA LYS M 191 0.34 60.24 -22.29
C LYS M 191 0.47 59.09 -21.31
N GLU M 192 -0.48 58.97 -20.39
CA GLU M 192 -0.49 57.87 -19.46
C GLU M 192 -0.96 56.57 -20.09
N TYR M 193 -0.23 55.51 -19.81
CA TYR M 193 -0.47 54.14 -20.24
C TYR M 193 -0.32 53.13 -19.13
N ARG M 194 -0.91 51.97 -19.30
CA ARG M 194 -0.73 50.87 -18.36
C ARG M 194 -0.49 49.59 -19.12
N LEU M 195 0.03 48.57 -18.46
CA LEU M 195 0.15 47.32 -19.18
C LEU M 195 -1.25 46.79 -19.38
N ILE M 196 -1.47 46.15 -20.51
CA ILE M 196 -2.79 45.64 -20.86
C ILE M 196 -3.42 44.69 -19.85
N ASN M 197 -2.61 43.89 -19.18
CA ASN M 197 -3.15 42.91 -18.24
C ASN M 197 -3.59 43.42 -16.86
N CYS M 198 -3.34 44.68 -16.50
CA CYS M 198 -3.60 45.23 -15.15
C CYS M 198 -5.04 45.18 -14.69
N ASN M 199 -5.99 45.22 -15.60
CA ASN M 199 -7.37 45.19 -15.14
C ASN M 199 -7.94 43.75 -14.99
N THR M 200 -7.15 42.71 -15.35
CA THR M 200 -7.55 41.30 -15.37
C THR M 200 -6.75 40.44 -14.44
N SER M 201 -5.44 40.50 -14.54
CA SER M 201 -4.65 39.60 -13.73
C SER M 201 -3.21 39.97 -13.58
N ALA M 202 -2.56 39.30 -12.64
CA ALA M 202 -1.14 39.43 -12.45
C ALA M 202 -0.45 38.74 -13.58
N ILE M 203 0.77 39.19 -13.82
CA ILE M 203 1.62 38.64 -14.83
C ILE M 203 2.93 38.13 -14.22
N THR M 204 3.38 36.97 -14.69
CA THR M 204 4.62 36.34 -14.23
C THR M 204 5.69 36.32 -15.30
N GLN M 205 6.93 36.67 -14.98
CA GLN M 205 7.99 36.64 -15.96
C GLN M 205 8.47 35.25 -16.17
N ALA M 206 8.58 34.80 -17.41
CA ALA M 206 9.12 33.49 -17.62
C ALA M 206 10.60 33.55 -17.29
N CYS M 207 11.16 32.50 -16.66
CA CYS M 207 12.57 32.41 -16.32
C CYS M 207 13.43 32.32 -17.59
N PRO M 208 14.43 33.20 -17.78
CA PRO M 208 15.34 33.25 -18.91
C PRO M 208 16.17 32.00 -19.11
N LYS M 209 16.31 31.18 -18.07
CA LYS M 209 17.12 29.98 -18.18
C LYS M 209 16.28 28.74 -18.36
N VAL M 210 14.99 28.91 -18.57
CA VAL M 210 14.13 27.78 -18.78
C VAL M 210 13.71 27.75 -20.22
N SER M 211 14.00 26.65 -20.88
CA SER M 211 13.69 26.50 -22.26
C SER M 211 12.44 25.71 -22.53
N PHE M 212 11.59 26.28 -23.36
CA PHE M 212 10.35 25.63 -23.72
C PHE M 212 10.42 25.03 -25.10
N GLU M 213 11.62 24.95 -25.66
CA GLU M 213 11.81 24.41 -26.99
C GLU M 213 11.31 22.96 -27.08
N PRO M 214 10.38 22.62 -27.97
CA PRO M 214 9.84 21.30 -28.13
C PRO M 214 10.90 20.26 -28.45
N ILE M 215 10.75 19.10 -27.86
CA ILE M 215 11.63 17.97 -28.09
C ILE M 215 10.66 16.88 -28.43
N PRO M 216 11.02 15.78 -29.07
CA PRO M 216 10.13 14.69 -29.27
C PRO M 216 9.79 14.08 -27.94
N ILE M 217 8.54 13.74 -27.75
CA ILE M 217 8.06 13.07 -26.55
C ILE M 217 7.33 11.80 -26.89
N HIS M 218 7.64 10.74 -26.17
CA HIS M 218 6.98 9.48 -26.42
C HIS M 218 5.96 9.20 -25.32
N TYR M 219 4.72 8.90 -25.68
CA TYR M 219 3.71 8.57 -24.67
C TYR M 219 3.62 7.06 -24.53
N CYS M 220 3.73 6.54 -23.30
CA CYS M 220 3.82 5.12 -22.98
C CYS M 220 2.67 4.65 -22.09
N ALA M 221 2.20 3.43 -22.35
CA ALA M 221 1.13 2.86 -21.53
C ALA M 221 1.68 2.11 -20.32
N PRO M 222 0.98 2.10 -19.19
CA PRO M 222 1.26 1.35 -18.00
C PRO M 222 0.94 -0.12 -18.18
N ALA M 223 1.51 -0.99 -17.35
CA ALA M 223 1.19 -2.40 -17.46
C ALA M 223 -0.29 -2.62 -17.32
N GLY M 224 -0.80 -3.54 -18.11
CA GLY M 224 -2.20 -3.88 -18.14
C GLY M 224 -2.88 -3.23 -19.32
N PHE M 225 -2.18 -2.31 -19.97
CA PHE M 225 -2.64 -1.57 -21.12
C PHE M 225 -1.71 -1.69 -22.29
N ALA M 226 -2.23 -1.40 -23.46
CA ALA M 226 -1.42 -1.45 -24.67
C ALA M 226 -1.84 -0.37 -25.64
N ILE M 227 -0.90 0.09 -26.48
CA ILE M 227 -1.25 1.07 -27.48
C ILE M 227 -1.27 0.44 -28.83
N LEU M 228 -2.37 0.57 -29.53
CA LEU M 228 -2.47 -0.01 -30.83
C LEU M 228 -2.24 1.07 -31.86
N LYS M 229 -1.44 0.77 -32.84
CA LYS M 229 -1.14 1.71 -33.90
C LYS M 229 -1.77 1.27 -35.21
N CYS M 230 -2.41 2.21 -35.93
CA CYS M 230 -3.01 2.00 -37.25
C CYS M 230 -2.01 2.38 -38.33
N LYS M 231 -1.65 1.43 -39.17
CA LYS M 231 -0.67 1.67 -40.20
C LYS M 231 -1.24 1.81 -41.61
N ASP M 232 -2.55 1.74 -41.77
CA ASP M 232 -3.11 1.84 -43.10
C ASP M 232 -2.66 3.17 -43.68
N LYS M 233 -2.13 3.15 -44.89
CA LYS M 233 -1.52 4.33 -45.47
C LYS M 233 -2.43 5.53 -45.67
N LYS M 234 -3.70 5.29 -45.93
CA LYS M 234 -4.62 6.38 -46.16
C LYS M 234 -5.65 6.49 -45.06
N PHE M 235 -5.36 5.98 -43.88
CA PHE M 235 -6.36 6.06 -42.84
C PHE M 235 -6.79 7.51 -42.62
N ASN M 236 -8.11 7.73 -42.57
CA ASN M 236 -8.75 9.08 -42.57
C ASN M 236 -9.28 9.45 -41.17
N GLY M 237 -8.85 8.73 -40.13
CA GLY M 237 -9.17 9.00 -38.73
C GLY M 237 -10.31 8.17 -38.18
N THR M 238 -11.16 7.58 -39.01
CA THR M 238 -12.22 6.77 -38.44
C THR M 238 -12.42 5.44 -39.14
N GLY M 239 -13.04 4.53 -38.42
CA GLY M 239 -13.47 3.27 -38.98
C GLY M 239 -12.43 2.20 -38.88
N PRO M 240 -12.67 1.05 -39.49
CA PRO M 240 -11.84 -0.11 -39.47
C PRO M 240 -10.47 0.22 -40.04
N CYS M 241 -9.45 -0.41 -39.48
CA CYS M 241 -8.06 -0.35 -39.86
C CYS M 241 -7.61 -1.80 -39.89
N THR M 242 -6.98 -2.21 -40.99
CA THR M 242 -6.59 -3.62 -41.10
C THR M 242 -5.12 -3.97 -40.88
N ASN M 243 -4.18 -3.01 -41.01
CA ASN M 243 -2.77 -3.23 -40.68
C ASN M 243 -2.52 -2.56 -39.34
N VAL M 244 -2.53 -3.34 -38.24
CA VAL M 244 -2.39 -2.81 -36.89
C VAL M 244 -1.29 -3.52 -36.18
N SER M 245 -0.71 -2.83 -35.23
CA SER M 245 0.35 -3.39 -34.43
C SER M 245 0.33 -2.88 -33.03
N THR M 246 0.95 -3.62 -32.14
CA THR M 246 1.01 -3.20 -30.75
C THR M 246 2.35 -2.63 -30.40
N VAL M 247 2.32 -1.48 -29.75
CA VAL M 247 3.52 -0.84 -29.32
C VAL M 247 3.41 -0.48 -27.85
N GLN M 248 4.55 -0.25 -27.23
CA GLN M 248 4.57 0.20 -25.85
C GLN M 248 4.45 1.71 -25.69
N CYS M 249 5.01 2.48 -26.64
CA CYS M 249 5.07 3.93 -26.64
C CYS M 249 4.80 4.42 -28.05
N THR M 250 4.35 5.65 -28.15
CA THR M 250 4.14 6.32 -29.42
C THR M 250 5.48 6.73 -29.94
N HIS M 251 5.52 7.21 -31.16
CA HIS M 251 6.73 7.69 -31.74
C HIS M 251 6.99 9.01 -31.10
N GLY M 252 8.10 9.64 -31.44
CA GLY M 252 8.37 10.91 -30.81
C GLY M 252 7.55 12.00 -31.44
N ILE M 253 6.67 12.58 -30.65
CA ILE M 253 5.81 13.65 -31.09
C ILE M 253 6.33 14.94 -30.59
N LYS M 254 6.57 15.89 -31.46
CA LYS M 254 7.10 17.14 -30.99
C LYS M 254 5.92 18.09 -30.71
N PRO M 255 5.73 18.59 -29.48
CA PRO M 255 4.61 19.41 -29.04
C PRO M 255 4.74 20.86 -29.46
N VAL M 256 4.65 21.10 -30.74
CA VAL M 256 4.77 22.45 -31.26
C VAL M 256 3.44 23.15 -31.14
N VAL M 257 3.46 24.38 -30.66
CA VAL M 257 2.25 25.14 -30.52
C VAL M 257 2.07 26.17 -31.63
N SER M 258 0.97 26.07 -32.38
CA SER M 258 0.67 27.02 -33.45
C SER M 258 -0.83 27.12 -33.71
N THR M 259 -1.25 28.21 -34.36
CA THR M 259 -2.70 28.39 -34.59
C THR M 259 -3.34 28.14 -35.96
N GLN M 260 -2.63 28.17 -37.05
CA GLN M 260 -3.30 27.99 -38.36
C GLN M 260 -2.59 26.97 -39.21
N LEU M 261 -1.28 27.03 -39.17
CA LEU M 261 -0.46 26.12 -39.91
C LEU M 261 0.26 25.34 -38.86
N LEU M 262 0.30 24.05 -39.05
CA LEU M 262 0.93 23.11 -38.16
C LEU M 262 2.34 22.99 -38.60
N LEU M 263 3.23 23.26 -37.68
CA LEU M 263 4.63 23.23 -37.98
C LEU M 263 5.30 22.01 -37.37
N ASN M 264 6.33 21.49 -38.07
CA ASN M 264 7.24 20.41 -37.69
C ASN M 264 6.53 19.09 -37.28
N GLY M 265 5.40 18.73 -37.94
CA GLY M 265 4.64 17.51 -37.67
C GLY M 265 5.05 16.44 -38.65
N SER M 266 4.29 15.38 -38.67
CA SER M 266 4.59 14.29 -39.57
C SER M 266 4.00 14.57 -40.94
N LEU M 267 4.50 13.89 -41.95
CA LEU M 267 3.94 14.02 -43.29
C LEU M 267 3.19 12.78 -43.71
N ALA M 268 2.22 13.00 -44.57
CA ALA M 268 1.45 11.93 -45.17
C ALA M 268 2.40 11.25 -46.14
N GLU M 269 2.23 9.97 -46.41
CA GLU M 269 3.19 9.35 -47.31
C GLU M 269 2.81 9.30 -48.78
N GLU M 270 1.53 9.23 -49.10
CA GLU M 270 1.17 9.06 -50.50
C GLU M 270 0.47 10.25 -51.15
N GLU M 271 -0.35 10.96 -50.40
CA GLU M 271 -1.12 12.08 -50.92
C GLU M 271 -1.49 12.98 -49.79
N VAL M 272 -2.03 14.13 -50.11
CA VAL M 272 -2.54 14.98 -49.07
C VAL M 272 -3.77 14.33 -48.50
N ILE M 273 -3.86 14.20 -47.20
CA ILE M 273 -5.01 13.55 -46.62
C ILE M 273 -5.84 14.53 -45.84
N ILE M 274 -7.11 14.57 -46.15
CA ILE M 274 -7.98 15.47 -45.46
C ILE M 274 -8.85 14.74 -44.47
N ARG M 275 -8.73 15.11 -43.20
CA ARG M 275 -9.45 14.43 -42.15
C ARG M 275 -10.39 15.39 -41.45
N SER M 276 -11.60 14.96 -41.22
CA SER M 276 -12.58 15.77 -40.52
C SER M 276 -13.51 14.86 -39.77
N GLU M 277 -14.20 15.39 -38.78
CA GLU M 277 -15.16 14.58 -38.03
C GLU M 277 -16.46 14.32 -38.79
N ASN M 278 -16.99 15.37 -39.44
CA ASN M 278 -18.26 15.44 -40.18
C ASN M 278 -18.06 16.43 -41.33
N ILE M 279 -17.64 15.94 -42.53
CA ILE M 279 -17.18 16.81 -43.65
C ILE M 279 -18.24 17.75 -44.20
N THR M 280 -19.50 17.35 -44.13
CA THR M 280 -20.58 18.15 -44.63
C THR M 280 -21.08 19.15 -43.60
N ASN M 281 -20.54 19.12 -42.41
CA ASN M 281 -20.94 20.00 -41.34
C ASN M 281 -19.94 21.13 -41.22
N ASN M 282 -20.32 22.34 -41.60
CA ASN M 282 -19.36 23.43 -41.63
C ASN M 282 -19.01 23.94 -40.24
N ALA M 283 -19.63 23.36 -39.21
CA ALA M 283 -19.32 23.75 -37.85
C ALA M 283 -18.05 23.06 -37.37
N LYS M 284 -17.57 22.06 -38.11
CA LYS M 284 -16.40 21.32 -37.70
C LYS M 284 -15.24 21.71 -38.56
N ASN M 285 -14.03 21.67 -38.04
CA ASN M 285 -12.93 22.03 -38.90
C ASN M 285 -12.37 20.85 -39.64
N ILE M 286 -11.41 21.14 -40.49
CA ILE M 286 -10.75 20.19 -41.32
C ILE M 286 -9.26 20.19 -41.09
N LEU M 287 -8.68 19.04 -40.83
CA LEU M 287 -7.26 18.96 -40.62
C LEU M 287 -6.63 18.42 -41.90
N VAL M 288 -5.77 19.19 -42.50
CA VAL M 288 -5.16 18.78 -43.75
C VAL M 288 -3.71 18.42 -43.56
N GLN M 289 -3.36 17.19 -43.88
CA GLN M 289 -1.98 16.75 -43.73
C GLN M 289 -1.29 16.68 -45.07
N LEU M 290 -0.20 17.42 -45.20
CA LEU M 290 0.51 17.47 -46.46
C LEU M 290 1.45 16.28 -46.54
N ASN M 291 1.78 15.82 -47.77
CA ASN M 291 2.78 14.76 -48.01
C ASN M 291 4.19 15.28 -48.35
N GLU M 292 4.36 16.63 -48.45
CA GLU M 292 5.60 17.34 -48.73
C GLU M 292 5.52 18.56 -47.85
N SER M 293 6.62 18.98 -47.26
CA SER M 293 6.58 20.17 -46.43
C SER M 293 6.82 21.44 -47.22
N VAL M 294 6.42 22.55 -46.63
CA VAL M 294 6.70 23.86 -47.20
C VAL M 294 7.60 24.60 -46.25
N GLN M 295 8.72 25.05 -46.72
CA GLN M 295 9.63 25.72 -45.80
C GLN M 295 9.23 27.14 -45.58
N ILE M 296 9.24 27.56 -44.32
CA ILE M 296 8.98 28.93 -43.95
C ILE M 296 10.15 29.49 -43.11
N ASN M 297 10.68 30.69 -43.49
CA ASN M 297 11.80 31.38 -42.85
C ASN M 297 11.32 32.66 -42.16
N CYS M 298 11.36 32.69 -40.81
CA CYS M 298 10.84 33.80 -39.99
C CYS M 298 11.96 34.56 -39.31
N THR M 299 11.76 35.87 -39.21
CA THR M 299 12.73 36.68 -38.55
C THR M 299 12.23 37.95 -37.89
N ARG M 300 12.98 38.36 -36.88
CA ARG M 300 12.86 39.61 -36.19
C ARG M 300 14.19 40.30 -36.38
N PRO M 301 14.33 41.17 -37.39
CA PRO M 301 15.55 41.77 -37.87
C PRO M 301 16.27 42.75 -36.96
N ASN M 302 15.60 43.32 -35.99
CA ASN M 302 16.25 44.29 -35.14
C ASN M 302 17.15 43.68 -34.11
N ASN M 303 18.28 44.37 -33.77
CA ASN M 303 19.24 43.94 -32.76
C ASN M 303 18.86 44.58 -31.41
N ASN M 304 18.12 43.83 -30.56
CA ASN M 304 17.63 44.37 -29.30
C ASN M 304 18.69 44.27 -28.23
N THR M 305 18.87 45.36 -27.51
CA THR M 305 19.79 45.38 -26.40
C THR M 305 18.97 45.19 -25.17
N VAL M 306 19.26 44.13 -24.44
CA VAL M 306 18.50 43.77 -23.27
C VAL M 306 19.19 44.16 -21.99
N LYS M 307 18.42 44.82 -21.16
CA LYS M 307 18.88 45.31 -19.88
C LYS M 307 18.13 44.64 -18.76
N SER M 308 18.70 44.65 -17.58
CA SER M 308 17.97 44.11 -16.47
C SER M 308 18.19 44.89 -15.21
N ILE M 309 17.19 44.84 -14.37
CA ILE M 309 17.23 45.51 -13.08
C ILE M 309 16.82 44.61 -11.95
N ARG M 310 17.25 44.95 -10.75
CA ARG M 310 16.78 44.22 -9.61
C ARG M 310 15.55 44.93 -9.10
N ILE M 311 14.45 44.21 -8.98
CA ILE M 311 13.17 44.71 -8.50
C ILE M 311 13.04 44.47 -7.03
N GLY M 312 13.47 43.30 -6.64
CA GLY M 312 13.32 42.88 -5.27
C GLY M 312 14.48 42.00 -4.85
N PRO M 313 14.44 41.45 -3.65
CA PRO M 313 15.48 40.67 -3.07
C PRO M 313 15.62 39.32 -3.74
N GLY M 314 16.38 39.34 -4.84
CA GLY M 314 16.62 38.19 -5.70
C GLY M 314 15.76 38.14 -6.96
N GLN M 315 15.01 39.21 -7.22
CA GLN M 315 14.14 39.23 -8.38
C GLN M 315 14.60 40.15 -9.49
N TRP M 316 15.07 39.55 -10.57
CA TRP M 316 15.55 40.29 -11.72
C TRP M 316 14.52 40.35 -12.83
N PHE M 317 14.42 41.51 -13.45
CA PHE M 317 13.54 41.77 -14.58
C PHE M 317 14.25 42.14 -15.84
N TYR M 318 13.82 41.53 -16.93
CA TYR M 318 14.47 41.76 -18.22
C TYR M 318 13.59 42.53 -19.19
N TYR M 319 14.16 43.53 -19.83
CA TYR M 319 13.42 44.34 -20.77
C TYR M 319 14.28 44.88 -21.89
N THR M 320 13.64 45.30 -22.99
CA THR M 320 14.41 45.88 -24.07
C THR M 320 14.77 47.28 -23.68
N GLY M 321 16.05 47.56 -23.73
CA GLY M 321 16.59 48.85 -23.36
C GLY M 321 16.57 49.76 -24.54
N ASP M 322 17.20 49.30 -25.60
CA ASP M 322 17.29 50.08 -26.82
C ASP M 322 17.40 49.16 -28.01
N ILE M 323 17.43 49.72 -29.21
CA ILE M 323 17.55 48.93 -30.43
C ILE M 323 18.64 49.44 -31.35
N ILE M 324 19.48 48.53 -31.80
CA ILE M 324 20.52 48.85 -32.71
C ILE M 324 20.10 48.52 -34.13
N GLY M 325 20.25 49.51 -34.99
CA GLY M 325 19.86 49.38 -36.38
C GLY M 325 18.53 50.04 -36.63
N ASP M 326 18.16 50.14 -37.89
CA ASP M 326 16.92 50.78 -38.27
C ASP M 326 15.80 49.86 -37.86
N ILE M 327 14.62 50.38 -37.58
CA ILE M 327 13.53 49.54 -37.13
C ILE M 327 12.70 49.00 -38.27
N ARG M 328 12.59 47.67 -38.30
CA ARG M 328 11.91 46.95 -39.35
C ARG M 328 10.96 45.92 -38.77
N GLN M 329 9.90 45.62 -39.48
CA GLN M 329 8.97 44.63 -38.97
C GLN M 329 9.44 43.22 -39.09
N ALA M 330 8.98 42.40 -38.16
CA ALA M 330 9.21 40.97 -38.21
C ALA M 330 8.40 40.46 -39.36
N HIS M 331 8.88 39.44 -40.03
CA HIS M 331 8.17 38.87 -41.15
C HIS M 331 8.59 37.43 -41.40
N CYS M 332 7.77 36.68 -42.20
CA CYS M 332 8.06 35.29 -42.62
C CYS M 332 7.95 35.12 -44.12
N ASN M 333 8.87 34.36 -44.69
CA ASN M 333 8.84 34.08 -46.12
C ASN M 333 8.54 32.60 -46.40
N VAL M 334 7.75 32.36 -47.47
CA VAL M 334 7.53 31.02 -48.06
C VAL M 334 7.78 31.16 -49.55
N SER M 335 8.30 30.12 -50.19
CA SER M 335 8.51 30.21 -51.63
C SER M 335 7.15 30.28 -52.29
N LYS M 336 7.00 31.12 -53.32
CA LYS M 336 5.70 31.24 -53.95
C LYS M 336 5.31 30.03 -54.73
N ALA M 337 6.24 29.49 -55.49
CA ALA M 337 5.87 28.36 -56.32
C ALA M 337 5.50 27.17 -55.48
N THR M 338 6.25 26.97 -54.40
CA THR M 338 6.01 25.82 -53.57
C THR M 338 4.67 25.95 -52.92
N TRP M 339 4.37 27.14 -52.39
CA TRP M 339 3.08 27.34 -51.77
C TRP M 339 1.94 27.09 -52.72
N ASN M 340 2.02 27.58 -54.00
CA ASN M 340 0.96 27.36 -54.99
C ASN M 340 0.75 25.86 -55.29
N GLU M 341 1.86 25.07 -55.42
CA GLU M 341 1.79 23.63 -55.71
C GLU M 341 1.15 22.86 -54.58
N THR M 342 1.46 23.25 -53.35
CA THR M 342 0.91 22.54 -52.23
C THR M 342 -0.47 22.99 -51.90
N LEU M 343 -0.97 23.99 -52.59
CA LEU M 343 -2.29 24.40 -52.28
C LEU M 343 -3.13 23.67 -53.31
N GLY M 344 -2.64 23.56 -54.53
CA GLY M 344 -3.39 22.87 -55.58
C GLY M 344 -3.65 21.41 -55.19
N LYS M 345 -2.70 20.81 -54.47
CA LYS M 345 -2.83 19.43 -54.00
C LYS M 345 -4.02 19.28 -53.05
N VAL M 346 -4.26 20.32 -52.23
CA VAL M 346 -5.34 20.33 -51.25
C VAL M 346 -6.63 20.47 -51.99
N VAL M 347 -6.62 21.34 -52.98
CA VAL M 347 -7.80 21.60 -53.74
C VAL M 347 -8.29 20.34 -54.40
N LYS M 348 -7.39 19.57 -55.00
CA LYS M 348 -7.80 18.34 -55.63
C LYS M 348 -8.46 17.40 -54.63
N GLN M 349 -7.89 17.29 -53.44
CA GLN M 349 -8.47 16.42 -52.45
C GLN M 349 -9.80 16.93 -51.95
N LEU M 350 -9.98 18.24 -51.91
CA LEU M 350 -11.27 18.75 -51.50
C LEU M 350 -12.30 18.43 -52.58
N ARG M 351 -11.91 18.52 -53.87
CA ARG M 351 -12.88 18.24 -54.93
C ARG M 351 -13.42 16.83 -54.77
N LYS M 352 -12.59 15.91 -54.32
CA LYS M 352 -13.04 14.54 -54.10
C LYS M 352 -14.25 14.46 -53.17
N HIS M 353 -14.37 15.36 -52.19
CA HIS M 353 -15.48 15.33 -51.26
C HIS M 353 -16.60 16.29 -51.64
N PHE M 354 -16.30 17.33 -52.40
CA PHE M 354 -17.31 18.35 -52.68
C PHE M 354 -17.86 18.37 -54.12
N GLY M 355 -17.22 17.68 -55.03
CA GLY M 355 -17.63 17.63 -56.43
C GLY M 355 -16.59 18.28 -57.33
N ASN M 356 -16.33 17.65 -58.49
CA ASN M 356 -15.29 18.05 -59.46
C ASN M 356 -15.50 19.44 -60.07
N ASN M 357 -16.76 19.91 -60.21
CA ASN M 357 -17.07 21.22 -60.80
C ASN M 357 -17.38 22.32 -59.80
N THR M 358 -17.14 22.10 -58.51
CA THR M 358 -17.40 23.17 -57.55
C THR M 358 -16.15 24.02 -57.47
N ILE M 359 -16.31 25.33 -57.41
CA ILE M 359 -15.18 26.22 -57.28
C ILE M 359 -14.66 26.25 -55.85
N ILE M 360 -13.35 26.12 -55.70
CA ILE M 360 -12.79 26.18 -54.38
C ILE M 360 -12.04 27.46 -54.18
N ARG M 361 -12.56 28.26 -53.27
CA ARG M 361 -11.99 29.55 -53.01
C ARG M 361 -11.35 29.63 -51.68
N PHE M 362 -10.16 30.18 -51.64
CA PHE M 362 -9.53 30.41 -50.36
C PHE M 362 -9.69 31.84 -50.00
N ALA M 363 -9.83 32.07 -48.73
CA ALA M 363 -10.00 33.40 -48.20
C ALA M 363 -9.33 33.45 -46.85
N ASN M 364 -9.05 34.66 -46.34
CA ASN M 364 -8.42 34.86 -45.02
C ASN M 364 -9.48 34.74 -43.91
N SER M 365 -9.03 34.84 -42.63
CA SER M 365 -9.90 34.69 -41.45
C SER M 365 -11.01 35.70 -41.39
N SER M 366 -12.15 35.23 -40.92
CA SER M 366 -13.35 36.03 -40.84
C SER M 366 -13.35 37.02 -39.70
N GLY M 367 -12.47 36.84 -38.75
CA GLY M 367 -12.46 37.74 -37.61
C GLY M 367 -12.11 37.03 -36.33
N GLY M 368 -12.18 37.76 -35.23
CA GLY M 368 -11.80 37.25 -33.92
C GLY M 368 -10.56 37.99 -33.46
N ASP M 369 -9.99 37.59 -32.34
CA ASP M 369 -8.85 38.33 -31.85
C ASP M 369 -7.59 37.86 -32.55
N LEU M 370 -6.47 38.46 -32.20
CA LEU M 370 -5.20 38.18 -32.83
C LEU M 370 -4.82 36.72 -32.75
N GLU M 371 -5.20 36.06 -31.67
CA GLU M 371 -4.85 34.68 -31.47
C GLU M 371 -5.41 33.74 -32.53
N VAL M 372 -6.53 34.10 -33.15
CA VAL M 372 -7.11 33.22 -34.14
C VAL M 372 -7.08 33.80 -35.54
N THR M 373 -6.93 35.11 -35.67
CA THR M 373 -6.90 35.67 -37.00
C THR M 373 -5.53 35.55 -37.61
N THR M 374 -4.51 35.42 -36.78
CA THR M 374 -3.17 35.27 -37.29
C THR M 374 -2.57 33.93 -36.93
N HIS M 375 -1.46 33.64 -37.58
CA HIS M 375 -0.69 32.46 -37.36
C HIS M 375 0.29 32.71 -36.27
N SER M 376 0.11 32.10 -35.13
CA SER M 376 1.05 32.40 -34.09
C SER M 376 1.94 31.23 -33.84
N PHE M 377 3.13 31.55 -33.39
CA PHE M 377 4.13 30.58 -33.02
C PHE M 377 5.23 31.16 -32.15
N ASN M 378 5.96 30.29 -31.49
CA ASN M 378 7.13 30.64 -30.69
C ASN M 378 8.43 30.39 -31.49
N CYS M 379 9.14 31.47 -31.90
CA CYS M 379 10.33 31.46 -32.76
C CYS M 379 11.54 31.99 -31.99
N GLY M 380 12.39 31.09 -31.55
CA GLY M 380 13.57 31.51 -30.81
C GLY M 380 13.26 31.87 -29.38
N GLY M 381 12.01 31.69 -28.99
CA GLY M 381 11.53 32.06 -27.68
C GLY M 381 10.69 33.33 -27.78
N GLU M 382 10.67 33.96 -28.94
CA GLU M 382 9.88 35.16 -29.14
C GLU M 382 8.47 34.80 -29.61
N PHE M 383 7.49 35.65 -29.33
CA PHE M 383 6.12 35.34 -29.78
C PHE M 383 5.61 36.15 -30.95
N PHE M 384 5.44 35.44 -32.07
CA PHE M 384 5.02 35.98 -33.35
C PHE M 384 3.57 35.72 -33.68
N TYR M 385 2.95 36.72 -34.31
CA TYR M 385 1.58 36.71 -34.82
C TYR M 385 1.53 37.18 -36.28
N CYS M 386 1.60 36.23 -37.25
CA CYS M 386 1.78 36.52 -38.68
C CYS M 386 0.48 36.55 -39.48
N ASN M 387 0.42 37.50 -40.38
CA ASN M 387 -0.73 37.71 -41.25
C ASN M 387 -0.66 36.79 -42.47
N THR M 388 -1.61 35.84 -42.57
CA THR M 388 -1.70 34.80 -43.58
C THR M 388 -2.65 35.14 -44.73
N SER M 389 -3.10 36.38 -44.80
CA SER M 389 -3.99 36.72 -45.91
C SER M 389 -3.27 36.64 -47.25
N GLY M 390 -1.95 36.65 -47.21
CA GLY M 390 -1.15 36.54 -48.42
C GLY M 390 -1.02 35.08 -48.88
N LEU M 391 -1.47 34.14 -48.06
CA LEU M 391 -1.40 32.73 -48.41
C LEU M 391 -2.73 32.20 -48.89
N PHE M 392 -3.82 32.77 -48.39
CA PHE M 392 -5.15 32.28 -48.71
C PHE M 392 -6.02 33.29 -49.44
N ASN M 393 -5.61 33.63 -50.69
CA ASN M 393 -6.25 34.62 -51.57
C ASN M 393 -6.85 34.03 -52.87
N SER M 394 -6.28 32.89 -53.39
CA SER M 394 -6.60 32.30 -54.70
C SER M 394 -7.94 31.59 -54.85
N THR M 395 -8.51 31.66 -56.06
CA THR M 395 -9.73 30.93 -56.41
C THR M 395 -9.41 29.89 -57.48
N TRP M 396 -9.77 28.65 -57.19
CA TRP M 396 -9.48 27.53 -58.07
C TRP M 396 -10.72 27.04 -58.83
N ILE M 397 -10.68 27.18 -60.14
CA ILE M 397 -11.84 26.84 -60.97
C ILE M 397 -11.56 25.66 -61.92
N SER M 398 -12.45 24.64 -61.89
CA SER M 398 -12.44 23.41 -62.70
C SER M 398 -12.08 23.67 -64.17
N ASN M 411 11.50 30.89 -57.36
CA ASN M 411 12.43 32.00 -57.18
C ASN M 411 11.82 33.13 -56.32
N ASP M 412 10.56 33.52 -56.66
CA ASP M 412 9.78 34.57 -56.02
C ASP M 412 9.22 34.05 -54.70
N SER M 413 8.82 34.97 -53.83
CA SER M 413 8.32 34.56 -52.52
C SER M 413 7.20 35.41 -51.98
N ILE M 414 6.52 34.83 -51.01
CA ILE M 414 5.44 35.51 -50.35
C ILE M 414 5.89 35.98 -49.00
N THR M 415 5.80 37.27 -48.75
CA THR M 415 6.23 37.78 -47.46
C THR M 415 5.03 38.11 -46.61
N LEU M 416 5.02 37.55 -45.42
CA LEU M 416 3.97 37.73 -44.46
C LEU M 416 4.45 38.66 -43.36
N PRO M 417 3.83 39.81 -43.10
CA PRO M 417 4.22 40.72 -42.05
C PRO M 417 3.81 40.03 -40.76
N CYS M 418 4.54 40.26 -39.65
CA CYS M 418 4.24 39.69 -38.33
C CYS M 418 4.34 40.72 -37.21
N ARG M 419 3.50 40.55 -36.20
CA ARG M 419 3.57 41.37 -35.01
C ARG M 419 4.20 40.59 -33.88
N ILE M 420 4.84 41.28 -32.97
CA ILE M 420 5.45 40.66 -31.81
C ILE M 420 4.75 41.12 -30.55
N LYS M 421 4.45 40.20 -29.65
CA LYS M 421 3.76 40.55 -28.42
C LYS M 421 4.43 39.93 -27.20
N GLN M 422 4.65 40.69 -26.11
CA GLN M 422 5.29 40.12 -24.92
C GLN M 422 4.34 39.68 -23.82
N ILE M 423 3.11 40.15 -23.81
CA ILE M 423 2.21 39.69 -22.76
C ILE M 423 1.27 38.69 -23.33
N ILE M 424 1.46 37.45 -22.93
CA ILE M 424 0.75 36.35 -23.51
C ILE M 424 -0.24 35.66 -22.60
N ASN M 425 -1.50 35.58 -23.03
CA ASN M 425 -2.51 34.83 -22.29
C ASN M 425 -2.59 33.52 -23.01
N MET M 426 -1.91 32.53 -22.49
CA MET M 426 -1.76 31.30 -23.23
C MET M 426 -2.85 30.30 -22.90
N TRP M 427 -3.18 29.48 -23.90
CA TRP M 427 -4.17 28.39 -23.84
C TRP M 427 -5.61 28.85 -23.69
N GLN M 428 -5.95 30.00 -24.26
CA GLN M 428 -7.31 30.52 -24.24
C GLN M 428 -7.89 30.61 -22.83
N ARG M 429 -7.12 31.15 -21.92
CA ARG M 429 -7.55 31.30 -20.54
C ARG M 429 -7.63 32.75 -20.20
N ILE M 430 -8.39 33.04 -19.16
CA ILE M 430 -8.49 34.41 -18.71
C ILE M 430 -7.67 34.56 -17.46
N GLY M 431 -6.73 35.47 -17.52
CA GLY M 431 -5.82 35.70 -16.42
C GLY M 431 -4.63 34.78 -16.54
N GLN M 432 -3.81 34.70 -15.49
CA GLN M 432 -2.58 33.93 -15.55
C GLN M 432 -1.74 34.33 -16.74
N ALA M 433 -1.43 35.61 -16.87
CA ALA M 433 -0.65 36.08 -18.00
C ALA M 433 0.81 35.81 -17.79
N MET M 434 1.55 35.63 -18.87
CA MET M 434 2.99 35.53 -18.73
C MET M 434 3.69 36.60 -19.51
N TYR M 435 4.83 37.00 -19.00
CA TYR M 435 5.64 37.96 -19.69
C TYR M 435 6.81 37.28 -20.33
N ALA M 436 6.95 37.49 -21.62
CA ALA M 436 8.04 36.92 -22.33
C ALA M 436 9.17 37.92 -22.35
N PRO M 437 10.32 37.66 -21.71
CA PRO M 437 11.39 38.59 -21.64
C PRO M 437 11.92 38.64 -23.03
N PRO M 438 12.54 39.73 -23.44
CA PRO M 438 13.13 39.94 -24.73
C PRO M 438 14.38 39.15 -24.91
N ILE M 439 14.73 38.93 -26.15
CA ILE M 439 15.93 38.20 -26.49
C ILE M 439 17.00 39.05 -27.15
N GLN M 440 18.16 39.05 -26.53
CA GLN M 440 19.30 39.82 -27.01
C GLN M 440 19.67 39.45 -28.41
N GLY M 441 19.83 40.45 -29.27
CA GLY M 441 20.21 40.16 -30.64
C GLY M 441 19.05 40.10 -31.62
N VAL M 442 19.28 39.35 -32.69
CA VAL M 442 18.40 39.23 -33.85
C VAL M 442 17.93 37.78 -33.95
N ILE M 443 16.64 37.55 -34.20
CA ILE M 443 16.12 36.18 -34.27
C ILE M 443 15.78 35.70 -35.63
N ARG M 444 16.27 34.52 -35.95
CA ARG M 444 15.91 33.87 -37.20
C ARG M 444 15.65 32.39 -36.90
N CYS M 445 14.57 31.81 -37.46
CA CYS M 445 14.22 30.39 -37.32
C CYS M 445 13.66 29.90 -38.65
N VAL M 446 13.90 28.64 -38.92
CA VAL M 446 13.39 28.00 -40.11
C VAL M 446 12.57 26.81 -39.73
N SER M 447 11.38 26.71 -40.24
CA SER M 447 10.51 25.60 -39.88
C SER M 447 9.76 25.03 -41.07
N ASN M 448 9.19 23.83 -40.89
CA ASN M 448 8.42 23.08 -41.89
C ASN M 448 6.92 23.18 -41.66
N ILE M 449 6.15 23.57 -42.70
CA ILE M 449 4.69 23.55 -42.67
C ILE M 449 4.30 22.16 -43.09
N THR M 450 3.65 21.44 -42.21
CA THR M 450 3.28 20.06 -42.44
C THR M 450 1.78 19.89 -42.56
N GLY M 451 1.02 20.88 -42.13
CA GLY M 451 -0.43 20.76 -42.26
C GLY M 451 -1.14 22.06 -42.01
N LEU M 452 -2.43 22.05 -42.34
CA LEU M 452 -3.28 23.23 -42.20
C LEU M 452 -4.55 22.98 -41.42
N ILE M 453 -5.06 23.99 -40.73
CA ILE M 453 -6.39 23.86 -40.17
C ILE M 453 -7.31 24.79 -40.92
N LEU M 454 -8.30 24.22 -41.58
CA LEU M 454 -9.24 25.00 -42.37
C LEU M 454 -10.64 24.83 -41.91
N THR M 455 -11.45 25.85 -42.11
CA THR M 455 -12.85 25.71 -41.88
C THR M 455 -13.56 26.07 -43.14
N ARG M 456 -14.64 25.39 -43.38
CA ARG M 456 -15.42 25.65 -44.55
C ARG M 456 -16.52 26.62 -44.17
N ASP M 457 -16.80 27.57 -45.02
CA ASP M 457 -17.86 28.51 -44.81
C ASP M 457 -19.13 27.89 -45.34
N GLY M 458 -20.25 28.56 -45.25
CA GLY M 458 -21.45 27.95 -45.78
C GLY M 458 -21.45 28.05 -47.31
N GLY M 459 -22.03 27.05 -48.00
CA GLY M 459 -22.14 27.10 -49.47
C GLY M 459 -23.47 27.78 -49.89
N SER M 460 -24.23 28.16 -48.87
CA SER M 460 -25.53 28.81 -48.95
C SER M 460 -26.49 28.15 -49.90
N THR M 461 -26.50 26.82 -49.93
CA THR M 461 -27.34 25.94 -50.76
C THR M 461 -27.03 26.02 -52.26
N ASN M 462 -26.16 26.95 -52.67
CA ASN M 462 -25.89 27.14 -54.08
C ASN M 462 -24.86 26.13 -54.55
N SER M 463 -23.88 25.85 -53.70
CA SER M 463 -22.86 24.87 -54.03
C SER M 463 -22.22 25.09 -55.39
N THR M 464 -21.86 26.32 -55.70
CA THR M 464 -21.23 26.57 -56.97
C THR M 464 -19.81 26.82 -56.63
N THR M 465 -19.65 27.36 -55.43
CA THR M 465 -18.40 27.70 -54.82
C THR M 465 -18.47 27.36 -53.35
N GLU M 466 -17.36 26.92 -52.82
CA GLU M 466 -17.17 26.68 -51.41
C GLU M 466 -15.99 27.52 -50.98
N THR M 467 -16.06 28.10 -49.80
CA THR M 467 -14.96 28.94 -49.34
C THR M 467 -14.29 28.39 -48.11
N PHE M 468 -12.97 28.31 -48.18
CA PHE M 468 -12.19 27.80 -47.08
C PHE M 468 -11.36 28.90 -46.48
N ARG M 469 -11.33 28.92 -45.16
CA ARG M 469 -10.57 29.93 -44.46
C ARG M 469 -9.70 29.26 -43.41
N PRO M 470 -8.56 29.82 -43.02
CA PRO M 470 -7.80 29.34 -41.91
C PRO M 470 -8.65 29.38 -40.67
N GLY M 471 -8.54 28.34 -39.87
CA GLY M 471 -9.27 28.25 -38.62
C GLY M 471 -8.31 27.77 -37.57
N GLY M 472 -8.81 27.32 -36.44
CA GLY M 472 -7.89 26.86 -35.40
C GLY M 472 -7.93 27.71 -34.15
N GLY M 473 -6.92 27.52 -33.30
CA GLY M 473 -6.79 28.17 -31.99
C GLY M 473 -7.09 27.22 -30.84
N ASP M 474 -7.77 26.10 -31.12
CA ASP M 474 -8.05 25.10 -30.10
C ASP M 474 -6.93 24.13 -30.21
N MET M 475 -6.08 24.12 -29.23
CA MET M 475 -4.86 23.36 -29.29
C MET M 475 -5.03 21.87 -29.40
N ARG M 476 -6.18 21.36 -29.02
CA ARG M 476 -6.38 19.93 -29.09
C ARG M 476 -6.38 19.44 -30.50
N ASP M 477 -6.55 20.33 -31.45
CA ASP M 477 -6.56 19.94 -32.83
C ASP M 477 -5.16 19.60 -33.28
N ASN M 478 -4.15 20.22 -32.69
CA ASN M 478 -2.80 19.91 -33.13
C ASN M 478 -2.38 18.61 -32.51
N TRP M 479 -2.79 18.38 -31.28
CA TRP M 479 -2.36 17.17 -30.62
C TRP M 479 -3.01 16.01 -31.34
N ARG M 480 -4.28 16.19 -31.69
CA ARG M 480 -5.04 15.18 -32.38
C ARG M 480 -4.47 14.85 -33.72
N SER M 481 -3.96 15.84 -34.44
CA SER M 481 -3.41 15.58 -35.74
C SER M 481 -2.26 14.58 -35.66
N GLU M 482 -1.38 14.73 -34.68
CA GLU M 482 -0.26 13.78 -34.55
C GLU M 482 -0.64 12.40 -34.02
N LEU M 483 -1.61 12.35 -33.11
CA LEU M 483 -2.05 11.12 -32.44
C LEU M 483 -3.15 10.34 -33.14
N TYR M 484 -3.52 10.75 -34.33
CA TYR M 484 -4.63 10.14 -35.04
C TYR M 484 -4.51 8.65 -35.26
N LYS M 485 -3.32 8.12 -35.25
CA LYS M 485 -3.12 6.71 -35.51
C LYS M 485 -3.04 5.85 -34.24
N TYR M 486 -3.19 6.44 -33.06
CA TYR M 486 -3.03 5.61 -31.84
C TYR M 486 -4.30 5.41 -31.02
N LYS M 487 -4.43 4.21 -30.46
CA LYS M 487 -5.54 3.87 -29.58
C LYS M 487 -5.10 3.17 -28.31
N VAL M 488 -5.75 3.45 -27.19
CA VAL M 488 -5.43 2.74 -25.95
C VAL M 488 -6.47 1.71 -25.59
N VAL M 489 -5.99 0.49 -25.32
CA VAL M 489 -6.89 -0.56 -24.92
C VAL M 489 -6.43 -1.20 -23.63
N LYS M 490 -7.34 -1.86 -22.95
CA LYS M 490 -7.06 -2.59 -21.73
C LYS M 490 -7.08 -4.06 -21.98
N ILE M 491 -6.18 -4.76 -21.36
CA ILE M 491 -6.07 -6.19 -21.54
C ILE M 491 -6.95 -6.91 -20.54
N GLU M 492 -7.74 -7.88 -21.03
CA GLU M 492 -8.67 -8.65 -20.20
C GLU M 492 -8.41 -10.17 -20.24
N PRO M 493 -7.51 -10.72 -19.40
CA PRO M 493 -7.02 -12.08 -19.39
C PRO M 493 -7.99 -13.22 -19.13
N LEU M 494 -9.16 -13.01 -18.55
CA LEU M 494 -10.02 -14.17 -18.36
C LEU M 494 -11.01 -14.38 -19.46
N GLY M 495 -11.29 -15.62 -19.71
CA GLY M 495 -12.35 -15.97 -20.61
C GLY M 495 -12.69 -17.42 -20.43
N VAL M 496 -13.81 -17.80 -20.98
CA VAL M 496 -14.26 -19.16 -20.87
C VAL M 496 -14.64 -19.66 -22.21
N ALA M 497 -14.64 -20.96 -22.39
CA ALA M 497 -15.07 -21.60 -23.62
C ALA M 497 -15.41 -23.04 -23.32
N PRO M 498 -16.31 -23.70 -24.03
CA PRO M 498 -16.61 -25.09 -23.85
C PRO M 498 -15.54 -26.02 -24.36
N THR M 499 -15.32 -27.12 -23.65
CA THR M 499 -14.42 -28.20 -24.09
C THR M 499 -15.01 -29.53 -23.67
N ARG M 500 -14.33 -30.62 -24.03
CA ARG M 500 -14.78 -31.96 -23.63
C ARG M 500 -14.31 -32.44 -22.24
N CYS M 501 -13.51 -31.65 -21.49
CA CYS M 501 -12.99 -32.07 -20.18
C CYS M 501 -13.98 -31.69 -19.08
N LYS M 502 -13.86 -32.34 -17.96
CA LYS M 502 -14.68 -32.00 -16.83
C LYS M 502 -13.79 -32.18 -15.65
N ARG M 503 -14.05 -31.45 -14.59
CA ARG M 503 -13.22 -31.63 -13.44
C ARG M 503 -13.34 -33.05 -12.94
N ARG M 504 -12.20 -33.67 -12.63
CA ARG M 504 -12.19 -35.06 -12.16
C ARG M 504 -12.72 -35.30 -10.74
N VAL M 505 -12.45 -34.36 -9.80
CA VAL M 505 -12.84 -34.39 -8.39
C VAL M 505 -12.24 -35.65 -7.72
N GLY N 523 5.53 -12.87 -29.39
CA GLY N 523 5.44 -11.64 -28.63
C GLY N 523 4.02 -11.45 -28.09
N PHE N 524 3.86 -10.47 -27.18
CA PHE N 524 2.60 -10.13 -26.50
C PHE N 524 1.52 -9.71 -27.49
N LEU N 525 0.38 -10.38 -27.39
CA LEU N 525 -0.78 -10.23 -28.26
C LEU N 525 -0.50 -10.65 -29.68
N GLY N 526 0.60 -11.35 -29.93
CA GLY N 526 0.88 -11.77 -31.30
C GLY N 526 -0.12 -12.81 -31.76
N ALA N 527 -0.78 -13.44 -30.81
CA ALA N 527 -1.76 -14.46 -31.04
C ALA N 527 -3.15 -13.87 -31.18
N ALA N 528 -3.28 -12.57 -31.13
CA ALA N 528 -4.61 -11.98 -31.19
C ALA N 528 -5.40 -12.37 -32.42
N GLY N 529 -4.75 -12.56 -33.55
CA GLY N 529 -5.48 -12.94 -34.75
C GLY N 529 -5.55 -14.45 -34.99
N SER N 530 -5.01 -15.22 -34.06
CA SER N 530 -4.96 -16.66 -34.16
C SER N 530 -6.27 -17.24 -33.73
N THR N 531 -6.49 -18.48 -34.07
CA THR N 531 -7.72 -19.11 -33.66
C THR N 531 -7.62 -19.38 -32.19
N MET N 532 -8.74 -19.66 -31.54
CA MET N 532 -8.72 -19.91 -30.12
C MET N 532 -7.83 -21.06 -29.76
N GLY N 533 -7.87 -22.12 -30.54
CA GLY N 533 -7.04 -23.26 -30.23
C GLY N 533 -5.58 -22.86 -30.25
N ALA N 534 -5.13 -22.32 -31.37
CA ALA N 534 -3.74 -21.94 -31.48
C ALA N 534 -3.32 -20.88 -30.49
N ALA N 535 -4.20 -19.94 -30.22
CA ALA N 535 -3.87 -18.85 -29.34
C ALA N 535 -3.63 -19.33 -27.94
N SER N 536 -4.33 -20.38 -27.53
CA SER N 536 -4.24 -20.89 -26.17
C SER N 536 -2.89 -21.54 -25.91
N MET N 537 -2.10 -21.73 -26.96
CA MET N 537 -0.79 -22.31 -26.81
C MET N 537 0.14 -21.35 -26.09
N THR N 538 -0.17 -20.05 -26.13
CA THR N 538 0.72 -19.07 -25.52
C THR N 538 0.02 -18.19 -24.53
N LEU N 539 -0.40 -18.76 -23.41
CA LEU N 539 -1.08 -17.95 -22.42
C LEU N 539 -0.11 -17.26 -21.49
N THR N 540 1.10 -17.79 -21.30
CA THR N 540 1.99 -17.19 -20.32
C THR N 540 2.45 -15.81 -20.73
N VAL N 541 2.63 -15.61 -22.01
CA VAL N 541 3.08 -14.32 -22.49
C VAL N 541 2.06 -13.24 -22.20
N GLN N 542 0.80 -13.61 -22.03
CA GLN N 542 -0.20 -12.62 -21.80
C GLN N 542 -0.34 -12.33 -20.32
N ALA N 543 0.31 -13.13 -19.48
CA ALA N 543 0.20 -13.00 -18.04
C ALA N 543 1.39 -12.22 -17.52
N ARG N 544 2.53 -12.40 -18.16
CA ARG N 544 3.76 -11.78 -17.70
C ARG N 544 3.81 -10.30 -18.01
N ASN N 545 2.87 -9.84 -18.79
CA ASN N 545 2.79 -8.45 -19.16
C ASN N 545 1.70 -7.71 -18.40
N LEU N 546 1.24 -8.30 -17.30
CA LEU N 546 0.24 -7.63 -16.49
C LEU N 546 0.88 -6.91 -15.30
N LEU N 547 2.04 -7.38 -14.85
CA LEU N 547 2.72 -6.79 -13.71
C LEU N 547 3.99 -6.07 -14.17
N SER N 548 4.39 -4.99 -13.45
CA SER N 548 5.64 -4.25 -13.71
C SER N 548 6.21 -3.71 -12.41
N ASP N 570 6.99 17.50 -8.28
CA ASP N 570 5.72 17.49 -9.01
C ASP N 570 4.77 16.52 -8.31
N THR N 571 3.94 17.06 -7.38
CA THR N 571 2.96 16.34 -6.57
C THR N 571 1.87 15.69 -7.39
N HIS N 572 1.37 16.41 -8.37
CA HIS N 572 0.27 15.89 -9.15
C HIS N 572 0.71 14.74 -9.99
N TRP N 573 1.90 14.83 -10.56
CA TRP N 573 2.35 13.72 -11.36
C TRP N 573 2.52 12.50 -10.48
N GLY N 574 3.14 12.67 -9.31
CA GLY N 574 3.35 11.54 -8.44
C GLY N 574 2.06 10.87 -8.02
N ILE N 575 1.02 11.64 -7.71
CA ILE N 575 -0.23 11.01 -7.34
C ILE N 575 -0.84 10.27 -8.50
N LYS N 576 -0.84 10.86 -9.69
CA LYS N 576 -1.42 10.12 -10.80
C LYS N 576 -0.73 8.79 -11.01
N GLN N 577 0.60 8.76 -10.87
CA GLN N 577 1.30 7.50 -11.08
C GLN N 577 0.98 6.51 -9.99
N LEU N 578 0.84 6.96 -8.76
CA LEU N 578 0.47 6.00 -7.73
C LEU N 578 -0.90 5.46 -7.98
N GLN N 579 -1.83 6.33 -8.38
CA GLN N 579 -3.21 5.93 -8.76
C GLN N 579 -3.13 4.74 -9.71
N ALA N 580 -2.34 4.87 -10.78
CA ALA N 580 -2.26 3.90 -11.85
C ALA N 580 -1.67 2.59 -11.38
N ARG N 581 -0.66 2.66 -10.52
CA ARG N 581 -0.02 1.44 -10.05
C ARG N 581 -0.87 0.69 -9.07
N VAL N 582 -1.56 1.40 -8.20
CA VAL N 582 -2.39 0.73 -7.24
C VAL N 582 -3.51 0.06 -7.96
N LEU N 583 -4.08 0.74 -8.95
CA LEU N 583 -5.18 0.17 -9.69
C LEU N 583 -4.76 -1.08 -10.43
N ALA N 584 -3.58 -1.08 -11.05
CA ALA N 584 -3.16 -2.27 -11.75
C ALA N 584 -3.07 -3.46 -10.80
N VAL N 585 -2.59 -3.22 -9.58
CA VAL N 585 -2.52 -4.30 -8.61
C VAL N 585 -3.89 -4.78 -8.24
N GLU N 586 -4.83 -3.86 -8.02
CA GLU N 586 -6.16 -4.27 -7.64
C GLU N 586 -6.81 -5.12 -8.72
N HIS N 587 -6.60 -4.79 -9.99
CA HIS N 587 -7.21 -5.60 -11.03
C HIS N 587 -6.59 -6.98 -11.06
N TYR N 588 -5.29 -7.06 -10.90
CA TYR N 588 -4.64 -8.34 -10.91
C TYR N 588 -5.20 -9.23 -9.84
N LEU N 589 -5.29 -8.70 -8.61
CA LEU N 589 -5.76 -9.49 -7.52
C LEU N 589 -7.20 -9.89 -7.68
N ARG N 590 -8.02 -9.02 -8.25
CA ARG N 590 -9.42 -9.37 -8.42
C ARG N 590 -9.57 -10.62 -9.26
N ASP N 591 -8.80 -10.72 -10.34
CA ASP N 591 -8.93 -11.90 -11.18
C ASP N 591 -8.37 -13.12 -10.47
N GLN N 592 -7.32 -12.94 -9.69
CA GLN N 592 -6.79 -14.10 -9.00
C GLN N 592 -7.76 -14.58 -7.96
N GLN N 593 -8.49 -13.68 -7.32
CA GLN N 593 -9.45 -14.11 -6.34
C GLN N 593 -10.51 -14.94 -6.99
N LEU N 594 -10.97 -14.56 -8.19
CA LEU N 594 -11.99 -15.36 -8.82
C LEU N 594 -11.49 -16.75 -9.14
N LEU N 595 -10.26 -16.86 -9.57
CA LEU N 595 -9.78 -18.19 -9.85
C LEU N 595 -9.77 -18.99 -8.56
N GLY N 596 -9.46 -18.35 -7.46
CA GLY N 596 -9.48 -19.04 -6.18
C GLY N 596 -10.89 -19.55 -5.86
N ILE N 597 -11.88 -18.69 -6.00
CA ILE N 597 -13.26 -18.99 -5.71
C ILE N 597 -13.82 -20.09 -6.56
N TRP N 598 -13.44 -20.11 -7.81
CA TRP N 598 -13.91 -21.12 -8.75
C TRP N 598 -13.14 -22.44 -8.65
N GLY N 599 -12.12 -22.51 -7.80
CA GLY N 599 -11.30 -23.72 -7.67
C GLY N 599 -10.22 -23.92 -8.76
N CYS N 600 -9.76 -22.83 -9.41
CA CYS N 600 -8.79 -22.79 -10.50
C CYS N 600 -7.51 -22.07 -10.08
N SER N 601 -7.23 -22.02 -8.79
CA SER N 601 -6.05 -21.32 -8.38
C SER N 601 -4.77 -21.95 -8.90
N GLY N 602 -3.85 -21.11 -9.39
CA GLY N 602 -2.54 -21.55 -9.84
C GLY N 602 -2.51 -22.23 -11.20
N LYS N 603 -3.51 -22.00 -12.04
CA LYS N 603 -3.56 -22.67 -13.33
C LYS N 603 -3.87 -21.71 -14.44
N LEU N 604 -3.36 -21.99 -15.63
CA LEU N 604 -3.72 -21.16 -16.76
C LEU N 604 -4.92 -21.76 -17.47
N ILE N 605 -5.06 -23.08 -17.41
CA ILE N 605 -6.20 -23.75 -18.02
C ILE N 605 -6.83 -24.61 -16.92
N CYS N 606 -8.15 -24.49 -16.67
CA CYS N 606 -8.88 -25.20 -15.61
C CYS N 606 -10.23 -25.79 -16.06
N CYS N 607 -10.41 -27.08 -15.78
CA CYS N 607 -11.65 -27.77 -16.12
C CYS N 607 -12.60 -27.61 -14.94
N THR N 608 -13.88 -27.44 -15.23
CA THR N 608 -14.87 -27.25 -14.17
C THR N 608 -15.99 -28.25 -14.35
N ASN N 609 -16.97 -28.19 -13.46
CA ASN N 609 -18.15 -29.05 -13.54
C ASN N 609 -19.40 -28.35 -14.03
N VAL N 610 -19.28 -27.17 -14.61
CA VAL N 610 -20.47 -26.48 -15.11
C VAL N 610 -20.70 -26.84 -16.57
N PRO N 611 -21.84 -27.42 -16.95
CA PRO N 611 -22.20 -27.78 -18.30
C PRO N 611 -22.29 -26.56 -19.16
N TRP N 612 -21.98 -26.69 -20.43
CA TRP N 612 -22.14 -25.57 -21.33
C TRP N 612 -23.58 -25.53 -21.79
N ASN N 613 -24.21 -24.34 -21.74
CA ASN N 613 -25.58 -24.08 -22.16
C ASN N 613 -25.62 -23.72 -23.65
N SER N 614 -26.54 -24.35 -24.40
CA SER N 614 -26.75 -24.09 -25.82
C SER N 614 -27.36 -22.71 -26.00
N SER N 615 -27.89 -22.15 -24.91
CA SER N 615 -28.47 -20.83 -24.99
C SER N 615 -27.40 -19.76 -24.86
N TRP N 616 -26.18 -20.12 -24.46
CA TRP N 616 -25.13 -19.13 -24.35
C TRP N 616 -24.52 -19.00 -25.71
N SER N 617 -24.22 -20.15 -26.29
CA SER N 617 -23.66 -20.18 -27.63
C SER N 617 -23.78 -21.55 -28.21
N ASN N 618 -24.47 -21.66 -29.33
CA ASN N 618 -24.65 -22.96 -29.95
C ASN N 618 -23.84 -23.07 -31.21
N ARG N 619 -22.65 -23.62 -31.08
CA ARG N 619 -21.70 -23.76 -32.16
C ARG N 619 -21.06 -25.14 -32.04
N ASN N 620 -20.42 -25.64 -33.13
CA ASN N 620 -19.69 -26.91 -33.11
C ASN N 620 -18.42 -26.71 -32.28
N LEU N 621 -17.94 -27.75 -31.56
CA LEU N 621 -16.67 -27.63 -30.78
C LEU N 621 -15.51 -27.27 -31.71
N SER N 622 -15.50 -27.85 -32.90
CA SER N 622 -14.50 -27.56 -33.91
C SER N 622 -14.67 -26.20 -34.54
N GLU N 623 -15.83 -25.62 -34.42
CA GLU N 623 -16.09 -24.32 -35.00
C GLU N 623 -15.46 -23.31 -34.11
N ILE N 624 -15.70 -23.47 -32.82
CA ILE N 624 -15.20 -22.52 -31.87
C ILE N 624 -13.71 -22.56 -31.81
N TRP N 625 -13.14 -23.74 -31.68
CA TRP N 625 -11.72 -23.81 -31.52
C TRP N 625 -10.88 -23.60 -32.78
N ASP N 626 -11.36 -23.97 -33.96
CA ASP N 626 -10.57 -23.79 -35.18
C ASP N 626 -10.94 -22.58 -36.05
N ASN N 627 -12.18 -22.08 -36.00
CA ASN N 627 -12.54 -21.01 -36.91
C ASN N 627 -12.88 -19.67 -36.26
N MET N 628 -12.50 -19.49 -35.01
CA MET N 628 -12.75 -18.25 -34.31
C MET N 628 -11.56 -17.80 -33.54
N THR N 629 -11.43 -16.48 -33.35
CA THR N 629 -10.40 -15.89 -32.51
C THR N 629 -10.99 -15.62 -31.14
N TRP N 630 -10.15 -15.33 -30.15
CA TRP N 630 -10.70 -15.06 -28.84
C TRP N 630 -11.48 -13.76 -28.79
N LEU N 631 -11.14 -12.79 -29.62
CA LEU N 631 -11.88 -11.53 -29.60
C LEU N 631 -13.29 -11.77 -30.12
N GLN N 632 -13.42 -12.60 -31.15
CA GLN N 632 -14.75 -12.84 -31.69
C GLN N 632 -15.58 -13.59 -30.70
N TRP N 633 -14.97 -14.54 -30.04
CA TRP N 633 -15.66 -15.34 -29.06
C TRP N 633 -16.14 -14.47 -27.93
N ASP N 634 -15.29 -13.58 -27.45
CA ASP N 634 -15.68 -12.74 -26.35
C ASP N 634 -16.90 -11.92 -26.70
N LYS N 635 -16.96 -11.42 -27.92
CA LYS N 635 -18.13 -10.65 -28.27
C LYS N 635 -19.38 -11.53 -28.30
N GLU N 636 -19.26 -12.74 -28.82
CA GLU N 636 -20.43 -13.59 -28.96
C GLU N 636 -21.09 -13.93 -27.66
N ILE N 637 -20.31 -14.11 -26.61
CA ILE N 637 -20.90 -14.46 -25.34
C ILE N 637 -20.77 -13.39 -24.29
N SER N 638 -20.56 -12.14 -24.67
CA SER N 638 -20.36 -11.15 -23.61
C SER N 638 -21.56 -11.00 -22.66
N ASN N 639 -22.80 -11.25 -23.12
CA ASN N 639 -24.04 -11.13 -22.33
C ASN N 639 -24.14 -12.17 -21.21
N TYR N 640 -23.39 -13.29 -21.31
CA TYR N 640 -23.46 -14.41 -20.40
C TYR N 640 -22.27 -14.45 -19.49
N THR N 641 -21.43 -13.42 -19.51
CA THR N 641 -20.24 -13.50 -18.69
C THR N 641 -20.57 -13.64 -17.24
N GLN N 642 -21.53 -12.87 -16.75
CA GLN N 642 -21.83 -12.92 -15.35
C GLN N 642 -22.61 -14.16 -14.98
N ILE N 643 -23.38 -14.68 -15.91
CA ILE N 643 -24.13 -15.86 -15.63
C ILE N 643 -23.18 -17.01 -15.44
N ILE N 644 -22.21 -17.11 -16.33
CA ILE N 644 -21.27 -18.19 -16.25
C ILE N 644 -20.47 -18.06 -14.98
N TYR N 645 -20.01 -16.86 -14.65
CA TYR N 645 -19.22 -16.73 -13.44
C TYR N 645 -20.04 -17.11 -12.24
N GLY N 646 -21.31 -16.74 -12.20
CA GLY N 646 -22.15 -17.10 -11.07
C GLY N 646 -22.26 -18.61 -10.93
N LEU N 647 -22.42 -19.32 -12.04
CA LEU N 647 -22.51 -20.75 -11.96
C LEU N 647 -21.21 -21.39 -11.50
N LEU N 648 -20.08 -20.84 -11.90
CA LEU N 648 -18.82 -21.42 -11.49
C LEU N 648 -18.68 -21.30 -9.98
N GLU N 649 -19.11 -20.20 -9.42
CA GLU N 649 -19.06 -20.04 -7.98
C GLU N 649 -19.96 -21.05 -7.28
N GLU N 650 -21.17 -21.26 -7.78
CA GLU N 650 -22.04 -22.22 -7.12
C GLU N 650 -21.47 -23.61 -7.18
N SER N 651 -20.85 -23.95 -8.29
CA SER N 651 -20.28 -25.25 -8.45
C SER N 651 -19.21 -25.50 -7.43
N GLN N 652 -18.32 -24.53 -7.21
CA GLN N 652 -17.28 -24.77 -6.24
C GLN N 652 -17.86 -24.91 -4.87
N ASN N 653 -18.91 -24.16 -4.54
CA ASN N 653 -19.45 -24.28 -3.21
C ASN N 653 -20.02 -25.67 -3.01
N GLN N 654 -20.65 -26.22 -4.05
CA GLN N 654 -21.18 -27.55 -3.89
C GLN N 654 -20.07 -28.56 -3.75
N GLN N 655 -18.98 -28.36 -4.46
CA GLN N 655 -17.92 -29.31 -4.32
C GLN N 655 -17.40 -29.32 -2.90
N GLU N 656 -17.28 -28.16 -2.26
CA GLU N 656 -16.78 -28.18 -0.89
C GLU N 656 -17.74 -28.90 0.03
N LYS N 657 -19.04 -28.74 -0.20
CA LYS N 657 -20.04 -29.42 0.61
C LYS N 657 -19.91 -30.92 0.46
N ASN N 658 -19.53 -31.38 -0.72
CA ASN N 658 -19.40 -32.80 -0.92
C ASN N 658 -18.16 -33.30 -0.21
N GLU N 659 -17.09 -32.52 -0.19
CA GLU N 659 -15.86 -32.96 0.44
C GLU N 659 -16.04 -33.17 1.95
N GLN N 660 -16.90 -32.36 2.56
CA GLN N 660 -17.19 -32.40 3.99
C GLN N 660 -17.91 -33.67 4.42
N ASP N 661 -18.40 -34.44 3.45
CA ASP N 661 -19.13 -35.68 3.66
C ASP N 661 -18.34 -36.86 4.22
N LEU N 662 -17.07 -37.00 3.92
CA LEU N 662 -16.26 -38.15 4.39
C LEU N 662 -16.67 -39.58 3.96
N LEU N 663 -17.67 -39.79 3.08
CA LEU N 663 -17.90 -41.17 2.63
C LEU N 663 -17.21 -41.41 1.32
N GLU N 664 -16.43 -40.42 0.91
CA GLU N 664 -15.61 -40.43 -0.31
C GLU N 664 -16.44 -40.76 -1.53
N LEU N 665 -17.62 -40.16 -1.56
CA LEU N 665 -18.59 -40.30 -2.62
C LEU N 665 -19.27 -38.95 -2.83
N ASP N 666 -19.40 -38.50 -4.10
CA ASP N 666 -20.05 -37.25 -4.53
C ASP N 666 -21.46 -37.07 -3.91
#